data_2JZK
#
_entry.id   2JZK
#
_entity_poly.entity_id   1
_entity_poly.type   'polypeptide(L)'
_entity_poly.pdbx_seq_one_letter_code
;GSHMSYADSSRNAVLTNGGRTLRAECRNADGNWVTSELDLDTCIGNPNGFLGWGMQNFSHSSEDIKLEEGGRKLTCRPKT
VDGGFRERQGIDLNRIQNVNGRLVFQ
;
_entity_poly.pdbx_strand_id   A
#
# COMPACT_ATOMS: atom_id res chain seq x y z
N MET A 4 -10.69 -8.53 -5.93
CA MET A 4 -10.92 -7.11 -5.58
C MET A 4 -10.09 -6.72 -4.37
N SER A 5 -9.98 -5.42 -4.13
CA SER A 5 -9.23 -4.94 -2.99
C SER A 5 -10.16 -4.28 -1.98
N TYR A 6 -9.60 -3.83 -0.87
CA TYR A 6 -10.37 -3.16 0.17
C TYR A 6 -11.23 -2.02 -0.40
N ALA A 7 -10.69 -1.36 -1.42
CA ALA A 7 -11.36 -0.23 -2.07
C ALA A 7 -12.76 -0.59 -2.59
N ASP A 8 -13.04 -1.89 -2.76
CA ASP A 8 -14.35 -2.33 -3.23
C ASP A 8 -15.45 -1.83 -2.29
N SER A 9 -15.11 -1.74 -1.01
CA SER A 9 -16.03 -1.26 0.00
C SER A 9 -15.28 -0.32 0.95
N SER A 10 -14.39 0.49 0.38
CA SER A 10 -13.60 1.43 1.16
C SER A 10 -13.32 2.68 0.33
N ARG A 11 -13.23 3.83 1.01
CA ARG A 11 -12.97 5.09 0.32
C ARG A 11 -12.01 5.96 1.13
N ASN A 12 -11.54 7.03 0.50
CA ASN A 12 -10.61 7.99 1.11
C ASN A 12 -9.34 7.29 1.58
N ALA A 13 -8.72 6.55 0.67
CA ALA A 13 -7.48 5.84 0.97
C ALA A 13 -6.28 6.77 0.84
N VAL A 14 -5.58 6.97 1.94
CA VAL A 14 -4.41 7.84 1.98
C VAL A 14 -3.18 7.06 2.44
N LEU A 15 -2.02 7.70 2.32
CA LEU A 15 -0.76 7.07 2.71
C LEU A 15 -0.28 7.66 4.03
N THR A 16 -0.23 6.83 5.06
CA THR A 16 0.22 7.29 6.36
C THR A 16 1.55 6.64 6.73
N ASN A 17 2.15 7.14 7.82
CA ASN A 17 3.43 6.63 8.30
C ASN A 17 4.50 6.79 7.23
N GLY A 18 4.54 7.98 6.62
CA GLY A 18 5.52 8.25 5.57
C GLY A 18 5.02 7.80 4.21
N GLY A 19 4.28 6.71 4.18
CA GLY A 19 3.76 6.18 2.95
C GLY A 19 3.92 4.67 2.87
N ARG A 20 3.73 4.02 4.00
CA ARG A 20 3.87 2.57 4.06
C ARG A 20 2.63 1.93 4.63
N THR A 21 1.77 2.76 5.20
CA THR A 21 0.53 2.28 5.78
C THR A 21 -0.67 2.84 5.01
N LEU A 22 -1.65 1.99 4.78
CA LEU A 22 -2.86 2.39 4.07
C LEU A 22 -3.96 2.75 5.05
N ARG A 23 -4.41 4.00 4.99
CA ARG A 23 -5.48 4.44 5.85
C ARG A 23 -6.70 4.77 5.00
N ALA A 24 -7.81 4.11 5.26
CA ALA A 24 -9.03 4.33 4.48
C ALA A 24 -10.27 4.01 5.30
N GLU A 25 -11.42 4.44 4.79
CA GLU A 25 -12.70 4.17 5.43
C GLU A 25 -13.23 2.85 4.94
N CYS A 26 -13.17 1.84 5.77
CA CYS A 26 -13.65 0.53 5.39
C CYS A 26 -15.06 0.32 5.88
N ARG A 27 -15.98 0.10 4.96
CA ARG A 27 -17.35 -0.12 5.30
C ARG A 27 -17.52 -1.50 5.92
N ASN A 28 -17.82 -1.54 7.21
CA ASN A 28 -18.00 -2.80 7.91
C ASN A 28 -19.39 -3.34 7.67
N ALA A 29 -19.62 -4.60 8.06
CA ALA A 29 -20.91 -5.26 7.87
C ALA A 29 -22.07 -4.42 8.42
N ASP A 30 -21.80 -3.66 9.47
CA ASP A 30 -22.81 -2.82 10.09
C ASP A 30 -23.22 -1.67 9.17
N GLY A 31 -22.43 -1.46 8.12
CA GLY A 31 -22.70 -0.43 7.16
C GLY A 31 -22.07 0.88 7.56
N ASN A 32 -21.04 0.81 8.39
CA ASN A 32 -20.37 2.00 8.86
C ASN A 32 -18.95 2.10 8.30
N TRP A 33 -18.47 3.31 8.13
CA TRP A 33 -17.13 3.55 7.63
C TRP A 33 -16.15 3.65 8.77
N VAL A 34 -15.31 2.65 8.92
CA VAL A 34 -14.31 2.66 9.97
C VAL A 34 -12.92 2.83 9.37
N THR A 35 -12.17 3.78 9.91
CA THR A 35 -10.84 4.05 9.42
C THR A 35 -9.84 3.03 9.96
N SER A 36 -9.31 2.23 9.07
CA SER A 36 -8.34 1.20 9.44
C SER A 36 -7.03 1.41 8.69
N GLU A 37 -5.95 0.88 9.25
CA GLU A 37 -4.63 1.03 8.63
C GLU A 37 -3.89 -0.32 8.55
N LEU A 38 -3.34 -0.60 7.39
CA LEU A 38 -2.59 -1.84 7.17
C LEU A 38 -1.20 -1.47 6.65
N ASP A 39 -0.17 -2.06 7.22
CA ASP A 39 1.20 -1.77 6.82
C ASP A 39 1.66 -2.75 5.73
N LEU A 40 1.81 -2.24 4.52
CA LEU A 40 2.23 -3.08 3.39
C LEU A 40 3.74 -3.24 3.35
N ASP A 41 4.45 -2.38 4.09
CA ASP A 41 5.92 -2.42 4.13
C ASP A 41 6.42 -3.73 4.74
N THR A 42 5.51 -4.52 5.26
CA THR A 42 5.84 -5.79 5.86
C THR A 42 5.87 -6.91 4.82
N CYS A 43 5.18 -6.71 3.71
CA CYS A 43 5.10 -7.73 2.67
C CYS A 43 5.54 -7.20 1.31
N ILE A 44 5.81 -5.91 1.21
CA ILE A 44 6.24 -5.31 -0.05
C ILE A 44 7.69 -4.82 0.06
N GLY A 45 8.49 -5.09 -0.96
CA GLY A 45 9.86 -4.67 -0.95
C GLY A 45 10.36 -4.33 -2.34
N ASN A 46 11.41 -3.51 -2.41
CA ASN A 46 11.97 -3.11 -3.70
C ASN A 46 13.42 -2.61 -3.57
N PRO A 47 14.30 -3.32 -2.83
CA PRO A 47 15.69 -2.89 -2.64
C PRO A 47 16.52 -3.03 -3.91
N ASN A 48 16.02 -3.84 -4.83
CA ASN A 48 16.71 -4.08 -6.10
C ASN A 48 16.14 -3.18 -7.19
N GLY A 49 15.18 -2.34 -6.83
CA GLY A 49 14.59 -1.46 -7.81
C GLY A 49 13.34 -2.04 -8.45
N PHE A 50 12.88 -3.17 -7.93
CA PHE A 50 11.68 -3.82 -8.46
C PHE A 50 10.66 -4.05 -7.35
N LEU A 51 9.41 -3.72 -7.65
CA LEU A 51 8.30 -3.86 -6.69
C LEU A 51 7.67 -5.23 -6.76
N GLY A 52 7.21 -5.71 -5.62
CA GLY A 52 6.55 -6.99 -5.57
C GLY A 52 6.27 -7.43 -4.14
N TRP A 53 5.58 -8.55 -4.00
CA TRP A 53 5.24 -9.07 -2.68
C TRP A 53 6.23 -10.16 -2.28
N GLY A 54 6.75 -10.03 -1.07
CA GLY A 54 7.71 -11.00 -0.58
C GLY A 54 8.71 -10.35 0.35
N MET A 55 9.46 -9.40 -0.20
CA MET A 55 10.46 -8.68 0.55
C MET A 55 9.74 -7.63 1.41
N GLN A 56 10.45 -6.97 2.30
CA GLN A 56 9.81 -5.96 3.14
C GLN A 56 10.62 -4.68 3.17
N ASN A 57 10.03 -3.65 3.75
CA ASN A 57 10.67 -2.35 3.89
C ASN A 57 10.91 -1.69 2.55
N PHE A 58 9.88 -1.71 1.69
CA PHE A 58 9.98 -1.11 0.37
C PHE A 58 10.13 0.40 0.49
N SER A 59 9.57 0.97 1.55
CA SER A 59 9.64 2.42 1.77
C SER A 59 11.08 2.87 1.89
N HIS A 60 11.94 1.95 2.32
CA HIS A 60 13.36 2.24 2.50
C HIS A 60 14.10 2.29 1.17
N SER A 61 13.47 1.82 0.12
CA SER A 61 14.09 1.82 -1.19
C SER A 61 13.14 2.39 -2.24
N SER A 62 12.29 3.34 -1.84
CA SER A 62 11.36 3.95 -2.77
C SER A 62 11.13 5.42 -2.45
N GLU A 63 10.77 6.18 -3.47
CA GLU A 63 10.51 7.61 -3.31
C GLU A 63 9.18 7.98 -3.98
N ASP A 64 8.52 8.98 -3.41
CA ASP A 64 7.25 9.47 -3.94
C ASP A 64 6.19 8.37 -3.93
N ILE A 65 5.92 7.86 -2.75
CA ILE A 65 4.93 6.79 -2.58
C ILE A 65 3.52 7.36 -2.49
N LYS A 66 2.70 7.05 -3.49
CA LYS A 66 1.33 7.52 -3.53
C LYS A 66 0.45 6.51 -4.27
N LEU A 67 -0.84 6.48 -3.96
CA LEU A 67 -1.77 5.56 -4.60
C LEU A 67 -2.22 6.10 -5.95
N GLU A 68 -2.14 5.26 -6.98
CA GLU A 68 -2.51 5.66 -8.32
C GLU A 68 -3.99 5.43 -8.59
N GLU A 69 -4.45 4.19 -8.43
CA GLU A 69 -5.85 3.85 -8.67
C GLU A 69 -6.71 4.20 -7.47
N GLY A 70 -6.34 5.27 -6.78
CA GLY A 70 -7.08 5.71 -5.62
C GLY A 70 -6.98 4.75 -4.45
N GLY A 71 -6.22 3.67 -4.63
CA GLY A 71 -6.08 2.70 -3.57
C GLY A 71 -5.95 1.29 -4.08
N ARG A 72 -6.29 1.08 -5.35
CA ARG A 72 -6.20 -0.25 -5.94
C ARG A 72 -4.74 -0.54 -6.31
N LYS A 73 -3.96 0.52 -6.42
CA LYS A 73 -2.56 0.40 -6.79
C LYS A 73 -1.70 1.48 -6.16
N LEU A 74 -0.52 1.11 -5.72
CA LEU A 74 0.41 2.03 -5.09
C LEU A 74 1.58 2.27 -6.05
N THR A 75 1.84 3.52 -6.36
CA THR A 75 2.93 3.87 -7.25
C THR A 75 4.03 4.60 -6.51
N CYS A 76 5.26 4.23 -6.79
CA CYS A 76 6.43 4.84 -6.17
C CYS A 76 7.65 4.54 -7.02
N ARG A 77 8.73 5.28 -6.79
CA ARG A 77 9.95 5.06 -7.54
C ARG A 77 10.93 4.25 -6.71
N PRO A 78 11.07 2.96 -7.03
CA PRO A 78 12.00 2.07 -6.34
C PRO A 78 13.43 2.45 -6.70
N LYS A 79 14.17 2.89 -5.71
CA LYS A 79 15.55 3.29 -5.92
C LYS A 79 16.51 2.44 -5.10
N THR A 80 17.65 2.13 -5.69
CA THR A 80 18.65 1.33 -5.00
C THR A 80 19.20 2.13 -3.85
N VAL A 81 19.27 1.48 -2.69
CA VAL A 81 19.77 2.10 -1.47
C VAL A 81 21.27 2.36 -1.56
N ASP A 82 21.92 1.75 -2.56
CA ASP A 82 23.34 1.92 -2.77
C ASP A 82 23.67 3.36 -3.13
N GLY A 83 22.71 4.05 -3.74
CA GLY A 83 22.94 5.44 -4.14
C GLY A 83 21.67 6.26 -4.26
N GLY A 84 20.56 5.60 -4.53
CA GLY A 84 19.29 6.29 -4.68
C GLY A 84 18.91 6.44 -6.13
N PHE A 85 19.51 5.63 -6.98
CA PHE A 85 19.25 5.68 -8.41
C PHE A 85 18.54 4.42 -8.87
N ARG A 86 17.64 4.52 -9.84
CA ARG A 86 16.90 3.36 -10.33
C ARG A 86 15.82 3.76 -11.34
N GLU A 87 14.71 3.04 -11.31
CA GLU A 87 13.59 3.26 -12.21
C GLU A 87 12.30 3.39 -11.41
N ARG A 88 11.27 3.98 -12.01
CA ARG A 88 9.99 4.13 -11.33
C ARG A 88 9.11 2.92 -11.61
N GLN A 89 8.17 2.64 -10.70
CA GLN A 89 7.29 1.48 -10.86
C GLN A 89 5.97 1.67 -10.13
N GLY A 90 5.22 0.58 -10.04
CA GLY A 90 3.94 0.58 -9.36
C GLY A 90 3.50 -0.83 -9.04
N ILE A 91 2.87 -1.02 -7.90
CA ILE A 91 2.41 -2.34 -7.49
C ILE A 91 0.93 -2.29 -7.11
N ASP A 92 0.17 -3.24 -7.63
CA ASP A 92 -1.26 -3.31 -7.34
C ASP A 92 -1.48 -3.84 -5.94
N LEU A 93 -2.45 -3.28 -5.25
CA LEU A 93 -2.75 -3.69 -3.88
C LEU A 93 -4.03 -4.49 -3.82
N ASN A 94 -4.01 -5.61 -4.50
CA ASN A 94 -5.16 -6.50 -4.55
C ASN A 94 -5.08 -7.53 -3.43
N ARG A 95 -4.02 -7.43 -2.64
CA ARG A 95 -3.81 -8.34 -1.52
C ARG A 95 -4.32 -7.72 -0.22
N ILE A 96 -4.54 -6.42 -0.24
CA ILE A 96 -5.01 -5.73 0.95
C ILE A 96 -6.53 -5.74 0.97
N GLN A 97 -7.09 -6.50 1.90
CA GLN A 97 -8.53 -6.63 2.01
C GLN A 97 -9.05 -5.98 3.28
N ASN A 98 -10.36 -5.82 3.33
CA ASN A 98 -11.04 -5.25 4.48
C ASN A 98 -12.14 -6.20 4.95
N VAL A 99 -11.96 -6.76 6.13
CA VAL A 99 -12.94 -7.69 6.69
C VAL A 99 -13.62 -7.07 7.91
N ASN A 100 -14.93 -6.87 7.79
CA ASN A 100 -15.74 -6.26 8.85
C ASN A 100 -15.17 -4.90 9.23
N GLY A 101 -14.67 -4.19 8.24
CA GLY A 101 -14.11 -2.88 8.48
C GLY A 101 -12.66 -2.90 8.88
N ARG A 102 -12.12 -4.08 9.18
CA ARG A 102 -10.73 -4.18 9.59
C ARG A 102 -9.86 -4.50 8.39
N LEU A 103 -8.87 -3.65 8.14
CA LEU A 103 -7.97 -3.84 7.01
C LEU A 103 -6.93 -4.88 7.38
N VAL A 104 -6.90 -5.98 6.63
CA VAL A 104 -5.96 -7.06 6.89
C VAL A 104 -5.29 -7.51 5.58
N PHE A 105 -4.03 -7.90 5.68
CA PHE A 105 -3.29 -8.36 4.52
C PHE A 105 -3.69 -9.79 4.18
N GLN A 106 -4.03 -10.02 2.94
CA GLN A 106 -4.45 -11.33 2.49
C GLN A 106 -3.77 -11.72 1.19
N MET A 4 -10.87 -8.62 -6.26
CA MET A 4 -11.37 -7.44 -5.52
C MET A 4 -10.39 -7.05 -4.43
N SER A 5 -10.33 -5.76 -4.13
CA SER A 5 -9.45 -5.27 -3.09
C SER A 5 -10.26 -4.60 -1.99
N TYR A 6 -9.59 -4.14 -0.93
CA TYR A 6 -10.28 -3.46 0.16
C TYR A 6 -11.05 -2.25 -0.36
N ALA A 7 -10.46 -1.57 -1.35
CA ALA A 7 -11.04 -0.38 -1.95
C ALA A 7 -12.43 -0.64 -2.55
N ASP A 8 -12.75 -1.91 -2.79
CA ASP A 8 -14.04 -2.28 -3.34
C ASP A 8 -15.15 -1.89 -2.39
N SER A 9 -14.82 -1.83 -1.11
CA SER A 9 -15.76 -1.45 -0.07
C SER A 9 -15.11 -0.45 0.88
N SER A 10 -14.18 0.33 0.35
CA SER A 10 -13.48 1.34 1.14
C SER A 10 -13.32 2.63 0.35
N ARG A 11 -13.18 3.74 1.04
CA ARG A 11 -13.02 5.04 0.40
C ARG A 11 -12.03 5.91 1.16
N ASN A 12 -11.66 7.04 0.54
CA ASN A 12 -10.74 7.99 1.14
C ASN A 12 -9.45 7.33 1.60
N ALA A 13 -8.76 6.69 0.66
CA ALA A 13 -7.51 6.02 0.95
C ALA A 13 -6.33 6.98 0.81
N VAL A 14 -5.58 7.13 1.90
CA VAL A 14 -4.42 8.01 1.91
C VAL A 14 -3.19 7.27 2.42
N LEU A 15 -2.03 7.92 2.34
CA LEU A 15 -0.78 7.33 2.80
C LEU A 15 -0.36 7.94 4.12
N THR A 16 -0.26 7.10 5.14
CA THR A 16 0.14 7.56 6.46
C THR A 16 1.44 6.89 6.89
N ASN A 17 2.05 7.44 7.94
CA ASN A 17 3.31 6.92 8.50
C ASN A 17 4.44 7.00 7.49
N GLY A 18 4.34 7.95 6.57
CA GLY A 18 5.38 8.12 5.57
C GLY A 18 4.98 7.55 4.22
N GLY A 19 4.04 6.61 4.24
CA GLY A 19 3.58 5.99 3.01
C GLY A 19 3.71 4.49 3.05
N ARG A 20 3.78 3.96 4.26
CA ARG A 20 3.92 2.52 4.45
C ARG A 20 2.59 1.94 4.94
N THR A 21 1.77 2.80 5.51
CA THR A 21 0.49 2.40 6.05
C THR A 21 -0.66 2.98 5.22
N LEU A 22 -1.65 2.15 4.94
CA LEU A 22 -2.81 2.57 4.18
C LEU A 22 -3.94 2.93 5.11
N ARG A 23 -4.34 4.19 5.08
CA ARG A 23 -5.44 4.64 5.91
C ARG A 23 -6.64 4.94 5.02
N ALA A 24 -7.74 4.25 5.27
CA ALA A 24 -8.95 4.44 4.49
C ALA A 24 -10.17 4.11 5.33
N GLU A 25 -11.33 4.50 4.82
CA GLU A 25 -12.58 4.22 5.49
C GLU A 25 -13.10 2.90 4.95
N CYS A 26 -13.05 1.88 5.78
CA CYS A 26 -13.50 0.57 5.36
C CYS A 26 -14.94 0.35 5.80
N ARG A 27 -15.78 0.03 4.84
CA ARG A 27 -17.17 -0.20 5.13
C ARG A 27 -17.34 -1.57 5.77
N ASN A 28 -17.72 -1.57 7.05
CA ASN A 28 -17.89 -2.81 7.79
C ASN A 28 -19.17 -3.52 7.34
N ALA A 29 -19.31 -4.77 7.75
CA ALA A 29 -20.47 -5.58 7.38
C ALA A 29 -21.77 -4.95 7.87
N ASP A 30 -21.69 -4.19 8.95
CA ASP A 30 -22.87 -3.52 9.50
C ASP A 30 -23.33 -2.42 8.54
N GLY A 31 -22.44 -2.03 7.65
CA GLY A 31 -22.74 -0.99 6.68
C GLY A 31 -22.29 0.37 7.15
N ASN A 32 -21.21 0.41 7.89
CA ASN A 32 -20.68 1.66 8.43
C ASN A 32 -19.24 1.88 8.00
N TRP A 33 -18.75 3.11 8.14
CA TRP A 33 -17.39 3.45 7.76
C TRP A 33 -16.47 3.50 8.97
N VAL A 34 -15.45 2.66 8.95
CA VAL A 34 -14.47 2.61 10.03
C VAL A 34 -13.07 2.87 9.51
N THR A 35 -12.29 3.63 10.26
CA THR A 35 -10.92 3.95 9.88
C THR A 35 -9.98 2.79 10.19
N SER A 36 -9.43 2.17 9.15
CA SER A 36 -8.52 1.06 9.32
C SER A 36 -7.19 1.34 8.62
N GLU A 37 -6.10 0.84 9.20
CA GLU A 37 -4.77 1.04 8.65
C GLU A 37 -4.01 -0.28 8.57
N LEU A 38 -3.35 -0.51 7.45
CA LEU A 38 -2.56 -1.72 7.25
C LEU A 38 -1.17 -1.33 6.73
N ASP A 39 -0.13 -1.89 7.33
CA ASP A 39 1.23 -1.60 6.94
C ASP A 39 1.67 -2.53 5.82
N LEU A 40 1.82 -1.98 4.63
CA LEU A 40 2.22 -2.77 3.47
C LEU A 40 3.74 -2.91 3.36
N ASP A 41 4.48 -2.03 4.05
CA ASP A 41 5.94 -2.07 3.95
C ASP A 41 6.53 -3.34 4.55
N THR A 42 5.72 -4.07 5.30
CA THR A 42 6.18 -5.31 5.90
C THR A 42 6.00 -6.47 4.93
N CYS A 43 5.38 -6.20 3.78
CA CYS A 43 5.14 -7.23 2.77
C CYS A 43 5.67 -6.81 1.40
N ILE A 44 5.81 -5.51 1.19
CA ILE A 44 6.32 -4.98 -0.07
C ILE A 44 7.78 -4.57 0.09
N GLY A 45 8.58 -4.87 -0.92
CA GLY A 45 9.98 -4.50 -0.88
C GLY A 45 10.52 -4.24 -2.27
N ASN A 46 11.62 -3.50 -2.34
CA ASN A 46 12.24 -3.19 -3.64
C ASN A 46 13.68 -2.70 -3.50
N PRO A 47 14.55 -3.40 -2.72
CA PRO A 47 15.94 -2.97 -2.56
C PRO A 47 16.73 -3.12 -3.85
N ASN A 48 16.22 -3.98 -4.74
CA ASN A 48 16.84 -4.23 -6.03
C ASN A 48 16.37 -3.18 -7.04
N GLY A 49 15.29 -2.49 -6.71
CA GLY A 49 14.77 -1.48 -7.59
C GLY A 49 13.47 -1.89 -8.26
N PHE A 50 12.89 -3.00 -7.84
CA PHE A 50 11.63 -3.47 -8.42
C PHE A 50 10.58 -3.69 -7.33
N LEU A 51 9.37 -3.21 -7.62
CA LEU A 51 8.26 -3.30 -6.67
C LEU A 51 7.56 -4.66 -6.74
N GLY A 52 7.35 -5.26 -5.59
CA GLY A 52 6.67 -6.54 -5.53
C GLY A 52 6.44 -6.99 -4.10
N TRP A 53 5.65 -8.04 -3.93
CA TRP A 53 5.36 -8.56 -2.60
C TRP A 53 6.30 -9.71 -2.28
N GLY A 54 6.84 -9.71 -1.07
CA GLY A 54 7.74 -10.77 -0.67
C GLY A 54 8.96 -10.27 0.09
N MET A 55 8.91 -9.03 0.57
CA MET A 55 10.02 -8.46 1.31
C MET A 55 9.50 -7.35 2.22
N GLN A 56 10.38 -6.52 2.76
CA GLN A 56 9.93 -5.45 3.64
C GLN A 56 10.81 -4.21 3.51
N ASN A 57 10.33 -3.11 4.10
CA ASN A 57 11.03 -1.83 4.11
C ASN A 57 11.14 -1.21 2.71
N PHE A 58 10.05 -1.30 1.94
CA PHE A 58 10.05 -0.75 0.60
C PHE A 58 10.08 0.78 0.63
N SER A 59 9.59 1.36 1.73
CA SER A 59 9.54 2.80 1.87
C SER A 59 10.93 3.43 1.81
N HIS A 60 11.89 2.78 2.45
CA HIS A 60 13.27 3.29 2.48
C HIS A 60 13.94 3.17 1.12
N SER A 61 13.36 2.39 0.23
CA SER A 61 13.92 2.20 -1.09
C SER A 61 13.04 2.79 -2.19
N SER A 62 12.13 3.70 -1.84
CA SER A 62 11.26 4.29 -2.84
C SER A 62 11.06 5.78 -2.64
N GLU A 63 10.77 6.47 -3.74
CA GLU A 63 10.53 7.91 -3.73
C GLU A 63 9.11 8.21 -4.21
N ASP A 64 8.49 9.21 -3.61
CA ASP A 64 7.14 9.65 -3.97
C ASP A 64 6.13 8.52 -3.88
N ILE A 65 5.71 8.18 -2.68
CA ILE A 65 4.74 7.12 -2.49
C ILE A 65 3.33 7.70 -2.46
N LYS A 66 2.55 7.38 -3.48
CA LYS A 66 1.18 7.84 -3.59
C LYS A 66 0.35 6.80 -4.32
N LEU A 67 -0.95 6.78 -4.06
CA LEU A 67 -1.84 5.82 -4.68
C LEU A 67 -2.25 6.27 -6.08
N GLU A 68 -2.03 5.39 -7.04
CA GLU A 68 -2.34 5.65 -8.44
C GLU A 68 -3.84 5.60 -8.70
N GLU A 69 -4.45 4.50 -8.28
CA GLU A 69 -5.88 4.32 -8.46
C GLU A 69 -6.63 4.87 -7.25
N GLY A 70 -5.86 5.43 -6.32
CA GLY A 70 -6.45 5.99 -5.12
C GLY A 70 -6.85 4.92 -4.12
N GLY A 71 -6.11 3.82 -4.10
CA GLY A 71 -6.41 2.75 -3.17
C GLY A 71 -6.18 1.38 -3.77
N ARG A 72 -6.59 1.21 -5.02
CA ARG A 72 -6.43 -0.06 -5.72
C ARG A 72 -4.96 -0.33 -6.04
N LYS A 73 -4.19 0.75 -6.24
CA LYS A 73 -2.79 0.61 -6.61
C LYS A 73 -1.93 1.70 -5.99
N LEU A 74 -0.71 1.34 -5.66
CA LEU A 74 0.26 2.26 -5.07
C LEU A 74 1.39 2.50 -6.07
N THR A 75 1.78 3.75 -6.23
CA THR A 75 2.84 4.09 -7.15
C THR A 75 3.96 4.85 -6.45
N CYS A 76 5.18 4.41 -6.70
CA CYS A 76 6.36 5.01 -6.13
C CYS A 76 7.56 4.64 -6.99
N ARG A 77 8.66 5.34 -6.82
CA ARG A 77 9.85 5.05 -7.60
C ARG A 77 10.81 4.21 -6.78
N PRO A 78 10.89 2.91 -7.06
CA PRO A 78 11.80 2.01 -6.37
C PRO A 78 13.23 2.26 -6.78
N LYS A 79 14.10 2.46 -5.80
CA LYS A 79 15.50 2.71 -6.06
C LYS A 79 16.38 1.65 -5.42
N THR A 80 17.49 1.33 -6.06
CA THR A 80 18.42 0.36 -5.52
C THR A 80 19.10 1.00 -4.33
N VAL A 81 19.11 0.28 -3.21
CA VAL A 81 19.71 0.79 -1.98
C VAL A 81 21.23 0.82 -2.08
N ASP A 82 21.77 0.25 -3.15
CA ASP A 82 23.21 0.23 -3.36
C ASP A 82 23.73 1.63 -3.69
N GLY A 83 22.85 2.46 -4.23
CA GLY A 83 23.23 3.82 -4.57
C GLY A 83 22.08 4.80 -4.51
N GLY A 84 20.87 4.31 -4.76
CA GLY A 84 19.71 5.16 -4.72
C GLY A 84 19.20 5.51 -6.10
N PHE A 85 19.64 4.74 -7.08
CA PHE A 85 19.25 4.97 -8.47
C PHE A 85 18.40 3.82 -8.97
N ARG A 86 17.53 4.06 -9.96
CA ARG A 86 16.66 3.02 -10.50
C ARG A 86 15.59 3.59 -11.42
N GLU A 87 14.45 2.89 -11.47
CA GLU A 87 13.34 3.27 -12.34
C GLU A 87 12.04 3.33 -11.54
N ARG A 88 11.09 4.11 -12.02
CA ARG A 88 9.80 4.25 -11.35
C ARG A 88 8.85 3.15 -11.81
N GLN A 89 8.01 2.71 -10.90
CA GLN A 89 7.05 1.62 -11.19
C GLN A 89 5.80 1.73 -10.32
N GLY A 90 4.96 0.70 -10.38
CA GLY A 90 3.74 0.68 -9.61
C GLY A 90 3.39 -0.72 -9.18
N ILE A 91 2.74 -0.86 -8.02
CA ILE A 91 2.37 -2.17 -7.51
C ILE A 91 0.89 -2.20 -7.08
N ASP A 92 0.19 -3.24 -7.50
CA ASP A 92 -1.23 -3.39 -7.17
C ASP A 92 -1.41 -3.83 -5.73
N LEU A 93 -2.38 -3.23 -5.05
CA LEU A 93 -2.64 -3.54 -3.66
C LEU A 93 -3.84 -4.46 -3.54
N ASN A 94 -3.91 -5.41 -4.46
CA ASN A 94 -5.01 -6.38 -4.51
C ASN A 94 -4.86 -7.40 -3.40
N ARG A 95 -3.81 -7.25 -2.60
CA ARG A 95 -3.54 -8.15 -1.49
C ARG A 95 -4.06 -7.57 -0.18
N ILE A 96 -4.42 -6.29 -0.21
CA ILE A 96 -4.91 -5.62 0.98
C ILE A 96 -6.43 -5.59 0.93
N GLN A 97 -7.06 -6.29 1.86
CA GLN A 97 -8.51 -6.35 1.90
C GLN A 97 -9.04 -6.09 3.30
N ASN A 98 -10.29 -5.66 3.37
CA ASN A 98 -10.94 -5.38 4.65
C ASN A 98 -11.94 -6.49 4.99
N VAL A 99 -11.87 -6.99 6.21
CA VAL A 99 -12.78 -8.04 6.65
C VAL A 99 -13.66 -7.51 7.76
N ASN A 100 -14.95 -7.37 7.46
CA ASN A 100 -15.93 -6.85 8.42
C ASN A 100 -15.57 -5.45 8.90
N GLY A 101 -14.71 -4.77 8.16
CA GLY A 101 -14.32 -3.42 8.53
C GLY A 101 -12.84 -3.26 8.82
N ARG A 102 -12.20 -4.33 9.29
CA ARG A 102 -10.78 -4.26 9.61
C ARG A 102 -9.92 -4.54 8.39
N LEU A 103 -8.81 -3.83 8.27
CA LEU A 103 -7.92 -4.02 7.14
C LEU A 103 -6.92 -5.12 7.46
N VAL A 104 -6.85 -6.12 6.58
CA VAL A 104 -5.96 -7.26 6.78
C VAL A 104 -5.16 -7.54 5.51
N PHE A 105 -3.89 -7.88 5.70
CA PHE A 105 -3.04 -8.23 4.56
C PHE A 105 -3.30 -9.67 4.20
N GLN A 106 -3.52 -9.92 2.92
CA GLN A 106 -3.78 -11.27 2.47
C GLN A 106 -2.91 -11.63 1.27
N MET A 4 -9.75 -7.25 -6.81
CA MET A 4 -10.35 -6.11 -6.09
C MET A 4 -9.56 -5.82 -4.82
N SER A 5 -9.56 -4.57 -4.39
CA SER A 5 -8.85 -4.19 -3.19
C SER A 5 -9.81 -3.61 -2.15
N TYR A 6 -9.27 -3.25 -1.00
CA TYR A 6 -10.07 -2.65 0.07
C TYR A 6 -10.84 -1.44 -0.44
N ALA A 7 -10.22 -0.71 -1.36
CA ALA A 7 -10.81 0.51 -1.94
C ALA A 7 -12.16 0.24 -2.60
N ASP A 8 -12.45 -1.02 -2.90
CA ASP A 8 -13.71 -1.40 -3.53
C ASP A 8 -14.86 -1.27 -2.53
N SER A 9 -14.52 -1.22 -1.26
CA SER A 9 -15.49 -1.07 -0.19
C SER A 9 -14.92 -0.14 0.88
N SER A 10 -14.14 0.83 0.41
CA SER A 10 -13.51 1.80 1.30
C SER A 10 -13.42 3.14 0.58
N ARG A 11 -13.30 4.21 1.35
CA ARG A 11 -13.22 5.55 0.78
C ARG A 11 -12.16 6.37 1.49
N ASN A 12 -11.69 7.41 0.80
CA ASN A 12 -10.68 8.33 1.35
C ASN A 12 -9.43 7.58 1.77
N ALA A 13 -8.78 6.94 0.80
CA ALA A 13 -7.56 6.19 1.06
C ALA A 13 -6.33 7.07 0.92
N VAL A 14 -5.60 7.22 2.00
CA VAL A 14 -4.39 8.03 2.01
C VAL A 14 -3.19 7.21 2.45
N LEU A 15 -2.01 7.79 2.31
CA LEU A 15 -0.77 7.14 2.68
C LEU A 15 -0.23 7.71 3.98
N THR A 16 -0.04 6.86 4.97
CA THR A 16 0.48 7.31 6.25
C THR A 16 1.85 6.67 6.53
N ASN A 17 2.58 7.26 7.48
CA ASN A 17 3.90 6.77 7.88
C ASN A 17 4.91 6.83 6.73
N GLY A 18 4.72 7.79 5.83
CA GLY A 18 5.64 7.93 4.71
C GLY A 18 5.14 7.27 3.46
N GLY A 19 4.15 6.40 3.62
CA GLY A 19 3.58 5.71 2.47
C GLY A 19 3.67 4.21 2.60
N ARG A 20 3.83 3.75 3.82
CA ARG A 20 3.93 2.33 4.10
C ARG A 20 2.62 1.80 4.68
N THR A 21 1.85 2.70 5.26
CA THR A 21 0.59 2.34 5.88
C THR A 21 -0.58 2.95 5.11
N LEU A 22 -1.63 2.16 4.93
CA LEU A 22 -2.82 2.61 4.24
C LEU A 22 -3.91 2.99 5.24
N ARG A 23 -4.36 4.23 5.21
CA ARG A 23 -5.42 4.66 6.11
C ARG A 23 -6.63 5.10 5.32
N ALA A 24 -7.76 4.45 5.54
CA ALA A 24 -8.98 4.77 4.84
C ALA A 24 -10.21 4.37 5.64
N GLU A 25 -11.37 4.85 5.20
CA GLU A 25 -12.63 4.50 5.85
C GLU A 25 -13.14 3.24 5.17
N CYS A 26 -13.05 2.13 5.85
CA CYS A 26 -13.48 0.86 5.28
C CYS A 26 -14.89 0.54 5.74
N ARG A 27 -15.71 0.08 4.81
CA ARG A 27 -17.06 -0.29 5.13
C ARG A 27 -17.09 -1.65 5.83
N ASN A 28 -17.59 -1.65 7.05
CA ASN A 28 -17.67 -2.90 7.82
C ASN A 28 -18.87 -3.71 7.38
N ALA A 29 -19.01 -4.92 7.91
CA ALA A 29 -20.10 -5.83 7.55
C ALA A 29 -21.48 -5.19 7.77
N ASP A 30 -21.58 -4.31 8.76
CA ASP A 30 -22.85 -3.66 9.05
C ASP A 30 -23.13 -2.55 8.03
N GLY A 31 -22.10 -2.24 7.24
CA GLY A 31 -22.24 -1.21 6.24
C GLY A 31 -21.84 0.15 6.79
N ASN A 32 -20.95 0.15 7.76
CA ASN A 32 -20.52 1.40 8.39
C ASN A 32 -19.08 1.73 8.03
N TRP A 33 -18.69 2.99 8.26
CA TRP A 33 -17.34 3.43 7.95
C TRP A 33 -16.44 3.40 9.17
N VAL A 34 -15.37 2.62 9.08
CA VAL A 34 -14.40 2.51 10.14
C VAL A 34 -13.00 2.83 9.60
N THR A 35 -12.26 3.63 10.35
CA THR A 35 -10.92 4.02 9.93
C THR A 35 -9.91 2.92 10.28
N SER A 36 -9.39 2.27 9.26
CA SER A 36 -8.43 1.20 9.46
C SER A 36 -7.10 1.49 8.78
N GLU A 37 -6.04 0.87 9.28
CA GLU A 37 -4.70 1.04 8.74
C GLU A 37 -3.99 -0.30 8.62
N LEU A 38 -3.22 -0.46 7.55
CA LEU A 38 -2.48 -1.69 7.30
C LEU A 38 -1.09 -1.33 6.79
N ASP A 39 -0.07 -1.94 7.38
CA ASP A 39 1.31 -1.68 6.96
C ASP A 39 1.71 -2.65 5.87
N LEU A 40 1.89 -2.13 4.67
CA LEU A 40 2.25 -2.96 3.53
C LEU A 40 3.77 -3.14 3.42
N ASP A 41 4.52 -2.26 4.07
CA ASP A 41 5.98 -2.33 4.00
C ASP A 41 6.53 -3.55 4.71
N THR A 42 5.69 -4.27 5.42
CA THR A 42 6.12 -5.46 6.12
C THR A 42 6.03 -6.67 5.18
N CYS A 43 5.56 -6.44 3.95
CA CYS A 43 5.41 -7.51 2.97
C CYS A 43 5.93 -7.08 1.59
N ILE A 44 5.96 -5.78 1.32
CA ILE A 44 6.43 -5.27 0.04
C ILE A 44 7.89 -4.86 0.12
N GLY A 45 8.62 -5.08 -0.96
CA GLY A 45 10.02 -4.70 -1.01
C GLY A 45 10.46 -4.42 -2.44
N ASN A 46 11.54 -3.67 -2.58
CA ASN A 46 12.05 -3.32 -3.91
C ASN A 46 13.53 -2.89 -3.90
N PRO A 47 14.44 -3.70 -3.34
CA PRO A 47 15.87 -3.36 -3.27
C PRO A 47 16.54 -3.42 -4.64
N ASN A 48 15.88 -4.09 -5.58
CA ASN A 48 16.40 -4.23 -6.93
C ASN A 48 15.70 -3.29 -7.90
N GLY A 49 14.97 -2.33 -7.35
CA GLY A 49 14.26 -1.38 -8.19
C GLY A 49 12.98 -1.93 -8.75
N PHE A 50 12.54 -3.07 -8.23
CA PHE A 50 11.30 -3.68 -8.70
C PHE A 50 10.36 -3.91 -7.52
N LEU A 51 9.12 -3.49 -7.71
CA LEU A 51 8.10 -3.60 -6.67
C LEU A 51 7.44 -4.97 -6.69
N GLY A 52 7.33 -5.56 -5.52
CA GLY A 52 6.69 -6.87 -5.39
C GLY A 52 6.50 -7.26 -3.95
N TRP A 53 5.75 -8.35 -3.75
CA TRP A 53 5.48 -8.85 -2.40
C TRP A 53 6.47 -9.96 -2.05
N GLY A 54 7.07 -9.87 -0.87
CA GLY A 54 8.01 -10.90 -0.45
C GLY A 54 9.21 -10.34 0.30
N MET A 55 9.11 -9.12 0.80
CA MET A 55 10.21 -8.52 1.55
C MET A 55 9.65 -7.48 2.53
N GLN A 56 10.48 -6.51 2.92
CA GLN A 56 10.05 -5.49 3.86
C GLN A 56 10.76 -4.16 3.58
N ASN A 57 10.25 -3.10 4.22
CA ASN A 57 10.81 -1.76 4.10
C ASN A 57 10.77 -1.22 2.67
N PHE A 58 9.64 -1.39 2.00
CA PHE A 58 9.52 -0.89 0.63
C PHE A 58 9.44 0.63 0.62
N SER A 59 8.95 1.22 1.70
CA SER A 59 8.82 2.66 1.79
C SER A 59 10.20 3.31 1.95
N HIS A 60 11.11 2.57 2.57
CA HIS A 60 12.46 3.08 2.80
C HIS A 60 13.31 2.86 1.55
N SER A 61 12.77 2.12 0.59
CA SER A 61 13.47 1.85 -0.65
C SER A 61 12.75 2.47 -1.84
N SER A 62 11.72 3.27 -1.56
CA SER A 62 10.97 3.93 -2.62
C SER A 62 10.82 5.41 -2.33
N GLU A 63 10.66 6.19 -3.39
CA GLU A 63 10.52 7.63 -3.27
C GLU A 63 9.17 8.07 -3.84
N ASP A 64 8.49 8.94 -3.09
CA ASP A 64 7.18 9.48 -3.47
C ASP A 64 6.16 8.38 -3.67
N ILE A 65 5.57 7.94 -2.57
CA ILE A 65 4.57 6.88 -2.60
C ILE A 65 3.16 7.46 -2.64
N LYS A 66 2.39 7.07 -3.64
CA LYS A 66 1.01 7.53 -3.77
C LYS A 66 0.16 6.47 -4.45
N LEU A 67 -1.12 6.43 -4.11
CA LEU A 67 -2.03 5.45 -4.70
C LEU A 67 -2.55 5.92 -6.05
N GLU A 68 -2.58 5.01 -7.02
CA GLU A 68 -3.04 5.32 -8.36
C GLU A 68 -4.54 5.02 -8.50
N GLU A 69 -4.91 3.78 -8.27
CA GLU A 69 -6.31 3.35 -8.37
C GLU A 69 -7.08 3.68 -7.10
N GLY A 70 -6.62 4.70 -6.42
CA GLY A 70 -7.26 5.14 -5.20
C GLY A 70 -7.22 4.09 -4.11
N GLY A 71 -6.35 3.10 -4.28
CA GLY A 71 -6.23 2.06 -3.28
C GLY A 71 -5.96 0.70 -3.88
N ARG A 72 -6.42 0.44 -5.09
CA ARG A 72 -6.20 -0.85 -5.73
C ARG A 72 -4.76 -0.99 -6.20
N LYS A 73 -4.10 0.14 -6.44
CA LYS A 73 -2.74 0.12 -6.93
C LYS A 73 -1.93 1.24 -6.29
N LEU A 74 -0.69 0.94 -5.94
CA LEU A 74 0.21 1.89 -5.32
C LEU A 74 1.36 2.22 -6.29
N THR A 75 1.67 3.50 -6.43
CA THR A 75 2.73 3.93 -7.32
C THR A 75 3.82 4.67 -6.55
N CYS A 76 5.07 4.34 -6.84
CA CYS A 76 6.21 4.96 -6.18
C CYS A 76 7.46 4.70 -7.01
N ARG A 77 8.56 5.33 -6.65
CA ARG A 77 9.79 5.12 -7.37
C ARG A 77 10.76 4.27 -6.56
N PRO A 78 10.83 2.97 -6.87
CA PRO A 78 11.72 2.04 -6.18
C PRO A 78 13.17 2.38 -6.53
N LYS A 79 13.97 2.61 -5.50
CA LYS A 79 15.36 2.96 -5.68
C LYS A 79 16.30 1.97 -5.02
N THR A 80 17.43 1.70 -5.68
CA THR A 80 18.40 0.77 -5.13
C THR A 80 19.15 1.47 -4.00
N VAL A 81 19.40 0.73 -2.93
CA VAL A 81 20.08 1.26 -1.76
C VAL A 81 21.59 1.37 -2.02
N ASP A 82 22.05 0.75 -3.09
CA ASP A 82 23.47 0.78 -3.45
C ASP A 82 23.91 2.20 -3.83
N GLY A 83 22.95 3.03 -4.22
CA GLY A 83 23.26 4.39 -4.58
C GLY A 83 22.09 5.34 -4.43
N GLY A 84 20.89 4.80 -4.43
CA GLY A 84 19.70 5.61 -4.28
C GLY A 84 19.09 5.97 -5.61
N PHE A 85 19.54 5.29 -6.65
CA PHE A 85 19.06 5.54 -8.00
C PHE A 85 18.27 4.35 -8.51
N ARG A 86 17.42 4.57 -9.51
CA ARG A 86 16.62 3.49 -10.10
C ARG A 86 15.53 4.02 -11.03
N GLU A 87 14.45 3.27 -11.15
CA GLU A 87 13.34 3.60 -12.03
C GLU A 87 12.02 3.62 -11.24
N ARG A 88 11.05 4.36 -11.74
CA ARG A 88 9.73 4.44 -11.09
C ARG A 88 8.91 3.21 -11.45
N GLN A 89 7.95 2.85 -10.62
CA GLN A 89 7.15 1.66 -10.87
C GLN A 89 5.85 1.66 -10.06
N GLY A 90 5.02 0.66 -10.26
CA GLY A 90 3.77 0.55 -9.53
C GLY A 90 3.49 -0.88 -9.13
N ILE A 91 2.90 -1.06 -7.96
CA ILE A 91 2.56 -2.38 -7.45
C ILE A 91 1.08 -2.44 -7.11
N ASP A 92 0.46 -3.56 -7.41
CA ASP A 92 -0.96 -3.73 -7.15
C ASP A 92 -1.20 -4.14 -5.71
N LEU A 93 -2.20 -3.52 -5.09
CA LEU A 93 -2.54 -3.81 -3.71
C LEU A 93 -3.81 -4.61 -3.62
N ASN A 94 -3.92 -5.61 -4.46
CA ASN A 94 -5.09 -6.49 -4.49
C ASN A 94 -5.02 -7.47 -3.32
N ARG A 95 -3.98 -7.32 -2.52
CA ARG A 95 -3.77 -8.15 -1.35
C ARG A 95 -4.25 -7.45 -0.10
N ILE A 96 -4.47 -6.15 -0.21
CA ILE A 96 -4.93 -5.38 0.93
C ILE A 96 -6.43 -5.18 0.86
N GLN A 97 -7.15 -5.91 1.70
CA GLN A 97 -8.60 -5.83 1.73
C GLN A 97 -9.11 -5.65 3.15
N ASN A 98 -10.30 -5.10 3.26
CA ASN A 98 -10.93 -4.86 4.55
C ASN A 98 -11.88 -6.00 4.92
N VAL A 99 -11.49 -6.76 5.93
CA VAL A 99 -12.30 -7.86 6.41
C VAL A 99 -13.22 -7.35 7.51
N ASN A 100 -14.50 -7.20 7.16
CA ASN A 100 -15.51 -6.71 8.10
C ASN A 100 -15.15 -5.33 8.62
N GLY A 101 -14.55 -4.51 7.76
CA GLY A 101 -14.17 -3.17 8.16
C GLY A 101 -12.72 -3.04 8.56
N ARG A 102 -12.13 -4.12 9.05
CA ARG A 102 -10.74 -4.09 9.48
C ARG A 102 -9.82 -4.37 8.30
N LEU A 103 -8.84 -3.50 8.10
CA LEU A 103 -7.91 -3.68 7.00
C LEU A 103 -6.93 -4.79 7.33
N VAL A 104 -6.91 -5.82 6.50
CA VAL A 104 -6.04 -6.98 6.72
C VAL A 104 -5.26 -7.32 5.47
N PHE A 105 -4.00 -7.71 5.67
CA PHE A 105 -3.16 -8.12 4.56
C PHE A 105 -3.48 -9.56 4.21
N GLN A 106 -3.81 -9.79 2.97
CA GLN A 106 -4.15 -11.12 2.50
C GLN A 106 -3.49 -11.42 1.16
N MET A 4 -11.21 -8.49 -5.93
CA MET A 4 -11.68 -7.30 -5.18
C MET A 4 -10.66 -6.89 -4.14
N SER A 5 -10.48 -5.60 -3.96
CA SER A 5 -9.54 -5.08 -2.98
C SER A 5 -10.27 -4.27 -1.92
N TYR A 6 -9.54 -3.76 -0.95
CA TYR A 6 -10.15 -2.96 0.10
C TYR A 6 -10.88 -1.74 -0.46
N ALA A 7 -10.29 -1.13 -1.49
CA ALA A 7 -10.87 0.05 -2.12
C ALA A 7 -12.28 -0.20 -2.65
N ASP A 8 -12.60 -1.46 -2.92
CA ASP A 8 -13.91 -1.83 -3.42
C ASP A 8 -14.99 -1.67 -2.35
N SER A 9 -14.57 -1.56 -1.09
CA SER A 9 -15.48 -1.38 0.03
C SER A 9 -14.87 -0.41 1.02
N SER A 10 -14.07 0.52 0.49
CA SER A 10 -13.41 1.51 1.31
C SER A 10 -13.31 2.83 0.56
N ARG A 11 -13.15 3.92 1.29
CA ARG A 11 -13.05 5.25 0.71
C ARG A 11 -11.99 6.08 1.42
N ASN A 12 -11.60 7.18 0.80
CA ASN A 12 -10.61 8.11 1.37
C ASN A 12 -9.31 7.38 1.70
N ALA A 13 -8.75 6.70 0.72
CA ALA A 13 -7.50 5.95 0.91
C ALA A 13 -6.31 6.89 0.83
N VAL A 14 -5.58 7.01 1.92
CA VAL A 14 -4.41 7.87 1.97
C VAL A 14 -3.17 7.08 2.36
N LEU A 15 -2.01 7.70 2.23
CA LEU A 15 -0.74 7.06 2.54
C LEU A 15 -0.20 7.61 3.85
N THR A 16 -0.08 6.74 4.83
CA THR A 16 0.43 7.14 6.13
C THR A 16 1.75 6.44 6.43
N ASN A 17 2.45 6.95 7.44
CA ASN A 17 3.73 6.41 7.87
C ASN A 17 4.75 6.48 6.74
N GLY A 18 4.61 7.50 5.90
CA GLY A 18 5.53 7.68 4.78
C GLY A 18 5.00 7.10 3.49
N GLY A 19 4.01 6.22 3.60
CA GLY A 19 3.43 5.59 2.42
C GLY A 19 3.52 4.08 2.49
N ARG A 20 3.90 3.60 3.66
CA ARG A 20 4.04 2.17 3.91
C ARG A 20 2.73 1.59 4.45
N THR A 21 1.94 2.45 5.05
CA THR A 21 0.69 2.06 5.63
C THR A 21 -0.49 2.71 4.91
N LEU A 22 -1.52 1.93 4.69
CA LEU A 22 -2.72 2.41 4.01
C LEU A 22 -3.77 2.80 5.03
N ARG A 23 -4.20 4.04 5.01
CA ARG A 23 -5.22 4.50 5.91
C ARG A 23 -6.46 4.88 5.10
N ALA A 24 -7.57 4.21 5.38
CA ALA A 24 -8.79 4.46 4.65
C ALA A 24 -10.01 4.13 5.51
N GLU A 25 -11.16 4.56 5.04
CA GLU A 25 -12.42 4.30 5.73
C GLU A 25 -12.96 2.98 5.22
N CYS A 26 -12.86 1.96 6.05
CA CYS A 26 -13.31 0.63 5.69
C CYS A 26 -14.75 0.42 6.10
N ARG A 27 -15.57 -0.04 5.17
CA ARG A 27 -16.96 -0.30 5.46
C ARG A 27 -17.11 -1.58 6.28
N ASN A 28 -17.61 -1.44 7.49
CA ASN A 28 -17.82 -2.59 8.36
C ASN A 28 -19.13 -3.28 8.02
N ALA A 29 -19.38 -4.43 8.63
CA ALA A 29 -20.59 -5.21 8.36
C ALA A 29 -21.86 -4.39 8.59
N ASP A 30 -21.80 -3.44 9.51
CA ASP A 30 -22.95 -2.59 9.81
C ASP A 30 -23.17 -1.60 8.68
N GLY A 31 -22.17 -1.49 7.82
CA GLY A 31 -22.24 -0.57 6.70
C GLY A 31 -21.73 0.79 7.08
N ASN A 32 -20.86 0.80 8.08
CA ASN A 32 -20.30 2.05 8.58
C ASN A 32 -18.85 2.19 8.15
N TRP A 33 -18.33 3.41 8.20
CA TRP A 33 -16.95 3.66 7.82
C TRP A 33 -16.05 3.76 9.03
N VAL A 34 -15.03 2.92 9.07
CA VAL A 34 -14.08 2.93 10.16
C VAL A 34 -12.66 3.11 9.63
N THR A 35 -11.90 3.96 10.29
CA THR A 35 -10.53 4.23 9.86
C THR A 35 -9.60 3.07 10.23
N SER A 36 -9.15 2.35 9.23
CA SER A 36 -8.27 1.22 9.46
C SER A 36 -6.98 1.37 8.66
N GLU A 37 -5.89 0.85 9.20
CA GLU A 37 -4.59 0.94 8.56
C GLU A 37 -3.96 -0.45 8.40
N LEU A 38 -3.15 -0.60 7.36
CA LEU A 38 -2.46 -1.86 7.09
C LEU A 38 -1.06 -1.55 6.58
N ASP A 39 -0.07 -2.20 7.17
CA ASP A 39 1.32 -1.99 6.79
C ASP A 39 1.71 -2.94 5.66
N LEU A 40 1.91 -2.38 4.48
CA LEU A 40 2.30 -3.17 3.32
C LEU A 40 3.80 -3.35 3.26
N ASP A 41 4.53 -2.47 3.93
CA ASP A 41 5.99 -2.51 3.91
C ASP A 41 6.53 -3.78 4.56
N THR A 42 5.67 -4.50 5.25
CA THR A 42 6.07 -5.73 5.91
C THR A 42 6.02 -6.90 4.93
N CYS A 43 5.41 -6.66 3.78
CA CYS A 43 5.28 -7.70 2.75
C CYS A 43 5.73 -7.21 1.37
N ILE A 44 5.96 -5.90 1.23
CA ILE A 44 6.40 -5.32 -0.03
C ILE A 44 7.83 -4.79 0.08
N GLY A 45 8.64 -5.06 -0.94
CA GLY A 45 10.00 -4.59 -0.94
C GLY A 45 10.49 -4.32 -2.34
N ASN A 46 11.53 -3.52 -2.47
CA ASN A 46 12.09 -3.19 -3.78
C ASN A 46 13.56 -2.71 -3.68
N PRO A 47 14.44 -3.43 -2.95
CA PRO A 47 15.83 -3.02 -2.81
C PRO A 47 16.61 -3.15 -4.12
N ASN A 48 16.11 -3.99 -5.01
CA ASN A 48 16.75 -4.21 -6.31
C ASN A 48 16.18 -3.26 -7.35
N GLY A 49 15.24 -2.42 -6.92
CA GLY A 49 14.62 -1.48 -7.83
C GLY A 49 13.36 -2.03 -8.46
N PHE A 50 12.94 -3.20 -7.99
CA PHE A 50 11.73 -3.82 -8.50
C PHE A 50 10.71 -4.03 -7.40
N LEU A 51 9.48 -3.63 -7.68
CA LEU A 51 8.38 -3.75 -6.73
C LEU A 51 7.76 -5.13 -6.76
N GLY A 52 7.29 -5.58 -5.61
CA GLY A 52 6.66 -6.88 -5.54
C GLY A 52 6.43 -7.34 -4.13
N TRP A 53 5.69 -8.43 -3.99
CA TRP A 53 5.37 -8.98 -2.68
C TRP A 53 6.36 -10.10 -2.34
N GLY A 54 7.00 -10.00 -1.19
CA GLY A 54 7.96 -11.01 -0.79
C GLY A 54 9.05 -10.43 0.09
N MET A 55 9.56 -9.27 -0.32
CA MET A 55 10.59 -8.58 0.42
C MET A 55 9.92 -7.57 1.35
N GLN A 56 10.68 -6.77 2.09
CA GLN A 56 10.07 -5.81 3.01
C GLN A 56 10.83 -4.50 3.06
N ASN A 57 10.22 -3.51 3.71
CA ASN A 57 10.80 -2.17 3.90
C ASN A 57 10.94 -1.43 2.59
N PHE A 58 9.98 -1.60 1.68
CA PHE A 58 10.02 -0.91 0.39
C PHE A 58 9.96 0.60 0.59
N SER A 59 9.30 1.02 1.67
CA SER A 59 9.15 2.43 1.99
C SER A 59 10.51 3.13 2.11
N HIS A 60 11.48 2.40 2.63
CA HIS A 60 12.83 2.93 2.82
C HIS A 60 13.60 2.90 1.50
N SER A 61 13.03 2.24 0.51
CA SER A 61 13.65 2.13 -0.79
C SER A 61 12.71 2.65 -1.87
N SER A 62 11.84 3.60 -1.51
CA SER A 62 10.91 4.17 -2.47
C SER A 62 10.81 5.67 -2.30
N GLU A 63 10.53 6.36 -3.40
CA GLU A 63 10.39 7.81 -3.41
C GLU A 63 9.08 8.20 -4.09
N ASP A 64 8.34 9.11 -3.46
CA ASP A 64 7.06 9.59 -3.99
C ASP A 64 6.05 8.44 -4.11
N ILE A 65 5.45 8.09 -2.98
CA ILE A 65 4.47 7.00 -2.93
C ILE A 65 3.05 7.54 -2.97
N LYS A 66 2.26 7.06 -3.93
CA LYS A 66 0.87 7.50 -4.05
C LYS A 66 -0.02 6.40 -4.62
N LEU A 67 -1.32 6.49 -4.33
CA LEU A 67 -2.29 5.52 -4.82
C LEU A 67 -3.00 6.06 -6.04
N GLU A 68 -3.04 5.27 -7.10
CA GLU A 68 -3.66 5.68 -8.36
C GLU A 68 -5.11 5.24 -8.47
N GLU A 69 -5.32 3.92 -8.53
CA GLU A 69 -6.67 3.34 -8.67
C GLU A 69 -7.45 3.39 -7.37
N GLY A 70 -7.48 4.56 -6.77
CA GLY A 70 -8.20 4.76 -5.53
C GLY A 70 -7.70 3.87 -4.41
N GLY A 71 -6.52 3.31 -4.59
CA GLY A 71 -5.96 2.46 -3.57
C GLY A 71 -5.67 1.06 -4.07
N ARG A 72 -6.17 0.70 -5.24
CA ARG A 72 -5.93 -0.63 -5.78
C ARG A 72 -4.53 -0.74 -6.36
N LYS A 73 -3.96 0.40 -6.70
CA LYS A 73 -2.64 0.45 -7.30
C LYS A 73 -1.77 1.49 -6.60
N LEU A 74 -0.60 1.08 -6.16
CA LEU A 74 0.32 1.98 -5.48
C LEU A 74 1.52 2.26 -6.38
N THR A 75 1.74 3.53 -6.69
CA THR A 75 2.86 3.90 -7.54
C THR A 75 3.91 4.65 -6.72
N CYS A 76 5.16 4.30 -6.97
CA CYS A 76 6.28 4.92 -6.28
C CYS A 76 7.55 4.63 -7.06
N ARG A 77 8.63 5.27 -6.71
CA ARG A 77 9.89 5.03 -7.39
C ARG A 77 10.81 4.18 -6.54
N PRO A 78 10.90 2.89 -6.87
CA PRO A 78 11.77 1.95 -6.15
C PRO A 78 13.22 2.31 -6.41
N LYS A 79 13.93 2.70 -5.36
CA LYS A 79 15.32 3.08 -5.47
C LYS A 79 16.22 2.16 -4.67
N THR A 80 17.41 1.90 -5.19
CA THR A 80 18.35 1.05 -4.51
C THR A 80 19.01 1.83 -3.39
N VAL A 81 19.21 1.14 -2.26
CA VAL A 81 19.84 1.74 -1.09
C VAL A 81 21.34 1.92 -1.30
N ASP A 82 21.84 1.48 -2.45
CA ASP A 82 23.25 1.59 -2.77
C ASP A 82 23.62 3.05 -2.98
N GLY A 83 22.67 3.82 -3.48
CA GLY A 83 22.91 5.24 -3.71
C GLY A 83 21.63 6.02 -3.83
N GLY A 84 20.51 5.33 -3.90
CA GLY A 84 19.23 5.99 -4.02
C GLY A 84 18.84 6.22 -5.46
N PHE A 85 19.45 5.45 -6.34
CA PHE A 85 19.19 5.57 -7.77
C PHE A 85 18.45 4.34 -8.27
N ARG A 86 17.57 4.53 -9.24
CA ARG A 86 16.80 3.43 -9.83
C ARG A 86 15.73 3.98 -10.75
N GLU A 87 14.67 3.19 -10.95
CA GLU A 87 13.58 3.56 -11.84
C GLU A 87 12.27 3.68 -11.05
N ARG A 88 11.21 4.15 -11.71
CA ARG A 88 9.89 4.27 -11.08
C ARG A 88 8.99 3.15 -11.57
N GLN A 89 8.01 2.77 -10.75
CA GLN A 89 7.10 1.69 -11.12
C GLN A 89 5.87 1.68 -10.19
N GLY A 90 5.01 0.68 -10.34
CA GLY A 90 3.83 0.57 -9.51
C GLY A 90 3.54 -0.87 -9.12
N ILE A 91 2.91 -1.05 -7.97
CA ILE A 91 2.57 -2.39 -7.49
C ILE A 91 1.08 -2.50 -7.20
N ASP A 92 0.52 -3.67 -7.44
CA ASP A 92 -0.90 -3.92 -7.23
C ASP A 92 -1.18 -4.24 -5.78
N LEU A 93 -2.04 -3.44 -5.15
CA LEU A 93 -2.40 -3.66 -3.76
C LEU A 93 -3.72 -4.39 -3.65
N ASN A 94 -3.91 -5.32 -4.57
CA ASN A 94 -5.12 -6.14 -4.61
C ASN A 94 -5.10 -7.19 -3.51
N ARG A 95 -4.02 -7.19 -2.75
CA ARG A 95 -3.84 -8.14 -1.66
C ARG A 95 -4.35 -7.57 -0.35
N ILE A 96 -4.58 -6.28 -0.31
CA ILE A 96 -5.07 -5.63 0.90
C ILE A 96 -6.59 -5.59 0.87
N GLN A 97 -7.21 -6.35 1.75
CA GLN A 97 -8.66 -6.43 1.79
C GLN A 97 -9.19 -6.09 3.19
N ASN A 98 -10.23 -5.27 3.21
CA ASN A 98 -10.87 -4.88 4.46
C ASN A 98 -12.08 -5.78 4.72
N VAL A 99 -12.04 -6.49 5.83
CA VAL A 99 -13.12 -7.39 6.20
C VAL A 99 -13.82 -6.90 7.47
N ASN A 100 -15.11 -6.63 7.33
CA ASN A 100 -15.93 -6.14 8.44
C ASN A 100 -15.37 -4.86 9.02
N GLY A 101 -14.72 -4.08 8.17
CA GLY A 101 -14.15 -2.83 8.61
C GLY A 101 -12.68 -2.93 8.98
N ARG A 102 -12.19 -4.15 9.18
CA ARG A 102 -10.79 -4.33 9.56
C ARG A 102 -9.94 -4.55 8.32
N LEU A 103 -8.94 -3.71 8.13
CA LEU A 103 -8.06 -3.82 6.99
C LEU A 103 -6.99 -4.88 7.26
N VAL A 104 -6.98 -5.94 6.47
CA VAL A 104 -6.01 -7.02 6.66
C VAL A 104 -5.29 -7.34 5.36
N PHE A 105 -4.05 -7.80 5.47
CA PHE A 105 -3.28 -8.18 4.30
C PHE A 105 -3.52 -9.65 3.98
N GLN A 106 -3.91 -9.91 2.76
CA GLN A 106 -4.17 -11.27 2.31
C GLN A 106 -3.13 -11.68 1.26
N MET A 4 -10.11 -9.07 -5.14
CA MET A 4 -10.83 -7.91 -4.57
C MET A 4 -10.03 -7.30 -3.43
N SER A 5 -9.96 -5.98 -3.38
CA SER A 5 -9.23 -5.32 -2.31
C SER A 5 -10.16 -4.45 -1.46
N TYR A 6 -9.61 -3.83 -0.43
CA TYR A 6 -10.37 -2.98 0.48
C TYR A 6 -11.04 -1.81 -0.25
N ALA A 7 -10.34 -1.25 -1.23
CA ALA A 7 -10.82 -0.10 -1.99
C ALA A 7 -12.20 -0.31 -2.64
N ASP A 8 -12.61 -1.56 -2.79
CA ASP A 8 -13.90 -1.87 -3.40
C ASP A 8 -15.05 -1.27 -2.59
N SER A 9 -14.90 -1.29 -1.26
CA SER A 9 -15.92 -0.76 -0.39
C SER A 9 -15.28 0.17 0.64
N SER A 10 -14.40 1.04 0.16
CA SER A 10 -13.72 2.00 1.02
C SER A 10 -13.45 3.28 0.25
N ARG A 11 -13.12 4.33 0.99
CA ARG A 11 -12.84 5.62 0.39
C ARG A 11 -11.82 6.38 1.23
N ASN A 12 -11.29 7.45 0.65
CA ASN A 12 -10.30 8.31 1.30
C ASN A 12 -9.07 7.51 1.70
N ALA A 13 -8.48 6.84 0.72
CA ALA A 13 -7.29 6.04 0.95
C ALA A 13 -6.05 6.90 0.82
N VAL A 14 -5.31 7.03 1.91
CA VAL A 14 -4.10 7.84 1.94
C VAL A 14 -2.90 7.01 2.40
N LEU A 15 -1.70 7.57 2.24
CA LEU A 15 -0.48 6.89 2.63
C LEU A 15 0.06 7.51 3.91
N THR A 16 0.08 6.72 4.98
CA THR A 16 0.58 7.20 6.26
C THR A 16 1.91 6.53 6.62
N ASN A 17 2.58 7.08 7.62
CA ASN A 17 3.86 6.55 8.11
C ASN A 17 4.91 6.57 7.01
N GLY A 18 5.06 7.73 6.36
CA GLY A 18 6.05 7.86 5.30
C GLY A 18 5.52 7.38 3.97
N GLY A 19 4.64 6.39 4.02
CA GLY A 19 4.08 5.84 2.80
C GLY A 19 4.15 4.33 2.82
N ARG A 20 3.74 3.73 3.91
CA ARG A 20 3.77 2.29 4.05
C ARG A 20 2.46 1.74 4.58
N THR A 21 1.74 2.58 5.33
CA THR A 21 0.48 2.19 5.91
C THR A 21 -0.68 2.75 5.08
N LEU A 22 -1.65 1.90 4.81
CA LEU A 22 -2.84 2.29 4.06
C LEU A 22 -3.95 2.70 5.00
N ARG A 23 -4.35 3.96 4.96
CA ARG A 23 -5.43 4.41 5.82
C ARG A 23 -6.62 4.82 4.97
N ALA A 24 -7.76 4.17 5.21
CA ALA A 24 -8.96 4.47 4.46
C ALA A 24 -10.20 4.13 5.28
N GLU A 25 -11.34 4.63 4.83
CA GLU A 25 -12.60 4.36 5.49
C GLU A 25 -13.19 3.10 4.89
N CYS A 26 -13.14 2.02 5.63
CA CYS A 26 -13.65 0.76 5.14
C CYS A 26 -15.05 0.51 5.68
N ARG A 27 -15.96 0.14 4.81
CA ARG A 27 -17.31 -0.13 5.21
C ARG A 27 -17.39 -1.46 5.94
N ASN A 28 -17.78 -1.41 7.20
CA ASN A 28 -17.89 -2.63 7.99
C ASN A 28 -19.21 -3.33 7.71
N ALA A 29 -19.35 -4.56 8.18
CA ALA A 29 -20.56 -5.36 7.94
C ALA A 29 -21.82 -4.62 8.37
N ASP A 30 -21.71 -3.80 9.42
CA ASP A 30 -22.85 -3.04 9.92
C ASP A 30 -23.25 -1.96 8.93
N GLY A 31 -22.35 -1.65 8.02
CA GLY A 31 -22.59 -0.63 7.01
C GLY A 31 -22.05 0.70 7.45
N ASN A 32 -21.02 0.68 8.29
CA ASN A 32 -20.43 1.91 8.80
C ASN A 32 -19.02 2.12 8.25
N TRP A 33 -18.51 3.33 8.37
CA TRP A 33 -17.19 3.66 7.89
C TRP A 33 -16.19 3.66 9.04
N VAL A 34 -15.27 2.72 9.00
CA VAL A 34 -14.26 2.63 10.02
C VAL A 34 -12.88 2.86 9.44
N THR A 35 -12.11 3.72 10.09
CA THR A 35 -10.77 4.03 9.66
C THR A 35 -9.85 2.87 10.02
N SER A 36 -9.41 2.15 9.01
CA SER A 36 -8.53 1.02 9.22
C SER A 36 -7.20 1.24 8.51
N GLU A 37 -6.14 0.72 9.11
CA GLU A 37 -4.81 0.87 8.55
C GLU A 37 -4.08 -0.48 8.50
N LEU A 38 -3.36 -0.71 7.41
CA LEU A 38 -2.60 -1.94 7.23
C LEU A 38 -1.21 -1.57 6.75
N ASP A 39 -0.19 -2.09 7.41
CA ASP A 39 1.19 -1.81 7.05
C ASP A 39 1.66 -2.82 6.01
N LEU A 40 1.83 -2.37 4.79
CA LEU A 40 2.27 -3.23 3.71
C LEU A 40 3.80 -3.33 3.63
N ASP A 41 4.51 -2.50 4.40
CA ASP A 41 5.98 -2.50 4.36
C ASP A 41 6.56 -3.80 4.90
N THR A 42 5.75 -4.58 5.59
CA THR A 42 6.20 -5.85 6.14
C THR A 42 6.04 -6.97 5.10
N CYS A 43 5.54 -6.63 3.92
CA CYS A 43 5.34 -7.60 2.86
C CYS A 43 5.70 -7.06 1.48
N ILE A 44 5.85 -5.74 1.36
CA ILE A 44 6.21 -5.11 0.09
C ILE A 44 7.62 -4.53 0.16
N GLY A 45 8.40 -4.76 -0.88
CA GLY A 45 9.75 -4.23 -0.93
C GLY A 45 10.21 -4.02 -2.34
N ASN A 46 11.21 -3.17 -2.53
CA ASN A 46 11.75 -2.89 -3.86
C ASN A 46 13.14 -2.25 -3.80
N PRO A 47 14.10 -2.85 -3.06
CA PRO A 47 15.44 -2.29 -2.94
C PRO A 47 16.28 -2.59 -4.18
N ASN A 48 15.75 -3.43 -5.05
CA ASN A 48 16.45 -3.79 -6.28
C ASN A 48 15.92 -2.99 -7.46
N GLY A 49 14.98 -2.08 -7.19
CA GLY A 49 14.41 -1.27 -8.23
C GLY A 49 13.15 -1.88 -8.80
N PHE A 50 12.75 -3.02 -8.24
CA PHE A 50 11.54 -3.70 -8.70
C PHE A 50 10.59 -3.96 -7.55
N LEU A 51 9.34 -3.61 -7.75
CA LEU A 51 8.30 -3.78 -6.75
C LEU A 51 7.73 -5.19 -6.77
N GLY A 52 7.22 -5.62 -5.64
CA GLY A 52 6.63 -6.94 -5.54
C GLY A 52 6.38 -7.33 -4.10
N TRP A 53 5.66 -8.43 -3.91
CA TRP A 53 5.36 -8.92 -2.57
C TRP A 53 6.38 -9.98 -2.17
N GLY A 54 7.01 -9.78 -1.03
CA GLY A 54 8.02 -10.73 -0.56
C GLY A 54 9.10 -10.07 0.25
N MET A 55 9.44 -8.86 -0.14
CA MET A 55 10.49 -8.09 0.52
C MET A 55 9.85 -7.11 1.51
N GLN A 56 10.65 -6.41 2.30
CA GLN A 56 10.13 -5.46 3.26
C GLN A 56 10.80 -4.10 3.13
N ASN A 57 10.24 -3.12 3.80
CA ASN A 57 10.76 -1.74 3.80
C ASN A 57 10.77 -1.13 2.41
N PHE A 58 9.65 -1.22 1.71
CA PHE A 58 9.56 -0.64 0.37
C PHE A 58 9.57 0.88 0.47
N SER A 59 9.13 1.40 1.60
CA SER A 59 9.06 2.83 1.83
C SER A 59 10.45 3.47 1.74
N HIS A 60 11.43 2.82 2.37
CA HIS A 60 12.80 3.32 2.35
C HIS A 60 13.50 2.96 1.05
N SER A 61 12.87 2.08 0.27
CA SER A 61 13.43 1.64 -0.98
C SER A 61 12.80 2.34 -2.18
N SER A 62 11.89 3.26 -1.94
CA SER A 62 11.24 3.97 -3.04
C SER A 62 10.96 5.42 -2.68
N GLU A 63 10.74 6.23 -3.71
CA GLU A 63 10.46 7.65 -3.52
C GLU A 63 9.08 8.01 -4.04
N ASP A 64 8.49 9.04 -3.46
CA ASP A 64 7.16 9.53 -3.83
C ASP A 64 6.13 8.41 -3.88
N ILE A 65 5.70 7.98 -2.71
CA ILE A 65 4.73 6.91 -2.59
C ILE A 65 3.30 7.44 -2.54
N LYS A 66 2.51 7.09 -3.54
CA LYS A 66 1.12 7.51 -3.61
C LYS A 66 0.27 6.45 -4.31
N LEU A 67 -1.02 6.42 -4.02
CA LEU A 67 -1.92 5.45 -4.61
C LEU A 67 -2.41 5.90 -5.99
N GLU A 68 -2.41 4.97 -6.92
CA GLU A 68 -2.82 5.25 -8.29
C GLU A 68 -4.32 4.98 -8.51
N GLU A 69 -4.72 3.71 -8.42
CA GLU A 69 -6.12 3.33 -8.63
C GLU A 69 -6.97 3.63 -7.41
N GLY A 70 -6.73 4.78 -6.81
CA GLY A 70 -7.47 5.21 -5.63
C GLY A 70 -7.33 4.26 -4.47
N GLY A 71 -6.31 3.42 -4.50
CA GLY A 71 -6.11 2.47 -3.42
C GLY A 71 -5.92 1.05 -3.90
N ARG A 72 -6.30 0.79 -5.15
CA ARG A 72 -6.17 -0.55 -5.72
C ARG A 72 -4.72 -0.81 -6.10
N LYS A 73 -3.95 0.26 -6.24
CA LYS A 73 -2.56 0.15 -6.63
C LYS A 73 -1.74 1.30 -6.05
N LEU A 74 -0.51 1.00 -5.68
CA LEU A 74 0.40 1.98 -5.12
C LEU A 74 1.55 2.24 -6.10
N THR A 75 1.78 3.50 -6.42
CA THR A 75 2.83 3.87 -7.35
C THR A 75 3.92 4.69 -6.65
N CYS A 76 5.16 4.36 -6.96
CA CYS A 76 6.32 5.05 -6.38
C CYS A 76 7.54 4.81 -7.24
N ARG A 77 8.65 5.43 -6.89
CA ARG A 77 9.88 5.25 -7.64
C ARG A 77 10.87 4.41 -6.83
N PRO A 78 10.96 3.12 -7.14
CA PRO A 78 11.85 2.20 -6.45
C PRO A 78 13.30 2.52 -6.72
N LYS A 79 14.07 2.76 -5.67
CA LYS A 79 15.46 3.08 -5.83
C LYS A 79 16.34 2.07 -5.12
N THR A 80 17.52 1.82 -5.68
CA THR A 80 18.44 0.90 -5.07
C THR A 80 19.06 1.58 -3.86
N VAL A 81 19.04 0.88 -2.73
CA VAL A 81 19.58 1.40 -1.48
C VAL A 81 21.10 1.45 -1.52
N ASP A 82 21.67 0.94 -2.61
CA ASP A 82 23.11 0.94 -2.80
C ASP A 82 23.60 2.36 -3.03
N GLY A 83 22.78 3.16 -3.71
CA GLY A 83 23.15 4.54 -3.98
C GLY A 83 21.96 5.50 -3.95
N GLY A 84 20.77 4.97 -4.17
CA GLY A 84 19.57 5.79 -4.17
C GLY A 84 19.08 6.12 -5.56
N PHE A 85 19.60 5.39 -6.54
CA PHE A 85 19.23 5.59 -7.95
C PHE A 85 18.45 4.40 -8.47
N ARG A 86 17.66 4.59 -9.54
CA ARG A 86 16.88 3.50 -10.14
C ARG A 86 15.77 4.02 -11.07
N GLU A 87 14.72 3.20 -11.22
CA GLU A 87 13.59 3.50 -12.09
C GLU A 87 12.33 3.82 -11.28
N ARG A 88 11.23 3.99 -11.98
CA ARG A 88 9.93 4.25 -11.37
C ARG A 88 9.05 3.04 -11.64
N GLN A 89 8.03 2.82 -10.82
CA GLN A 89 7.16 1.65 -11.00
C GLN A 89 5.91 1.74 -10.11
N GLY A 90 5.20 0.61 -9.98
CA GLY A 90 4.02 0.55 -9.15
C GLY A 90 3.65 -0.88 -8.81
N ILE A 91 2.96 -1.07 -7.71
CA ILE A 91 2.57 -2.41 -7.28
C ILE A 91 1.08 -2.44 -6.93
N ASP A 92 0.39 -3.49 -7.35
CA ASP A 92 -1.02 -3.63 -7.08
C ASP A 92 -1.24 -4.05 -5.64
N LEU A 93 -2.25 -3.49 -5.01
CA LEU A 93 -2.56 -3.80 -3.62
C LEU A 93 -3.83 -4.63 -3.51
N ASN A 94 -3.99 -5.55 -4.43
CA ASN A 94 -5.16 -6.42 -4.47
C ASN A 94 -5.08 -7.48 -3.38
N ARG A 95 -4.02 -7.41 -2.59
CA ARG A 95 -3.79 -8.35 -1.51
C ARG A 95 -4.29 -7.78 -0.19
N ILE A 96 -4.62 -6.51 -0.18
CA ILE A 96 -5.11 -5.86 1.03
C ILE A 96 -6.62 -5.80 1.00
N GLN A 97 -7.24 -6.72 1.71
CA GLN A 97 -8.70 -6.82 1.75
C GLN A 97 -9.24 -6.36 3.09
N ASN A 98 -10.41 -5.75 3.06
CA ASN A 98 -11.07 -5.28 4.27
C ASN A 98 -12.05 -6.34 4.76
N VAL A 99 -11.82 -6.84 5.95
CA VAL A 99 -12.68 -7.86 6.54
C VAL A 99 -13.53 -7.24 7.63
N ASN A 100 -14.82 -7.07 7.36
CA ASN A 100 -15.76 -6.50 8.33
C ASN A 100 -15.34 -5.09 8.72
N GLY A 101 -14.72 -4.37 7.78
CA GLY A 101 -14.29 -3.02 8.05
C GLY A 101 -12.82 -2.92 8.42
N ARG A 102 -12.26 -4.00 8.95
CA ARG A 102 -10.86 -3.98 9.35
C ARG A 102 -9.96 -4.36 8.19
N LEU A 103 -8.80 -3.73 8.11
CA LEU A 103 -7.87 -3.99 7.03
C LEU A 103 -6.96 -5.15 7.37
N VAL A 104 -6.93 -6.17 6.52
CA VAL A 104 -6.10 -7.34 6.73
C VAL A 104 -5.31 -7.68 5.47
N PHE A 105 -4.04 -8.03 5.65
CA PHE A 105 -3.21 -8.41 4.52
C PHE A 105 -3.46 -9.88 4.21
N GLN A 106 -3.69 -10.16 2.95
CA GLN A 106 -3.96 -11.52 2.53
C GLN A 106 -3.02 -11.96 1.41
N MET A 4 -11.14 -8.69 -5.78
CA MET A 4 -11.62 -7.50 -5.06
C MET A 4 -10.65 -7.10 -3.98
N SER A 5 -10.47 -5.79 -3.80
CA SER A 5 -9.57 -5.28 -2.79
C SER A 5 -10.34 -4.44 -1.77
N TYR A 6 -9.65 -3.94 -0.76
CA TYR A 6 -10.27 -3.12 0.27
C TYR A 6 -10.97 -1.90 -0.34
N ALA A 7 -10.33 -1.30 -1.36
CA ALA A 7 -10.84 -0.10 -2.01
C ALA A 7 -12.23 -0.29 -2.61
N ASP A 8 -12.62 -1.53 -2.84
CA ASP A 8 -13.92 -1.83 -3.43
C ASP A 8 -15.02 -1.57 -2.41
N SER A 9 -14.65 -1.50 -1.14
CA SER A 9 -15.59 -1.25 -0.07
C SER A 9 -15.00 -0.24 0.92
N SER A 10 -14.26 0.73 0.41
CA SER A 10 -13.67 1.75 1.24
C SER A 10 -13.54 3.06 0.48
N ARG A 11 -13.18 4.11 1.20
CA ARG A 11 -13.02 5.44 0.62
C ARG A 11 -11.95 6.21 1.38
N ASN A 12 -11.52 7.33 0.80
CA ASN A 12 -10.52 8.20 1.41
C ASN A 12 -9.26 7.41 1.79
N ALA A 13 -8.69 6.75 0.79
CA ALA A 13 -7.48 5.97 1.01
C ALA A 13 -6.25 6.84 0.83
N VAL A 14 -5.48 6.99 1.89
CA VAL A 14 -4.27 7.81 1.87
C VAL A 14 -3.07 6.99 2.30
N LEU A 15 -1.89 7.56 2.12
CA LEU A 15 -0.66 6.89 2.49
C LEU A 15 -0.10 7.50 3.78
N THR A 16 -0.08 6.71 4.84
CA THR A 16 0.42 7.18 6.12
C THR A 16 1.76 6.54 6.45
N ASN A 17 2.44 7.09 7.45
CA ASN A 17 3.74 6.59 7.89
C ASN A 17 4.75 6.62 6.75
N GLY A 18 4.83 7.76 6.08
CA GLY A 18 5.76 7.91 4.97
C GLY A 18 5.17 7.44 3.66
N GLY A 19 4.43 6.35 3.72
CA GLY A 19 3.82 5.80 2.53
C GLY A 19 3.90 4.29 2.53
N ARG A 20 3.71 3.70 3.70
CA ARG A 20 3.78 2.26 3.85
C ARG A 20 2.48 1.72 4.43
N THR A 21 1.75 2.58 5.13
CA THR A 21 0.51 2.20 5.75
C THR A 21 -0.69 2.77 4.98
N LEU A 22 -1.67 1.93 4.77
CA LEU A 22 -2.89 2.34 4.06
C LEU A 22 -3.94 2.78 5.04
N ARG A 23 -4.25 4.06 5.06
CA ARG A 23 -5.27 4.57 5.94
C ARG A 23 -6.49 4.95 5.12
N ALA A 24 -7.61 4.32 5.41
CA ALA A 24 -8.85 4.57 4.66
C ALA A 24 -10.07 4.27 5.51
N GLU A 25 -11.22 4.72 5.03
CA GLU A 25 -12.48 4.47 5.70
C GLU A 25 -13.04 3.18 5.16
N CYS A 26 -12.95 2.12 5.93
CA CYS A 26 -13.42 0.83 5.49
C CYS A 26 -14.86 0.61 5.90
N ARG A 27 -15.69 0.31 4.93
CA ARG A 27 -17.08 0.05 5.19
C ARG A 27 -17.24 -1.30 5.87
N ASN A 28 -17.75 -1.29 7.08
CA ASN A 28 -17.94 -2.54 7.81
C ASN A 28 -19.24 -3.19 7.38
N ALA A 29 -19.43 -4.45 7.77
CA ALA A 29 -20.61 -5.22 7.39
C ALA A 29 -21.91 -4.58 7.88
N ASP A 30 -21.82 -3.77 8.93
CA ASP A 30 -23.00 -3.10 9.46
C ASP A 30 -23.39 -1.95 8.54
N GLY A 31 -22.47 -1.56 7.68
CA GLY A 31 -22.69 -0.48 6.75
C GLY A 31 -22.21 0.84 7.31
N ASN A 32 -21.09 0.80 8.04
CA ASN A 32 -20.54 2.02 8.64
C ASN A 32 -19.09 2.22 8.18
N TRP A 33 -18.58 3.43 8.38
CA TRP A 33 -17.22 3.76 7.98
C TRP A 33 -16.27 3.74 9.18
N VAL A 34 -15.29 2.86 9.13
CA VAL A 34 -14.30 2.77 10.19
C VAL A 34 -12.90 2.99 9.62
N THR A 35 -12.14 3.86 10.28
CA THR A 35 -10.79 4.18 9.84
C THR A 35 -9.84 3.05 10.22
N SER A 36 -9.35 2.34 9.22
CA SER A 36 -8.43 1.24 9.44
C SER A 36 -7.13 1.45 8.68
N GLU A 37 -6.06 0.85 9.18
CA GLU A 37 -4.74 0.97 8.56
C GLU A 37 -4.06 -0.38 8.48
N LEU A 38 -3.33 -0.60 7.39
CA LEU A 38 -2.58 -1.84 7.18
C LEU A 38 -1.21 -1.48 6.64
N ASP A 39 -0.18 -2.03 7.25
CA ASP A 39 1.19 -1.76 6.83
C ASP A 39 1.60 -2.75 5.76
N LEU A 40 1.73 -2.28 4.53
CA LEU A 40 2.11 -3.13 3.41
C LEU A 40 3.61 -3.35 3.35
N ASP A 41 4.38 -2.47 4.00
CA ASP A 41 5.84 -2.58 3.99
C ASP A 41 6.31 -3.83 4.72
N THR A 42 5.38 -4.54 5.32
CA THR A 42 5.67 -5.76 6.04
C THR A 42 5.75 -6.95 5.08
N CYS A 43 5.31 -6.74 3.83
CA CYS A 43 5.34 -7.79 2.84
C CYS A 43 5.74 -7.26 1.44
N ILE A 44 5.91 -5.95 1.32
CA ILE A 44 6.30 -5.36 0.04
C ILE A 44 7.73 -4.85 0.13
N GLY A 45 8.52 -5.13 -0.89
CA GLY A 45 9.90 -4.69 -0.90
C GLY A 45 10.36 -4.37 -2.31
N ASN A 46 11.37 -3.51 -2.41
CA ASN A 46 11.89 -3.11 -3.70
C ASN A 46 13.32 -2.54 -3.64
N PRO A 47 14.26 -3.18 -2.89
CA PRO A 47 15.64 -2.67 -2.79
C PRO A 47 16.37 -2.76 -4.12
N ASN A 48 15.91 -3.67 -4.98
CA ASN A 48 16.50 -3.87 -6.29
C ASN A 48 15.94 -2.86 -7.29
N GLY A 49 14.85 -2.22 -6.93
CA GLY A 49 14.24 -1.25 -7.81
C GLY A 49 12.97 -1.78 -8.45
N PHE A 50 12.54 -2.96 -8.01
CA PHE A 50 11.33 -3.58 -8.54
C PHE A 50 10.37 -3.89 -7.40
N LEU A 51 9.11 -3.52 -7.61
CA LEU A 51 8.08 -3.72 -6.60
C LEU A 51 7.43 -5.08 -6.71
N GLY A 52 7.19 -5.69 -5.56
CA GLY A 52 6.56 -6.98 -5.53
C GLY A 52 6.34 -7.45 -4.10
N TRP A 53 5.60 -8.53 -3.96
CA TRP A 53 5.31 -9.08 -2.65
C TRP A 53 6.32 -10.18 -2.33
N GLY A 54 6.99 -10.05 -1.20
CA GLY A 54 7.98 -11.02 -0.79
C GLY A 54 8.98 -10.41 0.16
N MET A 55 9.64 -9.37 -0.30
CA MET A 55 10.63 -8.65 0.51
C MET A 55 9.89 -7.63 1.36
N GLN A 56 10.59 -6.88 2.20
CA GLN A 56 9.92 -5.91 3.05
C GLN A 56 10.70 -4.59 3.10
N ASN A 57 10.13 -3.61 3.81
CA ASN A 57 10.73 -2.29 3.99
C ASN A 57 10.87 -1.54 2.67
N PHE A 58 9.86 -1.66 1.80
CA PHE A 58 9.91 -0.99 0.49
C PHE A 58 9.86 0.53 0.64
N SER A 59 9.17 1.00 1.67
CA SER A 59 9.04 2.43 1.91
C SER A 59 10.40 3.08 2.16
N HIS A 60 11.31 2.32 2.76
CA HIS A 60 12.64 2.82 3.04
C HIS A 60 13.52 2.80 1.79
N SER A 61 13.04 2.13 0.75
CA SER A 61 13.78 2.06 -0.50
C SER A 61 12.97 2.67 -1.64
N SER A 62 12.05 3.57 -1.31
CA SER A 62 11.22 4.22 -2.31
C SER A 62 11.04 5.70 -1.99
N GLU A 63 10.84 6.48 -3.03
CA GLU A 63 10.64 7.91 -2.92
C GLU A 63 9.40 8.32 -3.69
N ASP A 64 8.58 9.18 -3.09
CA ASP A 64 7.33 9.65 -3.69
C ASP A 64 6.34 8.49 -3.84
N ILE A 65 5.64 8.20 -2.76
CA ILE A 65 4.67 7.10 -2.74
C ILE A 65 3.24 7.62 -2.80
N LYS A 66 2.49 7.21 -3.81
CA LYS A 66 1.11 7.64 -3.97
C LYS A 66 0.28 6.52 -4.61
N LEU A 67 -1.01 6.51 -4.35
CA LEU A 67 -1.91 5.49 -4.90
C LEU A 67 -2.39 5.90 -6.28
N GLU A 68 -2.18 5.00 -7.25
CA GLU A 68 -2.57 5.26 -8.63
C GLU A 68 -4.06 5.05 -8.85
N GLU A 69 -4.54 3.85 -8.56
CA GLU A 69 -5.95 3.53 -8.74
C GLU A 69 -6.75 3.87 -7.50
N GLY A 70 -6.41 4.99 -6.89
CA GLY A 70 -7.10 5.45 -5.68
C GLY A 70 -6.99 4.48 -4.53
N GLY A 71 -6.12 3.49 -4.65
CA GLY A 71 -5.95 2.52 -3.59
C GLY A 71 -5.86 1.09 -4.10
N ARG A 72 -6.24 0.88 -5.36
CA ARG A 72 -6.19 -0.46 -5.94
C ARG A 72 -4.75 -0.78 -6.33
N LYS A 73 -3.96 0.26 -6.54
CA LYS A 73 -2.58 0.12 -6.93
C LYS A 73 -1.74 1.22 -6.28
N LEU A 74 -0.57 0.84 -5.79
CA LEU A 74 0.33 1.78 -5.15
C LEU A 74 1.49 2.10 -6.11
N THR A 75 1.73 3.37 -6.35
CA THR A 75 2.80 3.77 -7.25
C THR A 75 3.86 4.60 -6.52
N CYS A 76 5.11 4.23 -6.72
CA CYS A 76 6.22 4.92 -6.08
C CYS A 76 7.48 4.69 -6.88
N ARG A 77 8.52 5.46 -6.63
CA ARG A 77 9.75 5.28 -7.33
C ARG A 77 10.79 4.65 -6.41
N PRO A 78 11.00 3.34 -6.57
CA PRO A 78 11.98 2.60 -5.78
C PRO A 78 13.39 3.00 -6.17
N LYS A 79 14.26 3.11 -5.18
CA LYS A 79 15.64 3.47 -5.42
C LYS A 79 16.59 2.40 -4.90
N THR A 80 17.69 2.18 -5.62
CA THR A 80 18.66 1.20 -5.20
C THR A 80 19.52 1.80 -4.11
N VAL A 81 19.88 0.95 -3.15
CA VAL A 81 20.70 1.36 -2.01
C VAL A 81 22.14 1.65 -2.43
N ASP A 82 22.50 1.26 -3.65
CA ASP A 82 23.85 1.48 -4.17
C ASP A 82 24.16 2.97 -4.28
N GLY A 83 23.12 3.78 -4.37
CA GLY A 83 23.33 5.21 -4.49
C GLY A 83 22.04 6.01 -4.43
N GLY A 84 20.91 5.33 -4.57
CA GLY A 84 19.63 6.00 -4.52
C GLY A 84 19.09 6.29 -5.91
N PHE A 85 19.58 5.55 -6.87
CA PHE A 85 19.16 5.72 -8.26
C PHE A 85 18.36 4.51 -8.69
N ARG A 86 17.41 4.70 -9.60
CA ARG A 86 16.59 3.58 -10.05
C ARG A 86 15.52 4.01 -11.05
N GLU A 87 14.34 3.40 -10.95
CA GLU A 87 13.24 3.68 -11.86
C GLU A 87 11.91 3.60 -11.11
N ARG A 88 10.91 4.35 -11.58
CA ARG A 88 9.60 4.37 -10.95
C ARG A 88 8.82 3.11 -11.33
N GLN A 89 7.88 2.71 -10.47
CA GLN A 89 7.09 1.52 -10.71
C GLN A 89 5.81 1.53 -9.85
N GLY A 90 5.00 0.50 -9.99
CA GLY A 90 3.77 0.39 -9.22
C GLY A 90 3.45 -1.04 -8.87
N ILE A 91 2.81 -1.23 -7.72
CA ILE A 91 2.44 -2.56 -7.26
C ILE A 91 0.95 -2.62 -6.94
N ASP A 92 0.32 -3.72 -7.35
CA ASP A 92 -1.10 -3.92 -7.12
C ASP A 92 -1.37 -4.32 -5.69
N LEU A 93 -2.29 -3.61 -5.04
CA LEU A 93 -2.62 -3.88 -3.65
C LEU A 93 -3.86 -4.76 -3.56
N ASN A 94 -3.90 -5.74 -4.42
CA ASN A 94 -5.02 -6.67 -4.46
C ASN A 94 -4.91 -7.71 -3.36
N ARG A 95 -3.90 -7.58 -2.52
CA ARG A 95 -3.68 -8.47 -1.40
C ARG A 95 -4.19 -7.86 -0.11
N ILE A 96 -4.65 -6.62 -0.18
CA ILE A 96 -5.14 -5.93 1.01
C ILE A 96 -6.68 -5.90 0.97
N GLN A 97 -7.29 -6.68 1.85
CA GLN A 97 -8.75 -6.77 1.91
C GLN A 97 -9.26 -6.38 3.28
N ASN A 98 -10.38 -5.70 3.30
CA ASN A 98 -11.02 -5.29 4.55
C ASN A 98 -12.08 -6.31 4.95
N VAL A 99 -11.89 -6.89 6.13
CA VAL A 99 -12.80 -7.88 6.66
C VAL A 99 -13.64 -7.25 7.77
N ASN A 100 -14.91 -6.96 7.45
CA ASN A 100 -15.82 -6.36 8.42
C ASN A 100 -15.31 -4.99 8.88
N GLY A 101 -14.71 -4.26 7.96
CA GLY A 101 -14.18 -2.95 8.28
C GLY A 101 -12.73 -2.99 8.73
N ARG A 102 -12.25 -4.17 9.09
CA ARG A 102 -10.88 -4.32 9.54
C ARG A 102 -9.96 -4.55 8.35
N LEU A 103 -8.96 -3.71 8.19
CA LEU A 103 -8.03 -3.85 7.09
C LEU A 103 -6.98 -4.90 7.43
N VAL A 104 -6.98 -6.01 6.69
CA VAL A 104 -6.04 -7.09 6.94
C VAL A 104 -5.31 -7.48 5.66
N PHE A 105 -4.04 -7.83 5.78
CA PHE A 105 -3.24 -8.26 4.65
C PHE A 105 -3.52 -9.74 4.36
N GLN A 106 -3.69 -10.07 3.10
CA GLN A 106 -3.96 -11.44 2.70
C GLN A 106 -2.82 -11.98 1.83
N MET A 4 -9.68 -8.25 -6.17
CA MET A 4 -10.52 -7.30 -5.39
C MET A 4 -9.74 -6.82 -4.17
N SER A 5 -9.79 -5.52 -3.91
CA SER A 5 -9.08 -4.94 -2.78
C SER A 5 -10.05 -4.26 -1.82
N TYR A 6 -9.52 -3.70 -0.75
CA TYR A 6 -10.31 -2.98 0.23
C TYR A 6 -11.05 -1.80 -0.42
N ALA A 7 -10.41 -1.19 -1.43
CA ALA A 7 -10.96 -0.05 -2.14
C ALA A 7 -12.33 -0.32 -2.74
N ASP A 8 -12.66 -1.60 -2.91
CA ASP A 8 -13.93 -1.99 -3.47
C ASP A 8 -15.08 -1.66 -2.50
N SER A 9 -14.73 -1.39 -1.25
CA SER A 9 -15.69 -1.04 -0.22
C SER A 9 -15.03 -0.09 0.79
N SER A 10 -14.14 0.74 0.28
CA SER A 10 -13.41 1.70 1.10
C SER A 10 -13.11 2.94 0.27
N ARG A 11 -12.92 4.07 0.93
CA ARG A 11 -12.63 5.32 0.26
C ARG A 11 -11.74 6.21 1.11
N ASN A 12 -11.24 7.29 0.50
CA ASN A 12 -10.41 8.25 1.19
C ASN A 12 -9.12 7.61 1.68
N ALA A 13 -8.51 6.83 0.80
CA ALA A 13 -7.25 6.14 1.10
C ALA A 13 -6.07 7.09 0.95
N VAL A 14 -5.27 7.18 1.99
CA VAL A 14 -4.08 8.04 1.99
C VAL A 14 -2.83 7.24 2.38
N LEU A 15 -1.67 7.88 2.27
CA LEU A 15 -0.42 7.22 2.60
C LEU A 15 0.14 7.75 3.92
N THR A 16 0.19 6.87 4.92
CA THR A 16 0.70 7.26 6.23
C THR A 16 2.04 6.58 6.51
N ASN A 17 2.72 7.06 7.55
CA ASN A 17 4.03 6.54 7.95
C ASN A 17 5.01 6.62 6.78
N GLY A 18 4.98 7.75 6.08
CA GLY A 18 5.87 7.96 4.95
C GLY A 18 5.29 7.42 3.66
N GLY A 19 4.67 6.25 3.74
CA GLY A 19 4.08 5.63 2.56
C GLY A 19 4.18 4.13 2.64
N ARG A 20 3.87 3.60 3.81
CA ARG A 20 3.94 2.17 4.04
C ARG A 20 2.62 1.64 4.58
N THR A 21 1.87 2.50 5.25
CA THR A 21 0.61 2.12 5.83
C THR A 21 -0.56 2.71 5.04
N LEU A 22 -1.57 1.90 4.80
CA LEU A 22 -2.76 2.33 4.09
C LEU A 22 -3.82 2.78 5.07
N ARG A 23 -4.17 4.04 5.02
CA ARG A 23 -5.21 4.56 5.90
C ARG A 23 -6.41 4.96 5.06
N ALA A 24 -7.56 4.34 5.30
CA ALA A 24 -8.76 4.63 4.55
C ALA A 24 -10.01 4.33 5.35
N GLU A 25 -11.15 4.82 4.87
CA GLU A 25 -12.42 4.57 5.51
C GLU A 25 -13.01 3.31 4.90
N CYS A 26 -12.99 2.23 5.65
CA CYS A 26 -13.50 0.96 5.17
C CYS A 26 -14.91 0.72 5.67
N ARG A 27 -15.78 0.26 4.78
CA ARG A 27 -17.14 -0.03 5.14
C ARG A 27 -17.21 -1.35 5.88
N ASN A 28 -17.69 -1.32 7.12
CA ASN A 28 -17.81 -2.53 7.90
C ASN A 28 -19.12 -3.24 7.61
N ALA A 29 -19.26 -4.47 8.08
CA ALA A 29 -20.45 -5.28 7.87
C ALA A 29 -21.72 -4.53 8.28
N ASP A 30 -21.63 -3.75 9.36
CA ASP A 30 -22.79 -2.99 9.85
C ASP A 30 -23.19 -1.90 8.87
N GLY A 31 -22.28 -1.58 7.95
CA GLY A 31 -22.54 -0.55 6.96
C GLY A 31 -22.05 0.80 7.44
N ASN A 32 -20.95 0.79 8.17
CA ASN A 32 -20.38 2.02 8.71
C ASN A 32 -18.97 2.23 8.17
N TRP A 33 -18.50 3.48 8.20
CA TRP A 33 -17.17 3.80 7.73
C TRP A 33 -16.20 3.82 8.91
N VAL A 34 -15.24 2.92 8.87
CA VAL A 34 -14.22 2.84 9.91
C VAL A 34 -12.83 2.98 9.31
N THR A 35 -12.04 3.86 9.89
CA THR A 35 -10.70 4.08 9.39
C THR A 35 -9.79 2.93 9.81
N SER A 36 -9.32 2.18 8.83
CA SER A 36 -8.44 1.05 9.08
C SER A 36 -7.07 1.32 8.48
N GLU A 37 -6.05 0.75 9.10
CA GLU A 37 -4.69 0.95 8.65
C GLU A 37 -3.94 -0.37 8.57
N LEU A 38 -3.28 -0.62 7.45
CA LEU A 38 -2.53 -1.86 7.24
C LEU A 38 -1.15 -1.50 6.69
N ASP A 39 -0.11 -2.09 7.26
CA ASP A 39 1.25 -1.83 6.81
C ASP A 39 1.63 -2.80 5.70
N LEU A 40 1.75 -2.29 4.49
CA LEU A 40 2.10 -3.12 3.33
C LEU A 40 3.59 -3.39 3.28
N ASP A 41 4.36 -2.57 3.98
CA ASP A 41 5.82 -2.71 3.99
C ASP A 41 6.24 -4.01 4.64
N THR A 42 5.29 -4.72 5.19
CA THR A 42 5.54 -5.98 5.85
C THR A 42 5.65 -7.12 4.84
N CYS A 43 5.24 -6.86 3.58
CA CYS A 43 5.30 -7.88 2.55
C CYS A 43 5.75 -7.31 1.20
N ILE A 44 5.76 -5.98 1.06
CA ILE A 44 6.19 -5.38 -0.19
C ILE A 44 7.65 -4.95 -0.09
N GLY A 45 8.42 -5.23 -1.13
CA GLY A 45 9.82 -4.87 -1.14
C GLY A 45 10.27 -4.43 -2.51
N ASN A 46 11.17 -3.45 -2.55
CA ASN A 46 11.67 -2.93 -3.82
C ASN A 46 13.09 -2.34 -3.70
N PRO A 47 14.06 -3.05 -3.08
CA PRO A 47 15.42 -2.54 -2.91
C PRO A 47 16.23 -2.63 -4.20
N ASN A 48 15.75 -3.43 -5.13
CA ASN A 48 16.42 -3.63 -6.40
C ASN A 48 15.84 -2.72 -7.48
N GLY A 49 14.88 -1.89 -7.08
CA GLY A 49 14.25 -1.00 -8.02
C GLY A 49 13.01 -1.59 -8.64
N PHE A 50 12.62 -2.76 -8.15
CA PHE A 50 11.44 -3.44 -8.66
C PHE A 50 10.49 -3.77 -7.52
N LEU A 51 9.21 -3.49 -7.74
CA LEU A 51 8.17 -3.72 -6.74
C LEU A 51 7.66 -5.14 -6.79
N GLY A 52 7.07 -5.56 -5.68
CA GLY A 52 6.51 -6.90 -5.59
C GLY A 52 6.35 -7.35 -4.17
N TRP A 53 5.61 -8.43 -3.98
CA TRP A 53 5.38 -8.98 -2.65
C TRP A 53 6.40 -10.08 -2.39
N GLY A 54 7.14 -9.96 -1.29
CA GLY A 54 8.15 -10.95 -0.96
C GLY A 54 9.09 -10.49 0.12
N MET A 55 9.54 -9.24 0.04
CA MET A 55 10.45 -8.69 1.03
C MET A 55 9.70 -7.69 1.91
N GLN A 56 10.42 -6.76 2.52
CA GLN A 56 9.79 -5.76 3.37
C GLN A 56 10.54 -4.44 3.31
N ASN A 57 9.97 -3.42 3.95
CA ASN A 57 10.59 -2.09 4.02
C ASN A 57 10.72 -1.44 2.63
N PHE A 58 9.67 -1.51 1.82
CA PHE A 58 9.71 -0.91 0.49
C PHE A 58 9.67 0.61 0.58
N SER A 59 9.06 1.13 1.64
CA SER A 59 8.95 2.58 1.82
C SER A 59 10.33 3.22 1.94
N HIS A 60 11.24 2.52 2.61
CA HIS A 60 12.60 3.00 2.81
C HIS A 60 13.45 2.75 1.58
N SER A 61 12.87 2.08 0.58
CA SER A 61 13.60 1.77 -0.64
C SER A 61 12.92 2.41 -1.85
N SER A 62 12.00 3.33 -1.63
CA SER A 62 11.32 4.00 -2.74
C SER A 62 10.98 5.45 -2.40
N GLU A 63 10.85 6.26 -3.45
CA GLU A 63 10.54 7.68 -3.30
C GLU A 63 9.18 8.00 -3.93
N ASP A 64 8.50 8.97 -3.34
CA ASP A 64 7.17 9.41 -3.81
C ASP A 64 6.21 8.24 -3.90
N ILE A 65 5.69 7.84 -2.76
CA ILE A 65 4.75 6.73 -2.69
C ILE A 65 3.33 7.26 -2.66
N LYS A 66 2.55 6.91 -3.68
CA LYS A 66 1.19 7.38 -3.77
C LYS A 66 0.30 6.34 -4.46
N LEU A 67 -0.98 6.36 -4.14
CA LEU A 67 -1.93 5.41 -4.71
C LEU A 67 -2.40 5.87 -6.08
N GLU A 68 -2.39 4.93 -7.02
CA GLU A 68 -2.80 5.21 -8.39
C GLU A 68 -4.30 5.05 -8.59
N GLU A 69 -4.81 3.85 -8.36
CA GLU A 69 -6.22 3.58 -8.53
C GLU A 69 -7.02 3.96 -7.29
N GLY A 70 -6.60 5.01 -6.62
CA GLY A 70 -7.28 5.49 -5.43
C GLY A 70 -7.21 4.51 -4.27
N GLY A 71 -6.35 3.50 -4.38
CA GLY A 71 -6.24 2.53 -3.31
C GLY A 71 -6.07 1.11 -3.82
N ARG A 72 -6.53 0.85 -5.03
CA ARG A 72 -6.44 -0.49 -5.61
C ARG A 72 -5.00 -0.78 -6.06
N LYS A 73 -4.22 0.27 -6.26
CA LYS A 73 -2.85 0.13 -6.72
C LYS A 73 -1.97 1.21 -6.12
N LEU A 74 -0.74 0.84 -5.79
CA LEU A 74 0.21 1.77 -5.21
C LEU A 74 1.36 2.00 -6.18
N THR A 75 1.75 3.25 -6.35
CA THR A 75 2.82 3.61 -7.26
C THR A 75 3.88 4.44 -6.55
N CYS A 76 5.13 4.15 -6.84
CA CYS A 76 6.25 4.87 -6.25
C CYS A 76 7.50 4.62 -7.08
N ARG A 77 8.57 5.32 -6.77
CA ARG A 77 9.81 5.12 -7.50
C ARG A 77 10.83 4.43 -6.62
N PRO A 78 10.97 3.10 -6.79
CA PRO A 78 11.93 2.31 -6.02
C PRO A 78 13.35 2.68 -6.38
N LYS A 79 14.14 2.96 -5.37
CA LYS A 79 15.52 3.35 -5.57
C LYS A 79 16.47 2.39 -4.86
N THR A 80 17.60 2.09 -5.48
CA THR A 80 18.57 1.21 -4.87
C THR A 80 19.22 1.95 -3.71
N VAL A 81 19.29 1.30 -2.57
CA VAL A 81 19.86 1.88 -1.36
C VAL A 81 21.37 2.04 -1.46
N ASP A 82 21.96 1.51 -2.53
CA ASP A 82 23.39 1.62 -2.74
C ASP A 82 23.77 3.06 -3.05
N GLY A 83 22.89 3.77 -3.74
CA GLY A 83 23.15 5.16 -4.09
C GLY A 83 21.91 6.02 -4.05
N GLY A 84 20.76 5.39 -4.24
CA GLY A 84 19.50 6.12 -4.23
C GLY A 84 18.99 6.38 -5.63
N PHE A 85 19.52 5.64 -6.59
CA PHE A 85 19.14 5.81 -8.00
C PHE A 85 18.37 4.59 -8.47
N ARG A 86 17.49 4.75 -9.47
CA ARG A 86 16.70 3.63 -10.02
C ARG A 86 15.56 4.14 -10.91
N GLU A 87 14.53 3.33 -11.04
CA GLU A 87 13.36 3.64 -11.88
C GLU A 87 12.07 3.62 -11.07
N ARG A 88 10.98 4.06 -11.69
CA ARG A 88 9.69 4.10 -11.03
C ARG A 88 8.87 2.86 -11.40
N GLN A 89 7.89 2.51 -10.57
CA GLN A 89 7.07 1.33 -10.83
C GLN A 89 5.73 1.41 -10.08
N GLY A 90 4.91 0.38 -10.26
CA GLY A 90 3.62 0.31 -9.61
C GLY A 90 3.26 -1.12 -9.23
N ILE A 91 2.61 -1.28 -8.09
CA ILE A 91 2.21 -2.60 -7.60
C ILE A 91 0.73 -2.61 -7.21
N ASP A 92 0.06 -3.71 -7.51
CA ASP A 92 -1.36 -3.84 -7.19
C ASP A 92 -1.52 -4.24 -5.73
N LEU A 93 -2.48 -3.62 -5.05
CA LEU A 93 -2.72 -3.91 -3.65
C LEU A 93 -3.95 -4.76 -3.45
N ASN A 94 -4.10 -5.74 -4.31
CA ASN A 94 -5.24 -6.66 -4.26
C ASN A 94 -5.08 -7.67 -3.14
N ARG A 95 -4.01 -7.51 -2.38
CA ARG A 95 -3.72 -8.38 -1.26
C ARG A 95 -4.20 -7.76 0.04
N ILE A 96 -4.57 -6.49 -0.02
CA ILE A 96 -5.04 -5.77 1.14
C ILE A 96 -6.55 -5.77 1.13
N GLN A 97 -7.14 -6.72 1.83
CA GLN A 97 -8.57 -6.88 1.89
C GLN A 97 -9.13 -6.40 3.22
N ASN A 98 -10.26 -5.72 3.17
CA ASN A 98 -10.93 -5.25 4.37
C ASN A 98 -11.99 -6.26 4.80
N VAL A 99 -11.80 -6.83 5.98
CA VAL A 99 -12.73 -7.82 6.50
C VAL A 99 -13.40 -7.26 7.76
N ASN A 100 -14.74 -7.24 7.73
CA ASN A 100 -15.54 -6.72 8.84
C ASN A 100 -15.23 -5.25 9.06
N GLY A 101 -14.68 -4.62 8.02
CA GLY A 101 -14.33 -3.21 8.10
C GLY A 101 -12.89 -2.99 8.47
N ARG A 102 -12.18 -4.05 8.86
CA ARG A 102 -10.78 -3.93 9.25
C ARG A 102 -9.85 -4.25 8.08
N LEU A 103 -8.75 -3.55 8.00
CA LEU A 103 -7.78 -3.77 6.93
C LEU A 103 -6.78 -4.82 7.35
N VAL A 104 -6.77 -5.94 6.64
CA VAL A 104 -5.86 -7.03 6.95
C VAL A 104 -5.14 -7.50 5.68
N PHE A 105 -3.87 -7.84 5.82
CA PHE A 105 -3.10 -8.32 4.69
C PHE A 105 -3.40 -9.79 4.44
N GLN A 106 -3.73 -10.11 3.21
CA GLN A 106 -4.05 -11.47 2.83
C GLN A 106 -3.29 -11.90 1.59
N MET A 4 -11.06 -9.24 -4.59
CA MET A 4 -11.38 -7.85 -4.23
C MET A 4 -10.40 -7.32 -3.20
N SER A 5 -10.23 -6.02 -3.16
CA SER A 5 -9.34 -5.40 -2.20
C SER A 5 -10.11 -4.48 -1.27
N TYR A 6 -9.42 -3.88 -0.32
CA TYR A 6 -10.05 -2.98 0.64
C TYR A 6 -10.77 -1.83 -0.06
N ALA A 7 -10.13 -1.28 -1.09
CA ALA A 7 -10.69 -0.16 -1.84
C ALA A 7 -12.03 -0.50 -2.48
N ASP A 8 -12.30 -1.79 -2.62
CA ASP A 8 -13.55 -2.25 -3.21
C ASP A 8 -14.72 -1.93 -2.29
N SER A 9 -14.43 -1.73 -1.01
CA SER A 9 -15.45 -1.42 -0.03
C SER A 9 -14.95 -0.34 0.93
N SER A 10 -14.15 0.58 0.42
CA SER A 10 -13.61 1.67 1.25
C SER A 10 -13.38 2.91 0.40
N ARG A 11 -13.15 4.03 1.05
CA ARG A 11 -12.92 5.29 0.37
C ARG A 11 -12.00 6.16 1.20
N ASN A 12 -11.51 7.25 0.61
CA ASN A 12 -10.62 8.18 1.29
C ASN A 12 -9.34 7.48 1.74
N ALA A 13 -8.69 6.81 0.80
CA ALA A 13 -7.47 6.09 1.07
C ALA A 13 -6.24 6.97 0.88
N VAL A 14 -5.49 7.14 1.95
CA VAL A 14 -4.28 7.96 1.93
C VAL A 14 -3.08 7.12 2.35
N LEU A 15 -1.89 7.68 2.20
CA LEU A 15 -0.66 6.99 2.56
C LEU A 15 -0.10 7.55 3.85
N THR A 16 -0.04 6.73 4.88
CA THR A 16 0.47 7.15 6.18
C THR A 16 1.81 6.48 6.48
N ASN A 17 2.49 6.99 7.51
CA ASN A 17 3.78 6.45 7.94
C ASN A 17 4.79 6.48 6.80
N GLY A 18 4.99 7.65 6.22
CA GLY A 18 5.92 7.80 5.13
C GLY A 18 5.30 7.41 3.80
N GLY A 19 4.49 6.37 3.82
CA GLY A 19 3.84 5.90 2.61
C GLY A 19 3.86 4.39 2.54
N ARG A 20 3.72 3.76 3.68
CA ARG A 20 3.74 2.31 3.75
C ARG A 20 2.44 1.77 4.33
N THR A 21 1.74 2.62 5.07
CA THR A 21 0.50 2.24 5.69
C THR A 21 -0.69 2.84 4.93
N LEU A 22 -1.69 2.00 4.70
CA LEU A 22 -2.90 2.43 4.00
C LEU A 22 -3.97 2.84 5.00
N ARG A 23 -4.34 4.11 4.97
CA ARG A 23 -5.38 4.59 5.86
C ARG A 23 -6.61 4.95 5.04
N ALA A 24 -7.73 4.30 5.34
CA ALA A 24 -8.96 4.55 4.61
C ALA A 24 -10.19 4.24 5.45
N GLU A 25 -11.34 4.70 4.98
CA GLU A 25 -12.60 4.45 5.68
C GLU A 25 -13.15 3.16 5.12
N CYS A 26 -13.06 2.10 5.91
CA CYS A 26 -13.51 0.79 5.48
C CYS A 26 -14.94 0.55 5.90
N ARG A 27 -15.77 0.14 4.94
CA ARG A 27 -17.14 -0.15 5.21
C ARG A 27 -17.28 -1.51 5.87
N ASN A 28 -17.78 -1.52 7.10
CA ASN A 28 -17.96 -2.76 7.82
C ASN A 28 -19.31 -3.38 7.45
N ALA A 29 -19.55 -4.61 7.88
CA ALA A 29 -20.80 -5.32 7.58
C ALA A 29 -22.05 -4.50 7.92
N ASP A 30 -21.94 -3.66 8.94
CA ASP A 30 -23.05 -2.84 9.38
C ASP A 30 -23.28 -1.69 8.40
N GLY A 31 -22.33 -1.50 7.50
CA GLY A 31 -22.42 -0.45 6.52
C GLY A 31 -21.88 0.84 7.08
N ASN A 32 -20.99 0.71 8.06
CA ASN A 32 -20.40 1.87 8.71
C ASN A 32 -18.97 2.07 8.25
N TRP A 33 -18.49 3.30 8.35
CA TRP A 33 -17.14 3.63 7.93
C TRP A 33 -16.19 3.63 9.12
N VAL A 34 -15.23 2.71 9.10
CA VAL A 34 -14.25 2.62 10.15
C VAL A 34 -12.86 2.85 9.60
N THR A 35 -12.12 3.76 10.22
CA THR A 35 -10.78 4.08 9.79
C THR A 35 -9.81 2.97 10.18
N SER A 36 -9.34 2.24 9.19
CA SER A 36 -8.42 1.15 9.41
C SER A 36 -7.14 1.36 8.63
N GLU A 37 -6.02 0.89 9.18
CA GLU A 37 -4.73 1.04 8.53
C GLU A 37 -4.01 -0.30 8.45
N LEU A 38 -3.30 -0.51 7.35
CA LEU A 38 -2.55 -1.74 7.12
C LEU A 38 -1.18 -1.39 6.58
N ASP A 39 -0.14 -1.98 7.15
CA ASP A 39 1.23 -1.73 6.71
C ASP A 39 1.60 -2.70 5.61
N LEU A 40 1.74 -2.18 4.39
CA LEU A 40 2.08 -3.02 3.24
C LEU A 40 3.57 -3.27 3.16
N ASP A 41 4.37 -2.44 3.81
CA ASP A 41 5.82 -2.58 3.75
C ASP A 41 6.26 -3.86 4.46
N THR A 42 5.33 -4.55 5.09
CA THR A 42 5.63 -5.79 5.76
C THR A 42 5.88 -6.90 4.74
N CYS A 43 5.25 -6.78 3.57
CA CYS A 43 5.39 -7.78 2.52
C CYS A 43 5.83 -7.15 1.19
N ILE A 44 5.93 -5.83 1.14
CA ILE A 44 6.36 -5.18 -0.09
C ILE A 44 7.81 -4.69 0.03
N GLY A 45 8.60 -4.95 -1.00
CA GLY A 45 9.99 -4.56 -1.03
C GLY A 45 10.47 -4.28 -2.43
N ASN A 46 11.54 -3.50 -2.55
CA ASN A 46 12.10 -3.15 -3.87
C ASN A 46 13.53 -2.60 -3.78
N PRO A 47 14.47 -3.35 -3.19
CA PRO A 47 15.87 -2.90 -3.06
C PRO A 47 16.57 -2.80 -4.42
N ASN A 48 16.08 -3.58 -5.38
CA ASN A 48 16.65 -3.59 -6.72
C ASN A 48 15.86 -2.68 -7.65
N GLY A 49 14.86 -1.99 -7.10
CA GLY A 49 14.07 -1.10 -7.91
C GLY A 49 12.86 -1.76 -8.52
N PHE A 50 12.55 -2.95 -8.07
CA PHE A 50 11.41 -3.67 -8.59
C PHE A 50 10.41 -3.93 -7.48
N LEU A 51 9.19 -3.47 -7.70
CA LEU A 51 8.12 -3.59 -6.73
C LEU A 51 7.44 -4.94 -6.82
N GLY A 52 7.17 -5.52 -5.67
CA GLY A 52 6.49 -6.79 -5.63
C GLY A 52 6.28 -7.25 -4.21
N TRP A 53 5.54 -8.34 -4.06
CA TRP A 53 5.27 -8.88 -2.74
C TRP A 53 6.28 -9.97 -2.42
N GLY A 54 6.95 -9.83 -1.29
CA GLY A 54 7.94 -10.80 -0.89
C GLY A 54 8.87 -10.31 0.20
N MET A 55 9.51 -9.17 -0.03
CA MET A 55 10.44 -8.61 0.96
C MET A 55 9.71 -7.63 1.87
N GLN A 56 10.44 -6.71 2.51
CA GLN A 56 9.81 -5.75 3.41
C GLN A 56 10.56 -4.41 3.40
N ASN A 57 9.92 -3.40 4.00
CA ASN A 57 10.48 -2.06 4.12
C ASN A 57 10.71 -1.38 2.78
N PHE A 58 9.71 -1.41 1.92
CA PHE A 58 9.82 -0.79 0.60
C PHE A 58 9.85 0.73 0.74
N SER A 59 9.22 1.24 1.80
CA SER A 59 9.16 2.67 2.06
C SER A 59 10.56 3.26 2.25
N HIS A 60 11.46 2.46 2.82
CA HIS A 60 12.83 2.92 3.07
C HIS A 60 13.67 2.88 1.80
N SER A 61 13.10 2.40 0.71
CA SER A 61 13.82 2.32 -0.55
C SER A 61 12.96 2.84 -1.71
N SER A 62 12.00 3.70 -1.38
CA SER A 62 11.12 4.26 -2.41
C SER A 62 10.86 5.73 -2.18
N GLU A 63 10.69 6.46 -3.27
CA GLU A 63 10.41 7.89 -3.22
C GLU A 63 9.11 8.18 -3.95
N ASP A 64 8.42 9.24 -3.54
CA ASP A 64 7.15 9.65 -4.16
C ASP A 64 6.16 8.49 -4.18
N ILE A 65 5.60 8.18 -3.03
CA ILE A 65 4.64 7.09 -2.91
C ILE A 65 3.21 7.62 -2.93
N LYS A 66 2.45 7.26 -3.95
CA LYS A 66 1.07 7.70 -4.10
C LYS A 66 0.21 6.60 -4.70
N LEU A 67 -1.06 6.57 -4.35
CA LEU A 67 -1.98 5.57 -4.88
C LEU A 67 -2.50 6.02 -6.23
N GLU A 68 -2.44 5.12 -7.21
CA GLU A 68 -2.87 5.43 -8.57
C GLU A 68 -4.38 5.27 -8.73
N GLU A 69 -4.88 4.08 -8.44
CA GLU A 69 -6.30 3.80 -8.56
C GLU A 69 -7.05 4.20 -7.31
N GLY A 70 -6.46 5.11 -6.56
CA GLY A 70 -7.07 5.60 -5.34
C GLY A 70 -6.95 4.62 -4.19
N GLY A 71 -6.25 3.51 -4.42
CA GLY A 71 -6.08 2.51 -3.40
C GLY A 71 -6.00 1.11 -3.96
N ARG A 72 -6.55 0.94 -5.16
CA ARG A 72 -6.53 -0.35 -5.84
C ARG A 72 -5.12 -0.66 -6.35
N LYS A 73 -4.27 0.35 -6.35
CA LYS A 73 -2.90 0.21 -6.83
C LYS A 73 -2.03 1.33 -6.28
N LEU A 74 -0.79 1.00 -5.95
CA LEU A 74 0.16 1.97 -5.41
C LEU A 74 1.28 2.22 -6.42
N THR A 75 1.67 3.48 -6.55
CA THR A 75 2.74 3.85 -7.48
C THR A 75 3.80 4.68 -6.76
N CYS A 76 5.06 4.34 -7.01
CA CYS A 76 6.17 5.05 -6.38
C CYS A 76 7.44 4.86 -7.20
N ARG A 77 8.50 5.51 -6.80
CA ARG A 77 9.76 5.39 -7.49
C ARG A 77 10.76 4.64 -6.61
N PRO A 78 10.91 3.33 -6.86
CA PRO A 78 11.82 2.47 -6.12
C PRO A 78 13.26 2.78 -6.44
N LYS A 79 14.05 3.06 -5.42
CA LYS A 79 15.45 3.37 -5.61
C LYS A 79 16.33 2.38 -4.85
N THR A 80 17.41 1.94 -5.47
CA THR A 80 18.31 1.02 -4.81
C THR A 80 19.07 1.75 -3.73
N VAL A 81 19.13 1.16 -2.55
CA VAL A 81 19.81 1.75 -1.41
C VAL A 81 21.32 1.63 -1.56
N ASP A 82 21.75 0.86 -2.55
CA ASP A 82 23.17 0.68 -2.80
C ASP A 82 23.79 1.98 -3.28
N GLY A 83 22.99 2.79 -3.95
CA GLY A 83 23.49 4.06 -4.47
C GLY A 83 22.46 5.17 -4.47
N GLY A 84 21.19 4.81 -4.47
CA GLY A 84 20.13 5.80 -4.47
C GLY A 84 19.58 6.07 -5.85
N PHE A 85 19.95 5.21 -6.79
CA PHE A 85 19.54 5.34 -8.18
C PHE A 85 18.58 4.21 -8.54
N ARG A 86 17.77 4.40 -9.59
CA ARG A 86 16.81 3.37 -10.04
C ARG A 86 15.74 3.96 -10.95
N GLU A 87 14.61 3.26 -11.05
CA GLU A 87 13.50 3.67 -11.90
C GLU A 87 12.24 3.88 -11.08
N ARG A 88 11.12 4.07 -11.77
CA ARG A 88 9.82 4.24 -11.12
C ARG A 88 8.99 2.99 -11.40
N GLN A 89 8.01 2.68 -10.54
CA GLN A 89 7.20 1.49 -10.75
C GLN A 89 5.97 1.45 -9.83
N GLY A 90 4.98 0.63 -10.19
CA GLY A 90 3.79 0.51 -9.39
C GLY A 90 3.53 -0.93 -8.97
N ILE A 91 2.78 -1.10 -7.88
CA ILE A 91 2.46 -2.42 -7.37
C ILE A 91 0.96 -2.53 -7.11
N ASP A 92 0.42 -3.71 -7.37
CA ASP A 92 -1.00 -3.96 -7.17
C ASP A 92 -1.27 -4.31 -5.70
N LEU A 93 -2.29 -3.67 -5.11
CA LEU A 93 -2.60 -3.88 -3.71
C LEU A 93 -3.85 -4.74 -3.50
N ASN A 94 -4.07 -5.69 -4.39
CA ASN A 94 -5.23 -6.56 -4.27
C ASN A 94 -5.06 -7.58 -3.16
N ARG A 95 -3.95 -7.47 -2.45
CA ARG A 95 -3.66 -8.36 -1.33
C ARG A 95 -4.15 -7.76 -0.03
N ILE A 96 -4.52 -6.50 -0.07
CA ILE A 96 -5.01 -5.80 1.11
C ILE A 96 -6.53 -5.77 1.09
N GLN A 97 -7.15 -6.58 1.94
CA GLN A 97 -8.60 -6.67 1.99
C GLN A 97 -9.13 -6.23 3.35
N ASN A 98 -10.24 -5.51 3.36
CA ASN A 98 -10.86 -5.07 4.58
C ASN A 98 -11.96 -6.05 4.99
N VAL A 99 -11.65 -6.91 5.95
CA VAL A 99 -12.59 -7.89 6.42
C VAL A 99 -13.40 -7.35 7.60
N ASN A 100 -14.69 -7.18 7.37
CA ASN A 100 -15.63 -6.66 8.37
C ASN A 100 -15.23 -5.25 8.78
N GLY A 101 -14.62 -4.53 7.85
CA GLY A 101 -14.18 -3.18 8.14
C GLY A 101 -12.76 -3.13 8.66
N ARG A 102 -12.22 -4.30 8.99
CA ARG A 102 -10.87 -4.40 9.51
C ARG A 102 -9.88 -4.63 8.38
N LEU A 103 -8.90 -3.75 8.28
CA LEU A 103 -7.90 -3.86 7.23
C LEU A 103 -6.87 -4.92 7.59
N VAL A 104 -6.83 -6.00 6.82
CA VAL A 104 -5.91 -7.09 7.06
C VAL A 104 -5.21 -7.47 5.76
N PHE A 105 -3.92 -7.78 5.86
CA PHE A 105 -3.14 -8.18 4.70
C PHE A 105 -3.34 -9.67 4.43
N GLN A 106 -3.57 -10.00 3.17
CA GLN A 106 -3.78 -11.37 2.76
C GLN A 106 -2.75 -11.77 1.72
N MET A 4 -10.41 -8.55 -6.07
CA MET A 4 -11.11 -7.45 -5.35
C MET A 4 -10.27 -6.99 -4.16
N SER A 5 -10.18 -5.69 -3.97
CA SER A 5 -9.41 -5.14 -2.88
C SER A 5 -10.31 -4.37 -1.90
N TYR A 6 -9.72 -3.83 -0.86
CA TYR A 6 -10.46 -3.07 0.13
C TYR A 6 -11.17 -1.88 -0.50
N ALA A 7 -10.52 -1.26 -1.49
CA ALA A 7 -11.04 -0.08 -2.17
C ALA A 7 -12.41 -0.33 -2.80
N ASP A 8 -12.74 -1.60 -3.02
CA ASP A 8 -14.01 -1.97 -3.61
C ASP A 8 -15.15 -1.80 -2.61
N SER A 9 -14.79 -1.54 -1.35
CA SER A 9 -15.76 -1.34 -0.28
C SER A 9 -15.19 -0.36 0.74
N SER A 10 -14.33 0.53 0.26
CA SER A 10 -13.69 1.53 1.10
C SER A 10 -13.56 2.84 0.33
N ARG A 11 -13.29 3.91 1.05
CA ARG A 11 -13.14 5.22 0.42
C ARG A 11 -12.15 6.07 1.21
N ASN A 12 -11.70 7.17 0.59
CA ASN A 12 -10.76 8.09 1.23
C ASN A 12 -9.47 7.40 1.64
N ALA A 13 -8.82 6.77 0.67
CA ALA A 13 -7.57 6.07 0.94
C ALA A 13 -6.38 7.00 0.79
N VAL A 14 -5.56 7.05 1.83
CA VAL A 14 -4.38 7.89 1.85
C VAL A 14 -3.15 7.08 2.26
N LEU A 15 -1.99 7.72 2.19
CA LEU A 15 -0.74 7.07 2.55
C LEU A 15 -0.24 7.58 3.89
N THR A 16 -0.21 6.70 4.88
CA THR A 16 0.22 7.08 6.21
C THR A 16 1.56 6.42 6.56
N ASN A 17 2.13 6.84 7.68
CA ASN A 17 3.41 6.30 8.16
C ASN A 17 4.51 6.46 7.11
N GLY A 18 4.52 7.62 6.44
CA GLY A 18 5.52 7.88 5.43
C GLY A 18 5.11 7.42 4.06
N GLY A 19 4.15 6.51 4.01
CA GLY A 19 3.68 5.99 2.75
C GLY A 19 3.84 4.50 2.66
N ARG A 20 3.67 3.84 3.79
CA ARG A 20 3.79 2.38 3.84
C ARG A 20 2.54 1.75 4.41
N THR A 21 1.71 2.58 5.02
CA THR A 21 0.47 2.12 5.62
C THR A 21 -0.72 2.75 4.88
N LEU A 22 -1.73 1.94 4.65
CA LEU A 22 -2.93 2.39 3.97
C LEU A 22 -3.99 2.82 4.95
N ARG A 23 -4.31 4.11 4.96
CA ARG A 23 -5.34 4.62 5.86
C ARG A 23 -6.55 4.97 5.02
N ALA A 24 -7.68 4.33 5.30
CA ALA A 24 -8.90 4.56 4.56
C ALA A 24 -10.13 4.26 5.39
N GLU A 25 -11.28 4.69 4.90
CA GLU A 25 -12.54 4.44 5.56
C GLU A 25 -13.07 3.12 5.03
N CYS A 26 -12.98 2.08 5.83
CA CYS A 26 -13.41 0.77 5.40
C CYS A 26 -14.83 0.49 5.86
N ARG A 27 -15.66 0.00 4.97
CA ARG A 27 -17.03 -0.32 5.30
C ARG A 27 -17.07 -1.62 6.09
N ASN A 28 -17.52 -1.54 7.32
CA ASN A 28 -17.61 -2.73 8.16
C ASN A 28 -18.89 -3.49 7.83
N ALA A 29 -18.96 -4.74 8.29
CA ALA A 29 -20.10 -5.62 8.02
C ALA A 29 -21.42 -5.06 8.55
N ASP A 30 -21.34 -4.07 9.41
CA ASP A 30 -22.54 -3.45 9.97
C ASP A 30 -23.02 -2.33 9.07
N GLY A 31 -22.22 -2.04 8.04
CA GLY A 31 -22.54 -0.99 7.10
C GLY A 31 -22.11 0.36 7.61
N ASN A 32 -20.98 0.41 8.27
CA ASN A 32 -20.47 1.65 8.83
C ASN A 32 -19.07 1.93 8.31
N TRP A 33 -18.63 3.18 8.41
CA TRP A 33 -17.30 3.56 7.96
C TRP A 33 -16.34 3.63 9.14
N VAL A 34 -15.29 2.84 9.08
CA VAL A 34 -14.28 2.82 10.13
C VAL A 34 -12.90 3.09 9.55
N THR A 35 -12.16 3.95 10.22
CA THR A 35 -10.81 4.28 9.82
C THR A 35 -9.86 3.14 10.17
N SER A 36 -9.40 2.44 9.15
CA SER A 36 -8.49 1.32 9.37
C SER A 36 -7.19 1.52 8.61
N GLU A 37 -6.12 0.92 9.11
CA GLU A 37 -4.81 1.03 8.50
C GLU A 37 -4.11 -0.32 8.42
N LEU A 38 -3.46 -0.58 7.30
CA LEU A 38 -2.73 -1.82 7.10
C LEU A 38 -1.33 -1.51 6.58
N ASP A 39 -0.33 -2.11 7.18
CA ASP A 39 1.06 -1.89 6.78
C ASP A 39 1.41 -2.81 5.62
N LEU A 40 1.59 -2.24 4.45
CA LEU A 40 1.93 -3.02 3.27
C LEU A 40 3.42 -3.35 3.23
N ASP A 41 4.24 -2.49 3.85
CA ASP A 41 5.69 -2.67 3.84
C ASP A 41 6.12 -3.92 4.60
N THR A 42 5.18 -4.58 5.24
CA THR A 42 5.49 -5.81 5.98
C THR A 42 5.62 -6.99 5.01
N CYS A 43 5.24 -6.77 3.75
CA CYS A 43 5.32 -7.83 2.74
C CYS A 43 5.75 -7.27 1.39
N ILE A 44 6.06 -5.97 1.32
CA ILE A 44 6.50 -5.36 0.07
C ILE A 44 7.95 -4.91 0.18
N GLY A 45 8.74 -5.24 -0.83
CA GLY A 45 10.13 -4.85 -0.85
C GLY A 45 10.62 -4.59 -2.25
N ASN A 46 11.66 -3.76 -2.38
CA ASN A 46 12.19 -3.43 -3.70
C ASN A 46 13.69 -3.05 -3.68
N PRO A 47 14.56 -3.80 -2.97
CA PRO A 47 15.99 -3.47 -2.92
C PRO A 47 16.66 -3.70 -4.27
N ASN A 48 16.01 -4.50 -5.10
CA ASN A 48 16.50 -4.82 -6.43
C ASN A 48 16.14 -3.69 -7.39
N GLY A 49 15.19 -2.86 -6.96
CA GLY A 49 14.74 -1.77 -7.79
C GLY A 49 13.39 -2.06 -8.41
N PHE A 50 12.81 -3.19 -8.02
CA PHE A 50 11.51 -3.59 -8.53
C PHE A 50 10.51 -3.77 -7.39
N LEU A 51 9.32 -3.25 -7.60
CA LEU A 51 8.27 -3.31 -6.59
C LEU A 51 7.54 -4.62 -6.66
N GLY A 52 7.38 -5.27 -5.52
CA GLY A 52 6.67 -6.52 -5.49
C GLY A 52 6.49 -7.02 -4.07
N TRP A 53 5.71 -8.09 -3.92
CA TRP A 53 5.47 -8.66 -2.61
C TRP A 53 6.47 -9.79 -2.36
N GLY A 54 7.17 -9.70 -1.24
CA GLY A 54 8.15 -10.72 -0.89
C GLY A 54 9.00 -10.32 0.29
N MET A 55 9.69 -9.18 0.18
CA MET A 55 10.54 -8.68 1.26
C MET A 55 9.76 -7.69 2.11
N GLN A 56 10.45 -6.74 2.76
CA GLN A 56 9.78 -5.77 3.60
C GLN A 56 10.49 -4.42 3.56
N ASN A 57 9.84 -3.41 4.14
CA ASN A 57 10.38 -2.06 4.24
C ASN A 57 10.61 -1.39 2.88
N PHE A 58 9.66 -1.58 1.97
CA PHE A 58 9.78 -0.98 0.63
C PHE A 58 9.78 0.54 0.73
N SER A 59 9.15 1.05 1.79
CA SER A 59 9.04 2.49 2.02
C SER A 59 10.42 3.12 2.22
N HIS A 60 11.34 2.38 2.80
CA HIS A 60 12.69 2.90 3.05
C HIS A 60 13.56 2.77 1.80
N SER A 61 13.01 2.16 0.77
CA SER A 61 13.74 1.99 -0.48
C SER A 61 12.92 2.55 -1.64
N SER A 62 11.93 3.37 -1.33
CA SER A 62 11.09 3.97 -2.36
C SER A 62 10.82 5.43 -2.07
N GLU A 63 10.66 6.20 -3.13
CA GLU A 63 10.38 7.62 -3.01
C GLU A 63 9.17 7.96 -3.87
N ASP A 64 8.50 9.08 -3.55
CA ASP A 64 7.34 9.53 -4.31
C ASP A 64 6.26 8.45 -4.31
N ILE A 65 5.69 8.19 -3.15
CA ILE A 65 4.67 7.16 -2.99
C ILE A 65 3.27 7.77 -3.08
N LYS A 66 2.54 7.39 -4.13
CA LYS A 66 1.19 7.89 -4.36
C LYS A 66 0.33 6.81 -4.98
N LEU A 67 -0.94 6.77 -4.59
CA LEU A 67 -1.88 5.79 -5.12
C LEU A 67 -2.44 6.23 -6.46
N GLU A 68 -2.21 5.40 -7.47
CA GLU A 68 -2.67 5.68 -8.84
C GLU A 68 -4.18 5.52 -8.96
N GLU A 69 -4.67 4.34 -8.60
CA GLU A 69 -6.11 4.07 -8.66
C GLU A 69 -6.81 4.61 -7.42
N GLY A 70 -6.05 5.28 -6.57
CA GLY A 70 -6.61 5.83 -5.35
C GLY A 70 -6.73 4.79 -4.26
N GLY A 71 -6.08 3.64 -4.44
CA GLY A 71 -6.13 2.61 -3.44
C GLY A 71 -5.88 1.22 -3.99
N ARG A 72 -6.26 0.99 -5.23
CA ARG A 72 -6.08 -0.31 -5.87
C ARG A 72 -4.64 -0.51 -6.33
N LYS A 73 -4.00 0.57 -6.74
CA LYS A 73 -2.64 0.51 -7.23
C LYS A 73 -1.78 1.58 -6.56
N LEU A 74 -0.58 1.20 -6.14
CA LEU A 74 0.33 2.13 -5.49
C LEU A 74 1.52 2.39 -6.41
N THR A 75 1.77 3.65 -6.70
CA THR A 75 2.85 4.03 -7.57
C THR A 75 3.93 4.78 -6.80
N CYS A 76 5.16 4.32 -6.93
CA CYS A 76 6.29 4.93 -6.27
C CYS A 76 7.55 4.63 -7.04
N ARG A 77 8.61 5.34 -6.73
CA ARG A 77 9.87 5.13 -7.41
C ARG A 77 10.81 4.31 -6.54
N PRO A 78 10.92 3.01 -6.83
CA PRO A 78 11.80 2.11 -6.11
C PRO A 78 13.24 2.45 -6.43
N LYS A 79 14.00 2.78 -5.40
CA LYS A 79 15.40 3.13 -5.58
C LYS A 79 16.30 2.13 -4.88
N THR A 80 17.44 1.85 -5.49
CA THR A 80 18.39 0.92 -4.91
C THR A 80 19.16 1.61 -3.81
N VAL A 81 19.42 0.86 -2.75
CA VAL A 81 20.15 1.36 -1.59
C VAL A 81 21.62 1.60 -1.90
N ASP A 82 22.07 1.16 -3.07
CA ASP A 82 23.46 1.34 -3.49
C ASP A 82 23.80 2.82 -3.53
N GLY A 83 22.82 3.63 -3.91
CA GLY A 83 23.03 5.05 -3.99
C GLY A 83 21.72 5.82 -4.08
N GLY A 84 20.63 5.12 -4.34
CA GLY A 84 19.35 5.76 -4.45
C GLY A 84 18.94 5.99 -5.88
N PHE A 85 19.51 5.21 -6.77
CA PHE A 85 19.23 5.34 -8.19
C PHE A 85 18.42 4.14 -8.66
N ARG A 86 17.51 4.37 -9.60
CA ARG A 86 16.67 3.30 -10.13
C ARG A 86 15.58 3.87 -11.04
N GLU A 87 14.46 3.17 -11.13
CA GLU A 87 13.35 3.56 -11.98
C GLU A 87 12.09 3.75 -11.17
N ARG A 88 11.00 4.19 -11.81
CA ARG A 88 9.73 4.34 -11.11
C ARG A 88 8.74 3.33 -11.65
N GLN A 89 7.80 2.92 -10.82
CA GLN A 89 6.81 1.92 -11.23
C GLN A 89 5.66 1.84 -10.24
N GLY A 90 4.78 0.86 -10.44
CA GLY A 90 3.65 0.70 -9.56
C GLY A 90 3.43 -0.74 -9.16
N ILE A 91 2.83 -0.94 -7.99
CA ILE A 91 2.55 -2.26 -7.47
C ILE A 91 1.06 -2.41 -7.20
N ASP A 92 0.54 -3.62 -7.31
CA ASP A 92 -0.87 -3.89 -7.10
C ASP A 92 -1.16 -4.15 -5.63
N LEU A 93 -2.09 -3.38 -5.08
CA LEU A 93 -2.47 -3.54 -3.68
C LEU A 93 -3.73 -4.39 -3.58
N ASN A 94 -3.83 -5.34 -4.49
CA ASN A 94 -4.98 -6.24 -4.54
C ASN A 94 -4.90 -7.28 -3.44
N ARG A 95 -3.87 -7.16 -2.62
CA ARG A 95 -3.65 -8.08 -1.51
C ARG A 95 -4.16 -7.49 -0.19
N ILE A 96 -4.71 -6.29 -0.25
CA ILE A 96 -5.20 -5.65 0.95
C ILE A 96 -6.72 -5.70 0.98
N GLN A 97 -7.25 -6.44 1.93
CA GLN A 97 -8.69 -6.63 2.08
C GLN A 97 -9.20 -6.09 3.40
N ASN A 98 -10.42 -5.56 3.39
CA ASN A 98 -11.05 -5.05 4.59
C ASN A 98 -12.00 -6.11 5.16
N VAL A 99 -11.56 -6.78 6.21
CA VAL A 99 -12.35 -7.84 6.82
C VAL A 99 -13.19 -7.27 7.97
N ASN A 100 -14.50 -7.16 7.71
CA ASN A 100 -15.45 -6.66 8.70
C ASN A 100 -15.12 -5.23 9.10
N GLY A 101 -14.46 -4.50 8.21
CA GLY A 101 -14.10 -3.14 8.49
C GLY A 101 -12.62 -2.97 8.81
N ARG A 102 -11.98 -4.03 9.25
CA ARG A 102 -10.57 -3.97 9.58
C ARG A 102 -9.73 -4.26 8.35
N LEU A 103 -8.73 -3.43 8.09
CA LEU A 103 -7.87 -3.60 6.94
C LEU A 103 -6.80 -4.64 7.25
N VAL A 104 -6.84 -5.77 6.56
CA VAL A 104 -5.89 -6.84 6.80
C VAL A 104 -5.19 -7.25 5.51
N PHE A 105 -3.93 -7.64 5.64
CA PHE A 105 -3.16 -8.09 4.49
C PHE A 105 -3.52 -9.53 4.18
N GLN A 106 -3.66 -9.84 2.90
CA GLN A 106 -4.02 -11.17 2.47
C GLN A 106 -3.08 -11.65 1.38
N MET A 4 -10.04 -8.08 -5.92
CA MET A 4 -10.80 -7.01 -5.23
C MET A 4 -10.10 -6.63 -3.94
N SER A 5 -9.74 -5.37 -3.80
CA SER A 5 -9.08 -4.90 -2.60
C SER A 5 -10.02 -4.11 -1.72
N TYR A 6 -9.52 -3.67 -0.57
CA TYR A 6 -10.30 -2.90 0.40
C TYR A 6 -11.07 -1.74 -0.25
N ALA A 7 -10.45 -1.12 -1.24
CA ALA A 7 -11.04 0.04 -1.93
C ALA A 7 -12.43 -0.26 -2.50
N ASP A 8 -12.77 -1.53 -2.67
CA ASP A 8 -14.09 -1.92 -3.18
C ASP A 8 -15.19 -1.35 -2.28
N SER A 9 -14.93 -1.39 -0.98
CA SER A 9 -15.87 -0.87 0.00
C SER A 9 -15.14 0.07 0.95
N SER A 10 -14.24 0.87 0.39
CA SER A 10 -13.47 1.81 1.17
C SER A 10 -13.30 3.11 0.39
N ARG A 11 -13.21 4.21 1.12
CA ARG A 11 -13.05 5.52 0.51
C ARG A 11 -12.02 6.34 1.27
N ASN A 12 -11.47 7.36 0.60
CA ASN A 12 -10.49 8.25 1.19
C ASN A 12 -9.22 7.50 1.60
N ALA A 13 -8.66 6.75 0.66
CA ALA A 13 -7.45 5.99 0.93
C ALA A 13 -6.22 6.89 0.80
N VAL A 14 -5.50 7.05 1.90
CA VAL A 14 -4.31 7.89 1.91
C VAL A 14 -3.10 7.10 2.40
N LEU A 15 -1.92 7.69 2.24
CA LEU A 15 -0.68 7.05 2.65
C LEU A 15 -0.17 7.69 3.93
N THR A 16 -0.03 6.88 4.97
CA THR A 16 0.45 7.37 6.25
C THR A 16 1.80 6.77 6.60
N ASN A 17 2.44 7.36 7.61
CA ASN A 17 3.74 6.89 8.09
C ASN A 17 4.82 7.07 7.03
N GLY A 18 4.67 8.08 6.19
CA GLY A 18 5.64 8.33 5.14
C GLY A 18 5.30 7.66 3.83
N GLY A 19 4.49 6.63 3.90
CA GLY A 19 4.10 5.91 2.69
C GLY A 19 4.31 4.42 2.86
N ARG A 20 3.69 3.86 3.88
CA ARG A 20 3.81 2.43 4.15
C ARG A 20 2.49 1.87 4.66
N THR A 21 1.75 2.69 5.39
CA THR A 21 0.49 2.28 5.95
C THR A 21 -0.67 2.86 5.14
N LEU A 22 -1.65 2.01 4.88
CA LEU A 22 -2.84 2.42 4.13
C LEU A 22 -3.94 2.82 5.09
N ARG A 23 -4.29 4.09 5.09
CA ARG A 23 -5.35 4.58 5.95
C ARG A 23 -6.56 4.95 5.11
N ALA A 24 -7.69 4.30 5.36
CA ALA A 24 -8.90 4.58 4.61
C ALA A 24 -10.13 4.25 5.44
N GLU A 25 -11.28 4.72 4.97
CA GLU A 25 -12.55 4.46 5.63
C GLU A 25 -13.13 3.20 5.04
N CYS A 26 -13.19 2.15 5.82
CA CYS A 26 -13.70 0.88 5.34
C CYS A 26 -15.14 0.67 5.80
N ARG A 27 -16.00 0.31 4.88
CA ARG A 27 -17.39 0.07 5.20
C ARG A 27 -17.57 -1.34 5.71
N ASN A 28 -17.86 -1.47 6.99
CA ASN A 28 -18.05 -2.77 7.60
C ASN A 28 -19.42 -3.32 7.26
N ALA A 29 -19.65 -4.60 7.53
CA ALA A 29 -20.92 -5.25 7.24
C ALA A 29 -22.12 -4.48 7.79
N ASP A 30 -21.92 -3.82 8.92
CA ASP A 30 -23.00 -3.05 9.56
C ASP A 30 -23.38 -1.85 8.70
N GLY A 31 -22.51 -1.51 7.76
CA GLY A 31 -22.76 -0.39 6.89
C GLY A 31 -22.19 0.90 7.44
N ASN A 32 -21.16 0.76 8.26
CA ASN A 32 -20.53 1.92 8.88
C ASN A 32 -19.09 2.06 8.40
N TRP A 33 -18.60 3.29 8.38
CA TRP A 33 -17.24 3.57 7.96
C TRP A 33 -16.28 3.55 9.12
N VAL A 34 -15.37 2.60 9.10
CA VAL A 34 -14.38 2.47 10.15
C VAL A 34 -12.98 2.75 9.60
N THR A 35 -12.23 3.57 10.32
CA THR A 35 -10.88 3.91 9.90
C THR A 35 -9.91 2.79 10.26
N SER A 36 -9.41 2.11 9.24
CA SER A 36 -8.48 1.01 9.44
C SER A 36 -7.17 1.29 8.71
N GLU A 37 -6.07 0.76 9.26
CA GLU A 37 -4.75 0.95 8.68
C GLU A 37 -4.02 -0.38 8.58
N LEU A 38 -3.34 -0.59 7.46
CA LEU A 38 -2.57 -1.81 7.24
C LEU A 38 -1.19 -1.44 6.72
N ASP A 39 -0.17 -2.00 7.35
CA ASP A 39 1.22 -1.73 6.95
C ASP A 39 1.66 -2.70 5.88
N LEU A 40 1.82 -2.20 4.66
CA LEU A 40 2.24 -3.04 3.54
C LEU A 40 3.76 -3.16 3.51
N ASP A 41 4.44 -2.34 4.31
CA ASP A 41 5.90 -2.37 4.35
C ASP A 41 6.41 -3.68 4.94
N THR A 42 5.49 -4.50 5.42
CA THR A 42 5.84 -5.78 6.01
C THR A 42 5.88 -6.88 4.95
N CYS A 43 5.35 -6.58 3.77
CA CYS A 43 5.31 -7.56 2.69
C CYS A 43 5.71 -6.98 1.34
N ILE A 44 5.86 -5.66 1.26
CA ILE A 44 6.26 -5.02 0.01
C ILE A 44 7.69 -4.52 0.11
N GLY A 45 8.49 -4.83 -0.91
CA GLY A 45 9.86 -4.41 -0.92
C GLY A 45 10.40 -4.23 -2.33
N ASN A 46 11.50 -3.50 -2.46
CA ASN A 46 12.13 -3.26 -3.75
C ASN A 46 13.60 -2.84 -3.62
N PRO A 47 14.44 -3.70 -3.00
CA PRO A 47 15.86 -3.38 -2.81
C PRO A 47 16.66 -3.48 -4.12
N ASN A 48 16.06 -4.11 -5.13
CA ASN A 48 16.71 -4.26 -6.42
C ASN A 48 16.18 -3.23 -7.41
N GLY A 49 15.18 -2.47 -6.97
CA GLY A 49 14.60 -1.47 -7.84
C GLY A 49 13.31 -1.95 -8.49
N PHE A 50 12.81 -3.10 -8.05
CA PHE A 50 11.59 -3.65 -8.59
C PHE A 50 10.56 -3.88 -7.51
N LEU A 51 9.34 -3.44 -7.77
CA LEU A 51 8.26 -3.57 -6.81
C LEU A 51 7.60 -4.94 -6.89
N GLY A 52 7.28 -5.47 -5.73
CA GLY A 52 6.63 -6.76 -5.66
C GLY A 52 6.39 -7.18 -4.23
N TRP A 53 5.67 -8.28 -4.06
CA TRP A 53 5.37 -8.78 -2.73
C TRP A 53 6.39 -9.85 -2.35
N GLY A 54 7.03 -9.65 -1.20
CA GLY A 54 8.04 -10.58 -0.73
C GLY A 54 8.97 -9.94 0.27
N MET A 55 9.71 -8.94 -0.20
CA MET A 55 10.65 -8.22 0.63
C MET A 55 9.88 -7.21 1.49
N GLN A 56 10.56 -6.54 2.41
CA GLN A 56 9.90 -5.58 3.29
C GLN A 56 10.63 -4.26 3.30
N ASN A 57 10.01 -3.26 3.95
CA ASN A 57 10.57 -1.92 4.08
C ASN A 57 10.78 -1.26 2.72
N PHE A 58 9.75 -1.31 1.89
CA PHE A 58 9.81 -0.72 0.55
C PHE A 58 9.91 0.80 0.61
N SER A 59 9.35 1.39 1.66
CA SER A 59 9.36 2.84 1.81
C SER A 59 10.79 3.36 1.96
N HIS A 60 11.68 2.53 2.49
CA HIS A 60 13.07 2.93 2.68
C HIS A 60 13.85 2.80 1.38
N SER A 61 13.23 2.21 0.38
CA SER A 61 13.86 2.04 -0.92
C SER A 61 12.98 2.62 -2.03
N SER A 62 12.01 3.43 -1.65
CA SER A 62 11.13 4.04 -2.63
C SER A 62 10.95 5.52 -2.35
N GLU A 63 10.71 6.27 -3.42
CA GLU A 63 10.51 7.70 -3.34
C GLU A 63 9.19 8.07 -3.99
N ASP A 64 8.49 9.04 -3.42
CA ASP A 64 7.20 9.50 -3.93
C ASP A 64 6.19 8.34 -3.96
N ILE A 65 5.64 8.04 -2.79
CA ILE A 65 4.69 6.95 -2.65
C ILE A 65 3.26 7.47 -2.57
N LYS A 66 2.46 7.12 -3.57
CA LYS A 66 1.06 7.54 -3.62
C LYS A 66 0.24 6.48 -4.33
N LEU A 67 -1.06 6.45 -4.07
CA LEU A 67 -1.95 5.46 -4.68
C LEU A 67 -2.39 5.92 -6.07
N GLU A 68 -2.36 4.98 -7.00
CA GLU A 68 -2.72 5.25 -8.39
C GLU A 68 -4.21 5.01 -8.62
N GLU A 69 -4.66 3.80 -8.33
CA GLU A 69 -6.06 3.43 -8.51
C GLU A 69 -6.90 3.85 -7.31
N GLY A 70 -6.41 4.85 -6.60
CA GLY A 70 -7.12 5.35 -5.44
C GLY A 70 -7.14 4.36 -4.30
N GLY A 71 -6.26 3.36 -4.36
CA GLY A 71 -6.21 2.36 -3.31
C GLY A 71 -5.98 0.96 -3.83
N ARG A 72 -6.41 0.71 -5.06
CA ARG A 72 -6.25 -0.61 -5.65
C ARG A 72 -4.79 -0.86 -6.03
N LYS A 73 -4.06 0.22 -6.26
CA LYS A 73 -2.67 0.12 -6.66
C LYS A 73 -1.86 1.27 -6.11
N LEU A 74 -0.63 1.00 -5.72
CA LEU A 74 0.27 2.00 -5.18
C LEU A 74 1.42 2.25 -6.15
N THR A 75 1.69 3.51 -6.43
CA THR A 75 2.77 3.88 -7.33
C THR A 75 3.86 4.64 -6.60
N CYS A 76 5.09 4.21 -6.80
CA CYS A 76 6.24 4.84 -6.18
C CYS A 76 7.47 4.62 -7.05
N ARG A 77 8.52 5.37 -6.79
CA ARG A 77 9.74 5.22 -7.54
C ARG A 77 10.75 4.43 -6.74
N PRO A 78 10.87 3.12 -7.02
CA PRO A 78 11.80 2.24 -6.32
C PRO A 78 13.23 2.55 -6.67
N LYS A 79 14.02 2.84 -5.65
CA LYS A 79 15.42 3.16 -5.83
C LYS A 79 16.30 2.17 -5.08
N THR A 80 17.45 1.84 -5.66
CA THR A 80 18.35 0.92 -5.03
C THR A 80 19.08 1.63 -3.91
N VAL A 81 19.29 0.91 -2.81
CA VAL A 81 19.96 1.44 -1.63
C VAL A 81 21.46 1.57 -1.86
N ASP A 82 21.94 1.02 -2.97
CA ASP A 82 23.37 1.08 -3.31
C ASP A 82 23.80 2.52 -3.55
N GLY A 83 22.84 3.37 -3.90
CA GLY A 83 23.14 4.76 -4.15
C GLY A 83 21.89 5.63 -4.19
N GLY A 84 20.75 5.03 -4.46
CA GLY A 84 19.52 5.78 -4.53
C GLY A 84 19.09 6.03 -5.96
N PHE A 85 19.61 5.20 -6.85
CA PHE A 85 19.32 5.34 -8.28
C PHE A 85 18.48 4.16 -8.74
N ARG A 86 17.60 4.37 -9.72
CA ARG A 86 16.74 3.31 -10.24
C ARG A 86 15.66 3.88 -11.16
N GLU A 87 14.55 3.14 -11.27
CA GLU A 87 13.42 3.51 -12.13
C GLU A 87 12.17 3.75 -11.30
N ARG A 88 11.05 4.00 -11.97
CA ARG A 88 9.78 4.20 -11.29
C ARG A 88 8.87 3.01 -11.61
N GLN A 89 7.91 2.73 -10.76
CA GLN A 89 7.03 1.58 -10.98
C GLN A 89 5.77 1.64 -10.10
N GLY A 90 4.87 0.68 -10.28
CA GLY A 90 3.66 0.61 -9.48
C GLY A 90 3.36 -0.82 -9.05
N ILE A 91 2.89 -0.98 -7.83
CA ILE A 91 2.57 -2.31 -7.31
C ILE A 91 1.09 -2.40 -6.96
N ASP A 92 0.48 -3.50 -7.39
CA ASP A 92 -0.94 -3.74 -7.15
C ASP A 92 -1.18 -4.14 -5.69
N LEU A 93 -2.22 -3.58 -5.07
CA LEU A 93 -2.53 -3.86 -3.67
C LEU A 93 -3.80 -4.67 -3.49
N ASN A 94 -4.04 -5.61 -4.38
CA ASN A 94 -5.22 -6.46 -4.29
C ASN A 94 -5.09 -7.48 -3.18
N ARG A 95 -3.94 -7.45 -2.52
CA ARG A 95 -3.66 -8.35 -1.42
C ARG A 95 -4.14 -7.73 -0.10
N ILE A 96 -4.50 -6.46 -0.16
CA ILE A 96 -4.97 -5.74 1.01
C ILE A 96 -6.48 -5.71 1.00
N GLN A 97 -7.09 -6.61 1.75
CA GLN A 97 -8.54 -6.73 1.81
C GLN A 97 -9.08 -6.23 3.14
N ASN A 98 -10.32 -5.77 3.12
CA ASN A 98 -10.99 -5.30 4.32
C ASN A 98 -12.05 -6.32 4.73
N VAL A 99 -11.76 -7.07 5.79
CA VAL A 99 -12.69 -8.07 6.26
C VAL A 99 -13.49 -7.52 7.44
N ASN A 100 -14.79 -7.37 7.23
CA ASN A 100 -15.70 -6.85 8.24
C ASN A 100 -15.29 -5.45 8.69
N GLY A 101 -14.67 -4.71 7.77
CA GLY A 101 -14.22 -3.36 8.08
C GLY A 101 -12.78 -3.31 8.55
N ARG A 102 -12.20 -4.44 8.89
CA ARG A 102 -10.83 -4.48 9.36
C ARG A 102 -9.87 -4.71 8.20
N LEU A 103 -8.84 -3.90 8.11
CA LEU A 103 -7.86 -4.02 7.04
C LEU A 103 -6.82 -5.06 7.41
N VAL A 104 -6.77 -6.16 6.65
CA VAL A 104 -5.82 -7.24 6.91
C VAL A 104 -5.09 -7.60 5.62
N PHE A 105 -3.81 -7.92 5.74
CA PHE A 105 -3.01 -8.31 4.58
C PHE A 105 -3.20 -9.78 4.30
N GLN A 106 -3.64 -10.07 3.10
CA GLN A 106 -3.85 -11.44 2.68
C GLN A 106 -3.30 -11.67 1.29
N MET A 4 -9.70 -8.83 -5.38
CA MET A 4 -10.47 -7.67 -4.88
C MET A 4 -9.69 -6.96 -3.79
N SER A 5 -9.83 -5.64 -3.72
CA SER A 5 -9.14 -4.88 -2.70
C SER A 5 -10.11 -4.19 -1.75
N TYR A 6 -9.60 -3.63 -0.67
CA TYR A 6 -10.41 -2.93 0.32
C TYR A 6 -11.24 -1.82 -0.32
N ALA A 7 -10.67 -1.18 -1.34
CA ALA A 7 -11.32 -0.07 -2.04
C ALA A 7 -12.71 -0.44 -2.56
N ASP A 8 -13.00 -1.74 -2.67
CA ASP A 8 -14.29 -2.20 -3.13
C ASP A 8 -15.41 -1.65 -2.24
N SER A 9 -15.17 -1.66 -0.94
CA SER A 9 -16.12 -1.16 0.02
C SER A 9 -15.46 -0.18 0.98
N SER A 10 -14.51 0.58 0.46
CA SER A 10 -13.77 1.57 1.25
C SER A 10 -13.49 2.81 0.41
N ARG A 11 -13.30 3.94 1.08
CA ARG A 11 -13.03 5.19 0.39
C ARG A 11 -12.03 6.04 1.18
N ASN A 12 -11.53 7.08 0.54
CA ASN A 12 -10.57 8.00 1.16
C ASN A 12 -9.34 7.27 1.67
N ALA A 13 -8.64 6.62 0.77
CA ALA A 13 -7.43 5.89 1.11
C ALA A 13 -6.21 6.80 0.99
N VAL A 14 -5.54 7.02 2.12
CA VAL A 14 -4.37 7.87 2.15
C VAL A 14 -3.15 7.10 2.63
N LEU A 15 -2.00 7.73 2.56
CA LEU A 15 -0.75 7.11 2.99
C LEU A 15 -0.32 7.67 4.33
N THR A 16 -0.31 6.83 5.35
CA THR A 16 0.08 7.24 6.67
C THR A 16 1.44 6.66 7.04
N ASN A 17 2.05 7.22 8.07
CA ASN A 17 3.36 6.77 8.56
C ASN A 17 4.44 6.96 7.49
N GLY A 18 4.40 8.12 6.84
CA GLY A 18 5.39 8.42 5.83
C GLY A 18 4.99 7.94 4.45
N GLY A 19 4.52 6.70 4.40
CA GLY A 19 4.11 6.09 3.15
C GLY A 19 4.32 4.60 3.20
N ARG A 20 3.69 3.98 4.18
CA ARG A 20 3.81 2.53 4.36
C ARG A 20 2.48 1.93 4.81
N THR A 21 1.69 2.72 5.54
CA THR A 21 0.42 2.27 6.04
C THR A 21 -0.73 2.85 5.23
N LEU A 22 -1.73 2.02 4.95
CA LEU A 22 -2.90 2.45 4.21
C LEU A 22 -4.05 2.77 5.16
N ARG A 23 -4.45 4.02 5.20
CA ARG A 23 -5.56 4.43 6.06
C ARG A 23 -6.75 4.83 5.21
N ALA A 24 -7.88 4.19 5.42
CA ALA A 24 -9.07 4.48 4.65
C ALA A 24 -10.34 4.19 5.44
N GLU A 25 -11.46 4.68 4.93
CA GLU A 25 -12.75 4.45 5.56
C GLU A 25 -13.34 3.17 4.98
N CYS A 26 -13.32 2.12 5.77
CA CYS A 26 -13.81 0.83 5.31
C CYS A 26 -15.22 0.60 5.81
N ARG A 27 -16.12 0.29 4.91
CA ARG A 27 -17.49 0.02 5.27
C ARG A 27 -17.61 -1.37 5.87
N ASN A 28 -17.96 -1.43 7.13
CA ASN A 28 -18.10 -2.71 7.82
C ASN A 28 -19.40 -3.38 7.41
N ALA A 29 -19.53 -4.67 7.72
CA ALA A 29 -20.72 -5.44 7.38
C ALA A 29 -22.00 -4.81 7.93
N ASP A 30 -21.86 -4.09 9.02
CA ASP A 30 -23.00 -3.42 9.65
C ASP A 30 -23.50 -2.27 8.77
N GLY A 31 -22.62 -1.83 7.86
CA GLY A 31 -22.96 -0.75 6.96
C GLY A 31 -22.47 0.59 7.46
N ASN A 32 -21.37 0.58 8.20
CA ASN A 32 -20.82 1.82 8.76
C ASN A 32 -19.36 1.98 8.34
N TRP A 33 -18.91 3.23 8.23
CA TRP A 33 -17.53 3.52 7.85
C TRP A 33 -16.60 3.50 9.05
N VAL A 34 -15.58 2.65 8.99
CA VAL A 34 -14.60 2.56 10.06
C VAL A 34 -13.20 2.77 9.52
N THR A 35 -12.43 3.59 10.22
CA THR A 35 -11.06 3.89 9.82
C THR A 35 -10.11 2.75 10.20
N SER A 36 -9.52 2.11 9.21
CA SER A 36 -8.60 1.02 9.45
C SER A 36 -7.28 1.27 8.73
N GLU A 37 -6.22 0.60 9.18
CA GLU A 37 -4.89 0.78 8.60
C GLU A 37 -4.17 -0.55 8.46
N LEU A 38 -3.36 -0.67 7.41
CA LEU A 38 -2.59 -1.89 7.17
C LEU A 38 -1.20 -1.49 6.68
N ASP A 39 -0.16 -2.10 7.27
CA ASP A 39 1.21 -1.80 6.90
C ASP A 39 1.68 -2.73 5.79
N LEU A 40 1.86 -2.18 4.60
CA LEU A 40 2.31 -2.98 3.46
C LEU A 40 3.82 -3.10 3.41
N ASP A 41 4.52 -2.23 4.14
CA ASP A 41 5.98 -2.22 4.13
C ASP A 41 6.58 -3.52 4.69
N THR A 42 5.79 -4.26 5.46
CA THR A 42 6.26 -5.50 6.03
C THR A 42 6.13 -6.65 5.03
N CYS A 43 5.64 -6.35 3.83
CA CYS A 43 5.47 -7.37 2.80
C CYS A 43 5.95 -6.89 1.43
N ILE A 44 5.92 -5.59 1.21
CA ILE A 44 6.36 -5.02 -0.06
C ILE A 44 7.82 -4.59 0.03
N GLY A 45 8.58 -4.89 -1.00
CA GLY A 45 9.98 -4.52 -1.01
C GLY A 45 10.49 -4.36 -2.43
N ASN A 46 11.55 -3.58 -2.58
CA ASN A 46 12.13 -3.35 -3.90
C ASN A 46 13.62 -2.99 -3.84
N PRO A 47 14.45 -3.78 -3.12
CA PRO A 47 15.89 -3.50 -3.02
C PRO A 47 16.61 -3.72 -4.34
N ASN A 48 15.97 -4.46 -5.23
CA ASN A 48 16.54 -4.75 -6.55
C ASN A 48 16.09 -3.70 -7.56
N GLY A 49 15.20 -2.81 -7.13
CA GLY A 49 14.71 -1.78 -8.00
C GLY A 49 13.38 -2.16 -8.65
N PHE A 50 12.80 -3.26 -8.19
CA PHE A 50 11.52 -3.74 -8.71
C PHE A 50 10.53 -3.91 -7.59
N LEU A 51 9.31 -3.45 -7.82
CA LEU A 51 8.25 -3.52 -6.84
C LEU A 51 7.57 -4.88 -6.85
N GLY A 52 7.31 -5.40 -5.66
CA GLY A 52 6.66 -6.68 -5.53
C GLY A 52 6.49 -7.09 -4.09
N TRP A 53 5.75 -8.16 -3.88
CA TRP A 53 5.51 -8.67 -2.54
C TRP A 53 6.52 -9.77 -2.23
N GLY A 54 7.23 -9.60 -1.12
CA GLY A 54 8.22 -10.59 -0.73
C GLY A 54 9.22 -10.04 0.26
N MET A 55 9.75 -8.86 -0.04
CA MET A 55 10.73 -8.21 0.81
C MET A 55 10.05 -7.31 1.84
N GLN A 56 10.81 -6.40 2.42
CA GLN A 56 10.26 -5.49 3.42
C GLN A 56 10.94 -4.13 3.32
N ASN A 57 10.38 -3.15 4.04
CA ASN A 57 10.91 -1.78 4.09
C ASN A 57 11.03 -1.17 2.71
N PHE A 58 9.99 -1.30 1.89
CA PHE A 58 10.01 -0.75 0.54
C PHE A 58 10.05 0.78 0.59
N SER A 59 9.50 1.36 1.65
CA SER A 59 9.47 2.79 1.82
C SER A 59 10.88 3.39 1.81
N HIS A 60 11.84 2.67 2.40
CA HIS A 60 13.22 3.14 2.44
C HIS A 60 13.89 3.03 1.08
N SER A 61 13.31 2.23 0.20
CA SER A 61 13.87 2.03 -1.11
C SER A 61 12.97 2.62 -2.20
N SER A 62 12.03 3.45 -1.82
CA SER A 62 11.14 4.05 -2.81
C SER A 62 10.93 5.54 -2.55
N GLU A 63 10.73 6.28 -3.63
CA GLU A 63 10.53 7.71 -3.56
C GLU A 63 9.15 8.08 -4.10
N ASP A 64 8.55 9.11 -3.49
CA ASP A 64 7.23 9.61 -3.90
C ASP A 64 6.18 8.51 -3.86
N ILE A 65 5.99 7.91 -2.69
CA ILE A 65 5.01 6.85 -2.52
C ILE A 65 3.60 7.42 -2.47
N LYS A 66 2.80 7.11 -3.47
CA LYS A 66 1.44 7.60 -3.55
C LYS A 66 0.55 6.56 -4.24
N LEU A 67 -0.74 6.58 -3.94
CA LEU A 67 -1.68 5.63 -4.52
C LEU A 67 -2.11 6.07 -5.92
N GLU A 68 -2.19 5.10 -6.80
CA GLU A 68 -2.56 5.31 -8.20
C GLU A 68 -4.07 5.22 -8.38
N GLU A 69 -4.59 4.00 -8.36
CA GLU A 69 -6.03 3.75 -8.57
C GLU A 69 -6.84 4.06 -7.31
N GLY A 70 -6.54 5.21 -6.71
CA GLY A 70 -7.24 5.63 -5.51
C GLY A 70 -7.02 4.72 -4.31
N GLY A 71 -6.18 3.71 -4.47
CA GLY A 71 -5.93 2.81 -3.37
C GLY A 71 -5.80 1.36 -3.81
N ARG A 72 -6.21 1.07 -5.04
CA ARG A 72 -6.13 -0.30 -5.55
C ARG A 72 -4.69 -0.60 -5.97
N LYS A 73 -3.92 0.47 -6.20
CA LYS A 73 -2.55 0.33 -6.64
C LYS A 73 -1.68 1.41 -6.02
N LEU A 74 -0.44 1.06 -5.69
CA LEU A 74 0.49 1.99 -5.09
C LEU A 74 1.60 2.28 -6.11
N THR A 75 1.92 3.55 -6.28
CA THR A 75 2.95 3.96 -7.22
C THR A 75 4.08 4.72 -6.52
N CYS A 76 5.30 4.33 -6.82
CA CYS A 76 6.47 4.97 -6.26
C CYS A 76 7.68 4.64 -7.12
N ARG A 77 8.78 5.32 -6.91
CA ARG A 77 9.99 5.06 -7.67
C ARG A 77 10.95 4.20 -6.85
N PRO A 78 11.02 2.90 -7.17
CA PRO A 78 11.92 1.97 -6.49
C PRO A 78 13.36 2.31 -6.81
N LYS A 79 14.13 2.60 -5.77
CA LYS A 79 15.52 2.95 -5.94
C LYS A 79 16.43 1.95 -5.20
N THR A 80 17.59 1.72 -5.77
CA THR A 80 18.54 0.80 -5.17
C THR A 80 19.27 1.50 -4.04
N VAL A 81 19.58 0.75 -3.00
CA VAL A 81 20.24 1.27 -1.81
C VAL A 81 21.72 1.61 -2.07
N ASP A 82 22.24 1.21 -3.23
CA ASP A 82 23.63 1.49 -3.59
C ASP A 82 23.88 2.99 -3.58
N GLY A 83 22.83 3.75 -3.87
CA GLY A 83 22.92 5.19 -3.91
C GLY A 83 21.55 5.84 -4.01
N GLY A 84 20.60 5.10 -4.55
CA GLY A 84 19.26 5.62 -4.70
C GLY A 84 18.89 5.81 -6.15
N PHE A 85 19.53 5.04 -7.01
CA PHE A 85 19.30 5.15 -8.44
C PHE A 85 18.57 3.92 -8.94
N ARG A 86 17.63 4.10 -9.86
CA ARG A 86 16.85 3.01 -10.43
C ARG A 86 15.76 3.57 -11.35
N GLU A 87 14.64 2.86 -11.44
CA GLU A 87 13.53 3.26 -12.31
C GLU A 87 12.25 3.46 -11.51
N ARG A 88 11.19 3.91 -12.17
CA ARG A 88 9.90 4.09 -11.51
C ARG A 88 9.02 2.88 -11.79
N GLN A 89 8.03 2.62 -10.93
CA GLN A 89 7.17 1.46 -11.11
C GLN A 89 5.92 1.54 -10.23
N GLY A 90 4.99 0.61 -10.41
CA GLY A 90 3.78 0.57 -9.62
C GLY A 90 3.45 -0.84 -9.16
N ILE A 91 2.91 -0.97 -7.96
CA ILE A 91 2.57 -2.28 -7.41
C ILE A 91 1.08 -2.34 -7.07
N ASP A 92 0.45 -3.44 -7.45
CA ASP A 92 -0.97 -3.63 -7.20
C ASP A 92 -1.24 -4.03 -5.76
N LEU A 93 -2.26 -3.43 -5.16
CA LEU A 93 -2.60 -3.73 -3.78
C LEU A 93 -3.89 -4.53 -3.70
N ASN A 94 -3.89 -5.65 -4.36
CA ASN A 94 -5.05 -6.54 -4.37
C ASN A 94 -4.94 -7.55 -3.24
N ARG A 95 -3.88 -7.39 -2.46
CA ARG A 95 -3.61 -8.26 -1.32
C ARG A 95 -4.14 -7.63 -0.03
N ILE A 96 -4.59 -6.39 -0.12
CA ILE A 96 -5.10 -5.68 1.04
C ILE A 96 -6.62 -5.62 0.97
N GLN A 97 -7.27 -6.48 1.73
CA GLN A 97 -8.73 -6.57 1.74
C GLN A 97 -9.29 -6.15 3.09
N ASN A 98 -10.46 -5.51 3.06
CA ASN A 98 -11.13 -5.08 4.27
C ASN A 98 -12.16 -6.11 4.70
N VAL A 99 -11.94 -6.70 5.87
CA VAL A 99 -12.84 -7.71 6.39
C VAL A 99 -13.65 -7.13 7.54
N ASN A 100 -14.95 -6.94 7.31
CA ASN A 100 -15.86 -6.38 8.32
C ASN A 100 -15.40 -5.01 8.76
N GLY A 101 -14.73 -4.29 7.86
CA GLY A 101 -14.26 -2.97 8.19
C GLY A 101 -12.79 -2.93 8.56
N ARG A 102 -12.25 -4.04 9.02
CA ARG A 102 -10.85 -4.10 9.42
C ARG A 102 -9.97 -4.41 8.22
N LEU A 103 -8.85 -3.73 8.11
CA LEU A 103 -7.92 -3.95 7.01
C LEU A 103 -6.98 -5.10 7.32
N VAL A 104 -6.96 -6.10 6.45
CA VAL A 104 -6.11 -7.27 6.66
C VAL A 104 -5.27 -7.56 5.41
N PHE A 105 -4.04 -8.01 5.64
CA PHE A 105 -3.16 -8.35 4.54
C PHE A 105 -3.30 -9.83 4.21
N GLN A 106 -3.52 -10.12 2.95
CA GLN A 106 -3.67 -11.49 2.49
C GLN A 106 -2.63 -11.81 1.43
N MET A 4 -10.06 -8.63 -5.40
CA MET A 4 -10.56 -7.27 -5.10
C MET A 4 -9.70 -6.63 -4.02
N SER A 5 -9.75 -5.32 -3.91
CA SER A 5 -8.99 -4.62 -2.90
C SER A 5 -9.92 -3.90 -1.93
N TYR A 6 -9.36 -3.45 -0.81
CA TYR A 6 -10.12 -2.74 0.21
C TYR A 6 -11.00 -1.62 -0.36
N ALA A 7 -10.47 -0.93 -1.39
CA ALA A 7 -11.16 0.18 -2.03
C ALA A 7 -12.57 -0.20 -2.50
N ASP A 8 -12.84 -1.49 -2.63
CA ASP A 8 -14.16 -1.97 -3.05
C ASP A 8 -15.23 -1.44 -2.11
N SER A 9 -14.93 -1.49 -0.81
CA SER A 9 -15.84 -1.01 0.21
C SER A 9 -15.11 -0.06 1.15
N SER A 10 -14.27 0.79 0.56
CA SER A 10 -13.50 1.75 1.33
C SER A 10 -13.30 3.02 0.52
N ARG A 11 -13.19 4.14 1.23
CA ARG A 11 -13.00 5.43 0.60
C ARG A 11 -11.93 6.22 1.33
N ASN A 12 -11.60 7.40 0.77
CA ASN A 12 -10.58 8.31 1.33
C ASN A 12 -9.30 7.58 1.70
N ALA A 13 -8.83 6.73 0.80
CA ALA A 13 -7.61 5.97 1.00
C ALA A 13 -6.38 6.87 0.88
N VAL A 14 -5.63 6.99 1.95
CA VAL A 14 -4.43 7.81 1.95
C VAL A 14 -3.21 6.99 2.32
N LEU A 15 -2.04 7.58 2.12
CA LEU A 15 -0.77 6.93 2.43
C LEU A 15 -0.21 7.52 3.71
N THR A 16 0.04 6.67 4.69
CA THR A 16 0.57 7.14 5.96
C THR A 16 1.88 6.45 6.33
N ASN A 17 2.53 6.98 7.36
CA ASN A 17 3.81 6.45 7.84
C ASN A 17 4.87 6.49 6.75
N GLY A 18 4.91 7.60 6.01
CA GLY A 18 5.86 7.75 4.94
C GLY A 18 5.31 7.31 3.61
N GLY A 19 4.30 6.44 3.68
CA GLY A 19 3.67 5.94 2.48
C GLY A 19 3.73 4.44 2.41
N ARG A 20 3.51 3.80 3.55
CA ARG A 20 3.55 2.35 3.62
C ARG A 20 2.26 1.80 4.22
N THR A 21 1.61 2.62 5.03
CA THR A 21 0.38 2.23 5.68
C THR A 21 -0.81 2.81 4.95
N LEU A 22 -1.78 1.97 4.65
CA LEU A 22 -2.98 2.40 3.97
C LEU A 22 -4.04 2.79 4.97
N ARG A 23 -4.36 4.07 5.03
CA ARG A 23 -5.37 4.54 5.95
C ARG A 23 -6.62 4.94 5.16
N ALA A 24 -7.72 4.29 5.45
CA ALA A 24 -8.97 4.58 4.76
C ALA A 24 -10.17 4.21 5.60
N GLU A 25 -11.34 4.67 5.18
CA GLU A 25 -12.57 4.35 5.87
C GLU A 25 -13.11 3.06 5.28
N CYS A 26 -13.09 2.01 6.06
CA CYS A 26 -13.57 0.72 5.59
C CYS A 26 -14.98 0.48 6.09
N ARG A 27 -15.87 0.17 5.17
CA ARG A 27 -17.25 -0.08 5.53
C ARG A 27 -17.37 -1.46 6.15
N ASN A 28 -17.73 -1.49 7.43
CA ASN A 28 -17.87 -2.74 8.15
C ASN A 28 -19.20 -3.41 7.79
N ALA A 29 -19.37 -4.65 8.21
CA ALA A 29 -20.57 -5.42 7.91
C ALA A 29 -21.85 -4.72 8.38
N ASP A 30 -21.74 -3.93 9.44
CA ASP A 30 -22.90 -3.21 9.96
C ASP A 30 -23.28 -2.06 9.04
N GLY A 31 -22.37 -1.74 8.13
CA GLY A 31 -22.58 -0.65 7.20
C GLY A 31 -22.05 0.66 7.73
N ASN A 32 -21.04 0.56 8.58
CA ASN A 32 -20.44 1.76 9.18
C ASN A 32 -19.03 1.97 8.64
N TRP A 33 -18.54 3.20 8.74
CA TRP A 33 -17.20 3.52 8.26
C TRP A 33 -16.21 3.55 9.40
N VAL A 34 -15.20 2.70 9.33
CA VAL A 34 -14.19 2.61 10.36
C VAL A 34 -12.80 2.85 9.79
N THR A 35 -11.99 3.62 10.51
CA THR A 35 -10.64 3.91 10.08
C THR A 35 -9.74 2.70 10.33
N SER A 36 -9.33 2.05 9.25
CA SER A 36 -8.47 0.89 9.35
C SER A 36 -7.18 1.12 8.57
N GLU A 37 -6.06 0.73 9.15
CA GLU A 37 -4.77 0.88 8.51
C GLU A 37 -4.07 -0.46 8.37
N LEU A 38 -3.30 -0.62 7.30
CA LEU A 38 -2.56 -1.85 7.06
C LEU A 38 -1.17 -1.50 6.54
N ASP A 39 -0.14 -2.03 7.19
CA ASP A 39 1.23 -1.77 6.78
C ASP A 39 1.66 -2.75 5.70
N LEU A 40 1.82 -2.25 4.49
CA LEU A 40 2.25 -3.08 3.38
C LEU A 40 3.76 -3.21 3.38
N ASP A 41 4.43 -2.37 4.18
CA ASP A 41 5.89 -2.36 4.25
C ASP A 41 6.44 -3.71 4.74
N THR A 42 5.66 -4.41 5.54
CA THR A 42 6.10 -5.69 6.08
C THR A 42 5.85 -6.83 5.08
N CYS A 43 5.31 -6.49 3.91
CA CYS A 43 5.03 -7.52 2.89
C CYS A 43 5.61 -7.12 1.53
N ILE A 44 5.80 -5.83 1.32
CA ILE A 44 6.34 -5.32 0.06
C ILE A 44 7.81 -4.95 0.22
N GLY A 45 8.62 -5.31 -0.75
CA GLY A 45 10.03 -4.99 -0.71
C GLY A 45 10.58 -4.66 -2.07
N ASN A 46 11.55 -3.76 -2.11
CA ASN A 46 12.14 -3.34 -3.38
C ASN A 46 13.60 -2.86 -3.23
N PRO A 47 14.47 -3.61 -2.53
CA PRO A 47 15.87 -3.19 -2.35
C PRO A 47 16.67 -3.30 -3.63
N ASN A 48 16.18 -4.13 -4.54
CA ASN A 48 16.85 -4.33 -5.83
C ASN A 48 16.40 -3.24 -6.81
N GLY A 49 15.33 -2.54 -6.45
CA GLY A 49 14.82 -1.50 -7.30
C GLY A 49 13.54 -1.90 -8.01
N PHE A 50 12.98 -3.03 -7.62
CA PHE A 50 11.74 -3.52 -8.21
C PHE A 50 10.70 -3.75 -7.13
N LEU A 51 9.50 -3.26 -7.39
CA LEU A 51 8.39 -3.36 -6.44
C LEU A 51 7.69 -4.71 -6.55
N GLY A 52 7.49 -5.36 -5.42
CA GLY A 52 6.82 -6.64 -5.42
C GLY A 52 6.57 -7.13 -4.00
N TRP A 53 5.81 -8.22 -3.90
CA TRP A 53 5.50 -8.81 -2.60
C TRP A 53 6.50 -9.92 -2.30
N GLY A 54 7.16 -9.83 -1.16
CA GLY A 54 8.13 -10.84 -0.77
C GLY A 54 8.96 -10.42 0.42
N MET A 55 9.67 -9.31 0.29
CA MET A 55 10.50 -8.81 1.38
C MET A 55 9.75 -7.74 2.17
N GLN A 56 10.49 -6.84 2.82
CA GLN A 56 9.87 -5.78 3.60
C GLN A 56 10.70 -4.51 3.56
N ASN A 57 10.16 -3.44 4.14
CA ASN A 57 10.83 -2.13 4.21
C ASN A 57 11.01 -1.53 2.81
N PHE A 58 9.92 -1.40 2.08
CA PHE A 58 9.97 -0.83 0.74
C PHE A 58 9.85 0.69 0.77
N SER A 59 9.21 1.21 1.81
CA SER A 59 9.01 2.65 1.95
C SER A 59 10.34 3.40 2.02
N HIS A 60 11.30 2.77 2.67
CA HIS A 60 12.64 3.36 2.81
C HIS A 60 13.44 3.22 1.52
N SER A 61 12.94 2.40 0.60
CA SER A 61 13.63 2.18 -0.66
C SER A 61 12.81 2.74 -1.82
N SER A 62 11.90 3.66 -1.50
CA SER A 62 11.04 4.25 -2.53
C SER A 62 10.93 5.76 -2.35
N GLU A 63 10.62 6.44 -3.44
CA GLU A 63 10.45 7.88 -3.44
C GLU A 63 9.12 8.22 -4.10
N ASP A 64 8.40 9.18 -3.52
CA ASP A 64 7.09 9.62 -4.04
C ASP A 64 6.11 8.44 -4.10
N ILE A 65 5.55 8.10 -2.95
CA ILE A 65 4.61 7.00 -2.86
C ILE A 65 3.17 7.51 -2.87
N LYS A 66 2.46 7.20 -3.94
CA LYS A 66 1.08 7.64 -4.10
C LYS A 66 0.21 6.50 -4.60
N LEU A 67 -1.10 6.65 -4.50
CA LEU A 67 -2.01 5.63 -4.98
C LEU A 67 -2.48 5.98 -6.39
N GLU A 68 -2.10 5.14 -7.35
CA GLU A 68 -2.41 5.36 -8.76
C GLU A 68 -3.91 5.26 -9.01
N GLU A 69 -4.49 4.15 -8.59
CA GLU A 69 -5.92 3.93 -8.76
C GLU A 69 -6.68 4.50 -7.57
N GLY A 70 -5.95 5.20 -6.72
CA GLY A 70 -6.55 5.78 -5.53
C GLY A 70 -6.86 4.73 -4.50
N GLY A 71 -6.20 3.58 -4.59
CA GLY A 71 -6.43 2.53 -3.63
C GLY A 71 -6.06 1.16 -4.17
N ARG A 72 -6.54 0.82 -5.36
CA ARG A 72 -6.26 -0.47 -5.97
C ARG A 72 -4.78 -0.64 -6.31
N LYS A 73 -4.09 0.46 -6.56
CA LYS A 73 -2.68 0.39 -6.93
C LYS A 73 -1.88 1.51 -6.30
N LEU A 74 -0.64 1.18 -5.95
CA LEU A 74 0.28 2.14 -5.35
C LEU A 74 1.46 2.35 -6.30
N THR A 75 1.71 3.59 -6.67
CA THR A 75 2.81 3.90 -7.55
C THR A 75 3.86 4.77 -6.86
N CYS A 76 5.10 4.39 -7.02
CA CYS A 76 6.22 5.10 -6.42
C CYS A 76 7.47 4.80 -7.23
N ARG A 77 8.55 5.50 -6.92
CA ARG A 77 9.79 5.28 -7.63
C ARG A 77 10.75 4.48 -6.76
N PRO A 78 10.81 3.16 -7.01
CA PRO A 78 11.69 2.25 -6.28
C PRO A 78 13.14 2.52 -6.63
N LYS A 79 13.94 2.78 -5.62
CA LYS A 79 15.34 3.08 -5.82
C LYS A 79 16.22 2.10 -5.07
N THR A 80 17.41 1.84 -5.60
CA THR A 80 18.34 0.96 -4.95
C THR A 80 19.04 1.74 -3.86
N VAL A 81 19.14 1.13 -2.67
CA VAL A 81 19.77 1.76 -1.52
C VAL A 81 21.28 1.85 -1.69
N ASP A 82 21.79 1.21 -2.74
CA ASP A 82 23.21 1.21 -3.02
C ASP A 82 23.67 2.61 -3.41
N GLY A 83 22.80 3.35 -4.08
CA GLY A 83 23.14 4.70 -4.50
C GLY A 83 21.94 5.61 -4.57
N GLY A 84 20.74 5.04 -4.67
CA GLY A 84 19.55 5.85 -4.75
C GLY A 84 19.08 6.01 -6.17
N PHE A 85 19.56 5.14 -7.04
CA PHE A 85 19.23 5.19 -8.46
C PHE A 85 18.38 4.00 -8.83
N ARG A 86 17.54 4.13 -9.86
CA ARG A 86 16.67 3.03 -10.31
C ARG A 86 15.62 3.53 -11.30
N GLU A 87 14.47 2.85 -11.31
CA GLU A 87 13.37 3.17 -12.21
C GLU A 87 12.07 3.35 -11.44
N ARG A 88 11.13 4.11 -12.00
CA ARG A 88 9.84 4.31 -11.35
C ARG A 88 8.92 3.16 -11.71
N GLN A 89 8.06 2.78 -10.78
CA GLN A 89 7.16 1.65 -10.98
C GLN A 89 5.85 1.79 -10.21
N GLY A 90 5.09 0.71 -10.18
CA GLY A 90 3.84 0.67 -9.47
C GLY A 90 3.49 -0.75 -9.10
N ILE A 91 2.91 -0.94 -7.93
CA ILE A 91 2.56 -2.27 -7.47
C ILE A 91 1.06 -2.35 -7.16
N ASP A 92 0.45 -3.43 -7.63
CA ASP A 92 -0.98 -3.66 -7.41
C ASP A 92 -1.24 -4.08 -5.96
N LEU A 93 -2.20 -3.43 -5.33
CA LEU A 93 -2.55 -3.73 -3.94
C LEU A 93 -3.80 -4.58 -3.88
N ASN A 94 -3.84 -5.60 -4.71
CA ASN A 94 -4.97 -6.51 -4.76
C ASN A 94 -4.86 -7.56 -3.66
N ARG A 95 -3.85 -7.38 -2.80
CA ARG A 95 -3.62 -8.28 -1.68
C ARG A 95 -4.13 -7.65 -0.38
N ILE A 96 -4.56 -6.40 -0.45
CA ILE A 96 -5.05 -5.71 0.73
C ILE A 96 -6.57 -5.57 0.67
N GLN A 97 -7.25 -6.34 1.51
CA GLN A 97 -8.70 -6.35 1.54
C GLN A 97 -9.21 -6.07 2.94
N ASN A 98 -10.34 -5.39 3.04
CA ASN A 98 -10.95 -5.08 4.32
C ASN A 98 -12.02 -6.12 4.64
N VAL A 99 -11.78 -6.87 5.71
CA VAL A 99 -12.70 -7.91 6.15
C VAL A 99 -13.52 -7.43 7.32
N ASN A 100 -14.82 -7.26 7.11
CA ASN A 100 -15.74 -6.79 8.14
C ASN A 100 -15.31 -5.43 8.70
N GLY A 101 -14.74 -4.61 7.83
CA GLY A 101 -14.30 -3.29 8.24
C GLY A 101 -12.84 -3.27 8.64
N ARG A 102 -12.30 -4.40 9.04
CA ARG A 102 -10.90 -4.47 9.45
C ARG A 102 -10.01 -4.71 8.25
N LEU A 103 -9.03 -3.84 8.06
CA LEU A 103 -8.12 -3.97 6.94
C LEU A 103 -7.11 -5.07 7.22
N VAL A 104 -7.09 -6.10 6.38
CA VAL A 104 -6.19 -7.22 6.58
C VAL A 104 -5.42 -7.54 5.31
N PHE A 105 -4.15 -7.89 5.46
CA PHE A 105 -3.33 -8.27 4.32
C PHE A 105 -3.56 -9.73 3.98
N GLN A 106 -3.78 -10.01 2.72
CA GLN A 106 -4.01 -11.36 2.27
C GLN A 106 -2.89 -11.82 1.34
N MET A 4 -9.68 -8.03 -6.38
CA MET A 4 -10.55 -7.35 -5.39
C MET A 4 -9.71 -6.90 -4.19
N SER A 5 -9.77 -5.61 -3.90
CA SER A 5 -9.03 -5.05 -2.79
C SER A 5 -9.96 -4.39 -1.77
N TYR A 6 -9.39 -3.83 -0.72
CA TYR A 6 -10.17 -3.16 0.31
C TYR A 6 -10.89 -1.94 -0.28
N ALA A 7 -10.25 -1.28 -1.24
CA ALA A 7 -10.77 -0.09 -1.88
C ALA A 7 -12.15 -0.31 -2.51
N ASP A 8 -12.46 -1.56 -2.84
CA ASP A 8 -13.74 -1.90 -3.41
C ASP A 8 -14.87 -1.65 -2.43
N SER A 9 -14.51 -1.52 -1.16
CA SER A 9 -15.47 -1.25 -0.10
C SER A 9 -14.87 -0.25 0.89
N SER A 10 -14.01 0.62 0.39
CA SER A 10 -13.36 1.62 1.22
C SER A 10 -13.12 2.91 0.43
N ARG A 11 -13.00 4.03 1.15
CA ARG A 11 -12.77 5.32 0.50
C ARG A 11 -11.83 6.16 1.35
N ASN A 12 -11.32 7.24 0.75
CA ASN A 12 -10.40 8.17 1.41
C ASN A 12 -9.15 7.45 1.90
N ALA A 13 -8.49 6.76 0.97
CA ALA A 13 -7.28 6.03 1.29
C ALA A 13 -6.07 6.94 1.12
N VAL A 14 -5.36 7.14 2.21
CA VAL A 14 -4.17 7.98 2.22
C VAL A 14 -2.95 7.18 2.61
N LEU A 15 -1.78 7.78 2.48
CA LEU A 15 -0.53 7.11 2.82
C LEU A 15 0.01 7.64 4.13
N THR A 16 0.06 6.78 5.13
CA THR A 16 0.56 7.16 6.44
C THR A 16 1.90 6.51 6.73
N ASN A 17 2.56 6.99 7.78
CA ASN A 17 3.88 6.46 8.19
C ASN A 17 4.89 6.59 7.05
N GLY A 18 5.02 7.81 6.52
CA GLY A 18 5.95 8.05 5.44
C GLY A 18 5.41 7.67 4.08
N GLY A 19 4.62 6.60 4.06
CA GLY A 19 4.03 6.11 2.82
C GLY A 19 4.13 4.61 2.73
N ARG A 20 3.73 3.94 3.80
CA ARG A 20 3.78 2.48 3.85
C ARG A 20 2.48 1.89 4.39
N THR A 21 1.79 2.67 5.22
CA THR A 21 0.56 2.22 5.81
C THR A 21 -0.65 2.78 5.05
N LEU A 22 -1.63 1.93 4.81
CA LEU A 22 -2.84 2.33 4.11
C LEU A 22 -3.92 2.73 5.09
N ARG A 23 -4.30 3.99 5.09
CA ARG A 23 -5.35 4.47 5.96
C ARG A 23 -6.57 4.83 5.12
N ALA A 24 -7.69 4.18 5.39
CA ALA A 24 -8.91 4.43 4.63
C ALA A 24 -10.14 4.13 5.46
N GLU A 25 -11.29 4.58 4.95
CA GLU A 25 -12.57 4.33 5.59
C GLU A 25 -13.11 3.04 5.02
N CYS A 26 -13.05 1.98 5.79
CA CYS A 26 -13.50 0.68 5.33
C CYS A 26 -14.96 0.46 5.70
N ARG A 27 -15.78 0.20 4.70
CA ARG A 27 -17.18 -0.06 4.92
C ARG A 27 -17.34 -1.42 5.58
N ASN A 28 -17.76 -1.42 6.82
CA ASN A 28 -17.95 -2.66 7.54
C ASN A 28 -19.24 -3.32 7.10
N ALA A 29 -19.42 -4.58 7.47
CA ALA A 29 -20.61 -5.36 7.09
C ALA A 29 -21.90 -4.64 7.46
N ASP A 30 -21.86 -3.88 8.54
CA ASP A 30 -23.04 -3.16 9.02
C ASP A 30 -23.38 -2.00 8.08
N GLY A 31 -22.41 -1.62 7.25
CA GLY A 31 -22.59 -0.53 6.31
C GLY A 31 -22.08 0.78 6.87
N ASN A 32 -21.09 0.67 7.75
CA ASN A 32 -20.51 1.86 8.40
C ASN A 32 -19.08 2.05 7.93
N TRP A 33 -18.52 3.23 8.17
CA TRP A 33 -17.16 3.53 7.77
C TRP A 33 -16.23 3.53 8.98
N VAL A 34 -15.28 2.61 8.97
CA VAL A 34 -14.31 2.51 10.07
C VAL A 34 -12.89 2.73 9.55
N THR A 35 -12.11 3.48 10.30
CA THR A 35 -10.74 3.77 9.92
C THR A 35 -9.81 2.62 10.26
N SER A 36 -9.25 2.01 9.23
CA SER A 36 -8.33 0.90 9.40
C SER A 36 -7.02 1.18 8.67
N GLU A 37 -5.93 0.68 9.22
CA GLU A 37 -4.62 0.88 8.63
C GLU A 37 -3.85 -0.44 8.52
N LEU A 38 -3.12 -0.61 7.44
CA LEU A 38 -2.33 -1.83 7.22
C LEU A 38 -0.97 -1.45 6.65
N ASP A 39 0.09 -1.92 7.29
CA ASP A 39 1.45 -1.65 6.84
C ASP A 39 1.81 -2.60 5.71
N LEU A 40 1.91 -2.08 4.50
CA LEU A 40 2.22 -2.91 3.34
C LEU A 40 3.72 -3.16 3.22
N ASP A 41 4.52 -2.29 3.81
CA ASP A 41 5.97 -2.42 3.73
C ASP A 41 6.47 -3.65 4.49
N THR A 42 5.55 -4.32 5.16
CA THR A 42 5.89 -5.53 5.88
C THR A 42 6.03 -6.69 4.89
N CYS A 43 5.42 -6.54 3.72
CA CYS A 43 5.48 -7.56 2.70
C CYS A 43 5.91 -6.98 1.34
N ILE A 44 5.87 -5.67 1.20
CA ILE A 44 6.30 -5.03 -0.05
C ILE A 44 7.72 -4.50 0.08
N GLY A 45 8.54 -4.78 -0.93
CA GLY A 45 9.91 -4.32 -0.91
C GLY A 45 10.45 -4.13 -2.31
N ASN A 46 11.58 -3.44 -2.42
CA ASN A 46 12.19 -3.17 -3.72
C ASN A 46 13.66 -2.71 -3.60
N PRO A 47 14.53 -3.49 -2.92
CA PRO A 47 15.94 -3.13 -2.79
C PRO A 47 16.69 -3.33 -4.10
N ASN A 48 16.14 -4.20 -4.95
CA ASN A 48 16.74 -4.47 -6.25
C ASN A 48 16.26 -3.44 -7.25
N GLY A 49 15.20 -2.74 -6.89
CA GLY A 49 14.65 -1.73 -7.76
C GLY A 49 13.37 -2.15 -8.44
N PHE A 50 12.77 -3.24 -7.96
CA PHE A 50 11.53 -3.71 -8.53
C PHE A 50 10.47 -3.85 -7.45
N LEU A 51 9.27 -3.37 -7.74
CA LEU A 51 8.17 -3.40 -6.79
C LEU A 51 7.48 -4.76 -6.83
N GLY A 52 7.29 -5.33 -5.65
CA GLY A 52 6.63 -6.61 -5.56
C GLY A 52 6.45 -7.05 -4.12
N TRP A 53 5.78 -8.17 -3.94
CA TRP A 53 5.53 -8.70 -2.61
C TRP A 53 6.59 -9.76 -2.29
N GLY A 54 7.26 -9.58 -1.17
CA GLY A 54 8.29 -10.50 -0.75
C GLY A 54 9.23 -9.87 0.25
N MET A 55 9.91 -8.84 -0.20
CA MET A 55 10.86 -8.10 0.63
C MET A 55 10.10 -7.13 1.53
N GLN A 56 10.78 -6.47 2.44
CA GLN A 56 10.12 -5.55 3.34
C GLN A 56 10.83 -4.19 3.37
N ASN A 57 10.14 -3.20 3.95
CA ASN A 57 10.65 -1.83 4.08
C ASN A 57 10.78 -1.13 2.73
N PHE A 58 9.74 -1.22 1.92
CA PHE A 58 9.77 -0.59 0.59
C PHE A 58 9.70 0.93 0.74
N SER A 59 9.11 1.40 1.83
CA SER A 59 8.97 2.82 2.08
C SER A 59 10.32 3.51 2.14
N HIS A 60 11.30 2.83 2.74
CA HIS A 60 12.64 3.38 2.86
C HIS A 60 13.45 3.20 1.57
N SER A 61 12.85 2.54 0.58
CA SER A 61 13.53 2.32 -0.69
C SER A 61 12.69 2.84 -1.86
N SER A 62 11.71 3.68 -1.59
CA SER A 62 10.88 4.21 -2.67
C SER A 62 10.72 5.72 -2.59
N GLU A 63 10.57 6.33 -3.75
CA GLU A 63 10.40 7.77 -3.86
C GLU A 63 9.07 8.08 -4.53
N ASP A 64 8.37 9.09 -4.04
CA ASP A 64 7.08 9.48 -4.61
C ASP A 64 6.07 8.34 -4.49
N ILE A 65 5.62 8.10 -3.27
CA ILE A 65 4.65 7.04 -3.01
C ILE A 65 3.25 7.60 -2.97
N LYS A 66 2.42 7.21 -3.93
CA LYS A 66 1.05 7.69 -4.00
C LYS A 66 0.14 6.65 -4.63
N LEU A 67 -1.13 6.65 -4.23
CA LEU A 67 -2.12 5.71 -4.74
C LEU A 67 -2.81 6.23 -5.99
N GLU A 68 -2.99 5.36 -6.99
CA GLU A 68 -3.65 5.73 -8.24
C GLU A 68 -5.15 5.46 -8.17
N GLU A 69 -5.49 4.18 -8.09
CA GLU A 69 -6.89 3.73 -8.04
C GLU A 69 -7.52 3.98 -6.68
N GLY A 70 -7.24 5.15 -6.14
CA GLY A 70 -7.78 5.54 -4.84
C GLY A 70 -7.37 4.62 -3.71
N GLY A 71 -6.37 3.77 -3.96
CA GLY A 71 -5.93 2.87 -2.92
C GLY A 71 -5.81 1.43 -3.38
N ARG A 72 -6.37 1.13 -4.54
CA ARG A 72 -6.30 -0.23 -5.07
C ARG A 72 -4.94 -0.47 -5.70
N LYS A 73 -4.25 0.61 -6.02
CA LYS A 73 -2.94 0.53 -6.63
C LYS A 73 -2.03 1.60 -6.06
N LEU A 74 -0.77 1.24 -5.85
CA LEU A 74 0.21 2.16 -5.29
C LEU A 74 1.35 2.36 -6.29
N THR A 75 1.70 3.61 -6.52
CA THR A 75 2.79 3.95 -7.43
C THR A 75 3.90 4.65 -6.69
N CYS A 76 5.11 4.17 -6.89
CA CYS A 76 6.28 4.76 -6.26
C CYS A 76 7.49 4.37 -7.07
N ARG A 77 8.59 5.07 -6.86
CA ARG A 77 9.81 4.77 -7.57
C ARG A 77 10.73 3.94 -6.71
N PRO A 78 10.82 2.64 -7.00
CA PRO A 78 11.70 1.74 -6.28
C PRO A 78 13.15 2.09 -6.58
N LYS A 79 13.87 2.51 -5.56
CA LYS A 79 15.26 2.88 -5.72
C LYS A 79 16.14 2.01 -4.85
N THR A 80 17.29 1.62 -5.40
CA THR A 80 18.21 0.79 -4.65
C THR A 80 18.93 1.64 -3.63
N VAL A 81 18.95 1.18 -2.39
CA VAL A 81 19.61 1.89 -1.30
C VAL A 81 21.12 1.82 -1.42
N ASP A 82 21.59 1.04 -2.38
CA ASP A 82 23.02 0.89 -2.62
C ASP A 82 23.60 2.20 -3.13
N GLY A 83 22.80 2.92 -3.90
CA GLY A 83 23.23 4.19 -4.44
C GLY A 83 22.12 5.22 -4.50
N GLY A 84 20.88 4.77 -4.48
CA GLY A 84 19.75 5.67 -4.52
C GLY A 84 19.22 5.85 -5.93
N PHE A 85 19.67 4.99 -6.83
CA PHE A 85 19.27 5.08 -8.23
C PHE A 85 18.40 3.89 -8.61
N ARG A 86 17.59 4.03 -9.68
CA ARG A 86 16.72 2.96 -10.17
C ARG A 86 15.65 3.48 -11.15
N GLU A 87 14.53 2.77 -11.22
CA GLU A 87 13.43 3.12 -12.12
C GLU A 87 12.10 3.10 -11.37
N ARG A 88 11.15 3.91 -11.82
CA ARG A 88 9.84 4.00 -11.18
C ARG A 88 8.91 2.92 -11.73
N GLN A 89 7.96 2.49 -10.89
CA GLN A 89 7.00 1.44 -11.26
C GLN A 89 5.71 1.57 -10.47
N GLY A 90 4.83 0.58 -10.63
CA GLY A 90 3.56 0.57 -9.93
C GLY A 90 3.21 -0.84 -9.49
N ILE A 91 2.58 -0.97 -8.32
CA ILE A 91 2.20 -2.27 -7.80
C ILE A 91 0.74 -2.28 -7.33
N ASP A 92 0.03 -3.35 -7.64
CA ASP A 92 -1.37 -3.47 -7.25
C ASP A 92 -1.47 -3.96 -5.82
N LEU A 93 -2.37 -3.35 -5.06
CA LEU A 93 -2.56 -3.71 -3.66
C LEU A 93 -3.78 -4.60 -3.51
N ASN A 94 -3.87 -5.58 -4.39
CA ASN A 94 -4.99 -6.53 -4.37
C ASN A 94 -4.86 -7.53 -3.24
N ARG A 95 -3.77 -7.40 -2.49
CA ARG A 95 -3.51 -8.27 -1.37
C ARG A 95 -4.01 -7.66 -0.06
N ILE A 96 -4.36 -6.39 -0.12
CA ILE A 96 -4.85 -5.69 1.06
C ILE A 96 -6.36 -5.58 1.01
N GLN A 97 -7.03 -6.28 1.92
CA GLN A 97 -8.48 -6.27 1.94
C GLN A 97 -9.02 -5.95 3.32
N ASN A 98 -10.28 -5.57 3.35
CA ASN A 98 -10.98 -5.23 4.57
C ASN A 98 -11.98 -6.33 4.93
N VAL A 99 -11.85 -6.87 6.13
CA VAL A 99 -12.74 -7.92 6.59
C VAL A 99 -13.70 -7.36 7.63
N ASN A 100 -14.94 -7.14 7.22
CA ASN A 100 -15.97 -6.59 8.12
C ASN A 100 -15.58 -5.22 8.66
N GLY A 101 -14.65 -4.56 7.99
CA GLY A 101 -14.23 -3.24 8.40
C GLY A 101 -12.77 -3.14 8.77
N ARG A 102 -12.18 -4.25 9.18
CA ARG A 102 -10.78 -4.26 9.57
C ARG A 102 -9.88 -4.49 8.36
N LEU A 103 -8.72 -3.86 8.33
CA LEU A 103 -7.81 -4.03 7.21
C LEU A 103 -6.83 -5.15 7.52
N VAL A 104 -6.84 -6.18 6.69
CA VAL A 104 -5.96 -7.33 6.90
C VAL A 104 -5.20 -7.66 5.61
N PHE A 105 -3.93 -8.00 5.75
CA PHE A 105 -3.11 -8.36 4.61
C PHE A 105 -3.33 -9.82 4.27
N GLN A 106 -3.58 -10.09 3.00
CA GLN A 106 -3.80 -11.45 2.53
C GLN A 106 -2.72 -11.84 1.53
N MET A 4 -9.30 -7.98 -6.09
CA MET A 4 -10.27 -7.46 -5.11
C MET A 4 -9.54 -6.79 -3.94
N SER A 5 -9.69 -5.48 -3.84
CA SER A 5 -9.05 -4.73 -2.77
C SER A 5 -10.08 -4.06 -1.87
N TYR A 6 -9.61 -3.55 -0.75
CA TYR A 6 -10.47 -2.87 0.21
C TYR A 6 -11.21 -1.69 -0.42
N ALA A 7 -10.53 -0.96 -1.30
CA ALA A 7 -11.07 0.24 -1.95
C ALA A 7 -12.40 -0.01 -2.65
N ASP A 8 -12.73 -1.27 -2.92
CA ASP A 8 -13.99 -1.60 -3.57
C ASP A 8 -15.16 -1.22 -2.66
N SER A 9 -14.91 -1.28 -1.36
CA SER A 9 -15.90 -0.93 -0.36
C SER A 9 -15.29 0.00 0.68
N SER A 10 -14.30 0.78 0.25
CA SER A 10 -13.63 1.73 1.14
C SER A 10 -13.28 3.00 0.38
N ARG A 11 -13.13 4.10 1.10
CA ARG A 11 -12.79 5.37 0.48
C ARG A 11 -11.89 6.19 1.40
N ASN A 12 -11.35 7.29 0.87
CA ASN A 12 -10.47 8.17 1.63
C ASN A 12 -9.20 7.45 2.05
N ALA A 13 -8.53 6.84 1.09
CA ALA A 13 -7.30 6.10 1.34
C ALA A 13 -6.07 6.98 1.18
N VAL A 14 -5.31 7.11 2.25
CA VAL A 14 -4.10 7.92 2.25
C VAL A 14 -2.90 7.08 2.65
N LEU A 15 -1.71 7.64 2.51
CA LEU A 15 -0.48 6.95 2.86
C LEU A 15 0.10 7.50 4.15
N THR A 16 0.13 6.66 5.18
CA THR A 16 0.65 7.08 6.47
C THR A 16 1.95 6.36 6.79
N ASN A 17 2.61 6.80 7.87
CA ASN A 17 3.87 6.21 8.34
C ASN A 17 4.95 6.30 7.27
N GLY A 18 5.06 7.46 6.66
CA GLY A 18 6.06 7.66 5.62
C GLY A 18 5.54 7.29 4.25
N GLY A 19 4.65 6.33 4.20
CA GLY A 19 4.09 5.87 2.95
C GLY A 19 4.13 4.37 2.85
N ARG A 20 3.58 3.71 3.84
CA ARG A 20 3.55 2.26 3.87
C ARG A 20 2.24 1.73 4.43
N THR A 21 1.62 2.51 5.30
CA THR A 21 0.38 2.12 5.90
C THR A 21 -0.79 2.73 5.15
N LEU A 22 -1.78 1.91 4.85
CA LEU A 22 -2.97 2.35 4.14
C LEU A 22 -4.06 2.74 5.12
N ARG A 23 -4.40 4.01 5.15
CA ARG A 23 -5.45 4.46 6.05
C ARG A 23 -6.65 4.90 5.23
N ALA A 24 -7.78 4.24 5.45
CA ALA A 24 -9.01 4.56 4.73
C ALA A 24 -10.24 4.18 5.54
N GLU A 25 -11.39 4.66 5.09
CA GLU A 25 -12.65 4.34 5.74
C GLU A 25 -13.20 3.08 5.09
N CYS A 26 -13.16 1.99 5.83
CA CYS A 26 -13.62 0.71 5.33
C CYS A 26 -15.05 0.46 5.76
N ARG A 27 -15.91 0.13 4.81
CA ARG A 27 -17.30 -0.14 5.10
C ARG A 27 -17.43 -1.48 5.80
N ASN A 28 -17.90 -1.45 7.03
CA ASN A 28 -18.07 -2.67 7.80
C ASN A 28 -19.41 -3.32 7.46
N ALA A 29 -19.63 -4.53 7.95
CA ALA A 29 -20.87 -5.27 7.68
C ALA A 29 -22.13 -4.48 8.04
N ASP A 30 -22.01 -3.59 9.02
CA ASP A 30 -23.13 -2.77 9.46
C ASP A 30 -23.41 -1.65 8.46
N GLY A 31 -22.49 -1.48 7.53
CA GLY A 31 -22.61 -0.45 6.52
C GLY A 31 -22.06 0.86 7.02
N ASN A 32 -21.09 0.77 7.93
CA ASN A 32 -20.50 1.96 8.52
C ASN A 32 -19.07 2.15 8.05
N TRP A 33 -18.55 3.37 8.17
CA TRP A 33 -17.19 3.68 7.76
C TRP A 33 -16.25 3.70 8.95
N VAL A 34 -15.34 2.74 8.98
CA VAL A 34 -14.36 2.67 10.06
C VAL A 34 -12.96 2.87 9.51
N THR A 35 -12.19 3.74 10.16
CA THR A 35 -10.83 4.03 9.73
C THR A 35 -9.88 2.91 10.14
N SER A 36 -9.42 2.15 9.16
CA SER A 36 -8.51 1.06 9.41
C SER A 36 -7.19 1.28 8.69
N GLU A 37 -6.11 0.73 9.25
CA GLU A 37 -4.79 0.86 8.67
C GLU A 37 -4.12 -0.50 8.52
N LEU A 38 -3.35 -0.65 7.46
CA LEU A 38 -2.61 -1.88 7.20
C LEU A 38 -1.23 -1.52 6.69
N ASP A 39 -0.20 -2.10 7.30
CA ASP A 39 1.18 -1.83 6.91
C ASP A 39 1.63 -2.81 5.84
N LEU A 40 1.81 -2.32 4.62
CA LEU A 40 2.24 -3.17 3.52
C LEU A 40 3.77 -3.29 3.44
N ASP A 41 4.48 -2.41 4.13
CA ASP A 41 5.96 -2.43 4.07
C ASP A 41 6.55 -3.72 4.64
N THR A 42 5.77 -4.46 5.40
CA THR A 42 6.27 -5.70 5.97
C THR A 42 6.09 -6.84 4.97
N CYS A 43 5.50 -6.54 3.82
CA CYS A 43 5.27 -7.55 2.79
C CYS A 43 5.73 -7.06 1.41
N ILE A 44 5.95 -5.76 1.29
CA ILE A 44 6.38 -5.18 0.02
C ILE A 44 7.77 -4.57 0.18
N GLY A 45 8.63 -4.84 -0.81
CA GLY A 45 9.97 -4.31 -0.79
C GLY A 45 10.51 -4.18 -2.19
N ASN A 46 11.59 -3.42 -2.36
CA ASN A 46 12.19 -3.23 -3.68
C ASN A 46 13.67 -2.84 -3.61
N PRO A 47 14.53 -3.60 -2.90
CA PRO A 47 15.95 -3.26 -2.80
C PRO A 47 16.68 -3.47 -4.12
N ASN A 48 16.08 -4.27 -4.99
CA ASN A 48 16.66 -4.56 -6.30
C ASN A 48 16.19 -3.53 -7.33
N GLY A 49 15.33 -2.63 -6.90
CA GLY A 49 14.81 -1.61 -7.80
C GLY A 49 13.49 -1.99 -8.41
N PHE A 50 12.93 -3.12 -7.99
CA PHE A 50 11.65 -3.59 -8.50
C PHE A 50 10.68 -3.85 -7.37
N LEU A 51 9.43 -3.43 -7.56
CA LEU A 51 8.38 -3.61 -6.56
C LEU A 51 7.78 -4.99 -6.62
N GLY A 52 7.33 -5.48 -5.47
CA GLY A 52 6.72 -6.78 -5.42
C GLY A 52 6.47 -7.24 -4.00
N TRP A 53 5.76 -8.35 -3.87
CA TRP A 53 5.44 -8.90 -2.56
C TRP A 53 6.46 -9.98 -2.19
N GLY A 54 6.96 -9.92 -0.96
CA GLY A 54 7.94 -10.89 -0.52
C GLY A 54 9.04 -10.24 0.28
N MET A 55 9.46 -9.08 -0.16
CA MET A 55 10.51 -8.32 0.51
C MET A 55 9.87 -7.34 1.47
N GLN A 56 10.64 -6.44 2.08
CA GLN A 56 10.07 -5.49 3.01
C GLN A 56 10.77 -4.14 2.96
N ASN A 57 10.18 -3.16 3.64
CA ASN A 57 10.71 -1.79 3.72
C ASN A 57 10.79 -1.12 2.36
N PHE A 58 9.74 -1.29 1.54
CA PHE A 58 9.70 -0.67 0.23
C PHE A 58 9.72 0.86 0.36
N SER A 59 9.11 1.36 1.43
CA SER A 59 9.03 2.79 1.67
C SER A 59 10.40 3.40 1.89
N HIS A 60 11.29 2.64 2.53
CA HIS A 60 12.63 3.13 2.82
C HIS A 60 13.53 3.02 1.58
N SER A 61 12.99 2.43 0.52
CA SER A 61 13.75 2.26 -0.71
C SER A 61 12.97 2.79 -1.92
N SER A 62 11.99 3.67 -1.68
CA SER A 62 11.20 4.21 -2.78
C SER A 62 10.99 5.71 -2.64
N GLU A 63 10.80 6.36 -3.78
CA GLU A 63 10.57 7.80 -3.83
C GLU A 63 9.17 8.08 -4.34
N ASP A 64 8.59 9.18 -3.88
CA ASP A 64 7.25 9.63 -4.27
C ASP A 64 6.24 8.47 -4.20
N ILE A 65 5.90 8.09 -2.99
CA ILE A 65 4.96 6.99 -2.77
C ILE A 65 3.52 7.51 -2.69
N LYS A 66 2.69 7.08 -3.61
CA LYS A 66 1.29 7.49 -3.63
C LYS A 66 0.42 6.38 -4.22
N LEU A 67 -0.88 6.48 -4.01
CA LEU A 67 -1.81 5.47 -4.52
C LEU A 67 -2.30 5.85 -5.92
N GLU A 68 -2.34 4.85 -6.79
CA GLU A 68 -2.76 5.04 -8.17
C GLU A 68 -4.25 4.76 -8.36
N GLU A 69 -4.65 3.51 -8.17
CA GLU A 69 -6.05 3.11 -8.34
C GLU A 69 -6.89 3.43 -7.12
N GLY A 70 -6.71 4.64 -6.63
CA GLY A 70 -7.45 5.10 -5.46
C GLY A 70 -7.25 4.23 -4.24
N GLY A 71 -6.15 3.49 -4.22
CA GLY A 71 -5.88 2.63 -3.09
C GLY A 71 -5.73 1.17 -3.46
N ARG A 72 -6.11 0.79 -4.68
CA ARG A 72 -6.00 -0.61 -5.09
C ARG A 72 -4.67 -0.87 -5.78
N LYS A 73 -3.86 0.17 -5.86
CA LYS A 73 -2.56 0.08 -6.49
C LYS A 73 -1.69 1.20 -5.95
N LEU A 74 -0.47 0.87 -5.58
CA LEU A 74 0.47 1.83 -5.04
C LEU A 74 1.56 2.08 -6.06
N THR A 75 1.82 3.35 -6.35
CA THR A 75 2.83 3.70 -7.33
C THR A 75 3.92 4.57 -6.71
N CYS A 76 5.16 4.19 -6.96
CA CYS A 76 6.31 4.91 -6.44
C CYS A 76 7.54 4.60 -7.28
N ARG A 77 8.64 5.28 -6.99
CA ARG A 77 9.88 5.04 -7.73
C ARG A 77 10.86 4.28 -6.86
N PRO A 78 10.97 2.96 -7.06
CA PRO A 78 11.91 2.13 -6.31
C PRO A 78 13.34 2.52 -6.64
N LYS A 79 14.12 2.80 -5.60
CA LYS A 79 15.51 3.19 -5.80
C LYS A 79 16.46 2.23 -5.09
N THR A 80 17.62 1.99 -5.69
CA THR A 80 18.60 1.11 -5.11
C THR A 80 19.27 1.83 -3.95
N VAL A 81 19.56 1.08 -2.90
CA VAL A 81 20.17 1.62 -1.70
C VAL A 81 21.65 1.96 -1.92
N ASP A 82 22.19 1.50 -3.04
CA ASP A 82 23.58 1.77 -3.38
C ASP A 82 23.81 3.26 -3.59
N GLY A 83 22.77 3.95 -4.01
CA GLY A 83 22.90 5.39 -4.26
C GLY A 83 21.57 6.11 -4.30
N GLY A 84 20.49 5.37 -4.45
CA GLY A 84 19.18 5.99 -4.51
C GLY A 84 18.70 6.18 -5.93
N PHE A 85 19.30 5.44 -6.84
CA PHE A 85 18.96 5.54 -8.25
C PHE A 85 18.25 4.28 -8.72
N ARG A 86 17.38 4.41 -9.71
CA ARG A 86 16.65 3.28 -10.28
C ARG A 86 15.51 3.81 -11.17
N GLU A 87 14.45 3.02 -11.32
CA GLU A 87 13.33 3.40 -12.17
C GLU A 87 12.04 3.56 -11.36
N ARG A 88 10.98 3.99 -12.02
CA ARG A 88 9.69 4.16 -11.36
C ARG A 88 8.70 3.13 -11.88
N GLN A 89 7.76 2.74 -11.03
CA GLN A 89 6.76 1.74 -11.38
C GLN A 89 5.65 1.69 -10.33
N GLY A 90 4.90 0.60 -10.31
CA GLY A 90 3.83 0.47 -9.34
C GLY A 90 3.51 -0.97 -9.02
N ILE A 91 2.82 -1.17 -7.90
CA ILE A 91 2.43 -2.50 -7.45
C ILE A 91 0.95 -2.51 -7.08
N ASP A 92 0.24 -3.58 -7.43
CA ASP A 92 -1.17 -3.68 -7.14
C ASP A 92 -1.39 -4.15 -5.72
N LEU A 93 -2.36 -3.54 -5.05
CA LEU A 93 -2.66 -3.87 -3.67
C LEU A 93 -3.93 -4.69 -3.56
N ASN A 94 -3.99 -5.74 -4.36
CA ASN A 94 -5.13 -6.64 -4.35
C ASN A 94 -5.01 -7.66 -3.23
N ARG A 95 -3.95 -7.51 -2.44
CA ARG A 95 -3.70 -8.39 -1.30
C ARG A 95 -4.17 -7.75 -0.01
N ILE A 96 -4.65 -6.52 -0.11
CA ILE A 96 -5.13 -5.79 1.06
C ILE A 96 -6.65 -5.65 0.96
N GLN A 97 -7.35 -6.55 1.63
CA GLN A 97 -8.80 -6.56 1.61
C GLN A 97 -9.35 -6.20 2.98
N ASN A 98 -10.50 -5.55 2.99
CA ASN A 98 -11.16 -5.16 4.22
C ASN A 98 -12.18 -6.23 4.62
N VAL A 99 -11.98 -6.79 5.80
CA VAL A 99 -12.88 -7.80 6.31
C VAL A 99 -13.59 -7.29 7.55
N ASN A 100 -14.91 -7.23 7.47
CA ASN A 100 -15.75 -6.73 8.57
C ASN A 100 -15.37 -5.31 8.94
N GLY A 101 -14.85 -4.58 7.97
CA GLY A 101 -14.45 -3.20 8.19
C GLY A 101 -13.00 -3.06 8.59
N ARG A 102 -12.32 -4.16 8.85
CA ARG A 102 -10.92 -4.11 9.26
C ARG A 102 -10.01 -4.44 8.09
N LEU A 103 -8.97 -3.64 7.95
CA LEU A 103 -8.00 -3.84 6.88
C LEU A 103 -7.01 -4.93 7.29
N VAL A 104 -6.97 -6.00 6.52
CA VAL A 104 -6.07 -7.11 6.82
C VAL A 104 -5.32 -7.55 5.57
N PHE A 105 -4.04 -7.82 5.73
CA PHE A 105 -3.21 -8.28 4.62
C PHE A 105 -3.43 -9.76 4.43
N GLN A 106 -3.70 -10.14 3.19
CA GLN A 106 -3.94 -11.52 2.87
C GLN A 106 -3.59 -11.79 1.42
N MET A 4 -11.38 -9.60 -4.58
CA MET A 4 -11.58 -8.14 -4.44
C MET A 4 -10.60 -7.56 -3.44
N SER A 5 -10.53 -6.24 -3.41
CA SER A 5 -9.65 -5.54 -2.48
C SER A 5 -10.46 -4.64 -1.56
N TYR A 6 -9.83 -4.07 -0.55
CA TYR A 6 -10.51 -3.20 0.39
C TYR A 6 -11.13 -2.00 -0.32
N ALA A 7 -10.39 -1.47 -1.30
CA ALA A 7 -10.80 -0.30 -2.06
C ALA A 7 -12.16 -0.48 -2.74
N ASP A 8 -12.60 -1.72 -2.90
CA ASP A 8 -13.88 -1.98 -3.55
C ASP A 8 -15.03 -1.54 -2.64
N SER A 9 -14.74 -1.47 -1.34
CA SER A 9 -15.72 -1.04 -0.35
C SER A 9 -15.04 -0.11 0.66
N SER A 10 -14.11 0.69 0.16
CA SER A 10 -13.38 1.63 0.99
C SER A 10 -13.24 2.95 0.27
N ARG A 11 -12.95 4.01 1.00
CA ARG A 11 -12.80 5.34 0.43
C ARG A 11 -11.81 6.17 1.23
N ASN A 12 -11.37 7.27 0.64
CA ASN A 12 -10.43 8.19 1.29
C ASN A 12 -9.17 7.47 1.75
N ALA A 13 -8.54 6.75 0.83
CA ALA A 13 -7.32 6.03 1.14
C ALA A 13 -6.11 6.93 0.97
N VAL A 14 -5.40 7.16 2.06
CA VAL A 14 -4.22 8.03 2.05
C VAL A 14 -2.98 7.23 2.43
N LEU A 15 -1.83 7.83 2.24
CA LEU A 15 -0.57 7.16 2.55
C LEU A 15 0.04 7.74 3.81
N THR A 16 0.12 6.91 4.85
CA THR A 16 0.68 7.33 6.12
C THR A 16 2.02 6.65 6.38
N ASN A 17 2.78 7.20 7.33
CA ASN A 17 4.09 6.66 7.72
C ASN A 17 5.08 6.71 6.56
N GLY A 18 4.90 7.66 5.65
CA GLY A 18 5.81 7.78 4.53
C GLY A 18 5.28 7.14 3.26
N GLY A 19 4.29 6.28 3.43
CA GLY A 19 3.69 5.62 2.29
C GLY A 19 3.78 4.11 2.40
N ARG A 20 3.67 3.62 3.62
CA ARG A 20 3.74 2.19 3.88
C ARG A 20 2.44 1.70 4.50
N THR A 21 1.74 2.60 5.15
CA THR A 21 0.50 2.26 5.80
C THR A 21 -0.68 2.88 5.04
N LEU A 22 -1.72 2.08 4.85
CA LEU A 22 -2.91 2.51 4.15
C LEU A 22 -3.99 2.94 5.13
N ARG A 23 -4.33 4.22 5.14
CA ARG A 23 -5.36 4.72 6.02
C ARG A 23 -6.59 5.04 5.19
N ALA A 24 -7.70 4.35 5.47
CA ALA A 24 -8.92 4.58 4.72
C ALA A 24 -10.16 4.22 5.53
N GLU A 25 -11.32 4.61 5.02
CA GLU A 25 -12.58 4.29 5.65
C GLU A 25 -13.06 2.97 5.09
N CYS A 26 -13.05 1.95 5.91
CA CYS A 26 -13.47 0.63 5.49
C CYS A 26 -14.90 0.38 5.87
N ARG A 27 -15.74 0.08 4.90
CA ARG A 27 -17.12 -0.18 5.17
C ARG A 27 -17.28 -1.58 5.74
N ASN A 28 -17.64 -1.67 7.02
CA ASN A 28 -17.83 -2.95 7.67
C ASN A 28 -19.12 -3.58 7.21
N ALA A 29 -19.32 -4.86 7.53
CA ALA A 29 -20.51 -5.60 7.13
C ALA A 29 -21.80 -4.90 7.55
N ASP A 30 -21.74 -4.12 8.63
CA ASP A 30 -22.90 -3.42 9.14
C ASP A 30 -23.21 -2.17 8.30
N GLY A 31 -22.34 -1.90 7.34
CA GLY A 31 -22.52 -0.75 6.47
C GLY A 31 -22.04 0.51 7.13
N ASN A 32 -21.06 0.38 8.01
CA ASN A 32 -20.50 1.53 8.72
C ASN A 32 -19.07 1.77 8.26
N TRP A 33 -18.61 3.01 8.36
CA TRP A 33 -17.27 3.34 7.93
C TRP A 33 -16.32 3.43 9.11
N VAL A 34 -15.36 2.51 9.13
CA VAL A 34 -14.37 2.46 10.19
C VAL A 34 -12.98 2.78 9.64
N THR A 35 -12.27 3.67 10.30
CA THR A 35 -10.94 4.06 9.87
C THR A 35 -9.92 3.00 10.29
N SER A 36 -9.40 2.26 9.32
CA SER A 36 -8.43 1.22 9.58
C SER A 36 -7.14 1.48 8.78
N GLU A 37 -6.03 0.95 9.29
CA GLU A 37 -4.74 1.11 8.65
C GLU A 37 -4.00 -0.21 8.56
N LEU A 38 -3.47 -0.52 7.39
CA LEU A 38 -2.72 -1.76 7.19
C LEU A 38 -1.34 -1.41 6.66
N ASP A 39 -0.33 -2.00 7.27
CA ASP A 39 1.05 -1.74 6.86
C ASP A 39 1.46 -2.73 5.79
N LEU A 40 1.60 -2.24 4.57
CA LEU A 40 1.98 -3.08 3.44
C LEU A 40 3.49 -3.28 3.40
N ASP A 41 4.21 -2.43 4.12
CA ASP A 41 5.67 -2.50 4.16
C ASP A 41 6.16 -3.82 4.74
N THR A 42 5.23 -4.58 5.33
CA THR A 42 5.56 -5.86 5.92
C THR A 42 5.74 -6.93 4.86
N CYS A 43 5.12 -6.75 3.70
CA CYS A 43 5.22 -7.73 2.63
C CYS A 43 5.65 -7.09 1.30
N ILE A 44 5.70 -5.77 1.23
CA ILE A 44 6.13 -5.10 0.00
C ILE A 44 7.55 -4.60 0.16
N GLY A 45 8.39 -4.87 -0.84
CA GLY A 45 9.76 -4.43 -0.79
C GLY A 45 10.30 -4.16 -2.17
N ASN A 46 11.36 -3.38 -2.24
CA ASN A 46 11.99 -3.04 -3.52
C ASN A 46 13.40 -2.48 -3.35
N PRO A 47 14.29 -3.16 -2.58
CA PRO A 47 15.66 -2.67 -2.36
C PRO A 47 16.51 -2.73 -3.63
N ASN A 48 16.11 -3.60 -4.55
CA ASN A 48 16.82 -3.76 -5.82
C ASN A 48 16.29 -2.76 -6.84
N GLY A 49 15.13 -2.20 -6.56
CA GLY A 49 14.54 -1.26 -7.49
C GLY A 49 13.32 -1.83 -8.20
N PHE A 50 12.83 -2.96 -7.72
CA PHE A 50 11.66 -3.60 -8.31
C PHE A 50 10.60 -3.84 -7.25
N LEU A 51 9.37 -3.46 -7.56
CA LEU A 51 8.25 -3.61 -6.63
C LEU A 51 7.65 -5.00 -6.69
N GLY A 52 7.21 -5.47 -5.55
CA GLY A 52 6.58 -6.77 -5.48
C GLY A 52 6.34 -7.22 -4.07
N TRP A 53 5.59 -8.29 -3.93
CA TRP A 53 5.28 -8.83 -2.62
C TRP A 53 6.28 -9.93 -2.27
N GLY A 54 6.91 -9.79 -1.12
CA GLY A 54 7.89 -10.76 -0.68
C GLY A 54 8.91 -10.13 0.25
N MET A 55 9.50 -9.04 -0.23
CA MET A 55 10.50 -8.31 0.55
C MET A 55 9.77 -7.30 1.44
N GLN A 56 10.47 -6.60 2.31
CA GLN A 56 9.82 -5.65 3.19
C GLN A 56 10.56 -4.31 3.24
N ASN A 57 9.91 -3.32 3.85
CA ASN A 57 10.48 -1.98 4.02
C ASN A 57 10.67 -1.24 2.69
N PHE A 58 9.73 -1.42 1.78
CA PHE A 58 9.80 -0.76 0.48
C PHE A 58 9.79 0.76 0.63
N SER A 59 9.13 1.24 1.67
CA SER A 59 9.01 2.66 1.94
C SER A 59 10.38 3.35 2.04
N HIS A 60 11.36 2.65 2.60
CA HIS A 60 12.69 3.22 2.76
C HIS A 60 13.50 3.13 1.48
N SER A 61 13.08 2.25 0.58
CA SER A 61 13.76 2.07 -0.69
C SER A 61 12.94 2.68 -1.82
N SER A 62 12.03 3.58 -1.49
CA SER A 62 11.20 4.22 -2.50
C SER A 62 11.06 5.71 -2.24
N GLU A 63 10.83 6.45 -3.32
CA GLU A 63 10.65 7.89 -3.26
C GLU A 63 9.38 8.26 -4.01
N ASP A 64 8.59 9.15 -3.41
CA ASP A 64 7.32 9.61 -4.00
C ASP A 64 6.33 8.46 -4.12
N ILE A 65 5.62 8.18 -3.04
CA ILE A 65 4.63 7.12 -2.99
C ILE A 65 3.22 7.70 -3.12
N LYS A 66 2.45 7.23 -4.10
CA LYS A 66 1.11 7.73 -4.31
C LYS A 66 0.17 6.62 -4.79
N LEU A 67 -1.12 6.78 -4.53
CA LEU A 67 -2.12 5.80 -4.97
C LEU A 67 -2.81 6.31 -6.24
N GLU A 68 -2.80 5.49 -7.28
CA GLU A 68 -3.42 5.87 -8.55
C GLU A 68 -4.90 5.51 -8.57
N GLU A 69 -5.18 4.23 -8.43
CA GLU A 69 -6.54 3.72 -8.46
C GLU A 69 -7.26 3.97 -7.14
N GLY A 70 -7.01 5.13 -6.57
CA GLY A 70 -7.65 5.52 -5.31
C GLY A 70 -7.21 4.68 -4.13
N GLY A 71 -6.41 3.66 -4.38
CA GLY A 71 -5.94 2.80 -3.32
C GLY A 71 -5.78 1.37 -3.78
N ARG A 72 -6.21 1.08 -5.00
CA ARG A 72 -6.09 -0.26 -5.55
C ARG A 72 -4.67 -0.48 -6.08
N LYS A 73 -3.96 0.61 -6.30
CA LYS A 73 -2.60 0.54 -6.83
C LYS A 73 -1.73 1.62 -6.22
N LEU A 74 -0.53 1.23 -5.84
CA LEU A 74 0.43 2.14 -5.23
C LEU A 74 1.63 2.32 -6.14
N THR A 75 1.86 3.53 -6.59
CA THR A 75 2.99 3.83 -7.45
C THR A 75 4.04 4.63 -6.70
N CYS A 76 5.28 4.22 -6.87
CA CYS A 76 6.40 4.87 -6.22
C CYS A 76 7.66 4.59 -7.02
N ARG A 77 8.71 5.35 -6.77
CA ARG A 77 9.96 5.12 -7.47
C ARG A 77 10.92 4.35 -6.58
N PRO A 78 11.06 3.05 -6.82
CA PRO A 78 11.97 2.20 -6.07
C PRO A 78 13.40 2.53 -6.42
N LYS A 79 14.22 2.76 -5.42
CA LYS A 79 15.60 3.08 -5.62
C LYS A 79 16.51 2.07 -4.94
N THR A 80 17.61 1.71 -5.59
CA THR A 80 18.54 0.78 -5.00
C THR A 80 19.34 1.52 -3.95
N VAL A 81 19.44 0.95 -2.76
CA VAL A 81 20.17 1.55 -1.66
C VAL A 81 21.67 1.46 -1.88
N ASP A 82 22.06 0.77 -2.93
CA ASP A 82 23.47 0.63 -3.27
C ASP A 82 24.04 1.97 -3.71
N GLY A 83 23.24 2.75 -4.40
CA GLY A 83 23.68 4.05 -4.87
C GLY A 83 22.58 5.10 -4.87
N GLY A 84 21.33 4.67 -4.74
CA GLY A 84 20.22 5.59 -4.73
C GLY A 84 19.70 5.88 -6.11
N PHE A 85 20.08 5.03 -7.05
CA PHE A 85 19.68 5.18 -8.45
C PHE A 85 18.71 4.07 -8.81
N ARG A 86 17.77 4.35 -9.72
CA ARG A 86 16.80 3.33 -10.14
C ARG A 86 15.70 3.92 -11.03
N GLU A 87 14.59 3.21 -11.12
CA GLU A 87 13.47 3.60 -11.98
C GLU A 87 12.18 3.67 -11.15
N ARG A 88 11.10 4.15 -11.76
CA ARG A 88 9.83 4.23 -11.07
C ARG A 88 8.85 3.20 -11.64
N GLN A 89 7.91 2.78 -10.82
CA GLN A 89 6.91 1.78 -11.23
C GLN A 89 5.75 1.74 -10.22
N GLY A 90 4.88 0.76 -10.36
CA GLY A 90 3.75 0.64 -9.45
C GLY A 90 3.39 -0.79 -9.09
N ILE A 91 2.84 -0.97 -7.91
CA ILE A 91 2.43 -2.29 -7.43
C ILE A 91 0.94 -2.27 -7.08
N ASP A 92 0.24 -3.33 -7.46
CA ASP A 92 -1.17 -3.43 -7.18
C ASP A 92 -1.38 -3.89 -5.74
N LEU A 93 -2.34 -3.27 -5.06
CA LEU A 93 -2.63 -3.60 -3.67
C LEU A 93 -3.91 -4.40 -3.56
N ASN A 94 -4.08 -5.32 -4.48
CA ASN A 94 -5.26 -6.18 -4.51
C ASN A 94 -5.17 -7.26 -3.43
N ARG A 95 -4.11 -7.21 -2.63
CA ARG A 95 -3.90 -8.18 -1.56
C ARG A 95 -4.40 -7.65 -0.21
N ILE A 96 -4.80 -6.39 -0.18
CA ILE A 96 -5.28 -5.78 1.06
C ILE A 96 -6.80 -5.80 1.08
N GLN A 97 -7.36 -6.52 2.04
CA GLN A 97 -8.81 -6.65 2.15
C GLN A 97 -9.30 -6.29 3.55
N ASN A 98 -10.45 -5.66 3.60
CA ASN A 98 -11.07 -5.26 4.85
C ASN A 98 -12.08 -6.31 5.31
N VAL A 99 -11.74 -7.01 6.38
CA VAL A 99 -12.61 -8.04 6.92
C VAL A 99 -13.44 -7.47 8.07
N ASN A 100 -14.72 -7.25 7.81
CA ASN A 100 -15.65 -6.69 8.80
C ASN A 100 -15.15 -5.34 9.32
N GLY A 101 -14.56 -4.56 8.42
CA GLY A 101 -14.06 -3.25 8.77
C GLY A 101 -12.59 -3.25 9.11
N ARG A 102 -12.03 -4.40 9.47
CA ARG A 102 -10.62 -4.48 9.82
C ARG A 102 -9.79 -4.70 8.57
N LEU A 103 -8.85 -3.79 8.34
CA LEU A 103 -8.00 -3.90 7.16
C LEU A 103 -6.90 -4.92 7.44
N VAL A 104 -6.91 -6.02 6.70
CA VAL A 104 -5.93 -7.07 6.88
C VAL A 104 -5.27 -7.44 5.56
N PHE A 105 -3.98 -7.68 5.60
CA PHE A 105 -3.23 -8.07 4.41
C PHE A 105 -3.37 -9.58 4.18
N GLN A 106 -3.73 -9.95 2.98
CA GLN A 106 -3.89 -11.35 2.63
C GLN A 106 -3.01 -11.71 1.45
N MET A 4 -10.39 -8.85 -6.07
CA MET A 4 -10.88 -7.55 -5.56
C MET A 4 -10.00 -7.07 -4.42
N SER A 5 -10.03 -5.77 -4.14
CA SER A 5 -9.24 -5.20 -3.07
C SER A 5 -10.14 -4.56 -2.01
N TYR A 6 -9.54 -4.04 -0.94
CA TYR A 6 -10.28 -3.40 0.13
C TYR A 6 -11.09 -2.21 -0.38
N ALA A 7 -10.53 -1.51 -1.38
CA ALA A 7 -11.16 -0.33 -1.96
C ALA A 7 -12.57 -0.59 -2.46
N ASP A 8 -12.92 -1.86 -2.67
CA ASP A 8 -14.26 -2.23 -3.13
C ASP A 8 -15.31 -1.66 -2.18
N SER A 9 -14.99 -1.71 -0.89
CA SER A 9 -15.85 -1.20 0.15
C SER A 9 -15.08 -0.26 1.05
N SER A 10 -14.24 0.57 0.44
CA SER A 10 -13.41 1.51 1.18
C SER A 10 -13.17 2.77 0.34
N ARG A 11 -13.04 3.91 1.01
CA ARG A 11 -12.83 5.17 0.32
C ARG A 11 -11.89 6.06 1.13
N ASN A 12 -11.35 7.08 0.47
CA ASN A 12 -10.43 8.04 1.10
C ASN A 12 -9.14 7.36 1.55
N ALA A 13 -8.54 6.60 0.64
CA ALA A 13 -7.30 5.91 0.95
C ALA A 13 -6.13 6.87 0.88
N VAL A 14 -5.47 7.05 2.00
CA VAL A 14 -4.34 7.95 2.09
C VAL A 14 -3.09 7.17 2.51
N LEU A 15 -1.94 7.82 2.39
CA LEU A 15 -0.68 7.19 2.74
C LEU A 15 -0.19 7.76 4.07
N THR A 16 -0.14 6.90 5.08
CA THR A 16 0.29 7.32 6.39
C THR A 16 1.63 6.69 6.77
N ASN A 17 2.23 7.22 7.82
CA ASN A 17 3.52 6.73 8.32
C ASN A 17 4.60 6.86 7.27
N GLY A 18 4.61 7.98 6.58
CA GLY A 18 5.60 8.21 5.55
C GLY A 18 5.05 7.90 4.18
N GLY A 19 4.43 6.74 4.08
CA GLY A 19 3.85 6.29 2.84
C GLY A 19 3.97 4.79 2.73
N ARG A 20 3.59 4.11 3.81
CA ARG A 20 3.67 2.67 3.86
C ARG A 20 2.39 2.07 4.42
N THR A 21 1.67 2.85 5.21
CA THR A 21 0.43 2.40 5.80
C THR A 21 -0.76 2.93 5.03
N LEU A 22 -1.71 2.05 4.75
CA LEU A 22 -2.91 2.43 4.04
C LEU A 22 -4.01 2.80 5.00
N ARG A 23 -4.37 4.07 5.03
CA ARG A 23 -5.42 4.52 5.91
C ARG A 23 -6.63 4.92 5.07
N ALA A 24 -7.76 4.26 5.31
CA ALA A 24 -8.96 4.55 4.55
C ALA A 24 -10.22 4.22 5.34
N GLU A 25 -11.36 4.69 4.85
CA GLU A 25 -12.63 4.43 5.48
C GLU A 25 -13.20 3.16 4.88
N CYS A 26 -13.19 2.08 5.65
CA CYS A 26 -13.71 0.81 5.19
C CYS A 26 -15.11 0.58 5.72
N ARG A 27 -16.01 0.17 4.83
CA ARG A 27 -17.37 -0.08 5.24
C ARG A 27 -17.49 -1.46 5.87
N ASN A 28 -17.89 -1.46 7.13
CA ASN A 28 -18.05 -2.70 7.88
C ASN A 28 -19.39 -3.34 7.52
N ALA A 29 -19.53 -4.62 7.90
CA ALA A 29 -20.75 -5.39 7.61
C ALA A 29 -21.99 -4.75 8.23
N ASP A 30 -21.77 -3.88 9.21
CA ASP A 30 -22.86 -3.17 9.88
C ASP A 30 -23.39 -2.06 8.97
N GLY A 31 -22.63 -1.76 7.93
CA GLY A 31 -23.01 -0.75 6.98
C GLY A 31 -22.49 0.62 7.34
N ASN A 32 -21.40 0.66 8.12
CA ASN A 32 -20.80 1.92 8.55
C ASN A 32 -19.35 2.03 8.14
N TRP A 33 -18.84 3.25 8.08
CA TRP A 33 -17.45 3.50 7.69
C TRP A 33 -16.53 3.49 8.91
N VAL A 34 -15.44 2.74 8.83
CA VAL A 34 -14.47 2.67 9.90
C VAL A 34 -13.06 2.92 9.37
N THR A 35 -12.29 3.70 10.09
CA THR A 35 -10.92 4.00 9.68
C THR A 35 -9.99 2.84 10.02
N SER A 36 -9.52 2.16 8.98
CA SER A 36 -8.63 1.01 9.16
C SER A 36 -7.28 1.29 8.51
N GLU A 37 -6.24 0.66 9.03
CA GLU A 37 -4.88 0.83 8.49
C GLU A 37 -4.20 -0.52 8.30
N LEU A 38 -3.25 -0.55 7.38
CA LEU A 38 -2.48 -1.76 7.10
C LEU A 38 -1.10 -1.35 6.61
N ASP A 39 -0.07 -1.87 7.25
CA ASP A 39 1.31 -1.55 6.86
C ASP A 39 1.77 -2.53 5.80
N LEU A 40 1.92 -2.05 4.58
CA LEU A 40 2.35 -2.89 3.47
C LEU A 40 3.87 -3.05 3.45
N ASP A 41 4.56 -2.23 4.24
CA ASP A 41 6.03 -2.28 4.31
C ASP A 41 6.51 -3.59 4.91
N THR A 42 5.56 -4.39 5.37
CA THR A 42 5.87 -5.67 5.99
C THR A 42 6.01 -6.78 4.95
N CYS A 43 5.35 -6.63 3.80
CA CYS A 43 5.41 -7.66 2.77
C CYS A 43 5.83 -7.09 1.41
N ILE A 44 6.02 -5.78 1.34
CA ILE A 44 6.43 -5.16 0.08
C ILE A 44 7.87 -4.63 0.21
N GLY A 45 8.68 -4.91 -0.80
CA GLY A 45 10.06 -4.45 -0.80
C GLY A 45 10.56 -4.17 -2.20
N ASN A 46 11.60 -3.36 -2.31
CA ASN A 46 12.18 -3.02 -3.61
C ASN A 46 13.64 -2.55 -3.53
N PRO A 47 14.53 -3.25 -2.78
CA PRO A 47 15.92 -2.85 -2.65
C PRO A 47 16.67 -2.99 -3.98
N ASN A 48 16.10 -3.80 -4.87
CA ASN A 48 16.69 -4.04 -6.18
C ASN A 48 16.19 -3.01 -7.19
N GLY A 49 15.21 -2.21 -6.77
CA GLY A 49 14.66 -1.21 -7.66
C GLY A 49 13.37 -1.67 -8.32
N PHE A 50 12.86 -2.82 -7.89
CA PHE A 50 11.64 -3.34 -8.45
C PHE A 50 10.63 -3.63 -7.34
N LEU A 51 9.39 -3.23 -7.57
CA LEU A 51 8.33 -3.39 -6.59
C LEU A 51 7.71 -4.79 -6.65
N GLY A 52 7.38 -5.33 -5.49
CA GLY A 52 6.78 -6.64 -5.44
C GLY A 52 6.55 -7.12 -4.02
N TRP A 53 5.79 -8.20 -3.89
CA TRP A 53 5.50 -8.76 -2.58
C TRP A 53 6.47 -9.90 -2.27
N GLY A 54 6.99 -9.91 -1.05
CA GLY A 54 7.91 -10.94 -0.64
C GLY A 54 8.93 -10.42 0.33
N MET A 55 9.58 -9.34 -0.05
CA MET A 55 10.58 -8.71 0.79
C MET A 55 9.88 -7.58 1.54
N GLN A 56 10.55 -6.94 2.49
CA GLN A 56 9.90 -5.88 3.25
C GLN A 56 10.69 -4.59 3.16
N ASN A 57 10.09 -3.53 3.72
CA ASN A 57 10.69 -2.21 3.76
C ASN A 57 10.84 -1.60 2.37
N PHE A 58 9.70 -1.37 1.72
CA PHE A 58 9.69 -0.79 0.39
C PHE A 58 9.69 0.73 0.48
N SER A 59 9.00 1.25 1.48
CA SER A 59 8.90 2.68 1.70
C SER A 59 10.26 3.28 2.01
N HIS A 60 11.12 2.46 2.58
CA HIS A 60 12.46 2.89 2.96
C HIS A 60 13.39 2.97 1.74
N SER A 61 12.96 2.43 0.61
CA SER A 61 13.77 2.47 -0.59
C SER A 61 12.99 3.01 -1.78
N SER A 62 11.99 3.83 -1.50
CA SER A 62 11.19 4.41 -2.57
C SER A 62 11.00 5.90 -2.37
N GLU A 63 10.84 6.61 -3.48
CA GLU A 63 10.65 8.05 -3.46
C GLU A 63 9.30 8.41 -4.08
N ASP A 64 8.57 9.30 -3.42
CA ASP A 64 7.25 9.77 -3.86
C ASP A 64 6.27 8.61 -3.96
N ILE A 65 5.66 8.29 -2.83
CA ILE A 65 4.70 7.20 -2.74
C ILE A 65 3.27 7.73 -2.75
N LYS A 66 2.51 7.35 -3.77
CA LYS A 66 1.12 7.78 -3.88
C LYS A 66 0.28 6.67 -4.49
N LEU A 67 -1.00 6.62 -4.13
CA LEU A 67 -1.91 5.60 -4.64
C LEU A 67 -2.47 5.99 -6.01
N GLU A 68 -2.24 5.10 -6.98
CA GLU A 68 -2.68 5.31 -8.36
C GLU A 68 -4.17 5.04 -8.54
N GLU A 69 -4.58 3.81 -8.28
CA GLU A 69 -5.99 3.41 -8.43
C GLU A 69 -6.81 3.84 -7.23
N GLY A 70 -6.46 4.99 -6.70
CA GLY A 70 -7.17 5.53 -5.55
C GLY A 70 -7.00 4.69 -4.31
N GLY A 71 -6.09 3.72 -4.36
CA GLY A 71 -5.85 2.87 -3.22
C GLY A 71 -5.69 1.42 -3.60
N ARG A 72 -6.11 1.05 -4.81
CA ARG A 72 -6.00 -0.34 -5.25
C ARG A 72 -4.61 -0.63 -5.79
N LYS A 73 -3.83 0.44 -5.96
CA LYS A 73 -2.47 0.30 -6.48
C LYS A 73 -1.61 1.42 -5.92
N LEU A 74 -0.39 1.06 -5.55
CA LEU A 74 0.55 2.01 -4.99
C LEU A 74 1.64 2.31 -5.99
N THR A 75 1.85 3.58 -6.27
CA THR A 75 2.88 4.00 -7.21
C THR A 75 3.94 4.83 -6.53
N CYS A 76 5.19 4.48 -6.79
CA CYS A 76 6.32 5.17 -6.21
C CYS A 76 7.55 4.90 -7.04
N ARG A 77 8.66 5.52 -6.70
CA ARG A 77 9.88 5.29 -7.44
C ARG A 77 10.85 4.46 -6.61
N PRO A 78 10.90 3.14 -6.88
CA PRO A 78 11.80 2.24 -6.18
C PRO A 78 13.24 2.50 -6.57
N LYS A 79 14.09 2.73 -5.59
CA LYS A 79 15.48 3.01 -5.85
C LYS A 79 16.39 1.99 -5.17
N THR A 80 17.44 1.58 -5.88
CA THR A 80 18.37 0.62 -5.34
C THR A 80 19.23 1.28 -4.27
N VAL A 81 19.41 0.59 -3.16
CA VAL A 81 20.20 1.11 -2.05
C VAL A 81 21.70 1.03 -2.33
N ASP A 82 22.05 0.35 -3.42
CA ASP A 82 23.45 0.21 -3.80
C ASP A 82 24.02 1.54 -4.24
N GLY A 83 23.17 2.39 -4.80
CA GLY A 83 23.62 3.70 -5.24
C GLY A 83 22.57 4.78 -5.08
N GLY A 84 21.31 4.38 -4.95
CA GLY A 84 20.24 5.35 -4.78
C GLY A 84 19.62 5.71 -6.11
N PHE A 85 19.91 4.93 -7.12
CA PHE A 85 19.41 5.18 -8.48
C PHE A 85 18.43 4.10 -8.88
N ARG A 86 17.56 4.40 -9.85
CA ARG A 86 16.58 3.42 -10.34
C ARG A 86 15.49 4.06 -11.19
N GLU A 87 14.36 3.37 -11.27
CA GLU A 87 13.22 3.81 -12.08
C GLU A 87 11.97 3.92 -11.22
N ARG A 88 10.88 4.39 -11.82
CA ARG A 88 9.61 4.50 -11.11
C ARG A 88 8.76 3.29 -11.46
N GLN A 89 7.84 2.92 -10.58
CA GLN A 89 7.00 1.74 -10.83
C GLN A 89 5.74 1.75 -9.96
N GLY A 90 4.84 0.81 -10.22
CA GLY A 90 3.62 0.70 -9.46
C GLY A 90 3.34 -0.74 -9.07
N ILE A 91 2.90 -0.94 -7.84
CA ILE A 91 2.59 -2.27 -7.34
C ILE A 91 1.11 -2.35 -6.95
N ASP A 92 0.46 -3.43 -7.36
CA ASP A 92 -0.94 -3.63 -7.08
C ASP A 92 -1.17 -4.03 -5.63
N LEU A 93 -2.19 -3.45 -5.01
CA LEU A 93 -2.51 -3.72 -3.62
C LEU A 93 -3.74 -4.59 -3.49
N ASN A 94 -3.85 -5.56 -4.38
CA ASN A 94 -4.99 -6.48 -4.37
C ASN A 94 -4.86 -7.47 -3.22
N ARG A 95 -3.76 -7.36 -2.49
CA ARG A 95 -3.50 -8.23 -1.36
C ARG A 95 -4.02 -7.60 -0.07
N ILE A 96 -4.46 -6.35 -0.17
CA ILE A 96 -4.96 -5.65 1.00
C ILE A 96 -6.47 -5.57 0.93
N GLN A 97 -7.14 -6.26 1.83
CA GLN A 97 -8.59 -6.28 1.87
C GLN A 97 -9.12 -6.05 3.27
N ASN A 98 -10.37 -5.62 3.36
CA ASN A 98 -11.01 -5.37 4.63
C ASN A 98 -11.99 -6.50 4.95
N VAL A 99 -11.94 -7.00 6.18
CA VAL A 99 -12.80 -8.08 6.60
C VAL A 99 -13.76 -7.57 7.67
N ASN A 100 -15.00 -7.36 7.30
CA ASN A 100 -16.01 -6.84 8.24
C ASN A 100 -15.62 -5.46 8.75
N GLY A 101 -14.86 -4.73 7.96
CA GLY A 101 -14.45 -3.40 8.35
C GLY A 101 -12.96 -3.23 8.59
N ARG A 102 -12.30 -4.25 9.14
CA ARG A 102 -10.87 -4.14 9.44
C ARG A 102 -9.98 -4.50 8.26
N LEU A 103 -8.93 -3.73 8.07
CA LEU A 103 -7.99 -3.96 6.99
C LEU A 103 -7.01 -5.05 7.37
N VAL A 104 -7.00 -6.13 6.59
CA VAL A 104 -6.13 -7.27 6.85
C VAL A 104 -5.33 -7.62 5.60
N PHE A 105 -4.08 -7.99 5.78
CA PHE A 105 -3.24 -8.39 4.66
C PHE A 105 -3.54 -9.83 4.27
N GLN A 106 -3.72 -10.04 2.97
CA GLN A 106 -4.00 -11.37 2.46
C GLN A 106 -2.88 -11.81 1.52
N MET A 4 -11.85 -8.17 -6.13
CA MET A 4 -12.20 -6.97 -5.32
C MET A 4 -11.24 -6.80 -4.16
N SER A 5 -10.81 -5.57 -3.93
CA SER A 5 -9.89 -5.26 -2.85
C SER A 5 -10.58 -4.39 -1.81
N TYR A 6 -9.86 -4.00 -0.76
CA TYR A 6 -10.44 -3.17 0.30
C TYR A 6 -11.06 -1.89 -0.26
N ALA A 7 -10.38 -1.26 -1.22
CA ALA A 7 -10.83 -0.01 -1.82
C ALA A 7 -12.18 -0.16 -2.53
N ASP A 8 -12.57 -1.39 -2.84
CA ASP A 8 -13.83 -1.65 -3.50
C ASP A 8 -15.00 -1.25 -2.61
N SER A 9 -14.73 -1.20 -1.32
CA SER A 9 -15.72 -0.82 -0.33
C SER A 9 -15.06 0.04 0.75
N SER A 10 -14.17 0.90 0.30
CA SER A 10 -13.44 1.80 1.18
C SER A 10 -13.21 3.11 0.43
N ARG A 11 -13.04 4.19 1.17
CA ARG A 11 -12.82 5.50 0.55
C ARG A 11 -11.79 6.31 1.33
N ASN A 12 -11.29 7.36 0.67
CA ASN A 12 -10.31 8.26 1.26
C ASN A 12 -9.05 7.52 1.70
N ALA A 13 -8.49 6.73 0.80
CA ALA A 13 -7.28 5.98 1.10
C ALA A 13 -6.06 6.87 0.93
N VAL A 14 -5.35 7.07 2.03
CA VAL A 14 -4.15 7.89 2.04
C VAL A 14 -2.94 7.08 2.46
N LEU A 15 -1.77 7.66 2.31
CA LEU A 15 -0.53 6.98 2.65
C LEU A 15 0.02 7.55 3.95
N THR A 16 0.07 6.73 4.97
CA THR A 16 0.56 7.16 6.27
C THR A 16 1.89 6.50 6.62
N ASN A 17 2.52 7.00 7.68
CA ASN A 17 3.79 6.48 8.18
C ASN A 17 4.92 6.63 7.17
N GLY A 18 4.81 7.62 6.30
CA GLY A 18 5.84 7.85 5.30
C GLY A 18 5.45 7.33 3.93
N GLY A 19 4.42 6.50 3.90
CA GLY A 19 3.96 5.92 2.67
C GLY A 19 4.11 4.43 2.67
N ARG A 20 3.74 3.83 3.79
CA ARG A 20 3.84 2.40 3.95
C ARG A 20 2.54 1.81 4.48
N THR A 21 1.82 2.60 5.25
CA THR A 21 0.58 2.16 5.82
C THR A 21 -0.60 2.78 5.08
N LEU A 22 -1.60 1.96 4.79
CA LEU A 22 -2.79 2.41 4.09
C LEU A 22 -3.87 2.82 5.08
N ARG A 23 -4.25 4.09 5.05
CA ARG A 23 -5.29 4.57 5.94
C ARG A 23 -6.51 4.97 5.11
N ALA A 24 -7.64 4.34 5.38
CA ALA A 24 -8.86 4.63 4.65
C ALA A 24 -10.10 4.30 5.48
N GLU A 25 -11.24 4.77 5.01
CA GLU A 25 -12.51 4.50 5.65
C GLU A 25 -13.07 3.24 5.04
N CYS A 26 -13.07 2.16 5.80
CA CYS A 26 -13.55 0.88 5.29
C CYS A 26 -14.97 0.60 5.75
N ARG A 27 -15.80 0.15 4.83
CA ARG A 27 -17.18 -0.17 5.14
C ARG A 27 -17.26 -1.54 5.80
N ASN A 28 -17.69 -1.57 7.05
CA ASN A 28 -17.80 -2.82 7.78
C ASN A 28 -19.08 -3.54 7.41
N ALA A 29 -19.18 -4.81 7.81
CA ALA A 29 -20.35 -5.65 7.50
C ALA A 29 -21.68 -4.99 7.89
N ASP A 30 -21.65 -4.19 8.95
CA ASP A 30 -22.85 -3.52 9.44
C ASP A 30 -23.27 -2.40 8.48
N GLY A 31 -22.38 -2.05 7.57
CA GLY A 31 -22.66 -1.02 6.61
C GLY A 31 -22.24 0.34 7.12
N ASN A 32 -21.23 0.36 7.96
CA ASN A 32 -20.73 1.60 8.53
C ASN A 32 -19.27 1.82 8.17
N TRP A 33 -18.83 3.07 8.22
CA TRP A 33 -17.45 3.40 7.89
C TRP A 33 -16.55 3.34 9.12
N VAL A 34 -15.43 2.67 8.99
CA VAL A 34 -14.46 2.56 10.06
C VAL A 34 -13.06 2.83 9.53
N THR A 35 -12.33 3.70 10.21
CA THR A 35 -10.98 4.05 9.80
C THR A 35 -10.01 2.94 10.18
N SER A 36 -9.46 2.28 9.18
CA SER A 36 -8.52 1.20 9.42
C SER A 36 -7.20 1.45 8.69
N GLU A 37 -6.15 0.77 9.14
CA GLU A 37 -4.83 0.92 8.55
C GLU A 37 -4.13 -0.43 8.43
N LEU A 38 -3.37 -0.60 7.36
CA LEU A 38 -2.61 -1.82 7.13
C LEU A 38 -1.24 -1.43 6.59
N ASP A 39 -0.20 -1.94 7.21
CA ASP A 39 1.16 -1.61 6.78
C ASP A 39 1.65 -2.62 5.74
N LEU A 40 1.77 -2.17 4.52
CA LEU A 40 2.23 -3.02 3.43
C LEU A 40 3.75 -3.16 3.42
N ASP A 41 4.44 -2.29 4.15
CA ASP A 41 5.91 -2.32 4.20
C ASP A 41 6.40 -3.63 4.79
N THR A 42 5.49 -4.33 5.45
CA THR A 42 5.80 -5.60 6.07
C THR A 42 5.83 -6.74 5.06
N CYS A 43 5.14 -6.55 3.93
CA CYS A 43 5.05 -7.60 2.91
C CYS A 43 5.56 -7.14 1.54
N ILE A 44 5.83 -5.85 1.40
CA ILE A 44 6.33 -5.33 0.13
C ILE A 44 7.77 -4.87 0.28
N GLY A 45 8.60 -5.24 -0.69
CA GLY A 45 10.00 -4.85 -0.66
C GLY A 45 10.51 -4.49 -2.03
N ASN A 46 11.51 -3.61 -2.07
CA ASN A 46 12.09 -3.18 -3.35
C ASN A 46 13.49 -2.56 -3.19
N PRO A 47 14.41 -3.22 -2.46
CA PRO A 47 15.77 -2.68 -2.25
C PRO A 47 16.58 -2.67 -3.55
N ASN A 48 16.13 -3.46 -4.50
CA ASN A 48 16.78 -3.57 -5.80
C ASN A 48 16.18 -2.60 -6.80
N GLY A 49 15.10 -1.94 -6.42
CA GLY A 49 14.47 -1.01 -7.32
C GLY A 49 13.24 -1.58 -7.99
N PHE A 50 12.79 -2.75 -7.54
CA PHE A 50 11.62 -3.40 -8.12
C PHE A 50 10.60 -3.71 -7.05
N LEU A 51 9.37 -3.28 -7.30
CA LEU A 51 8.27 -3.46 -6.36
C LEU A 51 7.64 -4.83 -6.48
N GLY A 52 7.33 -5.44 -5.34
CA GLY A 52 6.71 -6.74 -5.33
C GLY A 52 6.43 -7.22 -3.93
N TRP A 53 5.69 -8.31 -3.82
CA TRP A 53 5.36 -8.88 -2.52
C TRP A 53 6.33 -9.98 -2.16
N GLY A 54 6.79 -9.97 -0.91
CA GLY A 54 7.73 -10.96 -0.45
C GLY A 54 8.67 -10.40 0.58
N MET A 55 9.52 -9.48 0.15
CA MET A 55 10.48 -8.84 1.04
C MET A 55 9.76 -7.74 1.81
N GLN A 56 10.46 -7.03 2.68
CA GLN A 56 9.85 -5.97 3.45
C GLN A 56 10.67 -4.69 3.39
N ASN A 57 10.06 -3.60 3.86
CA ASN A 57 10.71 -2.28 3.90
C ASN A 57 10.89 -1.70 2.51
N PHE A 58 9.79 -1.49 1.80
CA PHE A 58 9.85 -0.93 0.46
C PHE A 58 9.84 0.59 0.52
N SER A 59 9.08 1.14 1.46
CA SER A 59 8.96 2.58 1.61
C SER A 59 10.31 3.19 2.02
N HIS A 60 11.14 2.34 2.59
CA HIS A 60 12.45 2.75 3.06
C HIS A 60 13.42 2.91 1.90
N SER A 61 13.01 2.44 0.72
CA SER A 61 13.82 2.53 -0.48
C SER A 61 12.98 3.02 -1.65
N SER A 62 12.01 3.89 -1.36
CA SER A 62 11.14 4.43 -2.39
C SER A 62 10.92 5.93 -2.23
N GLU A 63 10.62 6.59 -3.33
CA GLU A 63 10.37 8.01 -3.36
C GLU A 63 9.08 8.30 -4.14
N ASP A 64 8.35 9.33 -3.72
CA ASP A 64 7.10 9.72 -4.38
C ASP A 64 6.10 8.57 -4.37
N ILE A 65 5.63 8.22 -3.19
CA ILE A 65 4.67 7.14 -3.03
C ILE A 65 3.25 7.68 -3.02
N LYS A 66 2.47 7.31 -4.04
CA LYS A 66 1.10 7.78 -4.14
C LYS A 66 0.21 6.69 -4.75
N LEU A 67 -1.04 6.65 -4.34
CA LEU A 67 -1.98 5.67 -4.84
C LEU A 67 -2.59 6.13 -6.17
N GLU A 68 -2.76 5.19 -7.09
CA GLU A 68 -3.29 5.51 -8.40
C GLU A 68 -4.76 5.11 -8.54
N GLU A 69 -5.08 3.84 -8.26
CA GLU A 69 -6.46 3.36 -8.37
C GLU A 69 -7.24 3.65 -7.10
N GLY A 70 -6.95 4.80 -6.52
CA GLY A 70 -7.62 5.22 -5.30
C GLY A 70 -7.21 4.40 -4.09
N GLY A 71 -6.35 3.41 -4.31
CA GLY A 71 -5.92 2.56 -3.21
C GLY A 71 -5.66 1.12 -3.62
N ARG A 72 -6.09 0.74 -4.82
CA ARG A 72 -5.89 -0.63 -5.29
C ARG A 72 -4.62 -0.74 -6.13
N LYS A 73 -3.90 0.36 -6.23
CA LYS A 73 -2.66 0.42 -6.99
C LYS A 73 -1.74 1.46 -6.39
N LEU A 74 -0.57 1.04 -5.96
CA LEU A 74 0.39 1.95 -5.35
C LEU A 74 1.50 2.25 -6.34
N THR A 75 1.66 3.52 -6.67
CA THR A 75 2.70 3.93 -7.60
C THR A 75 3.74 4.79 -6.90
N CYS A 76 5.01 4.48 -7.16
CA CYS A 76 6.10 5.20 -6.55
C CYS A 76 7.37 5.00 -7.36
N ARG A 77 8.42 5.66 -6.97
CA ARG A 77 9.69 5.52 -7.66
C ARG A 77 10.67 4.79 -6.76
N PRO A 78 10.80 3.48 -6.98
CA PRO A 78 11.71 2.63 -6.21
C PRO A 78 13.17 2.91 -6.55
N LYS A 79 14.00 3.02 -5.53
CA LYS A 79 15.42 3.27 -5.72
C LYS A 79 16.27 2.17 -5.10
N THR A 80 17.38 1.83 -5.76
CA THR A 80 18.27 0.81 -5.24
C THR A 80 19.15 1.41 -4.17
N VAL A 81 19.34 0.65 -3.09
CA VAL A 81 20.17 1.08 -1.97
C VAL A 81 21.65 0.95 -2.27
N ASP A 82 21.97 0.40 -3.44
CA ASP A 82 23.35 0.25 -3.85
C ASP A 82 23.96 1.61 -4.17
N GLY A 83 23.13 2.50 -4.71
CA GLY A 83 23.61 3.83 -5.04
C GLY A 83 22.56 4.90 -4.90
N GLY A 84 21.30 4.51 -4.84
CA GLY A 84 20.22 5.47 -4.70
C GLY A 84 19.66 5.85 -6.05
N PHE A 85 19.97 5.04 -7.05
CA PHE A 85 19.51 5.29 -8.41
C PHE A 85 18.50 4.24 -8.81
N ARG A 86 17.61 4.55 -9.75
CA ARG A 86 16.62 3.58 -10.20
C ARG A 86 15.56 4.22 -11.09
N GLU A 87 14.42 3.55 -11.22
CA GLU A 87 13.32 3.99 -12.08
C GLU A 87 12.04 4.11 -11.28
N ARG A 88 10.94 4.39 -11.98
CA ARG A 88 9.63 4.48 -11.33
C ARG A 88 8.89 3.17 -11.57
N GLN A 89 7.93 2.85 -10.70
CA GLN A 89 7.18 1.60 -10.84
C GLN A 89 5.89 1.60 -10.01
N GLY A 90 5.01 0.65 -10.29
CA GLY A 90 3.77 0.55 -9.57
C GLY A 90 3.47 -0.88 -9.16
N ILE A 91 2.88 -1.05 -8.00
CA ILE A 91 2.53 -2.39 -7.50
C ILE A 91 1.03 -2.45 -7.19
N ASP A 92 0.43 -3.58 -7.55
CA ASP A 92 -1.00 -3.78 -7.32
C ASP A 92 -1.26 -4.15 -5.87
N LEU A 93 -2.20 -3.46 -5.24
CA LEU A 93 -2.53 -3.72 -3.85
C LEU A 93 -3.79 -4.56 -3.77
N ASN A 94 -3.80 -5.60 -4.59
CA ASN A 94 -4.93 -6.52 -4.65
C ASN A 94 -4.87 -7.51 -3.49
N ARG A 95 -3.88 -7.33 -2.63
CA ARG A 95 -3.68 -8.20 -1.48
C ARG A 95 -4.18 -7.58 -0.19
N ILE A 96 -4.71 -6.38 -0.26
CA ILE A 96 -5.21 -5.72 0.94
C ILE A 96 -6.73 -5.72 0.93
N GLN A 97 -7.33 -6.42 1.89
CA GLN A 97 -8.77 -6.53 1.99
C GLN A 97 -9.26 -6.11 3.37
N ASN A 98 -10.43 -5.49 3.40
CA ASN A 98 -11.03 -5.06 4.65
C ASN A 98 -12.03 -6.11 5.15
N VAL A 99 -11.61 -6.89 6.13
CA VAL A 99 -12.45 -7.92 6.70
C VAL A 99 -13.32 -7.32 7.80
N ASN A 100 -14.61 -7.19 7.54
CA ASN A 100 -15.56 -6.61 8.50
C ASN A 100 -15.13 -5.19 8.87
N GLY A 101 -14.51 -4.50 7.92
CA GLY A 101 -14.07 -3.14 8.17
C GLY A 101 -12.62 -3.07 8.61
N ARG A 102 -12.08 -4.19 9.08
CA ARG A 102 -10.69 -4.21 9.55
C ARG A 102 -9.77 -4.48 8.36
N LEU A 103 -8.81 -3.60 8.15
CA LEU A 103 -7.88 -3.77 7.05
C LEU A 103 -6.86 -4.85 7.39
N VAL A 104 -6.88 -5.93 6.63
CA VAL A 104 -5.97 -7.05 6.85
C VAL A 104 -5.28 -7.46 5.57
N PHE A 105 -4.02 -7.84 5.66
CA PHE A 105 -3.26 -8.29 4.50
C PHE A 105 -3.63 -9.73 4.18
N GLN A 106 -3.84 -10.00 2.91
CA GLN A 106 -4.19 -11.33 2.46
C GLN A 106 -3.17 -11.82 1.44
N MET A 4 -9.91 -7.85 -6.46
CA MET A 4 -10.72 -7.03 -5.52
C MET A 4 -9.90 -6.64 -4.31
N SER A 5 -9.88 -5.36 -4.01
CA SER A 5 -9.15 -4.84 -2.88
C SER A 5 -10.08 -4.19 -1.89
N TYR A 6 -9.53 -3.70 -0.79
CA TYR A 6 -10.32 -3.01 0.23
C TYR A 6 -11.05 -1.81 -0.39
N ALA A 7 -10.40 -1.19 -1.37
CA ALA A 7 -10.95 -0.01 -2.06
C ALA A 7 -12.30 -0.29 -2.69
N ASP A 8 -12.59 -1.56 -2.98
CA ASP A 8 -13.85 -1.93 -3.58
C ASP A 8 -15.02 -1.64 -2.64
N SER A 9 -14.69 -1.44 -1.37
CA SER A 9 -15.69 -1.12 -0.36
C SER A 9 -15.08 -0.19 0.69
N SER A 10 -14.22 0.70 0.22
CA SER A 10 -13.55 1.67 1.09
C SER A 10 -13.35 2.98 0.34
N ARG A 11 -13.07 4.03 1.08
CA ARG A 11 -12.87 5.36 0.49
C ARG A 11 -11.87 6.16 1.30
N ASN A 12 -11.36 7.24 0.71
CA ASN A 12 -10.39 8.12 1.36
C ASN A 12 -9.13 7.37 1.75
N ALA A 13 -8.56 6.67 0.77
CA ALA A 13 -7.34 5.92 1.01
C ALA A 13 -6.12 6.82 0.87
N VAL A 14 -5.38 6.97 1.96
CA VAL A 14 -4.20 7.80 1.98
C VAL A 14 -2.99 7.00 2.41
N LEU A 15 -1.80 7.58 2.26
CA LEU A 15 -0.57 6.91 2.62
C LEU A 15 -0.04 7.50 3.92
N THR A 16 -0.01 6.68 4.96
CA THR A 16 0.46 7.13 6.26
C THR A 16 1.82 6.53 6.59
N ASN A 17 2.44 7.06 7.64
CA ASN A 17 3.74 6.62 8.10
C ASN A 17 4.80 6.80 7.02
N GLY A 18 4.71 7.93 6.31
CA GLY A 18 5.66 8.22 5.24
C GLY A 18 5.21 7.69 3.89
N GLY A 19 4.50 6.57 3.92
CA GLY A 19 4.03 5.95 2.70
C GLY A 19 4.22 4.46 2.74
N ARG A 20 3.65 3.83 3.75
CA ARG A 20 3.77 2.39 3.92
C ARG A 20 2.47 1.80 4.46
N THR A 21 1.76 2.58 5.25
CA THR A 21 0.51 2.14 5.84
C THR A 21 -0.67 2.72 5.08
N LEU A 22 -1.67 1.88 4.83
CA LEU A 22 -2.87 2.32 4.13
C LEU A 22 -3.95 2.73 5.12
N ARG A 23 -4.35 3.99 5.08
CA ARG A 23 -5.39 4.48 5.96
C ARG A 23 -6.61 4.88 5.12
N ALA A 24 -7.74 4.24 5.38
CA ALA A 24 -8.95 4.52 4.63
C ALA A 24 -10.19 4.20 5.44
N GLU A 25 -11.34 4.63 4.95
CA GLU A 25 -12.61 4.34 5.61
C GLU A 25 -13.10 3.01 5.10
N CYS A 26 -13.00 1.99 5.94
CA CYS A 26 -13.39 0.66 5.54
C CYS A 26 -14.83 0.39 5.94
N ARG A 27 -15.65 0.08 4.95
CA ARG A 27 -17.05 -0.21 5.20
C ARG A 27 -17.17 -1.54 5.93
N ASN A 28 -17.63 -1.49 7.18
CA ASN A 28 -17.78 -2.70 7.98
C ASN A 28 -19.06 -3.42 7.59
N ALA A 29 -19.25 -4.63 8.09
CA ALA A 29 -20.41 -5.46 7.79
C ALA A 29 -21.73 -4.75 8.12
N ASP A 30 -21.70 -3.84 9.08
CA ASP A 30 -22.89 -3.11 9.48
C ASP A 30 -23.17 -1.96 8.51
N GLY A 31 -22.30 -1.82 7.52
CA GLY A 31 -22.44 -0.78 6.53
C GLY A 31 -21.95 0.56 7.03
N ASN A 32 -20.99 0.54 7.95
CA ASN A 32 -20.46 1.78 8.52
C ASN A 32 -19.02 2.01 8.06
N TRP A 33 -18.56 3.24 8.21
CA TRP A 33 -17.20 3.59 7.81
C TRP A 33 -16.29 3.64 9.03
N VAL A 34 -15.30 2.76 9.08
CA VAL A 34 -14.36 2.73 10.18
C VAL A 34 -12.95 3.03 9.70
N THR A 35 -12.16 3.66 10.57
CA THR A 35 -10.79 4.00 10.24
C THR A 35 -9.87 2.83 10.52
N SER A 36 -9.35 2.23 9.48
CA SER A 36 -8.45 1.10 9.61
C SER A 36 -7.17 1.33 8.81
N GLU A 37 -6.06 0.80 9.31
CA GLU A 37 -4.78 0.94 8.66
C GLU A 37 -4.10 -0.42 8.52
N LEU A 38 -3.31 -0.59 7.46
CA LEU A 38 -2.58 -1.82 7.23
C LEU A 38 -1.19 -1.49 6.70
N ASP A 39 -0.16 -2.05 7.30
CA ASP A 39 1.20 -1.80 6.89
C ASP A 39 1.61 -2.76 5.77
N LEU A 40 1.74 -2.26 4.56
CA LEU A 40 2.10 -3.10 3.42
C LEU A 40 3.61 -3.29 3.31
N ASP A 41 4.37 -2.38 3.89
CA ASP A 41 5.83 -2.44 3.81
C ASP A 41 6.39 -3.67 4.52
N THR A 42 5.51 -4.40 5.20
CA THR A 42 5.90 -5.60 5.90
C THR A 42 5.98 -6.78 4.92
N CYS A 43 5.38 -6.62 3.75
CA CYS A 43 5.38 -7.67 2.74
C CYS A 43 5.75 -7.13 1.36
N ILE A 44 5.81 -5.81 1.22
CA ILE A 44 6.19 -5.21 -0.06
C ILE A 44 7.61 -4.68 0.03
N GLY A 45 8.42 -4.96 -0.98
CA GLY A 45 9.79 -4.50 -0.97
C GLY A 45 10.29 -4.22 -2.36
N ASN A 46 11.31 -3.37 -2.46
CA ASN A 46 11.89 -3.00 -3.74
C ASN A 46 13.32 -2.45 -3.61
N PRO A 47 14.20 -3.07 -2.78
CA PRO A 47 15.58 -2.57 -2.60
C PRO A 47 16.41 -2.73 -3.88
N ASN A 48 15.98 -3.66 -4.72
CA ASN A 48 16.67 -3.92 -5.98
C ASN A 48 16.09 -3.04 -7.08
N GLY A 49 15.10 -2.24 -6.72
CA GLY A 49 14.48 -1.36 -7.68
C GLY A 49 13.28 -1.99 -8.36
N PHE A 50 12.82 -3.12 -7.83
CA PHE A 50 11.67 -3.81 -8.40
C PHE A 50 10.61 -4.03 -7.34
N LEU A 51 9.37 -3.70 -7.68
CA LEU A 51 8.24 -3.83 -6.76
C LEU A 51 7.65 -5.23 -6.80
N GLY A 52 7.18 -5.68 -5.64
CA GLY A 52 6.56 -6.98 -5.56
C GLY A 52 6.33 -7.39 -4.12
N TRP A 53 5.60 -8.48 -3.94
CA TRP A 53 5.32 -9.00 -2.61
C TRP A 53 6.33 -10.08 -2.27
N GLY A 54 7.02 -9.92 -1.14
CA GLY A 54 8.01 -10.88 -0.72
C GLY A 54 9.06 -10.24 0.15
N MET A 55 9.53 -9.09 -0.28
CA MET A 55 10.55 -8.34 0.45
C MET A 55 9.86 -7.33 1.36
N GLN A 56 10.61 -6.63 2.19
CA GLN A 56 10.02 -5.65 3.09
C GLN A 56 10.75 -4.32 3.01
N ASN A 57 10.18 -3.32 3.67
CA ASN A 57 10.76 -1.98 3.74
C ASN A 57 10.84 -1.30 2.37
N PHE A 58 9.84 -1.49 1.53
CA PHE A 58 9.84 -0.86 0.21
C PHE A 58 9.83 0.66 0.37
N SER A 59 9.07 1.12 1.36
CA SER A 59 8.93 2.55 1.63
C SER A 59 10.29 3.18 1.95
N HIS A 60 11.18 2.39 2.54
CA HIS A 60 12.50 2.90 2.91
C HIS A 60 13.41 3.01 1.70
N SER A 61 13.00 2.41 0.59
CA SER A 61 13.79 2.44 -0.64
C SER A 61 12.95 2.96 -1.81
N SER A 62 11.96 3.79 -1.52
CA SER A 62 11.11 4.34 -2.57
C SER A 62 10.95 5.84 -2.40
N GLU A 63 10.82 6.53 -3.52
CA GLU A 63 10.62 7.96 -3.53
C GLU A 63 9.31 8.29 -4.25
N ASP A 64 8.59 9.30 -3.73
CA ASP A 64 7.30 9.71 -4.28
C ASP A 64 6.32 8.55 -4.26
N ILE A 65 5.73 8.32 -3.10
CA ILE A 65 4.78 7.23 -2.93
C ILE A 65 3.34 7.76 -2.91
N LYS A 66 2.54 7.30 -3.86
CA LYS A 66 1.15 7.72 -3.96
C LYS A 66 0.31 6.58 -4.54
N LEU A 67 -0.99 6.59 -4.28
CA LEU A 67 -1.88 5.57 -4.80
C LEU A 67 -2.41 5.97 -6.18
N GLU A 68 -2.12 5.13 -7.16
CA GLU A 68 -2.53 5.37 -8.55
C GLU A 68 -4.03 5.21 -8.72
N GLU A 69 -4.53 4.03 -8.33
CA GLU A 69 -5.94 3.73 -8.45
C GLU A 69 -6.70 4.20 -7.21
N GLY A 70 -6.05 5.02 -6.42
CA GLY A 70 -6.65 5.55 -5.21
C GLY A 70 -6.85 4.49 -4.15
N GLY A 71 -6.05 3.43 -4.22
CA GLY A 71 -6.15 2.38 -3.22
C GLY A 71 -5.89 1.00 -3.79
N ARG A 72 -6.34 0.78 -5.02
CA ARG A 72 -6.16 -0.51 -5.69
C ARG A 72 -4.71 -0.73 -6.09
N LYS A 73 -4.01 0.36 -6.37
CA LYS A 73 -2.63 0.29 -6.82
C LYS A 73 -1.79 1.38 -6.19
N LEU A 74 -0.57 1.03 -5.81
CA LEU A 74 0.35 1.98 -5.21
C LEU A 74 1.49 2.25 -6.18
N THR A 75 1.69 3.50 -6.54
CA THR A 75 2.75 3.87 -7.45
C THR A 75 3.84 4.66 -6.72
N CYS A 76 5.08 4.26 -6.95
CA CYS A 76 6.21 4.90 -6.33
C CYS A 76 7.46 4.66 -7.16
N ARG A 77 8.51 5.38 -6.86
CA ARG A 77 9.76 5.20 -7.58
C ARG A 77 10.75 4.43 -6.72
N PRO A 78 10.90 3.13 -7.00
CA PRO A 78 11.81 2.26 -6.26
C PRO A 78 13.25 2.59 -6.60
N LYS A 79 14.01 2.99 -5.61
CA LYS A 79 15.40 3.31 -5.80
C LYS A 79 16.29 2.43 -4.96
N THR A 80 17.36 1.93 -5.57
CA THR A 80 18.26 1.06 -4.85
C THR A 80 19.02 1.86 -3.81
N VAL A 81 19.00 1.36 -2.58
CA VAL A 81 19.67 2.01 -1.45
C VAL A 81 21.19 1.87 -1.59
N ASP A 82 21.60 1.01 -2.51
CA ASP A 82 23.02 0.78 -2.77
C ASP A 82 23.69 2.08 -3.21
N GLY A 83 22.91 2.93 -3.87
CA GLY A 83 23.42 4.20 -4.36
C GLY A 83 22.37 5.29 -4.34
N GLY A 84 21.12 4.92 -4.61
CA GLY A 84 20.04 5.88 -4.63
C GLY A 84 19.51 6.11 -6.03
N PHE A 85 19.90 5.25 -6.95
CA PHE A 85 19.49 5.36 -8.34
C PHE A 85 18.58 4.20 -8.72
N ARG A 86 17.70 4.40 -9.71
CA ARG A 86 16.79 3.35 -10.18
C ARG A 86 15.69 3.90 -11.08
N GLU A 87 14.59 3.14 -11.18
CA GLU A 87 13.45 3.50 -12.03
C GLU A 87 12.19 3.73 -11.20
N ARG A 88 11.07 3.92 -11.89
CA ARG A 88 9.78 4.12 -11.23
C ARG A 88 8.86 2.96 -11.60
N GLN A 89 7.92 2.64 -10.71
CA GLN A 89 7.00 1.51 -10.95
C GLN A 89 5.72 1.63 -10.12
N GLY A 90 4.93 0.56 -10.14
CA GLY A 90 3.69 0.50 -9.39
C GLY A 90 3.32 -0.93 -9.07
N ILE A 91 2.70 -1.14 -7.91
CA ILE A 91 2.29 -2.48 -7.49
C ILE A 91 0.81 -2.49 -7.08
N ASP A 92 0.11 -3.56 -7.41
CA ASP A 92 -1.31 -3.69 -7.07
C ASP A 92 -1.48 -4.16 -5.65
N LEU A 93 -2.37 -3.50 -4.93
CA LEU A 93 -2.63 -3.83 -3.54
C LEU A 93 -3.90 -4.64 -3.42
N ASN A 94 -4.08 -5.55 -4.36
CA ASN A 94 -5.25 -6.42 -4.39
C ASN A 94 -5.16 -7.49 -3.31
N ARG A 95 -4.11 -7.42 -2.51
CA ARG A 95 -3.89 -8.35 -1.43
C ARG A 95 -4.38 -7.76 -0.11
N ILE A 96 -4.68 -6.48 -0.13
CA ILE A 96 -5.15 -5.80 1.07
C ILE A 96 -6.67 -5.75 1.07
N GLN A 97 -7.27 -6.63 1.87
CA GLN A 97 -8.71 -6.74 1.95
C GLN A 97 -9.23 -6.20 3.28
N ASN A 98 -10.48 -5.75 3.26
CA ASN A 98 -11.13 -5.22 4.45
C ASN A 98 -12.26 -6.16 4.88
N VAL A 99 -12.08 -6.81 6.01
CA VAL A 99 -13.08 -7.74 6.53
C VAL A 99 -13.73 -7.18 7.79
N ASN A 100 -15.04 -6.99 7.74
CA ASN A 100 -15.81 -6.44 8.85
C ASN A 100 -15.29 -5.05 9.20
N GLY A 101 -14.77 -4.37 8.20
CA GLY A 101 -14.23 -3.04 8.40
C GLY A 101 -12.77 -3.06 8.82
N ARG A 102 -12.26 -4.25 9.12
CA ARG A 102 -10.87 -4.39 9.55
C ARG A 102 -9.98 -4.65 8.34
N LEU A 103 -8.96 -3.82 8.16
CA LEU A 103 -8.05 -3.98 7.04
C LEU A 103 -7.00 -5.04 7.38
N VAL A 104 -6.99 -6.13 6.62
CA VAL A 104 -6.05 -7.20 6.86
C VAL A 104 -5.32 -7.58 5.58
N PHE A 105 -4.02 -7.81 5.69
CA PHE A 105 -3.24 -8.23 4.53
C PHE A 105 -3.42 -9.72 4.31
N GLN A 106 -3.82 -10.06 3.11
CA GLN A 106 -4.04 -11.44 2.75
C GLN A 106 -3.24 -11.81 1.51
N MET A 4 -10.95 -8.87 -5.63
CA MET A 4 -11.60 -7.83 -4.79
C MET A 4 -10.62 -7.28 -3.77
N SER A 5 -10.37 -5.98 -3.83
CA SER A 5 -9.47 -5.35 -2.89
C SER A 5 -10.26 -4.57 -1.86
N TYR A 6 -9.58 -3.95 -0.90
CA TYR A 6 -10.26 -3.19 0.14
C TYR A 6 -11.06 -2.05 -0.48
N ALA A 7 -10.55 -1.46 -1.56
CA ALA A 7 -11.20 -0.35 -2.24
C ALA A 7 -12.62 -0.70 -2.67
N ASP A 8 -12.91 -1.99 -2.79
CA ASP A 8 -14.22 -2.45 -3.19
C ASP A 8 -15.25 -2.18 -2.08
N SER A 9 -14.76 -2.03 -0.86
CA SER A 9 -15.61 -1.76 0.29
C SER A 9 -14.93 -0.74 1.21
N SER A 10 -14.14 0.13 0.61
CA SER A 10 -13.42 1.16 1.36
C SER A 10 -13.22 2.38 0.46
N ARG A 11 -13.03 3.54 1.08
CA ARG A 11 -12.82 4.77 0.32
C ARG A 11 -11.93 5.73 1.08
N ASN A 12 -11.46 6.76 0.38
CA ASN A 12 -10.59 7.79 0.94
C ASN A 12 -9.33 7.18 1.52
N ALA A 13 -8.56 6.52 0.66
CA ALA A 13 -7.32 5.89 1.07
C ALA A 13 -6.15 6.85 0.93
N VAL A 14 -5.42 7.03 2.02
CA VAL A 14 -4.26 7.92 2.03
C VAL A 14 -3.02 7.14 2.46
N LEU A 15 -1.87 7.77 2.33
CA LEU A 15 -0.61 7.13 2.69
C LEU A 15 -0.09 7.69 4.01
N THR A 16 -0.05 6.84 5.02
CA THR A 16 0.42 7.24 6.33
C THR A 16 1.75 6.58 6.65
N ASN A 17 2.41 7.06 7.71
CA ASN A 17 3.70 6.54 8.14
C ASN A 17 4.73 6.62 7.02
N GLY A 18 4.83 7.80 6.42
CA GLY A 18 5.78 8.01 5.34
C GLY A 18 5.21 7.61 3.99
N GLY A 19 4.44 6.53 3.99
CA GLY A 19 3.86 6.04 2.77
C GLY A 19 3.92 4.53 2.68
N ARG A 20 3.72 3.89 3.82
CA ARG A 20 3.77 2.44 3.90
C ARG A 20 2.48 1.88 4.45
N THR A 21 1.75 2.71 5.18
CA THR A 21 0.50 2.29 5.77
C THR A 21 -0.69 2.89 5.02
N LEU A 22 -1.70 2.07 4.81
CA LEU A 22 -2.90 2.50 4.12
C LEU A 22 -3.98 2.88 5.12
N ARG A 23 -4.36 4.15 5.12
CA ARG A 23 -5.42 4.61 6.00
C ARG A 23 -6.64 4.92 5.17
N ALA A 24 -7.74 4.24 5.44
CA ALA A 24 -8.96 4.46 4.67
C ALA A 24 -10.20 4.14 5.48
N GLU A 25 -11.35 4.54 4.95
CA GLU A 25 -12.63 4.29 5.59
C GLU A 25 -13.13 2.96 5.07
N CYS A 26 -13.06 1.93 5.91
CA CYS A 26 -13.48 0.61 5.50
C CYS A 26 -14.89 0.33 5.97
N ARG A 27 -15.73 -0.14 5.07
CA ARG A 27 -17.10 -0.45 5.39
C ARG A 27 -17.19 -1.79 6.11
N ASN A 28 -17.75 -1.76 7.31
CA ASN A 28 -17.90 -2.96 8.10
C ASN A 28 -19.20 -3.67 7.72
N ALA A 29 -19.37 -4.91 8.18
CA ALA A 29 -20.57 -5.69 7.88
C ALA A 29 -21.85 -4.96 8.26
N ASP A 30 -21.78 -4.13 9.28
CA ASP A 30 -22.94 -3.36 9.75
C ASP A 30 -23.31 -2.29 8.73
N GLY A 31 -22.36 -1.99 7.86
CA GLY A 31 -22.57 -0.98 6.84
C GLY A 31 -22.08 0.38 7.30
N ASN A 32 -21.06 0.37 8.17
CA ASN A 32 -20.51 1.60 8.70
C ASN A 32 -19.08 1.81 8.21
N TRP A 33 -18.61 3.04 8.29
CA TRP A 33 -17.26 3.37 7.85
C TRP A 33 -16.31 3.47 9.03
N VAL A 34 -15.36 2.56 9.09
CA VAL A 34 -14.37 2.55 10.15
C VAL A 34 -12.98 2.74 9.58
N THR A 35 -12.25 3.69 10.14
CA THR A 35 -10.90 4.00 9.69
C THR A 35 -9.92 2.93 10.14
N SER A 36 -9.38 2.18 9.19
CA SER A 36 -8.43 1.13 9.49
C SER A 36 -7.12 1.37 8.75
N GLU A 37 -6.03 0.86 9.31
CA GLU A 37 -4.72 1.02 8.70
C GLU A 37 -3.99 -0.32 8.58
N LEU A 38 -3.28 -0.50 7.48
CA LEU A 38 -2.53 -1.72 7.24
C LEU A 38 -1.16 -1.36 6.68
N ASP A 39 -0.12 -1.95 7.24
CA ASP A 39 1.24 -1.68 6.78
C ASP A 39 1.61 -2.64 5.66
N LEU A 40 1.73 -2.11 4.46
CA LEU A 40 2.08 -2.91 3.30
C LEU A 40 3.57 -3.20 3.24
N ASP A 41 4.36 -2.37 3.92
CA ASP A 41 5.82 -2.52 3.93
C ASP A 41 6.24 -3.82 4.61
N THR A 42 5.28 -4.52 5.18
CA THR A 42 5.55 -5.77 5.84
C THR A 42 5.66 -6.91 4.83
N CYS A 43 5.09 -6.70 3.65
CA CYS A 43 5.11 -7.72 2.61
C CYS A 43 5.61 -7.15 1.28
N ILE A 44 5.70 -5.83 1.18
CA ILE A 44 6.20 -5.22 -0.05
C ILE A 44 7.65 -4.83 0.10
N GLY A 45 8.47 -5.24 -0.84
CA GLY A 45 9.88 -4.92 -0.81
C GLY A 45 10.41 -4.56 -2.17
N ASN A 46 11.47 -3.79 -2.21
CA ASN A 46 12.06 -3.36 -3.48
C ASN A 46 13.51 -2.86 -3.34
N PRO A 47 14.38 -3.55 -2.57
CA PRO A 47 15.77 -3.10 -2.41
C PRO A 47 16.59 -3.28 -3.69
N ASN A 48 16.06 -4.10 -4.58
CA ASN A 48 16.72 -4.37 -5.86
C ASN A 48 16.29 -3.36 -6.91
N GLY A 49 15.28 -2.57 -6.58
CA GLY A 49 14.77 -1.58 -7.51
C GLY A 49 13.49 -2.02 -8.18
N PHE A 50 12.95 -3.14 -7.73
CA PHE A 50 11.70 -3.66 -8.29
C PHE A 50 10.67 -3.88 -7.19
N LEU A 51 9.46 -3.43 -7.47
CA LEU A 51 8.35 -3.55 -6.52
C LEU A 51 7.68 -4.91 -6.62
N GLY A 52 7.20 -5.40 -5.48
CA GLY A 52 6.53 -6.68 -5.48
C GLY A 52 6.25 -7.17 -4.07
N TRP A 53 5.47 -8.23 -3.97
CA TRP A 53 5.12 -8.80 -2.68
C TRP A 53 6.06 -9.95 -2.36
N GLY A 54 6.70 -9.87 -1.21
CA GLY A 54 7.62 -10.90 -0.77
C GLY A 54 8.57 -10.41 0.30
N MET A 55 9.34 -9.38 -0.03
CA MET A 55 10.31 -8.81 0.90
C MET A 55 9.62 -7.74 1.76
N GLN A 56 10.40 -6.87 2.39
CA GLN A 56 9.83 -5.83 3.25
C GLN A 56 10.66 -4.55 3.22
N ASN A 57 10.15 -3.52 3.89
CA ASN A 57 10.83 -2.21 3.99
C ASN A 57 10.99 -1.55 2.64
N PHE A 58 9.89 -1.40 1.92
CA PHE A 58 9.90 -0.76 0.62
C PHE A 58 9.73 0.76 0.77
N SER A 59 9.26 1.16 1.95
CA SER A 59 8.98 2.55 2.26
C SER A 59 10.20 3.47 2.04
N HIS A 60 11.31 3.15 2.69
CA HIS A 60 12.51 3.98 2.55
C HIS A 60 13.26 3.66 1.27
N SER A 61 12.87 2.57 0.61
CA SER A 61 13.52 2.16 -0.62
C SER A 61 12.74 2.68 -1.83
N SER A 62 11.85 3.63 -1.60
CA SER A 62 11.05 4.19 -2.69
C SER A 62 10.96 5.71 -2.57
N GLU A 63 10.77 6.35 -3.71
CA GLU A 63 10.61 7.80 -3.77
C GLU A 63 9.25 8.14 -4.35
N ASP A 64 8.66 9.23 -3.87
CA ASP A 64 7.34 9.69 -4.34
C ASP A 64 6.32 8.55 -4.33
N ILE A 65 5.86 8.20 -3.14
CA ILE A 65 4.87 7.13 -2.99
C ILE A 65 3.45 7.72 -3.00
N LYS A 66 2.67 7.35 -4.01
CA LYS A 66 1.31 7.85 -4.13
C LYS A 66 0.38 6.84 -4.80
N LEU A 67 -0.89 6.89 -4.45
CA LEU A 67 -1.90 6.00 -5.01
C LEU A 67 -2.50 6.61 -6.28
N GLU A 68 -2.54 5.82 -7.35
CA GLU A 68 -3.08 6.29 -8.62
C GLU A 68 -4.59 6.10 -8.68
N GLU A 69 -5.01 4.85 -8.51
CA GLU A 69 -6.43 4.51 -8.57
C GLU A 69 -7.16 5.02 -7.33
N GLY A 70 -6.41 5.55 -6.39
CA GLY A 70 -6.99 6.06 -5.17
C GLY A 70 -6.93 5.04 -4.05
N GLY A 71 -6.38 3.87 -4.35
CA GLY A 71 -6.28 2.83 -3.37
C GLY A 71 -5.98 1.48 -3.98
N ARG A 72 -6.59 1.18 -5.12
CA ARG A 72 -6.38 -0.09 -5.81
C ARG A 72 -4.93 -0.27 -6.25
N LYS A 73 -4.26 0.81 -6.61
CA LYS A 73 -2.89 0.73 -7.09
C LYS A 73 -2.00 1.80 -6.46
N LEU A 74 -0.79 1.41 -6.10
CA LEU A 74 0.18 2.30 -5.51
C LEU A 74 1.40 2.42 -6.42
N THR A 75 1.85 3.63 -6.68
CA THR A 75 3.01 3.84 -7.52
C THR A 75 4.06 4.66 -6.81
N CYS A 76 5.32 4.33 -7.08
CA CYS A 76 6.44 5.03 -6.50
C CYS A 76 7.68 4.72 -7.31
N ARG A 77 8.78 5.34 -6.97
CA ARG A 77 10.01 5.09 -7.68
C ARG A 77 10.97 4.31 -6.80
N PRO A 78 11.01 2.99 -6.98
CA PRO A 78 11.89 2.11 -6.20
C PRO A 78 13.34 2.43 -6.50
N LYS A 79 14.11 2.66 -5.45
CA LYS A 79 15.51 2.99 -5.61
C LYS A 79 16.40 1.98 -4.91
N THR A 80 17.58 1.74 -5.47
CA THR A 80 18.53 0.81 -4.89
C THR A 80 19.29 1.51 -3.79
N VAL A 81 19.55 0.79 -2.71
CA VAL A 81 20.27 1.31 -1.57
C VAL A 81 21.75 1.46 -1.87
N ASP A 82 22.18 0.94 -3.02
CA ASP A 82 23.58 1.04 -3.43
C ASP A 82 23.97 2.48 -3.65
N GLY A 83 23.03 3.29 -4.12
CA GLY A 83 23.30 4.69 -4.36
C GLY A 83 22.05 5.55 -4.36
N GLY A 84 20.88 4.92 -4.37
CA GLY A 84 19.64 5.66 -4.37
C GLY A 84 19.13 5.91 -5.77
N PHE A 85 19.64 5.14 -6.71
CA PHE A 85 19.27 5.28 -8.12
C PHE A 85 18.47 4.06 -8.55
N ARG A 86 17.67 4.18 -9.62
CA ARG A 86 16.85 3.07 -10.11
C ARG A 86 15.81 3.54 -11.12
N GLU A 87 14.68 2.84 -11.16
CA GLU A 87 13.60 3.15 -12.09
C GLU A 87 12.27 3.23 -11.36
N ARG A 88 11.30 3.94 -11.92
CA ARG A 88 9.98 4.07 -11.31
C ARG A 88 9.14 2.85 -11.64
N GLN A 89 8.17 2.53 -10.79
CA GLN A 89 7.35 1.35 -11.01
C GLN A 89 6.06 1.41 -10.18
N GLY A 90 5.09 0.57 -10.52
CA GLY A 90 3.85 0.54 -9.79
C GLY A 90 3.48 -0.85 -9.34
N ILE A 91 2.84 -0.95 -8.17
CA ILE A 91 2.44 -2.23 -7.63
C ILE A 91 0.95 -2.18 -7.24
N ASP A 92 0.23 -3.24 -7.59
CA ASP A 92 -1.19 -3.31 -7.27
C ASP A 92 -1.38 -3.75 -5.82
N LEU A 93 -2.34 -3.13 -5.15
CA LEU A 93 -2.62 -3.43 -3.76
C LEU A 93 -3.85 -4.31 -3.67
N ASN A 94 -3.91 -5.28 -4.55
CA ASN A 94 -5.02 -6.21 -4.63
C ASN A 94 -4.94 -7.24 -3.51
N ARG A 95 -3.90 -7.14 -2.69
CA ARG A 95 -3.70 -8.07 -1.58
C ARG A 95 -4.21 -7.49 -0.26
N ILE A 96 -4.62 -6.24 -0.29
CA ILE A 96 -5.11 -5.60 0.93
C ILE A 96 -6.63 -5.57 0.91
N GLN A 97 -7.24 -6.22 1.90
CA GLN A 97 -8.68 -6.30 1.99
C GLN A 97 -9.16 -5.96 3.40
N ASN A 98 -10.30 -5.29 3.50
CA ASN A 98 -10.87 -4.93 4.79
C ASN A 98 -11.93 -5.95 5.20
N VAL A 99 -11.56 -6.83 6.12
CA VAL A 99 -12.48 -7.85 6.61
C VAL A 99 -13.28 -7.29 7.79
N ASN A 100 -14.59 -7.22 7.60
CA ASN A 100 -15.51 -6.72 8.62
C ASN A 100 -15.20 -5.28 8.97
N GLY A 101 -14.61 -4.55 8.03
CA GLY A 101 -14.28 -3.16 8.28
C GLY A 101 -12.84 -2.97 8.71
N ARG A 102 -12.16 -4.07 9.01
CA ARG A 102 -10.76 -3.99 9.45
C ARG A 102 -9.84 -4.30 8.29
N LEU A 103 -8.93 -3.37 8.03
CA LEU A 103 -7.97 -3.53 6.94
C LEU A 103 -6.90 -4.54 7.32
N VAL A 104 -6.86 -5.66 6.61
CA VAL A 104 -5.90 -6.71 6.89
C VAL A 104 -5.21 -7.14 5.59
N PHE A 105 -3.94 -7.51 5.69
CA PHE A 105 -3.20 -7.97 4.54
C PHE A 105 -3.57 -9.40 4.23
N GLN A 106 -3.78 -9.70 2.96
CA GLN A 106 -4.14 -11.04 2.55
C GLN A 106 -3.11 -11.57 1.58
N MET A 4 -12.26 -8.25 -5.18
CA MET A 4 -12.76 -7.14 -4.35
C MET A 4 -11.80 -6.84 -3.22
N SER A 5 -10.86 -5.92 -3.47
CA SER A 5 -9.90 -5.54 -2.46
C SER A 5 -10.53 -4.49 -1.54
N TYR A 6 -9.78 -4.06 -0.53
CA TYR A 6 -10.32 -3.10 0.43
C TYR A 6 -10.86 -1.83 -0.25
N ALA A 7 -10.15 -1.36 -1.27
CA ALA A 7 -10.52 -0.14 -1.99
C ALA A 7 -11.91 -0.25 -2.62
N ASP A 8 -12.38 -1.47 -2.83
CA ASP A 8 -13.69 -1.68 -3.43
C ASP A 8 -14.77 -1.21 -2.48
N SER A 9 -14.52 -1.42 -1.19
CA SER A 9 -15.48 -1.06 -0.16
C SER A 9 -14.86 -0.05 0.81
N SER A 10 -14.01 0.82 0.30
CA SER A 10 -13.38 1.84 1.11
C SER A 10 -13.26 3.14 0.34
N ARG A 11 -12.95 4.20 1.05
CA ARG A 11 -12.80 5.53 0.46
C ARG A 11 -11.83 6.36 1.29
N ASN A 12 -11.38 7.47 0.73
CA ASN A 12 -10.44 8.38 1.39
C ASN A 12 -9.14 7.66 1.74
N ALA A 13 -8.60 6.94 0.77
CA ALA A 13 -7.36 6.19 0.97
C ALA A 13 -6.15 7.11 0.85
N VAL A 14 -5.39 7.22 1.92
CA VAL A 14 -4.20 8.07 1.95
C VAL A 14 -2.98 7.27 2.42
N LEU A 15 -1.81 7.90 2.29
CA LEU A 15 -0.57 7.25 2.69
C LEU A 15 -0.08 7.84 4.01
N THR A 16 -0.05 7.01 5.04
CA THR A 16 0.40 7.45 6.34
C THR A 16 1.75 6.81 6.69
N ASN A 17 2.40 7.35 7.72
CA ASN A 17 3.69 6.85 8.18
C ASN A 17 4.73 6.88 7.05
N GLY A 18 4.83 8.04 6.41
CA GLY A 18 5.79 8.20 5.31
C GLY A 18 5.25 7.69 3.98
N GLY A 19 4.46 6.63 4.05
CA GLY A 19 3.90 6.04 2.84
C GLY A 19 4.00 4.53 2.87
N ARG A 20 3.71 3.97 4.03
CA ARG A 20 3.77 2.52 4.22
C ARG A 20 2.45 1.98 4.71
N THR A 21 1.70 2.83 5.41
CA THR A 21 0.43 2.44 5.96
C THR A 21 -0.73 2.98 5.13
N LEU A 22 -1.70 2.13 4.85
CA LEU A 22 -2.88 2.53 4.09
C LEU A 22 -4.00 2.94 5.02
N ARG A 23 -4.33 4.21 5.04
CA ARG A 23 -5.39 4.70 5.90
C ARG A 23 -6.61 5.05 5.05
N ALA A 24 -7.73 4.39 5.33
CA ALA A 24 -8.95 4.63 4.58
C ALA A 24 -10.19 4.26 5.41
N GLU A 25 -11.35 4.69 4.93
CA GLU A 25 -12.61 4.38 5.60
C GLU A 25 -13.10 3.07 5.03
N CYS A 26 -13.03 2.02 5.82
CA CYS A 26 -13.45 0.71 5.35
C CYS A 26 -14.89 0.42 5.77
N ARG A 27 -15.70 -0.01 4.83
CA ARG A 27 -17.07 -0.32 5.12
C ARG A 27 -17.18 -1.73 5.67
N ASN A 28 -17.64 -1.84 6.91
CA ASN A 28 -17.80 -3.13 7.55
C ASN A 28 -19.09 -3.80 7.08
N ALA A 29 -19.22 -5.09 7.36
CA ALA A 29 -20.38 -5.87 6.95
C ALA A 29 -21.69 -5.27 7.44
N ASP A 30 -21.63 -4.52 8.53
CA ASP A 30 -22.81 -3.88 9.09
C ASP A 30 -23.27 -2.74 8.19
N GLY A 31 -22.37 -2.32 7.30
CA GLY A 31 -22.67 -1.25 6.37
C GLY A 31 -22.24 0.10 6.90
N ASN A 32 -21.26 0.10 7.79
CA ASN A 32 -20.77 1.33 8.38
C ASN A 32 -19.31 1.58 8.02
N TRP A 33 -18.89 2.83 8.14
CA TRP A 33 -17.51 3.20 7.81
C TRP A 33 -16.62 3.22 9.05
N VAL A 34 -15.56 2.44 8.99
CA VAL A 34 -14.60 2.37 10.08
C VAL A 34 -13.19 2.71 9.58
N THR A 35 -12.50 3.56 10.33
CA THR A 35 -11.15 3.95 9.97
C THR A 35 -10.17 2.84 10.27
N SER A 36 -9.60 2.26 9.24
CA SER A 36 -8.65 1.17 9.39
C SER A 36 -7.35 1.45 8.64
N GLU A 37 -6.27 0.85 9.12
CA GLU A 37 -4.95 1.05 8.51
C GLU A 37 -4.20 -0.29 8.44
N LEU A 38 -3.43 -0.46 7.38
CA LEU A 38 -2.63 -1.68 7.19
C LEU A 38 -1.25 -1.30 6.67
N ASP A 39 -0.22 -1.81 7.31
CA ASP A 39 1.15 -1.53 6.90
C ASP A 39 1.59 -2.53 5.85
N LEU A 40 1.74 -2.06 4.62
CA LEU A 40 2.12 -2.92 3.51
C LEU A 40 3.62 -3.16 3.44
N ASP A 41 4.40 -2.31 4.10
CA ASP A 41 5.86 -2.44 4.07
C ASP A 41 6.32 -3.74 4.75
N THR A 42 5.38 -4.44 5.35
CA THR A 42 5.66 -5.69 6.02
C THR A 42 5.81 -6.82 5.01
N CYS A 43 5.20 -6.66 3.84
CA CYS A 43 5.27 -7.69 2.82
C CYS A 43 5.69 -7.13 1.46
N ILE A 44 5.71 -5.81 1.32
CA ILE A 44 6.14 -5.19 0.06
C ILE A 44 7.58 -4.76 0.17
N GLY A 45 8.39 -5.16 -0.79
CA GLY A 45 9.78 -4.78 -0.78
C GLY A 45 10.30 -4.51 -2.17
N ASN A 46 11.29 -3.63 -2.24
CA ASN A 46 11.89 -3.26 -3.52
C ASN A 46 13.31 -2.71 -3.36
N PRO A 47 14.19 -3.39 -2.59
CA PRO A 47 15.56 -2.92 -2.38
C PRO A 47 16.42 -3.11 -3.62
N ASN A 48 15.95 -3.94 -4.53
CA ASN A 48 16.67 -4.21 -5.78
C ASN A 48 16.17 -3.29 -6.88
N GLY A 49 15.15 -2.53 -6.58
CA GLY A 49 14.60 -1.61 -7.57
C GLY A 49 13.33 -2.13 -8.22
N PHE A 50 12.82 -3.25 -7.71
CA PHE A 50 11.60 -3.82 -8.26
C PHE A 50 10.54 -4.02 -7.20
N LEU A 51 9.33 -3.57 -7.50
CA LEU A 51 8.21 -3.65 -6.58
C LEU A 51 7.54 -5.01 -6.65
N GLY A 52 7.19 -5.56 -5.50
CA GLY A 52 6.53 -6.84 -5.45
C GLY A 52 6.29 -7.30 -4.03
N TRP A 53 5.53 -8.37 -3.88
CA TRP A 53 5.22 -8.91 -2.56
C TRP A 53 6.19 -10.04 -2.21
N GLY A 54 6.84 -9.91 -1.08
CA GLY A 54 7.80 -10.90 -0.64
C GLY A 54 8.82 -10.30 0.29
N MET A 55 9.52 -9.30 -0.22
CA MET A 55 10.52 -8.59 0.54
C MET A 55 9.82 -7.53 1.39
N GLN A 56 10.53 -6.84 2.26
CA GLN A 56 9.90 -5.82 3.09
C GLN A 56 10.68 -4.51 3.08
N ASN A 57 10.12 -3.51 3.77
CA ASN A 57 10.73 -2.17 3.88
C ASN A 57 10.81 -1.47 2.53
N PHE A 58 9.74 -1.55 1.75
CA PHE A 58 9.70 -0.88 0.45
C PHE A 58 9.67 0.63 0.63
N SER A 59 9.15 1.06 1.78
CA SER A 59 9.02 2.48 2.10
C SER A 59 10.38 3.17 2.06
N HIS A 60 11.39 2.51 2.62
CA HIS A 60 12.74 3.07 2.66
C HIS A 60 13.46 2.87 1.32
N SER A 61 12.86 2.07 0.45
CA SER A 61 13.47 1.79 -0.84
C SER A 61 12.64 2.38 -1.99
N SER A 62 11.76 3.33 -1.69
CA SER A 62 10.94 3.95 -2.72
C SER A 62 10.96 5.46 -2.62
N GLU A 63 10.95 6.10 -3.77
CA GLU A 63 10.93 7.55 -3.84
C GLU A 63 9.61 8.02 -4.42
N ASP A 64 9.04 9.02 -3.78
CA ASP A 64 7.76 9.60 -4.19
C ASP A 64 6.65 8.54 -4.22
N ILE A 65 6.13 8.22 -3.05
CA ILE A 65 5.07 7.23 -2.92
C ILE A 65 3.69 7.89 -3.00
N LYS A 66 2.86 7.44 -3.94
CA LYS A 66 1.52 7.99 -4.11
C LYS A 66 0.57 6.91 -4.63
N LEU A 67 -0.70 7.02 -4.28
CA LEU A 67 -1.70 6.04 -4.73
C LEU A 67 -2.25 6.45 -6.09
N GLU A 68 -2.47 5.44 -6.94
CA GLU A 68 -2.96 5.66 -8.29
C GLU A 68 -4.46 5.38 -8.42
N GLU A 69 -4.85 4.10 -8.34
CA GLU A 69 -6.25 3.70 -8.49
C GLU A 69 -7.08 4.04 -7.25
N GLY A 70 -6.97 5.27 -6.81
CA GLY A 70 -7.71 5.72 -5.65
C GLY A 70 -7.31 5.01 -4.37
N GLY A 71 -6.26 4.21 -4.44
CA GLY A 71 -5.80 3.48 -3.28
C GLY A 71 -5.65 1.99 -3.53
N ARG A 72 -6.01 1.52 -4.72
CA ARG A 72 -5.91 0.11 -5.03
C ARG A 72 -4.59 -0.19 -5.74
N LYS A 73 -3.81 0.86 -5.95
CA LYS A 73 -2.53 0.75 -6.61
C LYS A 73 -1.57 1.78 -6.02
N LEU A 74 -0.39 1.33 -5.64
CA LEU A 74 0.62 2.23 -5.07
C LEU A 74 1.71 2.48 -6.10
N THR A 75 1.87 3.72 -6.48
CA THR A 75 2.88 4.11 -7.45
C THR A 75 4.01 4.87 -6.79
N CYS A 76 5.22 4.42 -7.03
CA CYS A 76 6.41 5.03 -6.46
C CYS A 76 7.61 4.67 -7.32
N ARG A 77 8.74 5.27 -7.04
CA ARG A 77 9.93 4.96 -7.80
C ARG A 77 10.89 4.16 -6.94
N PRO A 78 10.91 2.84 -7.13
CA PRO A 78 11.80 1.95 -6.40
C PRO A 78 13.25 2.32 -6.65
N LYS A 79 14.01 2.46 -5.58
CA LYS A 79 15.41 2.83 -5.69
C LYS A 79 16.32 1.77 -5.11
N THR A 80 17.55 1.73 -5.60
CA THR A 80 18.53 0.78 -5.12
C THR A 80 19.38 1.43 -4.04
N VAL A 81 19.81 0.62 -3.09
CA VAL A 81 20.61 1.07 -1.96
C VAL A 81 22.05 1.43 -2.38
N ASP A 82 22.39 1.15 -3.64
CA ASP A 82 23.72 1.46 -4.16
C ASP A 82 23.94 2.96 -4.20
N GLY A 83 22.84 3.71 -4.25
CA GLY A 83 22.92 5.15 -4.29
C GLY A 83 21.57 5.83 -4.28
N GLY A 84 20.51 5.04 -4.43
CA GLY A 84 19.18 5.58 -4.42
C GLY A 84 18.68 5.85 -5.83
N PHE A 85 19.28 5.18 -6.78
CA PHE A 85 18.91 5.35 -8.19
C PHE A 85 18.23 4.10 -8.69
N ARG A 86 17.37 4.22 -9.70
CA ARG A 86 16.66 3.08 -10.26
C ARG A 86 15.59 3.53 -11.25
N GLU A 87 14.50 2.77 -11.33
CA GLU A 87 13.41 3.04 -12.25
C GLU A 87 12.09 3.18 -11.49
N ARG A 88 11.09 3.81 -12.11
CA ARG A 88 9.80 3.99 -11.49
C ARG A 88 8.92 2.78 -11.76
N GLN A 89 7.94 2.51 -10.89
CA GLN A 89 7.08 1.35 -11.06
C GLN A 89 5.82 1.48 -10.20
N GLY A 90 4.86 0.60 -10.42
CA GLY A 90 3.64 0.63 -9.65
C GLY A 90 3.20 -0.76 -9.24
N ILE A 91 2.86 -0.91 -7.97
CA ILE A 91 2.43 -2.20 -7.45
C ILE A 91 0.97 -2.13 -7.01
N ASP A 92 0.20 -3.15 -7.39
CA ASP A 92 -1.21 -3.20 -7.04
C ASP A 92 -1.38 -3.69 -5.60
N LEU A 93 -2.33 -3.10 -4.90
CA LEU A 93 -2.57 -3.45 -3.50
C LEU A 93 -3.86 -4.25 -3.37
N ASN A 94 -4.03 -5.19 -4.26
CA ASN A 94 -5.22 -6.04 -4.26
C ASN A 94 -5.11 -7.14 -3.22
N ARG A 95 -4.02 -7.14 -2.46
CA ARG A 95 -3.80 -8.13 -1.41
C ARG A 95 -4.32 -7.60 -0.08
N ILE A 96 -4.66 -6.33 -0.04
CA ILE A 96 -5.15 -5.71 1.18
C ILE A 96 -6.67 -5.73 1.16
N GLN A 97 -7.26 -6.52 2.05
CA GLN A 97 -8.70 -6.65 2.12
C GLN A 97 -9.24 -6.20 3.47
N ASN A 98 -10.43 -5.64 3.47
CA ASN A 98 -11.07 -5.20 4.69
C ASN A 98 -12.01 -6.30 5.20
N VAL A 99 -11.56 -7.01 6.22
CA VAL A 99 -12.34 -8.10 6.80
C VAL A 99 -13.17 -7.57 7.95
N ASN A 100 -14.48 -7.45 7.71
CA ASN A 100 -15.43 -6.95 8.70
C ASN A 100 -15.08 -5.54 9.13
N GLY A 101 -14.55 -4.76 8.19
CA GLY A 101 -14.17 -3.39 8.48
C GLY A 101 -12.71 -3.24 8.84
N ARG A 102 -12.09 -4.31 9.31
CA ARG A 102 -10.70 -4.27 9.71
C ARG A 102 -9.80 -4.54 8.51
N LEU A 103 -8.82 -3.68 8.30
CA LEU A 103 -7.92 -3.84 7.18
C LEU A 103 -6.88 -4.91 7.51
N VAL A 104 -6.89 -5.98 6.74
CA VAL A 104 -5.97 -7.08 6.95
C VAL A 104 -5.25 -7.44 5.65
N PHE A 105 -3.97 -7.74 5.75
CA PHE A 105 -3.20 -8.13 4.59
C PHE A 105 -3.35 -9.63 4.34
N GLN A 106 -3.56 -9.99 3.10
CA GLN A 106 -3.71 -11.39 2.73
C GLN A 106 -2.58 -11.82 1.79
N MET A 4 -10.11 -8.01 -6.23
CA MET A 4 -10.75 -6.90 -5.50
C MET A 4 -9.91 -6.52 -4.29
N SER A 5 -9.88 -5.23 -4.01
CA SER A 5 -9.11 -4.71 -2.89
C SER A 5 -10.02 -4.03 -1.88
N TYR A 6 -9.44 -3.53 -0.81
CA TYR A 6 -10.20 -2.83 0.22
C TYR A 6 -10.96 -1.64 -0.37
N ALA A 7 -10.35 -0.98 -1.36
CA ALA A 7 -10.95 0.19 -2.00
C ALA A 7 -12.32 -0.10 -2.61
N ASP A 8 -12.59 -1.37 -2.88
CA ASP A 8 -13.87 -1.78 -3.45
C ASP A 8 -15.01 -1.54 -2.46
N SER A 9 -14.64 -1.30 -1.21
CA SER A 9 -15.60 -1.03 -0.15
C SER A 9 -14.97 -0.09 0.87
N SER A 10 -14.12 0.81 0.39
CA SER A 10 -13.44 1.76 1.24
C SER A 10 -13.24 3.08 0.49
N ARG A 11 -13.19 4.17 1.23
CA ARG A 11 -13.02 5.49 0.65
C ARG A 11 -11.89 6.24 1.36
N ASN A 12 -11.43 7.32 0.73
CA ASN A 12 -10.39 8.18 1.28
C ASN A 12 -9.16 7.38 1.72
N ALA A 13 -8.49 6.77 0.76
CA ALA A 13 -7.31 5.99 1.05
C ALA A 13 -6.06 6.86 0.94
N VAL A 14 -5.35 7.00 2.05
CA VAL A 14 -4.15 7.81 2.09
C VAL A 14 -2.94 6.98 2.48
N LEU A 15 -1.75 7.55 2.28
CA LEU A 15 -0.51 6.87 2.60
C LEU A 15 0.09 7.44 3.87
N THR A 16 0.20 6.61 4.90
CA THR A 16 0.75 7.05 6.17
C THR A 16 2.10 6.41 6.45
N ASN A 17 2.82 6.99 7.41
CA ASN A 17 4.15 6.51 7.82
C ASN A 17 5.16 6.58 6.68
N GLY A 18 5.09 7.65 5.89
CA GLY A 18 6.02 7.82 4.79
C GLY A 18 5.59 7.11 3.53
N GLY A 19 4.55 6.28 3.62
CA GLY A 19 4.06 5.57 2.47
C GLY A 19 4.25 4.09 2.62
N ARG A 20 3.76 3.56 3.71
CA ARG A 20 3.87 2.14 4.00
C ARG A 20 2.56 1.59 4.55
N THR A 21 1.87 2.43 5.30
CA THR A 21 0.61 2.04 5.90
C THR A 21 -0.56 2.65 5.12
N LEU A 22 -1.56 1.84 4.86
CA LEU A 22 -2.76 2.30 4.14
C LEU A 22 -3.83 2.71 5.12
N ARG A 23 -4.19 3.98 5.10
CA ARG A 23 -5.24 4.48 5.98
C ARG A 23 -6.45 4.85 5.15
N ALA A 24 -7.58 4.22 5.42
CA ALA A 24 -8.79 4.51 4.69
C ALA A 24 -10.04 4.21 5.50
N GLU A 25 -11.17 4.71 5.04
CA GLU A 25 -12.44 4.48 5.70
C GLU A 25 -13.05 3.25 5.07
N CYS A 26 -13.03 2.14 5.79
CA CYS A 26 -13.55 0.89 5.27
C CYS A 26 -14.98 0.67 5.73
N ARG A 27 -15.82 0.27 4.81
CA ARG A 27 -17.21 0.01 5.11
C ARG A 27 -17.35 -1.34 5.81
N ASN A 28 -17.72 -1.30 7.08
CA ASN A 28 -17.88 -2.51 7.86
C ASN A 28 -19.19 -3.22 7.49
N ALA A 29 -19.35 -4.45 7.96
CA ALA A 29 -20.55 -5.24 7.66
C ALA A 29 -21.83 -4.51 8.06
N ASP A 30 -21.75 -3.73 9.12
CA ASP A 30 -22.89 -2.96 9.61
C ASP A 30 -23.26 -1.86 8.63
N GLY A 31 -22.36 -1.58 7.71
CA GLY A 31 -22.58 -0.55 6.72
C GLY A 31 -22.12 0.80 7.22
N ASN A 32 -21.00 0.79 7.94
CA ASN A 32 -20.46 2.02 8.50
C ASN A 32 -19.01 2.21 8.08
N TRP A 33 -18.50 3.42 8.24
CA TRP A 33 -17.13 3.73 7.87
C TRP A 33 -16.22 3.67 9.08
N VAL A 34 -15.18 2.88 8.99
CA VAL A 34 -14.20 2.75 10.06
C VAL A 34 -12.80 2.94 9.52
N THR A 35 -11.97 3.68 10.26
CA THR A 35 -10.61 3.95 9.82
C THR A 35 -9.68 2.81 10.20
N SER A 36 -9.24 2.07 9.19
CA SER A 36 -8.34 0.96 9.42
C SER A 36 -7.03 1.19 8.67
N GLU A 37 -5.94 0.67 9.23
CA GLU A 37 -4.63 0.83 8.63
C GLU A 37 -3.95 -0.52 8.49
N LEU A 38 -3.18 -0.66 7.43
CA LEU A 38 -2.45 -1.89 7.16
C LEU A 38 -1.06 -1.56 6.63
N ASP A 39 -0.05 -2.17 7.22
CA ASP A 39 1.34 -1.94 6.80
C ASP A 39 1.70 -2.87 5.67
N LEU A 40 1.87 -2.33 4.48
CA LEU A 40 2.22 -3.15 3.32
C LEU A 40 3.73 -3.37 3.25
N ASP A 41 4.48 -2.50 3.91
CA ASP A 41 5.94 -2.58 3.89
C ASP A 41 6.45 -3.83 4.60
N THR A 42 5.56 -4.56 5.23
CA THR A 42 5.94 -5.78 5.92
C THR A 42 6.00 -6.96 4.94
N CYS A 43 5.54 -6.74 3.71
CA CYS A 43 5.56 -7.80 2.70
C CYS A 43 5.94 -7.27 1.32
N ILE A 44 6.08 -5.95 1.19
CA ILE A 44 6.46 -5.36 -0.09
C ILE A 44 7.90 -4.88 -0.02
N GLY A 45 8.66 -5.15 -1.08
CA GLY A 45 10.04 -4.73 -1.13
C GLY A 45 10.47 -4.39 -2.53
N ASN A 46 11.47 -3.52 -2.64
CA ASN A 46 11.97 -3.11 -3.96
C ASN A 46 13.44 -2.63 -3.90
N PRO A 47 14.35 -3.39 -3.25
CA PRO A 47 15.76 -2.98 -3.15
C PRO A 47 16.47 -3.03 -4.49
N ASN A 48 15.96 -3.84 -5.40
CA ASN A 48 16.54 -3.99 -6.73
C ASN A 48 15.92 -3.01 -7.71
N GLY A 49 14.98 -2.21 -7.23
CA GLY A 49 14.32 -1.27 -8.11
C GLY A 49 13.04 -1.83 -8.69
N PHE A 50 12.65 -3.00 -8.22
CA PHE A 50 11.43 -3.63 -8.70
C PHE A 50 10.48 -3.91 -7.56
N LEU A 51 9.21 -3.57 -7.78
CA LEU A 51 8.18 -3.75 -6.77
C LEU A 51 7.61 -5.16 -6.80
N GLY A 52 7.20 -5.64 -5.63
CA GLY A 52 6.63 -6.96 -5.53
C GLY A 52 6.45 -7.38 -4.09
N TRP A 53 5.73 -8.47 -3.89
CA TRP A 53 5.49 -8.99 -2.56
C TRP A 53 6.51 -10.08 -2.24
N GLY A 54 7.21 -9.92 -1.13
CA GLY A 54 8.21 -10.89 -0.73
C GLY A 54 9.18 -10.33 0.28
N MET A 55 9.79 -9.20 -0.04
CA MET A 55 10.76 -8.55 0.85
C MET A 55 10.02 -7.56 1.76
N GLN A 56 10.75 -6.67 2.42
CA GLN A 56 10.12 -5.71 3.31
C GLN A 56 10.85 -4.36 3.32
N ASN A 57 10.22 -3.37 3.96
CA ASN A 57 10.76 -2.02 4.08
C ASN A 57 10.91 -1.31 2.74
N PHE A 58 9.97 -1.55 1.83
CA PHE A 58 10.03 -0.92 0.51
C PHE A 58 9.86 0.60 0.61
N SER A 59 9.14 1.04 1.62
CA SER A 59 8.86 2.46 1.83
C SER A 59 10.15 3.28 1.94
N HIS A 60 11.17 2.72 2.58
CA HIS A 60 12.44 3.42 2.75
C HIS A 60 13.29 3.33 1.49
N SER A 61 12.82 2.55 0.54
CA SER A 61 13.53 2.37 -0.72
C SER A 61 12.66 2.84 -1.88
N SER A 62 11.74 3.76 -1.61
CA SER A 62 10.86 4.28 -2.65
C SER A 62 10.71 5.78 -2.53
N GLU A 63 10.69 6.44 -3.68
CA GLU A 63 10.53 7.89 -3.73
C GLU A 63 9.16 8.21 -4.29
N ASP A 64 8.54 9.23 -3.71
CA ASP A 64 7.20 9.67 -4.14
C ASP A 64 6.20 8.52 -4.14
N ILE A 65 5.77 8.12 -2.96
CA ILE A 65 4.81 7.04 -2.83
C ILE A 65 3.39 7.58 -2.86
N LYS A 66 2.60 7.10 -3.81
CA LYS A 66 1.23 7.54 -3.97
C LYS A 66 0.35 6.39 -4.48
N LEU A 67 -0.96 6.51 -4.30
CA LEU A 67 -1.88 5.48 -4.77
C LEU A 67 -2.39 5.83 -6.16
N GLU A 68 -2.30 4.87 -7.06
CA GLU A 68 -2.70 5.03 -8.45
C GLU A 68 -4.22 4.98 -8.60
N GLU A 69 -4.79 3.80 -8.34
CA GLU A 69 -6.23 3.60 -8.46
C GLU A 69 -6.95 3.95 -7.17
N GLY A 70 -6.40 4.90 -6.45
CA GLY A 70 -7.00 5.32 -5.20
C GLY A 70 -6.92 4.26 -4.12
N GLY A 71 -6.04 3.29 -4.29
CA GLY A 71 -5.91 2.24 -3.28
C GLY A 71 -5.79 0.86 -3.87
N ARG A 72 -6.26 0.68 -5.10
CA ARG A 72 -6.19 -0.64 -5.74
C ARG A 72 -4.77 -0.91 -6.22
N LYS A 73 -4.02 0.16 -6.38
CA LYS A 73 -2.65 0.06 -6.86
C LYS A 73 -1.81 1.17 -6.26
N LEU A 74 -0.60 0.85 -5.86
CA LEU A 74 0.32 1.82 -5.28
C LEU A 74 1.44 2.10 -6.27
N THR A 75 1.64 3.37 -6.61
CA THR A 75 2.68 3.75 -7.54
C THR A 75 3.72 4.62 -6.86
N CYS A 76 4.98 4.22 -7.00
CA CYS A 76 6.08 4.94 -6.41
C CYS A 76 7.34 4.68 -7.22
N ARG A 77 8.42 5.33 -6.86
CA ARG A 77 9.67 5.12 -7.55
C ARG A 77 10.63 4.35 -6.67
N PRO A 78 10.72 3.04 -6.90
CA PRO A 78 11.62 2.16 -6.14
C PRO A 78 13.07 2.49 -6.42
N LYS A 79 13.83 2.82 -5.39
CA LYS A 79 15.22 3.16 -5.56
C LYS A 79 16.13 2.23 -4.77
N THR A 80 17.31 1.97 -5.32
CA THR A 80 18.27 1.10 -4.65
C THR A 80 18.89 1.86 -3.49
N VAL A 81 19.04 1.18 -2.36
CA VAL A 81 19.61 1.77 -1.17
C VAL A 81 21.12 1.96 -1.30
N ASP A 82 21.69 1.35 -2.34
CA ASP A 82 23.12 1.47 -2.59
C ASP A 82 23.50 2.91 -2.90
N GLY A 83 22.59 3.62 -3.54
CA GLY A 83 22.85 5.01 -3.87
C GLY A 83 21.60 5.88 -3.82
N GLY A 84 20.44 5.26 -3.96
CA GLY A 84 19.19 6.00 -3.93
C GLY A 84 18.67 6.29 -5.32
N PHE A 85 19.23 5.58 -6.29
CA PHE A 85 18.85 5.77 -7.69
C PHE A 85 18.14 4.55 -8.23
N ARG A 86 17.29 4.73 -9.24
CA ARG A 86 16.57 3.62 -9.88
C ARG A 86 15.45 4.13 -10.78
N GLU A 87 14.42 3.32 -10.96
CA GLU A 87 13.30 3.64 -11.85
C GLU A 87 12.00 3.78 -11.07
N ARG A 88 10.91 4.02 -11.79
CA ARG A 88 9.59 4.15 -11.18
C ARG A 88 8.76 2.91 -11.52
N GLN A 89 7.77 2.59 -10.69
CA GLN A 89 6.94 1.40 -10.94
C GLN A 89 5.68 1.41 -10.07
N GLY A 90 4.74 0.53 -10.38
CA GLY A 90 3.51 0.42 -9.61
C GLY A 90 3.23 -1.02 -9.22
N ILE A 91 2.67 -1.20 -8.02
CA ILE A 91 2.34 -2.54 -7.53
C ILE A 91 0.88 -2.61 -7.10
N ASP A 92 0.23 -3.71 -7.43
CA ASP A 92 -1.18 -3.91 -7.08
C ASP A 92 -1.33 -4.29 -5.61
N LEU A 93 -2.30 -3.67 -4.96
CA LEU A 93 -2.57 -3.94 -3.55
C LEU A 93 -3.80 -4.78 -3.38
N ASN A 94 -3.96 -5.74 -4.27
CA ASN A 94 -5.12 -6.63 -4.25
C ASN A 94 -5.00 -7.66 -3.14
N ARG A 95 -3.92 -7.54 -2.36
CA ARG A 95 -3.68 -8.42 -1.23
C ARG A 95 -4.18 -7.77 0.06
N ILE A 96 -4.53 -6.50 -0.04
CA ILE A 96 -5.02 -5.75 1.12
C ILE A 96 -6.53 -5.66 1.04
N GLN A 97 -7.20 -6.52 1.80
CA GLN A 97 -8.65 -6.57 1.80
C GLN A 97 -9.21 -6.20 3.18
N ASN A 98 -10.33 -5.50 3.17
CA ASN A 98 -10.99 -5.09 4.39
C ASN A 98 -12.09 -6.09 4.74
N VAL A 99 -12.00 -6.66 5.93
CA VAL A 99 -12.99 -7.62 6.39
C VAL A 99 -13.74 -7.05 7.60
N ASN A 100 -15.05 -6.84 7.42
CA ASN A 100 -15.90 -6.28 8.47
C ASN A 100 -15.41 -4.90 8.89
N GLY A 101 -14.78 -4.20 7.95
CA GLY A 101 -14.28 -2.88 8.22
C GLY A 101 -12.81 -2.88 8.64
N ARG A 102 -12.29 -4.04 8.99
CA ARG A 102 -10.89 -4.12 9.42
C ARG A 102 -9.99 -4.42 8.25
N LEU A 103 -8.90 -3.67 8.13
CA LEU A 103 -7.97 -3.85 7.03
C LEU A 103 -6.98 -4.96 7.36
N VAL A 104 -7.01 -6.04 6.59
CA VAL A 104 -6.12 -7.17 6.81
C VAL A 104 -5.33 -7.51 5.56
N PHE A 105 -4.06 -7.84 5.72
CA PHE A 105 -3.23 -8.21 4.61
C PHE A 105 -3.28 -9.71 4.41
N GLN A 106 -3.64 -10.11 3.21
CA GLN A 106 -3.73 -11.51 2.86
C GLN A 106 -2.86 -11.83 1.65
N MET A 4 -11.18 -9.48 -4.91
CA MET A 4 -11.38 -8.01 -4.79
C MET A 4 -10.42 -7.45 -3.75
N SER A 5 -10.35 -6.13 -3.68
CA SER A 5 -9.50 -5.46 -2.71
C SER A 5 -10.34 -4.64 -1.75
N TYR A 6 -9.72 -4.08 -0.73
CA TYR A 6 -10.44 -3.27 0.24
C TYR A 6 -11.16 -2.09 -0.42
N ALA A 7 -10.51 -1.50 -1.42
CA ALA A 7 -11.04 -0.36 -2.16
C ALA A 7 -12.42 -0.61 -2.74
N ASP A 8 -12.79 -1.89 -2.87
CA ASP A 8 -14.11 -2.25 -3.40
C ASP A 8 -15.21 -1.64 -2.53
N SER A 9 -14.97 -1.64 -1.23
CA SER A 9 -15.90 -1.10 -0.26
C SER A 9 -15.13 -0.20 0.71
N SER A 10 -14.28 0.65 0.16
CA SER A 10 -13.47 1.55 0.96
C SER A 10 -13.21 2.84 0.19
N ARG A 11 -13.01 3.93 0.93
CA ARG A 11 -12.75 5.23 0.34
C ARG A 11 -11.86 6.06 1.26
N ASN A 12 -11.42 7.21 0.77
CA ASN A 12 -10.54 8.12 1.51
C ASN A 12 -9.21 7.44 1.84
N ALA A 13 -8.66 6.79 0.82
CA ALA A 13 -7.39 6.09 0.98
C ALA A 13 -6.21 7.04 0.84
N VAL A 14 -5.44 7.17 1.90
CA VAL A 14 -4.26 8.03 1.92
C VAL A 14 -3.04 7.25 2.35
N LEU A 15 -1.87 7.85 2.23
CA LEU A 15 -0.62 7.20 2.59
C LEU A 15 -0.10 7.77 3.90
N THR A 16 0.00 6.92 4.91
CA THR A 16 0.48 7.34 6.21
C THR A 16 1.82 6.69 6.55
N ASN A 17 2.51 7.28 7.52
CA ASN A 17 3.81 6.79 7.99
C ASN A 17 4.86 6.88 6.89
N GLY A 18 4.72 7.87 6.01
CA GLY A 18 5.67 8.05 4.94
C GLY A 18 5.23 7.40 3.64
N GLY A 19 4.30 6.46 3.74
CA GLY A 19 3.82 5.78 2.56
C GLY A 19 3.98 4.29 2.67
N ARG A 20 3.67 3.76 3.84
CA ARG A 20 3.78 2.34 4.10
C ARG A 20 2.46 1.79 4.64
N THR A 21 1.73 2.64 5.32
CA THR A 21 0.45 2.26 5.90
C THR A 21 -0.69 2.83 5.08
N LEU A 22 -1.68 1.99 4.81
CA LEU A 22 -2.86 2.41 4.06
C LEU A 22 -3.96 2.82 5.00
N ARG A 23 -4.30 4.10 4.98
CA ARG A 23 -5.36 4.59 5.83
C ARG A 23 -6.58 4.90 4.98
N ALA A 24 -7.68 4.23 5.27
CA ALA A 24 -8.91 4.42 4.51
C ALA A 24 -10.13 4.08 5.36
N GLU A 25 -11.29 4.48 4.88
CA GLU A 25 -12.54 4.18 5.56
C GLU A 25 -13.06 2.87 5.01
N CYS A 26 -13.09 1.85 5.84
CA CYS A 26 -13.54 0.54 5.40
C CYS A 26 -14.97 0.32 5.84
N ARG A 27 -15.85 0.03 4.90
CA ARG A 27 -17.23 -0.22 5.22
C ARG A 27 -17.36 -1.59 5.89
N ASN A 28 -17.76 -1.58 7.15
CA ASN A 28 -17.91 -2.81 7.92
C ASN A 28 -19.19 -3.52 7.55
N ALA A 29 -19.36 -4.75 8.03
CA ALA A 29 -20.54 -5.56 7.73
C ALA A 29 -21.83 -4.85 8.09
N ASP A 30 -21.79 -4.05 9.15
CA ASP A 30 -22.97 -3.31 9.60
C ASP A 30 -23.35 -2.24 8.58
N GLY A 31 -22.39 -1.89 7.73
CA GLY A 31 -22.62 -0.89 6.73
C GLY A 31 -22.18 0.47 7.21
N ASN A 32 -21.13 0.48 8.01
CA ASN A 32 -20.59 1.72 8.57
C ASN A 32 -19.16 1.93 8.10
N TRP A 33 -18.69 3.16 8.17
CA TRP A 33 -17.33 3.48 7.75
C TRP A 33 -16.40 3.54 8.95
N VAL A 34 -15.42 2.66 8.97
CA VAL A 34 -14.44 2.65 10.04
C VAL A 34 -13.05 2.89 9.50
N THR A 35 -12.32 3.78 10.14
CA THR A 35 -10.97 4.10 9.71
C THR A 35 -10.01 2.98 10.09
N SER A 36 -9.53 2.28 9.09
CA SER A 36 -8.60 1.17 9.31
C SER A 36 -7.30 1.42 8.58
N GLU A 37 -6.20 0.96 9.18
CA GLU A 37 -4.88 1.14 8.59
C GLU A 37 -4.13 -0.20 8.55
N LEU A 38 -3.57 -0.51 7.38
CA LEU A 38 -2.82 -1.75 7.21
C LEU A 38 -1.44 -1.40 6.68
N ASP A 39 -0.41 -1.96 7.28
CA ASP A 39 0.96 -1.69 6.89
C ASP A 39 1.40 -2.68 5.82
N LEU A 40 1.55 -2.20 4.60
CA LEU A 40 1.95 -3.06 3.49
C LEU A 40 3.46 -3.25 3.47
N ASP A 41 4.19 -2.37 4.16
CA ASP A 41 5.64 -2.43 4.21
C ASP A 41 6.11 -3.73 4.85
N THR A 42 5.18 -4.48 5.42
CA THR A 42 5.48 -5.74 6.05
C THR A 42 5.64 -6.85 5.01
N CYS A 43 5.08 -6.64 3.82
CA CYS A 43 5.16 -7.65 2.77
C CYS A 43 5.61 -7.07 1.43
N ILE A 44 5.68 -5.74 1.32
CA ILE A 44 6.11 -5.11 0.08
C ILE A 44 7.55 -4.59 0.23
N GLY A 45 8.37 -4.87 -0.77
CA GLY A 45 9.75 -4.44 -0.74
C GLY A 45 10.27 -4.14 -2.12
N ASN A 46 11.35 -3.37 -2.18
CA ASN A 46 11.96 -3.00 -3.47
C ASN A 46 13.40 -2.48 -3.31
N PRO A 47 14.29 -3.24 -2.65
CA PRO A 47 15.68 -2.81 -2.44
C PRO A 47 16.50 -2.85 -3.73
N ASN A 48 16.00 -3.60 -4.72
CA ASN A 48 16.67 -3.72 -6.00
C ASN A 48 16.13 -2.69 -6.98
N GLY A 49 14.98 -2.12 -6.66
CA GLY A 49 14.38 -1.14 -7.53
C GLY A 49 13.13 -1.65 -8.20
N PHE A 50 12.65 -2.81 -7.77
CA PHE A 50 11.45 -3.40 -8.34
C PHE A 50 10.44 -3.69 -7.25
N LEU A 51 9.18 -3.33 -7.51
CA LEU A 51 8.11 -3.54 -6.54
C LEU A 51 7.52 -4.93 -6.63
N GLY A 52 7.18 -5.46 -5.47
CA GLY A 52 6.60 -6.77 -5.41
C GLY A 52 6.35 -7.20 -4.00
N TRP A 53 5.64 -8.31 -3.84
CA TRP A 53 5.34 -8.84 -2.52
C TRP A 53 6.38 -9.91 -2.15
N GLY A 54 7.02 -9.72 -1.01
CA GLY A 54 8.02 -10.66 -0.55
C GLY A 54 8.94 -10.04 0.48
N MET A 55 9.61 -8.97 0.08
CA MET A 55 10.53 -8.26 0.94
C MET A 55 9.77 -7.23 1.78
N GLN A 56 10.43 -6.56 2.71
CA GLN A 56 9.76 -5.58 3.54
C GLN A 56 10.50 -4.25 3.53
N ASN A 57 9.82 -3.22 4.04
CA ASN A 57 10.38 -1.87 4.12
C ASN A 57 10.65 -1.25 2.75
N PHE A 58 9.66 -1.31 1.87
CA PHE A 58 9.81 -0.74 0.54
C PHE A 58 9.88 0.78 0.62
N SER A 59 9.21 1.34 1.62
CA SER A 59 9.15 2.78 1.83
C SER A 59 10.54 3.41 1.99
N HIS A 60 11.45 2.71 2.65
CA HIS A 60 12.79 3.22 2.86
C HIS A 60 13.61 3.20 1.56
N SER A 61 13.31 2.23 0.71
CA SER A 61 14.02 2.08 -0.55
C SER A 61 13.23 2.72 -1.69
N SER A 62 12.31 3.60 -1.36
CA SER A 62 11.50 4.28 -2.37
C SER A 62 11.47 5.78 -2.14
N GLU A 63 11.03 6.49 -3.17
CA GLU A 63 10.89 7.94 -3.12
C GLU A 63 9.57 8.34 -3.77
N ASP A 64 8.85 9.27 -3.15
CA ASP A 64 7.56 9.75 -3.66
C ASP A 64 6.56 8.59 -3.79
N ILE A 65 5.97 8.22 -2.65
CA ILE A 65 5.01 7.12 -2.61
C ILE A 65 3.58 7.65 -2.59
N LYS A 66 2.77 7.25 -3.56
CA LYS A 66 1.37 7.67 -3.63
C LYS A 66 0.53 6.57 -4.28
N LEU A 67 -0.78 6.67 -4.14
CA LEU A 67 -1.68 5.66 -4.72
C LEU A 67 -2.10 6.07 -6.13
N GLU A 68 -1.92 5.14 -7.06
CA GLU A 68 -2.25 5.36 -8.47
C GLU A 68 -3.76 5.26 -8.69
N GLU A 69 -4.32 4.11 -8.32
CA GLU A 69 -5.75 3.88 -8.48
C GLU A 69 -6.52 4.42 -7.29
N GLY A 70 -5.83 5.20 -6.47
CA GLY A 70 -6.47 5.78 -5.30
C GLY A 70 -6.74 4.76 -4.23
N GLY A 71 -5.92 3.70 -4.19
CA GLY A 71 -6.11 2.68 -3.18
C GLY A 71 -5.98 1.28 -3.74
N ARG A 72 -6.41 1.10 -4.98
CA ARG A 72 -6.34 -0.21 -5.63
C ARG A 72 -4.91 -0.52 -6.08
N LYS A 73 -4.08 0.52 -6.16
CA LYS A 73 -2.70 0.37 -6.59
C LYS A 73 -1.81 1.43 -5.97
N LEU A 74 -0.60 1.04 -5.60
CA LEU A 74 0.37 1.96 -5.01
C LEU A 74 1.51 2.20 -6.01
N THR A 75 1.82 3.45 -6.27
CA THR A 75 2.89 3.80 -7.19
C THR A 75 3.94 4.68 -6.52
N CYS A 76 5.19 4.27 -6.65
CA CYS A 76 6.30 5.01 -6.06
C CYS A 76 7.55 4.75 -6.88
N ARG A 77 8.61 5.50 -6.61
CA ARG A 77 9.85 5.29 -7.35
C ARG A 77 10.88 4.61 -6.47
N PRO A 78 11.03 3.29 -6.65
CA PRO A 78 11.99 2.51 -5.90
C PRO A 78 13.40 2.82 -6.37
N LYS A 79 14.32 2.95 -5.43
CA LYS A 79 15.69 3.25 -5.73
C LYS A 79 16.62 2.16 -5.19
N THR A 80 17.65 1.82 -5.96
CA THR A 80 18.60 0.81 -5.53
C THR A 80 19.51 1.39 -4.48
N VAL A 81 19.79 0.61 -3.46
CA VAL A 81 20.65 1.02 -2.37
C VAL A 81 22.11 1.06 -2.80
N ASP A 82 22.38 0.53 -3.99
CA ASP A 82 23.74 0.51 -4.52
C ASP A 82 24.23 1.92 -4.82
N GLY A 83 23.31 2.81 -5.20
CA GLY A 83 23.68 4.18 -5.50
C GLY A 83 22.55 5.17 -5.31
N GLY A 84 21.34 4.66 -5.14
CA GLY A 84 20.18 5.54 -4.95
C GLY A 84 19.52 5.89 -6.26
N PHE A 85 19.83 5.13 -7.29
CA PHE A 85 19.28 5.36 -8.63
C PHE A 85 18.35 4.23 -9.01
N ARG A 86 17.43 4.45 -9.95
CA ARG A 86 16.49 3.41 -10.38
C ARG A 86 15.40 3.94 -11.31
N GLU A 87 14.23 3.32 -11.21
CA GLU A 87 13.09 3.66 -12.05
C GLU A 87 11.81 3.55 -11.24
N ARG A 88 10.79 4.32 -11.61
CA ARG A 88 9.53 4.31 -10.90
C ARG A 88 8.72 3.09 -11.31
N GLN A 89 7.89 2.60 -10.39
CA GLN A 89 7.09 1.42 -10.64
C GLN A 89 5.84 1.40 -9.76
N GLY A 90 4.83 0.64 -10.18
CA GLY A 90 3.61 0.54 -9.41
C GLY A 90 3.28 -0.89 -9.06
N ILE A 91 2.73 -1.08 -7.87
CA ILE A 91 2.35 -2.40 -7.40
C ILE A 91 0.87 -2.42 -7.03
N ASP A 92 0.16 -3.45 -7.46
CA ASP A 92 -1.25 -3.57 -7.18
C ASP A 92 -1.46 -4.02 -5.73
N LEU A 93 -2.47 -3.45 -5.09
CA LEU A 93 -2.76 -3.78 -3.70
C LEU A 93 -4.01 -4.64 -3.61
N ASN A 94 -4.10 -5.59 -4.53
CA ASN A 94 -5.25 -6.50 -4.57
C ASN A 94 -5.15 -7.54 -3.48
N ARG A 95 -4.11 -7.42 -2.66
CA ARG A 95 -3.88 -8.33 -1.56
C ARG A 95 -4.42 -7.78 -0.26
N ILE A 96 -4.69 -6.48 -0.22
CA ILE A 96 -5.19 -5.85 0.98
C ILE A 96 -6.71 -5.83 0.96
N GLN A 97 -7.31 -6.57 1.89
CA GLN A 97 -8.75 -6.67 1.96
C GLN A 97 -9.28 -6.28 3.34
N ASN A 98 -10.41 -5.59 3.34
CA ASN A 98 -11.07 -5.18 4.56
C ASN A 98 -12.12 -6.20 4.96
N VAL A 99 -11.79 -7.02 5.94
CA VAL A 99 -12.69 -8.06 6.40
C VAL A 99 -13.57 -7.53 7.54
N ASN A 100 -14.85 -7.36 7.25
CA ASN A 100 -15.82 -6.87 8.24
C ASN A 100 -15.43 -5.47 8.72
N GLY A 101 -14.73 -4.73 7.88
CA GLY A 101 -14.33 -3.39 8.23
C GLY A 101 -12.89 -3.30 8.69
N ARG A 102 -12.29 -4.43 9.03
CA ARG A 102 -10.91 -4.43 9.49
C ARG A 102 -9.97 -4.66 8.31
N LEU A 103 -9.02 -3.76 8.15
CA LEU A 103 -8.08 -3.87 7.05
C LEU A 103 -6.96 -4.84 7.40
N VAL A 104 -6.90 -5.96 6.69
CA VAL A 104 -5.88 -6.97 6.94
C VAL A 104 -5.21 -7.39 5.63
N PHE A 105 -3.93 -7.71 5.70
CA PHE A 105 -3.20 -8.16 4.52
C PHE A 105 -3.53 -9.61 4.24
N GLN A 106 -3.80 -9.91 2.98
CA GLN A 106 -4.12 -11.26 2.57
C GLN A 106 -3.12 -11.75 1.53
N MET A 4 -10.50 -8.89 -5.73
CA MET A 4 -10.87 -7.50 -5.39
C MET A 4 -10.03 -6.99 -4.22
N SER A 5 -10.01 -5.68 -4.04
CA SER A 5 -9.26 -5.08 -2.95
C SER A 5 -10.19 -4.37 -1.97
N TYR A 6 -9.62 -3.88 -0.89
CA TYR A 6 -10.39 -3.18 0.14
C TYR A 6 -11.09 -1.93 -0.41
N ALA A 7 -10.44 -1.28 -1.38
CA ALA A 7 -10.96 -0.05 -1.98
C ALA A 7 -12.38 -0.21 -2.54
N ASP A 8 -12.80 -1.45 -2.75
CA ASP A 8 -14.14 -1.72 -3.26
C ASP A 8 -15.21 -1.15 -2.34
N SER A 9 -15.02 -1.31 -1.04
CA SER A 9 -15.98 -0.82 -0.06
C SER A 9 -15.30 0.13 0.92
N SER A 10 -14.40 0.95 0.43
CA SER A 10 -13.70 1.91 1.26
C SER A 10 -13.50 3.22 0.51
N ARG A 11 -13.11 4.25 1.23
CA ARG A 11 -12.92 5.57 0.65
C ARG A 11 -11.82 6.34 1.37
N ASN A 12 -11.41 7.45 0.77
CA ASN A 12 -10.40 8.33 1.34
C ASN A 12 -9.11 7.60 1.68
N ALA A 13 -8.67 6.74 0.77
CA ALA A 13 -7.43 5.99 0.99
C ALA A 13 -6.24 6.91 0.84
N VAL A 14 -5.50 7.08 1.92
CA VAL A 14 -4.34 7.94 1.93
C VAL A 14 -3.10 7.18 2.37
N LEU A 15 -1.94 7.83 2.27
CA LEU A 15 -0.68 7.21 2.65
C LEU A 15 -0.20 7.76 3.98
N THR A 16 -0.12 6.88 4.97
CA THR A 16 0.35 7.26 6.29
C THR A 16 1.69 6.60 6.60
N ASN A 17 2.39 7.15 7.58
CA ASN A 17 3.69 6.63 8.00
C ASN A 17 4.69 6.63 6.85
N GLY A 18 4.72 7.73 6.11
CA GLY A 18 5.62 7.84 4.98
C GLY A 18 5.01 7.29 3.70
N GLY A 19 4.05 6.39 3.86
CA GLY A 19 3.40 5.79 2.71
C GLY A 19 3.47 4.29 2.75
N ARG A 20 3.77 3.76 3.93
CA ARG A 20 3.87 2.32 4.11
C ARG A 20 2.57 1.75 4.63
N THR A 21 1.78 2.61 5.25
CA THR A 21 0.51 2.22 5.82
C THR A 21 -0.65 2.83 5.04
N LEU A 22 -1.67 2.02 4.78
CA LEU A 22 -2.84 2.48 4.06
C LEU A 22 -3.95 2.86 5.02
N ARG A 23 -4.27 4.13 5.08
CA ARG A 23 -5.34 4.59 5.95
C ARG A 23 -6.56 4.93 5.10
N ALA A 24 -7.66 4.25 5.37
CA ALA A 24 -8.90 4.49 4.62
C ALA A 24 -10.12 4.15 5.46
N GLU A 25 -11.27 4.65 5.03
CA GLU A 25 -12.51 4.39 5.71
C GLU A 25 -13.15 3.16 5.09
N CYS A 26 -13.09 2.05 5.81
CA CYS A 26 -13.65 0.81 5.32
C CYS A 26 -15.07 0.65 5.83
N ARG A 27 -15.98 0.31 4.94
CA ARG A 27 -17.35 0.13 5.31
C ARG A 27 -17.57 -1.28 5.84
N ASN A 28 -17.95 -1.37 7.12
CA ASN A 28 -18.22 -2.66 7.73
C ASN A 28 -19.63 -3.09 7.37
N ALA A 29 -19.90 -4.39 7.54
CA ALA A 29 -21.20 -4.98 7.23
C ALA A 29 -22.36 -4.30 7.95
N ASP A 30 -22.06 -3.61 9.04
CA ASP A 30 -23.08 -2.91 9.80
C ASP A 30 -23.50 -1.63 9.06
N GLY A 31 -22.72 -1.25 8.07
CA GLY A 31 -23.01 -0.07 7.29
C GLY A 31 -22.37 1.17 7.89
N ASN A 32 -21.22 0.99 8.52
CA ASN A 32 -20.52 2.10 9.15
C ASN A 32 -19.09 2.22 8.62
N TRP A 33 -18.56 3.43 8.64
CA TRP A 33 -17.20 3.68 8.18
C TRP A 33 -16.22 3.56 9.33
N VAL A 34 -15.27 2.65 9.21
CA VAL A 34 -14.25 2.47 10.22
C VAL A 34 -12.88 2.75 9.63
N THR A 35 -12.14 3.61 10.27
CA THR A 35 -10.80 3.96 9.81
C THR A 35 -9.82 2.84 10.15
N SER A 36 -9.33 2.16 9.14
CA SER A 36 -8.39 1.07 9.34
C SER A 36 -7.10 1.31 8.58
N GLU A 37 -5.99 0.87 9.16
CA GLU A 37 -4.68 1.02 8.54
C GLU A 37 -3.98 -0.33 8.43
N LEU A 38 -3.42 -0.59 7.24
CA LEU A 38 -2.70 -1.83 6.99
C LEU A 38 -1.31 -1.48 6.49
N ASP A 39 -0.29 -2.11 7.06
CA ASP A 39 1.08 -1.85 6.66
C ASP A 39 1.49 -2.80 5.55
N LEU A 40 1.66 -2.25 4.36
CA LEU A 40 2.05 -3.05 3.20
C LEU A 40 3.55 -3.25 3.16
N ASP A 41 4.29 -2.33 3.79
CA ASP A 41 5.76 -2.38 3.81
C ASP A 41 6.28 -3.66 4.44
N THR A 42 5.42 -4.37 5.16
CA THR A 42 5.80 -5.60 5.81
C THR A 42 5.91 -6.77 4.82
N CYS A 43 5.36 -6.60 3.61
CA CYS A 43 5.40 -7.66 2.62
C CYS A 43 5.80 -7.16 1.23
N ILE A 44 6.04 -5.85 1.10
CA ILE A 44 6.46 -5.30 -0.18
C ILE A 44 7.92 -4.88 -0.10
N GLY A 45 8.68 -5.22 -1.13
CA GLY A 45 10.09 -4.87 -1.15
C GLY A 45 10.54 -4.39 -2.52
N ASN A 46 11.62 -3.62 -2.55
CA ASN A 46 12.13 -3.09 -3.82
C ASN A 46 13.57 -2.53 -3.70
N PRO A 47 14.49 -3.23 -3.01
CA PRO A 47 15.87 -2.74 -2.85
C PRO A 47 16.68 -2.85 -4.14
N ASN A 48 16.25 -3.74 -5.02
CA ASN A 48 16.92 -3.96 -6.30
C ASN A 48 16.44 -2.96 -7.33
N GLY A 49 15.34 -2.29 -7.03
CA GLY A 49 14.79 -1.34 -7.96
C GLY A 49 13.52 -1.85 -8.61
N PHE A 50 13.03 -2.98 -8.12
CA PHE A 50 11.81 -3.59 -8.65
C PHE A 50 10.81 -3.84 -7.54
N LEU A 51 9.54 -3.56 -7.83
CA LEU A 51 8.47 -3.72 -6.84
C LEU A 51 7.87 -5.12 -6.89
N GLY A 52 7.37 -5.56 -5.75
CA GLY A 52 6.73 -6.86 -5.66
C GLY A 52 6.52 -7.29 -4.22
N TRP A 53 5.77 -8.38 -4.06
CA TRP A 53 5.48 -8.91 -2.73
C TRP A 53 6.48 -10.01 -2.38
N GLY A 54 7.04 -9.94 -1.18
CA GLY A 54 8.00 -10.94 -0.74
C GLY A 54 8.91 -10.39 0.33
N MET A 55 9.68 -9.39 -0.03
CA MET A 55 10.60 -8.74 0.89
C MET A 55 9.84 -7.62 1.61
N GLN A 56 10.48 -6.95 2.55
CA GLN A 56 9.81 -5.88 3.28
C GLN A 56 10.66 -4.60 3.32
N ASN A 57 10.06 -3.52 3.82
CA ASN A 57 10.73 -2.22 3.95
C ASN A 57 11.00 -1.59 2.60
N PHE A 58 9.99 -1.59 1.74
CA PHE A 58 10.12 -1.01 0.40
C PHE A 58 10.05 0.51 0.48
N SER A 59 9.38 1.02 1.50
CA SER A 59 9.22 2.46 1.68
C SER A 59 10.56 3.14 1.87
N HIS A 60 11.49 2.42 2.46
CA HIS A 60 12.83 2.95 2.73
C HIS A 60 13.70 2.85 1.49
N SER A 61 13.16 2.25 0.44
CA SER A 61 13.88 2.10 -0.82
C SER A 61 13.05 2.62 -1.98
N SER A 62 12.18 3.58 -1.69
CA SER A 62 11.32 4.15 -2.73
C SER A 62 11.12 5.65 -2.50
N GLU A 63 10.77 6.35 -3.58
CA GLU A 63 10.55 7.79 -3.52
C GLU A 63 9.17 8.12 -4.10
N ASP A 64 8.45 9.01 -3.43
CA ASP A 64 7.12 9.45 -3.86
C ASP A 64 6.14 8.28 -3.92
N ILE A 65 5.55 7.96 -2.79
CA ILE A 65 4.58 6.87 -2.71
C ILE A 65 3.16 7.43 -2.78
N LYS A 66 2.40 7.01 -3.77
CA LYS A 66 1.03 7.46 -3.94
C LYS A 66 0.17 6.35 -4.55
N LEU A 67 -1.10 6.32 -4.19
CA LEU A 67 -2.03 5.30 -4.69
C LEU A 67 -2.68 5.74 -6.00
N GLU A 68 -2.92 4.79 -6.89
CA GLU A 68 -3.52 5.07 -8.19
C GLU A 68 -4.97 4.64 -8.26
N GLU A 69 -5.21 3.34 -8.09
CA GLU A 69 -6.56 2.78 -8.17
C GLU A 69 -7.33 3.00 -6.87
N GLY A 70 -7.21 4.19 -6.34
CA GLY A 70 -7.91 4.55 -5.11
C GLY A 70 -7.47 3.71 -3.93
N GLY A 71 -6.29 3.11 -4.04
CA GLY A 71 -5.79 2.28 -2.98
C GLY A 71 -5.52 0.86 -3.42
N ARG A 72 -6.04 0.50 -4.58
CA ARG A 72 -5.85 -0.86 -5.11
C ARG A 72 -4.52 -0.97 -5.85
N LYS A 73 -3.78 0.13 -5.87
CA LYS A 73 -2.49 0.18 -6.54
C LYS A 73 -1.62 1.24 -5.92
N LEU A 74 -0.37 0.91 -5.66
CA LEU A 74 0.58 1.82 -5.07
C LEU A 74 1.71 2.10 -6.03
N THR A 75 1.96 3.36 -6.31
CA THR A 75 3.04 3.75 -7.21
C THR A 75 4.12 4.52 -6.46
N CYS A 76 5.37 4.18 -6.75
CA CYS A 76 6.51 4.82 -6.12
C CYS A 76 7.75 4.54 -6.95
N ARG A 77 8.82 5.28 -6.70
CA ARG A 77 10.05 5.07 -7.43
C ARG A 77 11.02 4.23 -6.63
N PRO A 78 11.16 2.94 -6.98
CA PRO A 78 12.09 2.03 -6.31
C PRO A 78 13.52 2.45 -6.59
N LYS A 79 14.26 2.77 -5.56
CA LYS A 79 15.64 3.20 -5.72
C LYS A 79 16.61 2.28 -4.99
N THR A 80 17.74 2.01 -5.62
CA THR A 80 18.75 1.17 -5.01
C THR A 80 19.41 1.93 -3.87
N VAL A 81 19.58 1.27 -2.75
CA VAL A 81 20.17 1.87 -1.56
C VAL A 81 21.68 2.06 -1.72
N ASP A 82 22.23 1.59 -2.83
CA ASP A 82 23.66 1.74 -3.07
C ASP A 82 24.00 3.21 -3.33
N GLY A 83 23.05 3.92 -3.94
CA GLY A 83 23.26 5.32 -4.22
C GLY A 83 21.96 6.10 -4.26
N GLY A 84 20.85 5.41 -4.45
CA GLY A 84 19.56 6.08 -4.50
C GLY A 84 19.12 6.33 -5.92
N PHE A 85 19.69 5.58 -6.84
CA PHE A 85 19.37 5.73 -8.26
C PHE A 85 18.63 4.51 -8.75
N ARG A 86 17.66 4.69 -9.65
CA ARG A 86 16.90 3.57 -10.19
C ARG A 86 15.76 4.03 -11.09
N GLU A 87 14.72 3.21 -11.19
CA GLU A 87 13.57 3.48 -12.05
C GLU A 87 12.32 3.69 -11.20
N ARG A 88 11.21 4.02 -11.85
CA ARG A 88 9.94 4.22 -11.16
C ARG A 88 9.00 3.07 -11.52
N GLN A 89 8.09 2.73 -10.62
CA GLN A 89 7.17 1.61 -10.85
C GLN A 89 5.89 1.71 -10.02
N GLY A 90 5.07 0.67 -10.13
CA GLY A 90 3.82 0.59 -9.40
C GLY A 90 3.45 -0.85 -9.11
N ILE A 91 2.88 -1.09 -7.94
CA ILE A 91 2.52 -2.44 -7.52
C ILE A 91 1.02 -2.50 -7.17
N ASP A 92 0.40 -3.61 -7.52
CA ASP A 92 -1.01 -3.82 -7.24
C ASP A 92 -1.22 -4.22 -5.79
N LEU A 93 -2.19 -3.58 -5.15
CA LEU A 93 -2.49 -3.85 -3.76
C LEU A 93 -3.79 -4.65 -3.62
N ASN A 94 -3.95 -5.61 -4.49
CA ASN A 94 -5.13 -6.47 -4.48
C ASN A 94 -5.03 -7.48 -3.34
N ARG A 95 -3.95 -7.38 -2.59
CA ARG A 95 -3.71 -8.27 -1.47
C ARG A 95 -4.22 -7.65 -0.18
N ILE A 96 -4.65 -6.40 -0.25
CA ILE A 96 -5.15 -5.70 0.92
C ILE A 96 -6.67 -5.68 0.88
N GLN A 97 -7.29 -6.49 1.73
CA GLN A 97 -8.74 -6.61 1.76
C GLN A 97 -9.30 -6.19 3.13
N ASN A 98 -10.50 -5.65 3.13
CA ASN A 98 -11.17 -5.23 4.36
C ASN A 98 -12.16 -6.29 4.81
N VAL A 99 -11.92 -6.83 5.99
CA VAL A 99 -12.79 -7.85 6.57
C VAL A 99 -13.65 -7.22 7.66
N ASN A 100 -14.89 -6.92 7.32
CA ASN A 100 -15.84 -6.29 8.24
C ASN A 100 -15.31 -4.96 8.75
N GLY A 101 -14.75 -4.18 7.83
CA GLY A 101 -14.21 -2.89 8.19
C GLY A 101 -12.75 -2.93 8.58
N ARG A 102 -12.29 -4.08 9.05
CA ARG A 102 -10.89 -4.22 9.47
C ARG A 102 -10.00 -4.55 8.30
N LEU A 103 -9.00 -3.73 8.07
CA LEU A 103 -8.07 -3.94 6.96
C LEU A 103 -7.10 -5.07 7.29
N VAL A 104 -7.09 -6.10 6.44
CA VAL A 104 -6.23 -7.25 6.65
C VAL A 104 -5.44 -7.57 5.39
N PHE A 105 -4.17 -7.91 5.56
CA PHE A 105 -3.33 -8.27 4.43
C PHE A 105 -3.52 -9.75 4.13
N GLN A 106 -3.73 -10.07 2.87
CA GLN A 106 -3.93 -11.44 2.46
C GLN A 106 -3.09 -11.75 1.23
N MET A 4 -9.39 -8.67 -5.83
CA MET A 4 -10.27 -7.67 -5.18
C MET A 4 -9.52 -6.97 -4.07
N SER A 5 -9.72 -5.67 -3.94
CA SER A 5 -9.07 -4.90 -2.90
C SER A 5 -10.10 -4.32 -1.94
N TYR A 6 -9.61 -3.79 -0.84
CA TYR A 6 -10.46 -3.18 0.18
C TYR A 6 -11.30 -2.05 -0.41
N ALA A 7 -10.74 -1.39 -1.42
CA ALA A 7 -11.39 -0.27 -2.10
C ALA A 7 -12.78 -0.63 -2.59
N ASP A 8 -13.08 -1.92 -2.71
CA ASP A 8 -14.39 -2.36 -3.15
C ASP A 8 -15.46 -1.88 -2.17
N SER A 9 -15.11 -1.87 -0.89
CA SER A 9 -16.01 -1.43 0.15
C SER A 9 -15.28 -0.49 1.10
N SER A 10 -14.40 0.33 0.55
CA SER A 10 -13.62 1.29 1.32
C SER A 10 -13.34 2.52 0.47
N ARG A 11 -13.30 3.68 1.10
CA ARG A 11 -13.06 4.93 0.38
C ARG A 11 -12.09 5.82 1.14
N ASN A 12 -11.61 6.87 0.45
CA ASN A 12 -10.67 7.84 0.99
C ASN A 12 -9.41 7.16 1.52
N ALA A 13 -8.65 6.55 0.62
CA ALA A 13 -7.43 5.87 0.98
C ALA A 13 -6.23 6.81 0.87
N VAL A 14 -5.55 7.03 1.97
CA VAL A 14 -4.39 7.91 2.02
C VAL A 14 -3.16 7.13 2.47
N LEU A 15 -1.99 7.76 2.33
CA LEU A 15 -0.74 7.13 2.71
C LEU A 15 -0.23 7.71 4.02
N THR A 16 -0.15 6.88 5.03
CA THR A 16 0.32 7.31 6.33
C THR A 16 1.69 6.72 6.63
N ASN A 17 2.39 7.31 7.58
CA ASN A 17 3.73 6.86 7.98
C ASN A 17 4.71 6.97 6.82
N GLY A 18 4.60 8.07 6.07
CA GLY A 18 5.49 8.30 4.94
C GLY A 18 4.93 7.75 3.65
N GLY A 19 4.41 6.53 3.70
CA GLY A 19 3.85 5.90 2.53
C GLY A 19 4.00 4.40 2.58
N ARG A 20 3.55 3.83 3.68
CA ARG A 20 3.62 2.39 3.90
C ARG A 20 2.31 1.86 4.45
N THR A 21 1.67 2.67 5.26
CA THR A 21 0.41 2.31 5.87
C THR A 21 -0.76 2.88 5.06
N LEU A 22 -1.74 2.03 4.82
CA LEU A 22 -2.93 2.45 4.08
C LEU A 22 -4.04 2.83 5.03
N ARG A 23 -4.40 4.09 5.03
CA ARG A 23 -5.47 4.57 5.90
C ARG A 23 -6.69 4.89 5.05
N ALA A 24 -7.80 4.22 5.32
CA ALA A 24 -9.02 4.44 4.56
C ALA A 24 -10.25 4.13 5.40
N GLU A 25 -11.41 4.53 4.88
CA GLU A 25 -12.67 4.28 5.55
C GLU A 25 -13.19 2.93 5.07
N CYS A 26 -13.11 1.93 5.92
CA CYS A 26 -13.56 0.61 5.55
C CYS A 26 -14.97 0.38 6.05
N ARG A 27 -15.85 -0.01 5.14
CA ARG A 27 -17.23 -0.26 5.50
C ARG A 27 -17.35 -1.62 6.15
N ASN A 28 -17.66 -1.61 7.44
CA ASN A 28 -17.81 -2.84 8.21
C ASN A 28 -19.10 -3.54 7.84
N ALA A 29 -19.25 -4.78 8.33
CA ALA A 29 -20.42 -5.61 8.03
C ALA A 29 -21.72 -5.02 8.57
N ASP A 30 -21.60 -3.99 9.40
CA ASP A 30 -22.77 -3.33 9.95
C ASP A 30 -23.21 -2.22 9.00
N GLY A 31 -22.34 -1.96 8.02
CA GLY A 31 -22.61 -0.91 7.04
C GLY A 31 -22.10 0.43 7.51
N ASN A 32 -21.06 0.41 8.34
CA ASN A 32 -20.49 1.64 8.88
C ASN A 32 -19.09 1.89 8.35
N TRP A 33 -18.63 3.12 8.45
CA TRP A 33 -17.29 3.48 7.98
C TRP A 33 -16.33 3.61 9.16
N VAL A 34 -15.32 2.75 9.17
CA VAL A 34 -14.31 2.76 10.21
C VAL A 34 -12.93 3.04 9.63
N THR A 35 -12.14 3.83 10.34
CA THR A 35 -10.80 4.15 9.90
C THR A 35 -9.87 3.00 10.25
N SER A 36 -9.43 2.28 9.23
CA SER A 36 -8.53 1.16 9.43
C SER A 36 -7.24 1.37 8.67
N GLU A 37 -6.16 0.82 9.20
CA GLU A 37 -4.86 0.95 8.57
C GLU A 37 -4.17 -0.41 8.44
N LEU A 38 -3.42 -0.58 7.37
CA LEU A 38 -2.68 -1.81 7.13
C LEU A 38 -1.30 -1.45 6.57
N ASP A 39 -0.26 -2.04 7.13
CA ASP A 39 1.09 -1.78 6.67
C ASP A 39 1.50 -2.73 5.57
N LEU A 40 1.63 -2.22 4.37
CA LEU A 40 2.03 -3.03 3.23
C LEU A 40 3.53 -3.21 3.24
N ASP A 41 4.21 -2.33 3.95
CA ASP A 41 5.67 -2.34 4.05
C ASP A 41 6.20 -3.65 4.61
N THR A 42 5.35 -4.41 5.28
CA THR A 42 5.77 -5.69 5.85
C THR A 42 5.76 -6.81 4.81
N CYS A 43 5.26 -6.52 3.62
CA CYS A 43 5.22 -7.53 2.56
C CYS A 43 5.69 -6.95 1.23
N ILE A 44 5.69 -5.63 1.10
CA ILE A 44 6.15 -5.00 -0.14
C ILE A 44 7.59 -4.54 0.05
N GLY A 45 8.44 -4.90 -0.89
CA GLY A 45 9.83 -4.51 -0.83
C GLY A 45 10.37 -4.16 -2.17
N ASN A 46 11.53 -3.50 -2.20
CA ASN A 46 12.14 -3.09 -3.46
C ASN A 46 13.63 -2.74 -3.31
N PRO A 47 14.43 -3.59 -2.63
CA PRO A 47 15.86 -3.31 -2.46
C PRO A 47 16.64 -3.48 -3.75
N ASN A 48 16.08 -4.27 -4.66
CA ASN A 48 16.68 -4.55 -5.95
C ASN A 48 16.33 -3.46 -6.95
N GLY A 49 15.33 -2.65 -6.60
CA GLY A 49 14.89 -1.59 -7.48
C GLY A 49 13.60 -1.93 -8.19
N PHE A 50 12.99 -3.03 -7.78
CA PHE A 50 11.73 -3.48 -8.35
C PHE A 50 10.70 -3.66 -7.25
N LEU A 51 9.46 -3.26 -7.55
CA LEU A 51 8.38 -3.37 -6.59
C LEU A 51 7.72 -4.75 -6.67
N GLY A 52 7.27 -5.25 -5.54
CA GLY A 52 6.61 -6.53 -5.50
C GLY A 52 6.37 -7.01 -4.10
N TRP A 53 5.63 -8.09 -3.96
CA TRP A 53 5.33 -8.65 -2.65
C TRP A 53 6.33 -9.76 -2.33
N GLY A 54 6.99 -9.63 -1.19
CA GLY A 54 7.97 -10.63 -0.78
C GLY A 54 8.93 -10.09 0.26
N MET A 55 9.55 -8.96 -0.04
CA MET A 55 10.49 -8.32 0.87
C MET A 55 9.75 -7.24 1.65
N GLN A 56 10.43 -6.56 2.56
CA GLN A 56 9.77 -5.53 3.35
C GLN A 56 10.58 -4.24 3.34
N ASN A 57 9.98 -3.19 3.90
CA ASN A 57 10.61 -1.87 3.99
C ASN A 57 10.86 -1.28 2.60
N PHE A 58 9.77 -1.10 1.86
CA PHE A 58 9.86 -0.55 0.52
C PHE A 58 9.83 0.97 0.57
N SER A 59 9.12 1.53 1.54
CA SER A 59 8.99 2.97 1.69
C SER A 59 10.35 3.62 1.94
N HIS A 60 11.19 2.95 2.70
CA HIS A 60 12.52 3.46 3.00
C HIS A 60 13.48 3.18 1.86
N SER A 61 12.99 2.47 0.85
CA SER A 61 13.81 2.13 -0.30
C SER A 61 13.18 2.68 -1.59
N SER A 62 12.29 3.66 -1.45
CA SER A 62 11.64 4.25 -2.61
C SER A 62 11.38 5.74 -2.38
N GLU A 63 10.94 6.41 -3.45
CA GLU A 63 10.64 7.82 -3.40
C GLU A 63 9.40 8.12 -4.24
N ASP A 64 8.69 9.19 -3.91
CA ASP A 64 7.47 9.58 -4.61
C ASP A 64 6.39 8.50 -4.49
N ILE A 65 5.96 8.25 -3.26
CA ILE A 65 4.94 7.25 -3.01
C ILE A 65 3.54 7.85 -3.06
N LYS A 66 2.74 7.39 -4.01
CA LYS A 66 1.37 7.88 -4.18
C LYS A 66 0.48 6.77 -4.71
N LEU A 67 -0.79 6.79 -4.37
CA LEU A 67 -1.73 5.78 -4.83
C LEU A 67 -2.23 6.14 -6.23
N GLU A 68 -2.21 5.15 -7.12
CA GLU A 68 -2.62 5.35 -8.50
C GLU A 68 -4.15 5.30 -8.60
N GLU A 69 -4.73 4.15 -8.27
CA GLU A 69 -6.17 3.98 -8.33
C GLU A 69 -6.82 4.48 -7.04
N GLY A 70 -6.17 5.43 -6.41
CA GLY A 70 -6.68 6.00 -5.18
C GLY A 70 -6.72 4.99 -4.04
N GLY A 71 -6.01 3.88 -4.18
CA GLY A 71 -6.00 2.89 -3.13
C GLY A 71 -5.99 1.47 -3.65
N ARG A 72 -6.43 1.28 -4.89
CA ARG A 72 -6.46 -0.05 -5.49
C ARG A 72 -5.06 -0.43 -5.96
N LYS A 73 -4.19 0.57 -6.05
CA LYS A 73 -2.83 0.36 -6.50
C LYS A 73 -1.92 1.46 -5.96
N LEU A 74 -0.70 1.11 -5.59
CA LEU A 74 0.27 2.06 -5.07
C LEU A 74 1.39 2.24 -6.07
N THR A 75 1.78 3.47 -6.31
CA THR A 75 2.86 3.76 -7.25
C THR A 75 3.96 4.57 -6.59
N CYS A 76 5.20 4.18 -6.83
CA CYS A 76 6.34 4.86 -6.26
C CYS A 76 7.59 4.54 -7.07
N ARG A 77 8.66 5.27 -6.81
CA ARG A 77 9.91 5.08 -7.51
C ARG A 77 10.87 4.25 -6.67
N PRO A 78 11.00 2.96 -6.98
CA PRO A 78 11.91 2.07 -6.26
C PRO A 78 13.36 2.40 -6.59
N LYS A 79 14.15 2.69 -5.57
CA LYS A 79 15.55 3.02 -5.75
C LYS A 79 16.45 2.03 -5.02
N THR A 80 17.55 1.66 -5.67
CA THR A 80 18.48 0.73 -5.07
C THR A 80 19.28 1.42 -3.99
N VAL A 81 19.52 0.70 -2.91
CA VAL A 81 20.27 1.23 -1.78
C VAL A 81 21.77 1.26 -2.07
N ASP A 82 22.16 0.70 -3.20
CA ASP A 82 23.56 0.68 -3.61
C ASP A 82 24.06 2.09 -3.84
N GLY A 83 23.18 2.94 -4.36
CA GLY A 83 23.55 4.31 -4.63
C GLY A 83 22.38 5.25 -4.61
N GLY A 84 21.16 4.70 -4.57
CA GLY A 84 19.98 5.52 -4.55
C GLY A 84 19.47 5.80 -5.94
N PHE A 85 19.92 5.00 -6.89
CA PHE A 85 19.54 5.18 -8.28
C PHE A 85 18.66 4.03 -8.73
N ARG A 86 17.78 4.27 -9.68
CA ARG A 86 16.88 3.24 -10.21
C ARG A 86 15.80 3.84 -11.11
N GLU A 87 14.67 3.15 -11.20
CA GLU A 87 13.56 3.57 -12.05
C GLU A 87 12.29 3.77 -11.22
N ARG A 88 11.20 4.10 -11.88
CA ARG A 88 9.91 4.26 -11.23
C ARG A 88 9.04 3.06 -11.57
N GLN A 89 8.10 2.72 -10.70
CA GLN A 89 7.24 1.56 -10.94
C GLN A 89 5.93 1.68 -10.14
N GLY A 90 5.12 0.64 -10.20
CA GLY A 90 3.86 0.63 -9.48
C GLY A 90 3.50 -0.77 -9.05
N ILE A 91 2.95 -0.90 -7.85
CA ILE A 91 2.57 -2.20 -7.33
C ILE A 91 1.07 -2.23 -7.03
N ASP A 92 0.42 -3.28 -7.52
CA ASP A 92 -1.01 -3.46 -7.33
C ASP A 92 -1.30 -3.91 -5.90
N LEU A 93 -2.38 -3.40 -5.31
CA LEU A 93 -2.74 -3.72 -3.94
C LEU A 93 -3.98 -4.60 -3.83
N ASN A 94 -4.06 -5.59 -4.67
CA ASN A 94 -5.21 -6.51 -4.65
C ASN A 94 -5.05 -7.54 -3.53
N ARG A 95 -3.98 -7.38 -2.76
CA ARG A 95 -3.71 -8.26 -1.63
C ARG A 95 -4.25 -7.67 -0.35
N ILE A 96 -4.64 -6.40 -0.39
CA ILE A 96 -5.15 -5.72 0.79
C ILE A 96 -6.67 -5.68 0.72
N GLN A 97 -7.31 -6.46 1.59
CA GLN A 97 -8.76 -6.56 1.62
C GLN A 97 -9.30 -6.18 3.01
N ASN A 98 -10.49 -5.60 3.04
CA ASN A 98 -11.12 -5.24 4.30
C ASN A 98 -12.17 -6.28 4.69
N VAL A 99 -11.98 -6.84 5.88
CA VAL A 99 -12.89 -7.85 6.41
C VAL A 99 -13.60 -7.31 7.64
N ASN A 100 -14.92 -7.14 7.54
CA ASN A 100 -15.74 -6.60 8.62
C ASN A 100 -15.25 -5.23 9.05
N GLY A 101 -14.73 -4.48 8.08
CA GLY A 101 -14.23 -3.15 8.36
C GLY A 101 -12.76 -3.16 8.73
N ARG A 102 -12.22 -4.32 9.07
CA ARG A 102 -10.82 -4.43 9.45
C ARG A 102 -9.96 -4.63 8.21
N LEU A 103 -9.00 -3.76 8.01
CA LEU A 103 -8.10 -3.87 6.86
C LEU A 103 -7.08 -4.96 7.13
N VAL A 104 -7.14 -6.03 6.35
CA VAL A 104 -6.23 -7.15 6.55
C VAL A 104 -5.42 -7.44 5.29
N PHE A 105 -4.15 -7.77 5.47
CA PHE A 105 -3.29 -8.13 4.35
C PHE A 105 -3.48 -9.60 4.04
N GLN A 106 -3.66 -9.92 2.77
CA GLN A 106 -3.85 -11.29 2.35
C GLN A 106 -2.66 -11.78 1.54
N MET A 4 -10.53 -8.93 -5.21
CA MET A 4 -11.18 -7.75 -4.59
C MET A 4 -10.25 -7.12 -3.57
N SER A 5 -10.23 -5.80 -3.53
CA SER A 5 -9.40 -5.09 -2.57
C SER A 5 -10.26 -4.34 -1.59
N TYR A 6 -9.64 -3.69 -0.62
CA TYR A 6 -10.40 -2.93 0.36
C TYR A 6 -11.09 -1.75 -0.31
N ALA A 7 -10.45 -1.19 -1.34
CA ALA A 7 -10.98 -0.06 -2.09
C ALA A 7 -12.35 -0.34 -2.69
N ASP A 8 -12.67 -1.62 -2.87
CA ASP A 8 -13.94 -2.03 -3.41
C ASP A 8 -15.08 -1.66 -2.45
N SER A 9 -14.72 -1.44 -1.19
CA SER A 9 -15.69 -1.08 -0.17
C SER A 9 -15.07 -0.11 0.84
N SER A 10 -14.27 0.82 0.35
CA SER A 10 -13.63 1.81 1.20
C SER A 10 -13.50 3.14 0.47
N ARG A 11 -13.18 4.17 1.21
CA ARG A 11 -13.03 5.50 0.64
C ARG A 11 -12.02 6.31 1.43
N ASN A 12 -11.54 7.39 0.81
CA ASN A 12 -10.59 8.31 1.45
C ASN A 12 -9.34 7.58 1.93
N ALA A 13 -8.63 6.97 0.99
CA ALA A 13 -7.41 6.24 1.30
C ALA A 13 -6.20 7.15 1.17
N VAL A 14 -5.48 7.32 2.26
CA VAL A 14 -4.30 8.16 2.28
C VAL A 14 -3.07 7.34 2.68
N LEU A 15 -1.89 7.93 2.54
CA LEU A 15 -0.64 7.26 2.85
C LEU A 15 -0.06 7.79 4.15
N THR A 16 -0.01 6.95 5.17
CA THR A 16 0.53 7.35 6.46
C THR A 16 1.87 6.68 6.73
N ASN A 17 2.59 7.19 7.72
CA ASN A 17 3.90 6.66 8.10
C ASN A 17 4.88 6.76 6.95
N GLY A 18 4.89 7.90 6.28
CA GLY A 18 5.78 8.10 5.16
C GLY A 18 5.19 7.64 3.86
N GLY A 19 4.46 6.53 3.92
CA GLY A 19 3.84 5.97 2.75
C GLY A 19 3.92 4.47 2.75
N ARG A 20 3.67 3.87 3.90
CA ARG A 20 3.73 2.42 4.03
C ARG A 20 2.44 1.88 4.63
N THR A 21 1.72 2.74 5.34
CA THR A 21 0.48 2.34 5.96
C THR A 21 -0.70 2.93 5.21
N LEU A 22 -1.68 2.08 4.91
CA LEU A 22 -2.88 2.50 4.21
C LEU A 22 -3.96 2.86 5.20
N ARG A 23 -4.34 4.13 5.24
CA ARG A 23 -5.39 4.57 6.13
C ARG A 23 -6.59 4.99 5.30
N ALA A 24 -7.72 4.32 5.51
CA ALA A 24 -8.94 4.62 4.77
C ALA A 24 -10.17 4.24 5.56
N GLU A 25 -11.32 4.72 5.09
CA GLU A 25 -12.60 4.40 5.72
C GLU A 25 -13.13 3.14 5.07
N CYS A 26 -13.07 2.05 5.79
CA CYS A 26 -13.54 0.78 5.26
C CYS A 26 -14.95 0.50 5.74
N ARG A 27 -15.80 0.11 4.80
CA ARG A 27 -17.17 -0.20 5.12
C ARG A 27 -17.24 -1.57 5.78
N ASN A 28 -17.73 -1.60 7.01
CA ASN A 28 -17.86 -2.87 7.72
C ASN A 28 -19.13 -3.57 7.28
N ALA A 29 -19.28 -4.84 7.66
CA ALA A 29 -20.45 -5.64 7.29
C ALA A 29 -21.77 -4.96 7.64
N ASP A 30 -21.75 -4.17 8.70
CA ASP A 30 -22.95 -3.45 9.14
C ASP A 30 -23.27 -2.30 8.18
N GLY A 31 -22.29 -1.97 7.34
CA GLY A 31 -22.47 -0.90 6.37
C GLY A 31 -22.00 0.43 6.93
N ASN A 32 -21.09 0.37 7.90
CA ASN A 32 -20.58 1.59 8.53
C ASN A 32 -19.15 1.86 8.09
N TRP A 33 -18.69 3.08 8.30
CA TRP A 33 -17.34 3.47 7.91
C TRP A 33 -16.39 3.43 9.10
N VAL A 34 -15.40 2.55 9.02
CA VAL A 34 -14.42 2.43 10.07
C VAL A 34 -13.02 2.64 9.49
N THR A 35 -12.28 3.58 10.06
CA THR A 35 -10.94 3.89 9.60
C THR A 35 -9.95 2.81 10.05
N SER A 36 -9.41 2.07 9.10
CA SER A 36 -8.44 1.02 9.39
C SER A 36 -7.12 1.29 8.69
N GLU A 37 -6.05 0.73 9.24
CA GLU A 37 -4.72 0.92 8.69
C GLU A 37 -3.99 -0.42 8.54
N LEU A 38 -3.32 -0.59 7.42
CA LEU A 38 -2.55 -1.81 7.16
C LEU A 38 -1.18 -1.39 6.63
N ASP A 39 -0.13 -1.95 7.20
CA ASP A 39 1.22 -1.62 6.77
C ASP A 39 1.65 -2.58 5.68
N LEU A 40 1.74 -2.07 4.46
CA LEU A 40 2.12 -2.89 3.31
C LEU A 40 3.62 -3.10 3.25
N ASP A 41 4.37 -2.24 3.91
CA ASP A 41 5.83 -2.32 3.90
C ASP A 41 6.33 -3.58 4.60
N THR A 42 5.42 -4.28 5.26
CA THR A 42 5.77 -5.51 5.94
C THR A 42 5.80 -6.66 4.96
N CYS A 43 5.28 -6.43 3.75
CA CYS A 43 5.23 -7.46 2.73
C CYS A 43 5.70 -6.95 1.36
N ILE A 44 5.77 -5.64 1.19
CA ILE A 44 6.24 -5.07 -0.08
C ILE A 44 7.70 -4.65 0.04
N GLY A 45 8.48 -4.98 -0.97
CA GLY A 45 9.88 -4.63 -0.95
C GLY A 45 10.39 -4.26 -2.31
N ASN A 46 11.47 -3.48 -2.35
CA ASN A 46 12.07 -3.05 -3.61
C ASN A 46 13.58 -2.75 -3.48
N PRO A 47 14.36 -3.55 -2.73
CA PRO A 47 15.81 -3.29 -2.58
C PRO A 47 16.57 -3.59 -3.85
N ASN A 48 15.93 -4.34 -4.74
CA ASN A 48 16.52 -4.72 -6.02
C ASN A 48 16.15 -3.70 -7.08
N GLY A 49 15.33 -2.73 -6.69
CA GLY A 49 14.90 -1.72 -7.63
C GLY A 49 13.61 -2.08 -8.32
N PHE A 50 12.98 -3.16 -7.85
CA PHE A 50 11.73 -3.62 -8.43
C PHE A 50 10.68 -3.78 -7.34
N LEU A 51 9.46 -3.38 -7.66
CA LEU A 51 8.35 -3.46 -6.71
C LEU A 51 7.71 -4.84 -6.76
N GLY A 52 7.20 -5.28 -5.63
CA GLY A 52 6.55 -6.57 -5.55
C GLY A 52 6.35 -7.02 -4.12
N TRP A 53 5.61 -8.11 -3.95
CA TRP A 53 5.34 -8.64 -2.63
C TRP A 53 6.34 -9.75 -2.32
N GLY A 54 7.03 -9.62 -1.20
CA GLY A 54 8.01 -10.61 -0.81
C GLY A 54 8.95 -10.08 0.25
N MET A 55 9.63 -8.98 -0.04
CA MET A 55 10.55 -8.38 0.92
C MET A 55 9.82 -7.36 1.77
N GLN A 56 10.56 -6.52 2.50
CA GLN A 56 9.94 -5.52 3.36
C GLN A 56 10.70 -4.20 3.34
N ASN A 57 10.10 -3.18 3.95
CA ASN A 57 10.69 -1.84 4.06
C ASN A 57 10.90 -1.18 2.71
N PHE A 58 9.96 -1.40 1.79
CA PHE A 58 10.06 -0.82 0.45
C PHE A 58 10.06 0.71 0.51
N SER A 59 9.43 1.27 1.54
CA SER A 59 9.34 2.71 1.69
C SER A 59 10.72 3.36 1.84
N HIS A 60 11.68 2.64 2.42
CA HIS A 60 13.01 3.18 2.62
C HIS A 60 13.84 3.07 1.36
N SER A 61 13.28 2.43 0.34
CA SER A 61 13.97 2.27 -0.93
C SER A 61 13.05 2.68 -2.08
N SER A 62 12.16 3.62 -1.80
CA SER A 62 11.24 4.12 -2.82
C SER A 62 11.04 5.62 -2.68
N GLU A 63 10.72 6.27 -3.80
CA GLU A 63 10.51 7.70 -3.82
C GLU A 63 9.13 8.04 -4.39
N ASP A 64 8.46 9.00 -3.78
CA ASP A 64 7.14 9.44 -4.20
C ASP A 64 6.12 8.30 -4.17
N ILE A 65 5.74 7.91 -2.96
CA ILE A 65 4.76 6.85 -2.78
C ILE A 65 3.36 7.44 -2.81
N LYS A 66 2.54 7.00 -3.75
CA LYS A 66 1.19 7.53 -3.88
C LYS A 66 0.24 6.47 -4.42
N LEU A 67 -1.06 6.68 -4.20
CA LEU A 67 -2.07 5.74 -4.66
C LEU A 67 -2.72 6.24 -5.95
N GLU A 68 -2.68 5.40 -6.99
CA GLU A 68 -3.25 5.76 -8.29
C GLU A 68 -4.75 5.50 -8.32
N GLU A 69 -5.13 4.24 -8.13
CA GLU A 69 -6.54 3.85 -8.15
C GLU A 69 -7.23 4.25 -6.85
N GLY A 70 -6.56 5.07 -6.06
CA GLY A 70 -7.13 5.51 -4.80
C GLY A 70 -7.04 4.45 -3.73
N GLY A 71 -6.16 3.48 -3.94
CA GLY A 71 -6.00 2.42 -2.95
C GLY A 71 -5.90 1.05 -3.56
N ARG A 72 -6.31 0.92 -4.82
CA ARG A 72 -6.25 -0.37 -5.49
C ARG A 72 -4.84 -0.60 -6.04
N LYS A 73 -4.08 0.49 -6.15
CA LYS A 73 -2.72 0.43 -6.67
C LYS A 73 -1.86 1.51 -6.06
N LEU A 74 -0.64 1.14 -5.69
CA LEU A 74 0.32 2.07 -5.11
C LEU A 74 1.51 2.24 -6.05
N THR A 75 1.87 3.47 -6.35
CA THR A 75 2.98 3.76 -7.22
C THR A 75 4.08 4.50 -6.49
N CYS A 76 5.31 4.12 -6.79
CA CYS A 76 6.49 4.74 -6.20
C CYS A 76 7.70 4.39 -7.04
N ARG A 77 8.79 5.11 -6.85
CA ARG A 77 10.00 4.84 -7.60
C ARG A 77 10.96 4.02 -6.74
N PRO A 78 11.02 2.71 -6.97
CA PRO A 78 11.92 1.83 -6.24
C PRO A 78 13.35 2.11 -6.63
N LYS A 79 14.14 2.54 -5.68
CA LYS A 79 15.52 2.87 -5.91
C LYS A 79 16.44 2.02 -5.07
N THR A 80 17.58 1.65 -5.64
CA THR A 80 18.56 0.86 -4.93
C THR A 80 19.18 1.69 -3.83
N VAL A 81 19.29 1.10 -2.66
CA VAL A 81 19.85 1.77 -1.49
C VAL A 81 21.35 1.95 -1.63
N ASP A 82 21.94 1.27 -2.62
CA ASP A 82 23.37 1.34 -2.86
C ASP A 82 23.78 2.69 -3.41
N GLY A 83 22.82 3.45 -3.91
CA GLY A 83 23.10 4.77 -4.45
C GLY A 83 21.89 5.66 -4.46
N GLY A 84 20.71 5.07 -4.60
CA GLY A 84 19.49 5.84 -4.64
C GLY A 84 18.96 6.01 -6.05
N PHE A 85 19.49 5.19 -6.95
CA PHE A 85 19.11 5.26 -8.37
C PHE A 85 18.33 4.03 -8.76
N ARG A 86 17.52 4.13 -9.83
CA ARG A 86 16.73 2.99 -10.34
C ARG A 86 15.62 3.48 -11.28
N GLU A 87 14.52 2.71 -11.33
CA GLU A 87 13.41 3.02 -12.23
C GLU A 87 12.09 3.12 -11.45
N ARG A 88 11.15 3.90 -11.96
CA ARG A 88 9.86 4.06 -11.32
C ARG A 88 8.94 2.93 -11.73
N GLN A 89 8.08 2.51 -10.81
CA GLN A 89 7.15 1.40 -11.06
C GLN A 89 5.86 1.55 -10.26
N GLY A 90 4.97 0.57 -10.42
CA GLY A 90 3.70 0.57 -9.71
C GLY A 90 3.32 -0.82 -9.26
N ILE A 91 2.74 -0.94 -8.08
CA ILE A 91 2.34 -2.23 -7.54
C ILE A 91 0.86 -2.24 -7.17
N ASP A 92 0.16 -3.31 -7.52
CA ASP A 92 -1.26 -3.45 -7.23
C ASP A 92 -1.47 -3.88 -5.79
N LEU A 93 -2.49 -3.33 -5.15
CA LEU A 93 -2.78 -3.66 -3.76
C LEU A 93 -4.04 -4.52 -3.67
N ASN A 94 -4.09 -5.52 -4.51
CA ASN A 94 -5.22 -6.44 -4.55
C ASN A 94 -5.10 -7.48 -3.43
N ARG A 95 -4.07 -7.32 -2.62
CA ARG A 95 -3.82 -8.22 -1.50
C ARG A 95 -4.35 -7.65 -0.19
N ILE A 96 -4.64 -6.36 -0.19
CA ILE A 96 -5.13 -5.71 1.02
C ILE A 96 -6.65 -5.70 1.01
N GLN A 97 -7.23 -6.66 1.72
CA GLN A 97 -8.68 -6.80 1.79
C GLN A 97 -9.20 -6.39 3.16
N ASN A 98 -10.36 -5.75 3.17
CA ASN A 98 -11.00 -5.32 4.39
C ASN A 98 -12.03 -6.34 4.85
N VAL A 99 -11.82 -6.87 6.04
CA VAL A 99 -12.71 -7.85 6.64
C VAL A 99 -13.46 -7.21 7.81
N ASN A 100 -14.77 -7.05 7.64
CA ASN A 100 -15.62 -6.42 8.65
C ASN A 100 -15.15 -5.02 8.96
N GLY A 101 -14.65 -4.33 7.94
CA GLY A 101 -14.17 -2.98 8.11
C GLY A 101 -12.71 -2.93 8.53
N ARG A 102 -12.14 -4.08 8.86
CA ARG A 102 -10.76 -4.16 9.29
C ARG A 102 -9.84 -4.47 8.14
N LEU A 103 -8.73 -3.75 8.04
CA LEU A 103 -7.78 -3.96 6.97
C LEU A 103 -6.81 -5.08 7.32
N VAL A 104 -6.79 -6.13 6.51
CA VAL A 104 -5.92 -7.27 6.74
C VAL A 104 -5.14 -7.61 5.48
N PHE A 105 -3.88 -7.99 5.65
CA PHE A 105 -3.05 -8.38 4.52
C PHE A 105 -3.29 -9.83 4.17
N GLN A 106 -3.48 -10.10 2.90
CA GLN A 106 -3.71 -11.45 2.43
C GLN A 106 -2.84 -11.74 1.21
N MET A 4 -9.69 -8.46 -5.98
CA MET A 4 -10.40 -7.27 -5.44
C MET A 4 -9.67 -6.74 -4.21
N SER A 5 -9.74 -5.43 -4.00
CA SER A 5 -9.09 -4.82 -2.85
C SER A 5 -10.13 -4.17 -1.95
N TYR A 6 -9.68 -3.66 -0.81
CA TYR A 6 -10.55 -2.98 0.14
C TYR A 6 -11.31 -1.83 -0.52
N ALA A 7 -10.67 -1.20 -1.51
CA ALA A 7 -11.23 -0.06 -2.24
C ALA A 7 -12.62 -0.34 -2.80
N ASP A 8 -12.96 -1.62 -2.96
CA ASP A 8 -14.27 -2.01 -3.45
C ASP A 8 -15.39 -1.42 -2.60
N SER A 9 -15.20 -1.44 -1.28
CA SER A 9 -16.17 -0.90 -0.35
C SER A 9 -15.47 -0.02 0.67
N SER A 10 -14.46 0.70 0.21
CA SER A 10 -13.70 1.60 1.07
C SER A 10 -13.29 2.83 0.26
N ARG A 11 -13.09 3.95 0.95
CA ARG A 11 -12.69 5.18 0.27
C ARG A 11 -11.84 6.03 1.21
N ASN A 12 -11.29 7.12 0.68
CA ASN A 12 -10.43 8.03 1.46
C ASN A 12 -9.14 7.33 1.87
N ALA A 13 -8.53 6.63 0.92
CA ALA A 13 -7.29 5.92 1.18
C ALA A 13 -6.08 6.81 0.94
N VAL A 14 -5.31 7.03 2.00
CA VAL A 14 -4.12 7.85 1.93
C VAL A 14 -2.90 7.03 2.36
N LEU A 15 -1.73 7.64 2.26
CA LEU A 15 -0.49 6.96 2.63
C LEU A 15 0.00 7.50 3.97
N THR A 16 -0.01 6.65 4.98
CA THR A 16 0.43 7.05 6.30
C THR A 16 1.80 6.47 6.62
N ASN A 17 2.46 7.03 7.64
CA ASN A 17 3.78 6.60 8.07
C ASN A 17 4.80 6.80 6.95
N GLY A 18 4.64 7.88 6.19
CA GLY A 18 5.55 8.16 5.11
C GLY A 18 5.10 7.59 3.77
N GLY A 19 4.56 6.38 3.82
CA GLY A 19 4.08 5.72 2.62
C GLY A 19 4.26 4.23 2.72
N ARG A 20 3.69 3.66 3.77
CA ARG A 20 3.79 2.23 4.02
C ARG A 20 2.47 1.67 4.54
N THR A 21 1.75 2.48 5.29
CA THR A 21 0.50 2.08 5.87
C THR A 21 -0.66 2.69 5.08
N LEU A 22 -1.70 1.89 4.85
CA LEU A 22 -2.87 2.36 4.13
C LEU A 22 -3.98 2.75 5.09
N ARG A 23 -4.30 4.03 5.11
CA ARG A 23 -5.37 4.51 5.97
C ARG A 23 -6.58 4.85 5.11
N ALA A 24 -7.71 4.20 5.37
CA ALA A 24 -8.91 4.44 4.60
C ALA A 24 -10.16 4.15 5.40
N GLU A 25 -11.29 4.61 4.88
CA GLU A 25 -12.57 4.38 5.51
C GLU A 25 -13.16 3.11 4.96
N CYS A 26 -13.16 2.06 5.78
CA CYS A 26 -13.67 0.77 5.35
C CYS A 26 -15.10 0.57 5.83
N ARG A 27 -15.99 0.24 4.92
CA ARG A 27 -17.38 0.01 5.28
C ARG A 27 -17.51 -1.33 6.00
N ASN A 28 -17.78 -1.27 7.30
CA ASN A 28 -17.90 -2.49 8.09
C ASN A 28 -19.33 -3.02 8.04
N ALA A 29 -19.53 -4.20 8.62
CA ALA A 29 -20.85 -4.86 8.63
C ALA A 29 -22.00 -3.92 9.02
N ASP A 30 -21.73 -2.97 9.91
CA ASP A 30 -22.76 -2.02 10.37
C ASP A 30 -23.18 -1.07 9.25
N GLY A 31 -22.42 -1.11 8.16
CA GLY A 31 -22.72 -0.26 7.02
C GLY A 31 -22.15 1.12 7.21
N ASN A 32 -21.13 1.21 8.05
CA ASN A 32 -20.50 2.49 8.34
C ASN A 32 -19.02 2.44 8.06
N TRP A 33 -18.42 3.62 7.90
CA TRP A 33 -17.01 3.74 7.59
C TRP A 33 -16.17 3.75 8.86
N VAL A 34 -15.13 2.94 8.87
CA VAL A 34 -14.22 2.87 9.99
C VAL A 34 -12.80 3.08 9.51
N THR A 35 -12.03 3.87 10.24
CA THR A 35 -10.66 4.15 9.88
C THR A 35 -9.78 2.95 10.23
N SER A 36 -9.31 2.27 9.19
CA SER A 36 -8.47 1.09 9.37
C SER A 36 -7.15 1.30 8.64
N GLU A 37 -6.07 0.78 9.22
CA GLU A 37 -4.75 0.91 8.62
C GLU A 37 -4.05 -0.44 8.52
N LEU A 38 -3.44 -0.69 7.37
CA LEU A 38 -2.71 -1.93 7.14
C LEU A 38 -1.32 -1.58 6.61
N ASP A 39 -0.31 -2.18 7.19
CA ASP A 39 1.07 -1.93 6.79
C ASP A 39 1.48 -2.88 5.69
N LEU A 40 1.66 -2.35 4.48
CA LEU A 40 2.05 -3.17 3.35
C LEU A 40 3.56 -3.31 3.28
N ASP A 41 4.29 -2.45 4.00
CA ASP A 41 5.74 -2.45 3.96
C ASP A 41 6.32 -3.73 4.55
N THR A 42 5.49 -4.49 5.26
CA THR A 42 5.95 -5.74 5.85
C THR A 42 5.92 -6.87 4.83
N CYS A 43 5.35 -6.60 3.65
CA CYS A 43 5.24 -7.61 2.61
C CYS A 43 5.72 -7.08 1.25
N ILE A 44 5.82 -5.77 1.11
CA ILE A 44 6.27 -5.16 -0.13
C ILE A 44 7.70 -4.65 0.00
N GLY A 45 8.52 -4.91 -1.02
CA GLY A 45 9.89 -4.45 -1.01
C GLY A 45 10.40 -4.18 -2.41
N ASN A 46 11.51 -3.43 -2.51
CA ASN A 46 12.08 -3.09 -3.81
C ASN A 46 13.55 -2.65 -3.71
N PRO A 47 14.43 -3.42 -3.02
CA PRO A 47 15.84 -3.03 -2.88
C PRO A 47 16.60 -3.16 -4.21
N ASN A 48 15.98 -3.83 -5.17
CA ASN A 48 16.57 -4.03 -6.48
C ASN A 48 15.97 -3.06 -7.49
N GLY A 49 15.13 -2.16 -7.03
CA GLY A 49 14.49 -1.21 -7.91
C GLY A 49 13.25 -1.76 -8.56
N PHE A 50 12.77 -2.90 -8.06
CA PHE A 50 11.58 -3.53 -8.61
C PHE A 50 10.56 -3.77 -7.51
N LEU A 51 9.32 -3.38 -7.78
CA LEU A 51 8.23 -3.51 -6.83
C LEU A 51 7.57 -4.88 -6.92
N GLY A 52 7.32 -5.46 -5.76
CA GLY A 52 6.67 -6.76 -5.71
C GLY A 52 6.43 -7.21 -4.29
N TRP A 53 5.72 -8.31 -4.13
CA TRP A 53 5.43 -8.85 -2.81
C TRP A 53 6.46 -9.92 -2.46
N GLY A 54 7.12 -9.75 -1.33
CA GLY A 54 8.12 -10.72 -0.91
C GLY A 54 9.08 -10.12 0.10
N MET A 55 9.69 -9.00 -0.28
CA MET A 55 10.63 -8.32 0.59
C MET A 55 9.88 -7.38 1.53
N GLN A 56 10.60 -6.47 2.18
CA GLN A 56 9.96 -5.55 3.10
C GLN A 56 10.64 -4.19 3.10
N ASN A 57 10.04 -3.24 3.82
CA ASN A 57 10.56 -1.88 3.95
C ASN A 57 10.64 -1.19 2.60
N PHE A 58 9.64 -1.41 1.76
CA PHE A 58 9.62 -0.79 0.44
C PHE A 58 9.58 0.74 0.58
N SER A 59 9.00 1.20 1.68
CA SER A 59 8.88 2.62 1.94
C SER A 59 10.27 3.28 2.00
N HIS A 60 11.21 2.63 2.68
CA HIS A 60 12.56 3.16 2.79
C HIS A 60 13.37 2.85 1.56
N SER A 61 12.88 1.94 0.73
CA SER A 61 13.58 1.53 -0.47
C SER A 61 13.08 2.29 -1.70
N SER A 62 12.10 3.16 -1.53
CA SER A 62 11.56 3.90 -2.67
C SER A 62 11.31 5.36 -2.31
N GLU A 63 10.97 6.15 -3.31
CA GLU A 63 10.69 7.56 -3.13
C GLU A 63 9.37 7.93 -3.80
N ASP A 64 8.68 8.90 -3.21
CA ASP A 64 7.38 9.38 -3.73
C ASP A 64 6.38 8.23 -3.84
N ILE A 65 5.83 7.84 -2.71
CA ILE A 65 4.88 6.74 -2.67
C ILE A 65 3.45 7.27 -2.61
N LYS A 66 2.66 6.91 -3.60
CA LYS A 66 1.27 7.34 -3.66
C LYS A 66 0.42 6.26 -4.34
N LEU A 67 -0.88 6.26 -4.08
CA LEU A 67 -1.78 5.27 -4.65
C LEU A 67 -2.20 5.66 -6.05
N GLU A 68 -2.28 4.67 -6.93
CA GLU A 68 -2.65 4.87 -8.32
C GLU A 68 -4.15 4.73 -8.51
N GLU A 69 -4.68 3.55 -8.22
CA GLU A 69 -6.11 3.28 -8.36
C GLU A 69 -6.88 3.78 -7.15
N GLY A 70 -6.22 4.59 -6.34
CA GLY A 70 -6.85 5.14 -5.15
C GLY A 70 -6.92 4.13 -4.03
N GLY A 71 -6.12 3.08 -4.12
CA GLY A 71 -6.11 2.07 -3.08
C GLY A 71 -5.93 0.67 -3.62
N ARG A 72 -6.43 0.45 -4.83
CA ARG A 72 -6.32 -0.86 -5.46
C ARG A 72 -4.90 -1.10 -5.96
N LYS A 73 -4.16 -0.02 -6.13
CA LYS A 73 -2.80 -0.09 -6.64
C LYS A 73 -1.95 1.02 -6.05
N LEU A 74 -0.68 0.73 -5.83
CA LEU A 74 0.25 1.70 -5.28
C LEU A 74 1.34 1.98 -6.30
N THR A 75 1.81 3.21 -6.34
CA THR A 75 2.85 3.61 -7.26
C THR A 75 3.92 4.44 -6.56
N CYS A 76 5.17 4.18 -6.87
CA CYS A 76 6.27 4.90 -6.28
C CYS A 76 7.51 4.69 -7.13
N ARG A 77 8.59 5.37 -6.78
CA ARG A 77 9.82 5.22 -7.53
C ARG A 77 10.82 4.48 -6.67
N PRO A 78 10.93 3.16 -6.89
CA PRO A 78 11.86 2.30 -6.15
C PRO A 78 13.29 2.69 -6.43
N LYS A 79 14.07 2.88 -5.38
CA LYS A 79 15.45 3.27 -5.54
C LYS A 79 16.39 2.24 -4.89
N THR A 80 17.58 2.11 -5.45
CA THR A 80 18.56 1.19 -4.89
C THR A 80 19.27 1.87 -3.74
N VAL A 81 19.58 1.08 -2.71
CA VAL A 81 20.26 1.58 -1.52
C VAL A 81 21.71 1.94 -1.81
N ASP A 82 22.19 1.59 -3.00
CA ASP A 82 23.56 1.89 -3.40
C ASP A 82 23.77 3.40 -3.45
N GLY A 83 22.74 4.11 -3.91
CA GLY A 83 22.86 5.55 -4.00
C GLY A 83 21.50 6.25 -4.07
N GLY A 84 20.43 5.46 -4.06
CA GLY A 84 19.11 6.04 -4.12
C GLY A 84 18.67 6.32 -5.53
N PHE A 85 19.28 5.64 -6.47
CA PHE A 85 18.97 5.81 -7.88
C PHE A 85 18.28 4.56 -8.39
N ARG A 86 17.48 4.69 -9.44
CA ARG A 86 16.77 3.53 -10.01
C ARG A 86 15.72 3.98 -11.02
N GLU A 87 14.60 3.25 -11.07
CA GLU A 87 13.53 3.52 -12.02
C GLU A 87 12.18 3.59 -11.30
N ARG A 88 11.21 4.26 -11.90
CA ARG A 88 9.87 4.38 -11.32
C ARG A 88 9.06 3.13 -11.66
N GLN A 89 8.06 2.81 -10.84
CA GLN A 89 7.27 1.60 -11.07
C GLN A 89 5.97 1.60 -10.24
N GLY A 90 5.18 0.54 -10.38
CA GLY A 90 3.93 0.42 -9.65
C GLY A 90 3.68 -1.01 -9.19
N ILE A 91 2.93 -1.17 -8.11
CA ILE A 91 2.62 -2.49 -7.58
C ILE A 91 1.12 -2.63 -7.30
N ASP A 92 0.59 -3.81 -7.54
CA ASP A 92 -0.82 -4.08 -7.34
C ASP A 92 -1.12 -4.41 -5.88
N LEU A 93 -2.18 -3.80 -5.34
CA LEU A 93 -2.56 -4.02 -3.96
C LEU A 93 -3.84 -4.81 -3.82
N ASN A 94 -4.02 -5.80 -4.68
CA ASN A 94 -5.20 -6.65 -4.62
C ASN A 94 -5.09 -7.64 -3.47
N ARG A 95 -4.01 -7.51 -2.71
CA ARG A 95 -3.75 -8.35 -1.57
C ARG A 95 -4.21 -7.70 -0.27
N ILE A 96 -4.66 -6.45 -0.36
CA ILE A 96 -5.12 -5.73 0.82
C ILE A 96 -6.63 -5.69 0.84
N GLN A 97 -7.21 -6.57 1.66
CA GLN A 97 -8.66 -6.68 1.77
C GLN A 97 -9.16 -6.16 3.12
N ASN A 98 -10.42 -5.77 3.14
CA ASN A 98 -11.06 -5.29 4.35
C ASN A 98 -12.11 -6.32 4.80
N VAL A 99 -11.86 -6.95 5.94
CA VAL A 99 -12.78 -7.94 6.46
C VAL A 99 -13.48 -7.41 7.71
N ASN A 100 -14.79 -7.26 7.59
CA ASN A 100 -15.63 -6.76 8.67
C ASN A 100 -15.27 -5.33 9.02
N GLY A 101 -14.69 -4.64 8.06
CA GLY A 101 -14.30 -3.26 8.26
C GLY A 101 -12.85 -3.13 8.65
N ARG A 102 -12.20 -4.25 8.94
CA ARG A 102 -10.81 -4.25 9.35
C ARG A 102 -9.92 -4.50 8.15
N LEU A 103 -8.85 -3.74 8.04
CA LEU A 103 -7.94 -3.89 6.91
C LEU A 103 -6.88 -4.93 7.25
N VAL A 104 -6.88 -6.03 6.51
CA VAL A 104 -5.93 -7.11 6.75
C VAL A 104 -5.25 -7.53 5.45
N PHE A 105 -3.97 -7.83 5.54
CA PHE A 105 -3.21 -8.26 4.38
C PHE A 105 -3.50 -9.72 4.10
N GLN A 106 -3.67 -10.04 2.83
CA GLN A 106 -3.96 -11.40 2.41
C GLN A 106 -2.93 -11.87 1.40
N MET A 4 -9.62 -7.08 -6.99
CA MET A 4 -10.49 -6.30 -6.08
C MET A 4 -9.76 -6.02 -4.78
N SER A 5 -9.77 -4.77 -4.34
CA SER A 5 -9.11 -4.39 -3.11
C SER A 5 -10.07 -3.82 -2.10
N TYR A 6 -9.56 -3.45 -0.94
CA TYR A 6 -10.38 -2.86 0.11
C TYR A 6 -11.12 -1.63 -0.42
N ALA A 7 -10.49 -0.94 -1.37
CA ALA A 7 -11.04 0.27 -1.98
C ALA A 7 -12.40 0.02 -2.63
N ASP A 8 -12.72 -1.23 -2.90
CA ASP A 8 -13.99 -1.59 -3.52
C ASP A 8 -15.14 -1.36 -2.54
N SER A 9 -14.81 -1.25 -1.26
CA SER A 9 -15.78 -0.99 -0.21
C SER A 9 -15.13 -0.08 0.83
N SER A 10 -14.33 0.85 0.34
CA SER A 10 -13.62 1.79 1.20
C SER A 10 -13.39 3.09 0.44
N ARG A 11 -13.20 4.17 1.18
CA ARG A 11 -12.96 5.47 0.56
C ARG A 11 -11.98 6.27 1.42
N ASN A 12 -11.47 7.36 0.84
CA ASN A 12 -10.53 8.24 1.54
C ASN A 12 -9.27 7.48 1.93
N ALA A 13 -8.68 6.79 0.97
CA ALA A 13 -7.47 6.03 1.20
C ALA A 13 -6.24 6.92 1.06
N VAL A 14 -5.51 7.07 2.15
CA VAL A 14 -4.31 7.91 2.15
C VAL A 14 -3.08 7.10 2.57
N LEU A 15 -1.92 7.70 2.38
CA LEU A 15 -0.66 7.05 2.73
C LEU A 15 -0.11 7.66 4.01
N THR A 16 -0.04 6.87 5.06
CA THR A 16 0.46 7.35 6.33
C THR A 16 1.82 6.73 6.64
N ASN A 17 2.49 7.30 7.64
CA ASN A 17 3.79 6.82 8.08
C ASN A 17 4.82 6.90 6.96
N GLY A 18 4.85 8.03 6.27
CA GLY A 18 5.77 8.21 5.17
C GLY A 18 5.24 7.68 3.86
N GLY A 19 4.45 6.63 3.95
CA GLY A 19 3.88 6.01 2.77
C GLY A 19 4.04 4.51 2.82
N ARG A 20 3.55 3.90 3.89
CA ARG A 20 3.65 2.46 4.06
C ARG A 20 2.34 1.90 4.61
N THR A 21 1.67 2.67 5.43
CA THR A 21 0.42 2.25 6.02
C THR A 21 -0.76 2.82 5.25
N LEU A 22 -1.71 1.96 4.93
CA LEU A 22 -2.90 2.37 4.21
C LEU A 22 -4.00 2.74 5.17
N ARG A 23 -4.37 4.01 5.22
CA ARG A 23 -5.43 4.45 6.10
C ARG A 23 -6.63 4.86 5.27
N ALA A 24 -7.76 4.21 5.49
CA ALA A 24 -8.97 4.51 4.74
C ALA A 24 -10.20 4.15 5.55
N GLU A 25 -11.36 4.61 5.09
CA GLU A 25 -12.61 4.32 5.75
C GLU A 25 -13.17 3.05 5.14
N CYS A 26 -13.09 1.96 5.89
CA CYS A 26 -13.58 0.68 5.40
C CYS A 26 -15.01 0.47 5.83
N ARG A 27 -15.86 0.10 4.89
CA ARG A 27 -17.25 -0.14 5.20
C ARG A 27 -17.41 -1.50 5.86
N ASN A 28 -17.92 -1.50 7.08
CA ASN A 28 -18.12 -2.76 7.79
C ASN A 28 -19.46 -3.36 7.38
N ALA A 29 -19.64 -4.64 7.67
CA ALA A 29 -20.86 -5.37 7.31
C ALA A 29 -22.11 -4.78 7.95
N ASP A 30 -21.92 -3.93 8.94
CA ASP A 30 -23.05 -3.28 9.60
C ASP A 30 -23.50 -2.07 8.79
N GLY A 31 -22.68 -1.73 7.80
CA GLY A 31 -22.96 -0.60 6.94
C GLY A 31 -22.42 0.69 7.51
N ASN A 32 -21.28 0.61 8.18
CA ASN A 32 -20.67 1.79 8.78
C ASN A 32 -19.25 2.00 8.30
N TRP A 33 -18.75 3.22 8.45
CA TRP A 33 -17.40 3.57 8.03
C TRP A 33 -16.45 3.54 9.22
N VAL A 34 -15.43 2.70 9.13
CA VAL A 34 -14.44 2.59 10.19
C VAL A 34 -13.05 2.83 9.64
N THR A 35 -12.24 3.60 10.34
CA THR A 35 -10.89 3.88 9.91
C THR A 35 -9.99 2.68 10.21
N SER A 36 -9.58 1.99 9.16
CA SER A 36 -8.73 0.83 9.30
C SER A 36 -7.42 1.04 8.56
N GLU A 37 -6.33 0.56 9.13
CA GLU A 37 -5.01 0.70 8.53
C GLU A 37 -4.30 -0.64 8.43
N LEU A 38 -3.42 -0.73 7.45
CA LEU A 38 -2.62 -1.93 7.23
C LEU A 38 -1.24 -1.49 6.76
N ASP A 39 -0.20 -1.97 7.43
CA ASP A 39 1.17 -1.61 7.08
C ASP A 39 1.68 -2.58 6.01
N LEU A 40 1.85 -2.08 4.80
CA LEU A 40 2.32 -2.92 3.70
C LEU A 40 3.84 -2.98 3.62
N ASP A 41 4.53 -2.08 4.33
CA ASP A 41 6.00 -2.06 4.27
C ASP A 41 6.62 -3.33 4.86
N THR A 42 5.83 -4.08 5.60
CA THR A 42 6.32 -5.31 6.19
C THR A 42 6.05 -6.48 5.24
N CYS A 43 5.46 -6.18 4.08
CA CYS A 43 5.15 -7.21 3.10
C CYS A 43 5.63 -6.82 1.70
N ILE A 44 5.89 -5.53 1.50
CA ILE A 44 6.34 -5.04 0.20
C ILE A 44 7.77 -4.51 0.28
N GLY A 45 8.56 -4.80 -0.75
CA GLY A 45 9.93 -4.35 -0.81
C GLY A 45 10.36 -4.11 -2.24
N ASN A 46 11.40 -3.30 -2.43
CA ASN A 46 11.87 -2.99 -3.79
C ASN A 46 13.30 -2.41 -3.84
N PRO A 47 14.28 -2.98 -3.10
CA PRO A 47 15.66 -2.46 -3.11
C PRO A 47 16.36 -2.77 -4.42
N ASN A 48 15.77 -3.69 -5.18
CA ASN A 48 16.31 -4.11 -6.47
C ASN A 48 15.75 -3.24 -7.59
N GLY A 49 14.88 -2.30 -7.24
CA GLY A 49 14.29 -1.45 -8.24
C GLY A 49 13.00 -2.03 -8.78
N PHE A 50 12.59 -3.16 -8.22
CA PHE A 50 11.38 -3.83 -8.63
C PHE A 50 10.47 -4.06 -7.46
N LEU A 51 9.20 -3.72 -7.63
CA LEU A 51 8.20 -3.86 -6.57
C LEU A 51 7.62 -5.26 -6.57
N GLY A 52 7.15 -5.67 -5.40
CA GLY A 52 6.57 -6.99 -5.27
C GLY A 52 6.30 -7.35 -3.84
N TRP A 53 5.60 -8.46 -3.65
CA TRP A 53 5.26 -8.92 -2.32
C TRP A 53 6.26 -9.97 -1.84
N GLY A 54 6.76 -9.80 -0.63
CA GLY A 54 7.72 -10.72 -0.08
C GLY A 54 8.76 -10.02 0.76
N MET A 55 9.53 -9.15 0.10
CA MET A 55 10.57 -8.38 0.77
C MET A 55 9.91 -7.32 1.65
N GLN A 56 10.70 -6.46 2.30
CA GLN A 56 10.13 -5.46 3.18
C GLN A 56 10.86 -4.12 3.12
N ASN A 57 10.25 -3.10 3.72
CA ASN A 57 10.81 -1.76 3.79
C ASN A 57 10.94 -1.11 2.42
N PHE A 58 9.89 -1.21 1.61
CA PHE A 58 9.90 -0.63 0.27
C PHE A 58 9.94 0.90 0.36
N SER A 59 9.31 1.45 1.39
CA SER A 59 9.25 2.89 1.58
C SER A 59 10.64 3.48 1.79
N HIS A 60 11.54 2.70 2.39
CA HIS A 60 12.90 3.16 2.64
C HIS A 60 13.76 3.01 1.39
N SER A 61 13.18 2.44 0.35
CA SER A 61 13.90 2.25 -0.91
C SER A 61 13.07 2.81 -2.07
N SER A 62 12.17 3.73 -1.76
CA SER A 62 11.32 4.33 -2.79
C SER A 62 11.15 5.83 -2.57
N GLU A 63 10.71 6.51 -3.62
CA GLU A 63 10.47 7.93 -3.57
C GLU A 63 9.13 8.25 -4.21
N ASP A 64 8.41 9.22 -3.63
CA ASP A 64 7.10 9.64 -4.11
C ASP A 64 6.11 8.47 -4.08
N ILE A 65 5.68 8.12 -2.89
CA ILE A 65 4.74 7.02 -2.70
C ILE A 65 3.31 7.55 -2.67
N LYS A 66 2.53 7.16 -3.67
CA LYS A 66 1.14 7.60 -3.76
C LYS A 66 0.29 6.51 -4.40
N LEU A 67 -0.99 6.46 -4.03
CA LEU A 67 -1.91 5.45 -4.56
C LEU A 67 -2.48 5.87 -5.91
N GLU A 68 -2.26 5.03 -6.92
CA GLU A 68 -2.72 5.29 -8.27
C GLU A 68 -4.23 5.11 -8.39
N GLU A 69 -4.69 3.88 -8.17
CA GLU A 69 -6.12 3.58 -8.28
C GLU A 69 -6.85 3.87 -6.98
N GLY A 70 -6.41 4.91 -6.29
CA GLY A 70 -7.03 5.31 -5.04
C GLY A 70 -7.05 4.21 -3.99
N GLY A 71 -6.16 3.23 -4.13
CA GLY A 71 -6.10 2.16 -3.15
C GLY A 71 -5.89 0.80 -3.77
N ARG A 72 -6.24 0.65 -5.04
CA ARG A 72 -6.07 -0.64 -5.70
C ARG A 72 -4.62 -0.83 -6.13
N LYS A 73 -3.86 0.26 -6.16
CA LYS A 73 -2.47 0.19 -6.60
C LYS A 73 -1.64 1.31 -5.98
N LEU A 74 -0.43 0.95 -5.56
CA LEU A 74 0.49 1.91 -4.97
C LEU A 74 1.63 2.17 -5.94
N THR A 75 1.91 3.44 -6.20
CA THR A 75 2.98 3.80 -7.12
C THR A 75 4.07 4.59 -6.40
N CYS A 76 5.32 4.25 -6.71
CA CYS A 76 6.48 4.90 -6.12
C CYS A 76 7.70 4.59 -6.97
N ARG A 77 8.77 5.36 -6.80
CA ARG A 77 9.99 5.10 -7.55
C ARG A 77 10.99 4.33 -6.71
N PRO A 78 11.13 3.03 -6.98
CA PRO A 78 12.06 2.16 -6.26
C PRO A 78 13.50 2.47 -6.65
N LYS A 79 14.31 2.79 -5.66
CA LYS A 79 15.70 3.12 -5.90
C LYS A 79 16.63 2.17 -5.15
N THR A 80 17.75 1.83 -5.77
CA THR A 80 18.72 0.94 -5.16
C THR A 80 19.48 1.69 -4.09
N VAL A 81 19.68 1.04 -2.96
CA VAL A 81 20.38 1.63 -1.84
C VAL A 81 21.89 1.61 -2.08
N ASP A 82 22.31 0.97 -3.17
CA ASP A 82 23.71 0.88 -3.54
C ASP A 82 24.23 2.25 -3.95
N GLY A 83 23.37 3.06 -4.54
CA GLY A 83 23.75 4.38 -4.97
C GLY A 83 22.63 5.39 -4.87
N GLY A 84 21.39 4.90 -4.88
CA GLY A 84 20.24 5.77 -4.79
C GLY A 84 19.60 6.00 -6.14
N PHE A 85 19.99 5.20 -7.11
CA PHE A 85 19.49 5.32 -8.48
C PHE A 85 18.62 4.11 -8.83
N ARG A 86 17.74 4.26 -9.83
CA ARG A 86 16.88 3.16 -10.28
C ARG A 86 15.74 3.69 -11.14
N GLU A 87 14.70 2.87 -11.29
CA GLU A 87 13.56 3.19 -12.14
C GLU A 87 12.32 3.46 -11.30
N ARG A 88 11.24 3.85 -11.97
CA ARG A 88 9.96 4.10 -11.32
C ARG A 88 9.06 2.91 -11.59
N GLN A 89 8.10 2.65 -10.70
CA GLN A 89 7.23 1.48 -10.87
C GLN A 89 5.99 1.54 -9.97
N GLY A 90 5.14 0.53 -10.07
CA GLY A 90 3.94 0.47 -9.25
C GLY A 90 3.60 -0.96 -8.87
N ILE A 91 2.88 -1.13 -7.78
CA ILE A 91 2.49 -2.45 -7.31
C ILE A 91 1.00 -2.47 -6.97
N ASP A 92 0.31 -3.50 -7.41
CA ASP A 92 -1.12 -3.61 -7.14
C ASP A 92 -1.34 -4.09 -5.71
N LEU A 93 -2.33 -3.50 -5.05
CA LEU A 93 -2.65 -3.83 -3.68
C LEU A 93 -3.93 -4.65 -3.59
N ASN A 94 -4.01 -5.64 -4.44
CA ASN A 94 -5.18 -6.52 -4.47
C ASN A 94 -5.09 -7.56 -3.35
N ARG A 95 -4.05 -7.42 -2.54
CA ARG A 95 -3.82 -8.32 -1.42
C ARG A 95 -4.34 -7.70 -0.13
N ILE A 96 -4.53 -6.40 -0.15
CA ILE A 96 -5.02 -5.69 1.04
C ILE A 96 -6.54 -5.61 0.97
N GLN A 97 -7.18 -6.50 1.72
CA GLN A 97 -8.64 -6.58 1.73
C GLN A 97 -9.21 -6.08 3.06
N ASN A 98 -10.49 -5.85 3.06
CA ASN A 98 -11.20 -5.42 4.25
C ASN A 98 -12.28 -6.44 4.60
N VAL A 99 -12.18 -7.05 5.77
CA VAL A 99 -13.16 -8.04 6.17
C VAL A 99 -13.92 -7.58 7.39
N ASN A 100 -15.24 -7.52 7.25
CA ASN A 100 -16.13 -7.09 8.32
C ASN A 100 -15.80 -5.68 8.81
N GLY A 101 -15.03 -4.94 8.02
CA GLY A 101 -14.67 -3.58 8.37
C GLY A 101 -13.20 -3.41 8.71
N ARG A 102 -12.48 -4.51 8.89
CA ARG A 102 -11.06 -4.42 9.24
C ARG A 102 -10.18 -4.67 8.02
N LEU A 103 -9.04 -4.01 7.99
CA LEU A 103 -8.10 -4.16 6.89
C LEU A 103 -7.11 -5.27 7.21
N VAL A 104 -7.03 -6.26 6.35
CA VAL A 104 -6.14 -7.39 6.55
C VAL A 104 -5.32 -7.67 5.31
N PHE A 105 -4.04 -7.99 5.50
CA PHE A 105 -3.18 -8.33 4.39
C PHE A 105 -3.34 -9.81 4.07
N GLN A 106 -3.67 -10.09 2.84
CA GLN A 106 -3.85 -11.45 2.39
C GLN A 106 -3.01 -11.72 1.14
N MET A 4 -10.42 -7.63 -6.64
CA MET A 4 -10.96 -6.49 -5.86
C MET A 4 -10.11 -6.24 -4.63
N SER A 5 -10.02 -4.97 -4.24
CA SER A 5 -9.24 -4.58 -3.08
C SER A 5 -10.13 -3.94 -2.04
N TYR A 6 -9.54 -3.53 -0.92
CA TYR A 6 -10.27 -2.86 0.14
C TYR A 6 -11.02 -1.64 -0.38
N ALA A 7 -10.41 -0.96 -1.36
CA ALA A 7 -10.98 0.26 -1.96
C ALA A 7 -12.37 0.03 -2.56
N ASP A 8 -12.72 -1.21 -2.81
CA ASP A 8 -14.02 -1.54 -3.38
C ASP A 8 -15.14 -1.29 -2.37
N SER A 9 -14.77 -1.19 -1.11
CA SER A 9 -15.73 -0.94 -0.05
C SER A 9 -15.12 0.00 0.99
N SER A 10 -14.33 0.95 0.52
CA SER A 10 -13.69 1.92 1.39
C SER A 10 -13.52 3.24 0.67
N ARG A 11 -13.24 4.29 1.42
CA ARG A 11 -13.04 5.62 0.88
C ARG A 11 -12.02 6.39 1.72
N ASN A 12 -11.53 7.49 1.18
CA ASN A 12 -10.55 8.33 1.87
C ASN A 12 -9.26 7.58 2.14
N ALA A 13 -8.82 6.81 1.15
CA ALA A 13 -7.59 6.04 1.28
C ALA A 13 -6.38 6.93 1.04
N VAL A 14 -5.56 7.07 2.08
CA VAL A 14 -4.37 7.90 2.00
C VAL A 14 -3.14 7.10 2.42
N LEU A 15 -1.96 7.71 2.25
CA LEU A 15 -0.71 7.06 2.58
C LEU A 15 -0.15 7.61 3.88
N THR A 16 -0.02 6.76 4.88
CA THR A 16 0.50 7.17 6.17
C THR A 16 1.86 6.53 6.43
N ASN A 17 2.59 7.08 7.41
CA ASN A 17 3.90 6.59 7.79
C ASN A 17 4.87 6.62 6.61
N GLY A 18 4.93 7.76 5.94
CA GLY A 18 5.83 7.90 4.81
C GLY A 18 5.22 7.40 3.52
N GLY A 19 4.40 6.37 3.63
CA GLY A 19 3.77 5.80 2.47
C GLY A 19 3.84 4.29 2.49
N ARG A 20 3.47 3.70 3.61
CA ARG A 20 3.50 2.25 3.75
C ARG A 20 2.22 1.74 4.37
N THR A 21 1.64 2.53 5.26
CA THR A 21 0.41 2.14 5.89
C THR A 21 -0.76 2.76 5.13
N LEU A 22 -1.79 1.96 4.90
CA LEU A 22 -2.97 2.41 4.18
C LEU A 22 -4.06 2.82 5.14
N ARG A 23 -4.39 4.09 5.14
CA ARG A 23 -5.45 4.57 6.01
C ARG A 23 -6.70 4.82 5.17
N ALA A 24 -7.79 4.14 5.51
CA ALA A 24 -9.03 4.31 4.77
C ALA A 24 -10.24 3.97 5.63
N GLU A 25 -11.40 4.47 5.22
CA GLU A 25 -12.64 4.20 5.91
C GLU A 25 -13.24 2.94 5.30
N CYS A 26 -13.17 1.84 6.01
CA CYS A 26 -13.67 0.58 5.49
C CYS A 26 -15.11 0.34 5.93
N ARG A 27 -15.97 0.07 4.96
CA ARG A 27 -17.35 -0.20 5.24
C ARG A 27 -17.50 -1.59 5.83
N ASN A 28 -17.84 -1.66 7.11
CA ASN A 28 -17.99 -2.95 7.78
C ASN A 28 -19.38 -3.50 7.50
N ALA A 29 -19.60 -4.77 7.85
CA ALA A 29 -20.88 -5.46 7.60
C ALA A 29 -22.10 -4.63 8.03
N ASP A 30 -21.96 -3.86 9.10
CA ASP A 30 -23.06 -3.03 9.62
C ASP A 30 -23.39 -1.90 8.66
N GLY A 31 -22.52 -1.68 7.69
CA GLY A 31 -22.71 -0.63 6.72
C GLY A 31 -22.17 0.68 7.25
N ASN A 32 -21.20 0.59 8.14
CA ASN A 32 -20.60 1.77 8.74
C ASN A 32 -19.13 1.88 8.37
N TRP A 33 -18.63 3.12 8.36
CA TRP A 33 -17.24 3.37 8.02
C TRP A 33 -16.34 3.31 9.24
N VAL A 34 -15.31 2.48 9.15
CA VAL A 34 -14.34 2.35 10.24
C VAL A 34 -12.94 2.60 9.71
N THR A 35 -12.19 3.43 10.44
CA THR A 35 -10.83 3.75 10.04
C THR A 35 -9.90 2.59 10.32
N SER A 36 -9.45 1.94 9.26
CA SER A 36 -8.55 0.81 9.39
C SER A 36 -7.26 1.06 8.62
N GLU A 37 -6.15 0.61 9.19
CA GLU A 37 -4.85 0.80 8.57
C GLU A 37 -4.10 -0.52 8.46
N LEU A 38 -3.51 -0.75 7.29
CA LEU A 38 -2.73 -1.95 7.06
C LEU A 38 -1.35 -1.55 6.57
N ASP A 39 -0.32 -2.10 7.20
CA ASP A 39 1.05 -1.77 6.81
C ASP A 39 1.52 -2.71 5.72
N LEU A 40 1.71 -2.19 4.53
CA LEU A 40 2.16 -3.00 3.42
C LEU A 40 3.68 -3.09 3.39
N ASP A 41 4.35 -2.24 4.17
CA ASP A 41 5.82 -2.23 4.20
C ASP A 41 6.37 -3.56 4.68
N THR A 42 5.67 -4.18 5.62
CA THR A 42 6.09 -5.47 6.17
C THR A 42 5.86 -6.61 5.17
N CYS A 43 5.36 -6.30 3.98
CA CYS A 43 5.11 -7.32 2.96
C CYS A 43 5.60 -6.91 1.57
N ILE A 44 5.74 -5.61 1.35
CA ILE A 44 6.20 -5.08 0.07
C ILE A 44 7.63 -4.56 0.20
N GLY A 45 8.46 -4.87 -0.79
CA GLY A 45 9.83 -4.41 -0.75
C GLY A 45 10.40 -4.17 -2.14
N ASN A 46 11.47 -3.38 -2.19
CA ASN A 46 12.14 -3.09 -3.46
C ASN A 46 13.59 -2.64 -3.24
N PRO A 47 14.40 -3.41 -2.47
CA PRO A 47 15.80 -3.04 -2.21
C PRO A 47 16.67 -3.22 -3.45
N ASN A 48 16.19 -4.03 -4.39
CA ASN A 48 16.91 -4.28 -5.62
C ASN A 48 16.49 -3.27 -6.68
N GLY A 49 15.45 -2.51 -6.37
CA GLY A 49 14.96 -1.52 -7.29
C GLY A 49 13.70 -1.96 -8.00
N PHE A 50 13.14 -3.09 -7.59
CA PHE A 50 11.93 -3.60 -8.22
C PHE A 50 10.84 -3.84 -7.18
N LEU A 51 9.62 -3.46 -7.53
CA LEU A 51 8.48 -3.58 -6.63
C LEU A 51 7.88 -4.98 -6.68
N GLY A 52 7.38 -5.43 -5.54
CA GLY A 52 6.76 -6.73 -5.45
C GLY A 52 6.50 -7.15 -4.01
N TRP A 53 5.79 -8.25 -3.85
CA TRP A 53 5.46 -8.76 -2.53
C TRP A 53 6.48 -9.84 -2.13
N GLY A 54 7.07 -9.69 -0.95
CA GLY A 54 8.04 -10.65 -0.49
C GLY A 54 9.02 -10.05 0.50
N MET A 55 9.60 -8.94 0.10
CA MET A 55 10.56 -8.22 0.93
C MET A 55 9.82 -7.16 1.74
N GLN A 56 10.51 -6.47 2.64
CA GLN A 56 9.88 -5.44 3.43
C GLN A 56 10.68 -4.14 3.40
N ASN A 57 10.11 -3.08 3.97
CA ASN A 57 10.75 -1.77 4.01
C ASN A 57 10.88 -1.18 2.61
N PHE A 58 9.80 -1.23 1.85
CA PHE A 58 9.79 -0.71 0.50
C PHE A 58 9.77 0.81 0.51
N SER A 59 9.14 1.39 1.52
CA SER A 59 9.02 2.84 1.62
C SER A 59 10.39 3.47 1.80
N HIS A 60 11.28 2.78 2.50
CA HIS A 60 12.63 3.28 2.72
C HIS A 60 13.51 3.00 1.51
N SER A 61 12.98 2.23 0.58
CA SER A 61 13.72 1.87 -0.62
C SER A 61 13.12 2.52 -1.86
N SER A 62 12.11 3.36 -1.68
CA SER A 62 11.46 4.02 -2.82
C SER A 62 11.16 5.47 -2.50
N GLU A 63 11.02 6.28 -3.54
CA GLU A 63 10.75 7.70 -3.37
C GLU A 63 9.40 8.07 -3.96
N ASP A 64 8.77 9.06 -3.34
CA ASP A 64 7.46 9.58 -3.77
C ASP A 64 6.44 8.48 -3.93
N ILE A 65 5.83 8.10 -2.83
CA ILE A 65 4.82 7.05 -2.81
C ILE A 65 3.42 7.65 -2.85
N LYS A 66 2.63 7.23 -3.83
CA LYS A 66 1.27 7.73 -3.98
C LYS A 66 0.38 6.64 -4.60
N LEU A 67 -0.90 6.65 -4.27
CA LEU A 67 -1.84 5.66 -4.80
C LEU A 67 -2.37 6.05 -6.17
N GLU A 68 -2.10 5.19 -7.15
CA GLU A 68 -2.50 5.44 -8.54
C GLU A 68 -4.01 5.30 -8.71
N GLU A 69 -4.52 4.11 -8.40
CA GLU A 69 -5.93 3.82 -8.54
C GLU A 69 -6.72 4.30 -7.32
N GLY A 70 -6.12 5.22 -6.58
CA GLY A 70 -6.75 5.76 -5.40
C GLY A 70 -6.87 4.74 -4.27
N GLY A 71 -6.07 3.69 -4.33
CA GLY A 71 -6.11 2.67 -3.30
C GLY A 71 -5.89 1.27 -3.82
N ARG A 72 -6.37 1.01 -5.03
CA ARG A 72 -6.23 -0.32 -5.64
C ARG A 72 -4.80 -0.61 -6.06
N LYS A 73 -4.04 0.46 -6.31
CA LYS A 73 -2.66 0.30 -6.78
C LYS A 73 -1.78 1.39 -6.18
N LEU A 74 -0.58 1.01 -5.74
CA LEU A 74 0.37 1.95 -5.16
C LEU A 74 1.49 2.22 -6.15
N THR A 75 1.76 3.48 -6.42
CA THR A 75 2.81 3.86 -7.35
C THR A 75 3.91 4.64 -6.64
N CYS A 76 5.15 4.31 -6.97
CA CYS A 76 6.31 4.96 -6.38
C CYS A 76 7.54 4.68 -7.23
N ARG A 77 8.65 5.26 -6.88
CA ARG A 77 9.87 5.04 -7.60
C ARG A 77 10.88 4.28 -6.75
N PRO A 78 10.97 2.96 -6.95
CA PRO A 78 11.90 2.12 -6.21
C PRO A 78 13.34 2.46 -6.56
N LYS A 79 14.16 2.65 -5.55
CA LYS A 79 15.57 3.00 -5.77
C LYS A 79 16.48 1.95 -5.17
N THR A 80 17.67 1.82 -5.73
CA THR A 80 18.64 0.88 -5.23
C THR A 80 19.48 1.55 -4.16
N VAL A 81 19.85 0.77 -3.16
CA VAL A 81 20.64 1.25 -2.04
C VAL A 81 22.08 1.54 -2.44
N ASP A 82 22.44 1.22 -3.68
CA ASP A 82 23.79 1.47 -4.18
C ASP A 82 24.06 2.97 -4.19
N GLY A 83 23.03 3.72 -4.54
CA GLY A 83 23.16 5.17 -4.61
C GLY A 83 21.81 5.88 -4.65
N GLY A 84 20.73 5.12 -4.73
CA GLY A 84 19.41 5.71 -4.78
C GLY A 84 18.93 5.92 -6.19
N PHE A 85 19.49 5.15 -7.12
CA PHE A 85 19.12 5.26 -8.51
C PHE A 85 18.37 4.01 -8.94
N ARG A 86 17.44 4.15 -9.88
CA ARG A 86 16.66 3.01 -10.37
C ARG A 86 15.57 3.46 -11.34
N GLU A 87 14.41 2.80 -11.29
CA GLU A 87 13.30 3.12 -12.15
C GLU A 87 12.05 3.39 -11.33
N ARG A 88 10.97 3.76 -12.02
CA ARG A 88 9.69 4.01 -11.37
C ARG A 88 8.74 2.88 -11.73
N GLN A 89 7.84 2.54 -10.82
CA GLN A 89 6.92 1.42 -11.07
C GLN A 89 5.70 1.48 -10.15
N GLY A 90 4.72 0.61 -10.39
CA GLY A 90 3.53 0.55 -9.56
C GLY A 90 3.21 -0.88 -9.17
N ILE A 91 2.76 -1.06 -7.94
CA ILE A 91 2.43 -2.39 -7.43
C ILE A 91 0.96 -2.45 -7.02
N ASP A 92 0.30 -3.55 -7.34
CA ASP A 92 -1.10 -3.75 -7.02
C ASP A 92 -1.30 -4.06 -5.55
N LEU A 93 -2.34 -3.50 -4.96
CA LEU A 93 -2.63 -3.74 -3.55
C LEU A 93 -3.88 -4.59 -3.41
N ASN A 94 -4.04 -5.51 -4.34
CA ASN A 94 -5.18 -6.42 -4.36
C ASN A 94 -5.07 -7.45 -3.24
N ARG A 95 -3.94 -7.42 -2.56
CA ARG A 95 -3.69 -8.32 -1.45
C ARG A 95 -4.20 -7.70 -0.15
N ILE A 96 -4.61 -6.45 -0.23
CA ILE A 96 -5.10 -5.75 0.95
C ILE A 96 -6.62 -5.67 0.88
N GLN A 97 -7.28 -6.54 1.62
CA GLN A 97 -8.72 -6.59 1.63
C GLN A 97 -9.25 -6.28 3.03
N ASN A 98 -10.41 -5.65 3.08
CA ASN A 98 -11.03 -5.31 4.34
C ASN A 98 -12.06 -6.37 4.74
N VAL A 99 -11.80 -7.03 5.87
CA VAL A 99 -12.67 -8.07 6.38
C VAL A 99 -13.54 -7.51 7.51
N ASN A 100 -14.82 -7.31 7.21
CA ASN A 100 -15.77 -6.76 8.18
C ASN A 100 -15.29 -5.42 8.71
N GLY A 101 -14.77 -4.60 7.81
CA GLY A 101 -14.29 -3.29 8.18
C GLY A 101 -12.83 -3.28 8.59
N ARG A 102 -12.29 -4.44 8.93
CA ARG A 102 -10.90 -4.54 9.36
C ARG A 102 -9.98 -4.73 8.16
N LEU A 103 -9.01 -3.84 8.00
CA LEU A 103 -8.07 -3.95 6.90
C LEU A 103 -7.06 -5.03 7.21
N VAL A 104 -7.07 -6.11 6.44
CA VAL A 104 -6.16 -7.23 6.67
C VAL A 104 -5.42 -7.62 5.39
N PHE A 105 -4.17 -8.03 5.56
CA PHE A 105 -3.36 -8.46 4.44
C PHE A 105 -3.65 -9.92 4.12
N GLN A 106 -3.90 -10.19 2.86
CA GLN A 106 -4.20 -11.53 2.41
C GLN A 106 -3.50 -11.82 1.08
N MET A 4 -10.78 -9.07 -5.29
CA MET A 4 -11.50 -7.99 -4.58
C MET A 4 -10.68 -7.53 -3.39
N SER A 5 -10.36 -6.24 -3.36
CA SER A 5 -9.58 -5.67 -2.27
C SER A 5 -10.43 -4.70 -1.45
N TYR A 6 -9.85 -4.15 -0.40
CA TYR A 6 -10.57 -3.23 0.47
C TYR A 6 -11.15 -2.04 -0.30
N ALA A 7 -10.39 -1.54 -1.29
CA ALA A 7 -10.78 -0.38 -2.08
C ALA A 7 -12.14 -0.54 -2.76
N ASP A 8 -12.58 -1.78 -2.94
CA ASP A 8 -13.85 -2.04 -3.58
C ASP A 8 -15.00 -1.52 -2.71
N SER A 9 -14.77 -1.52 -1.40
CA SER A 9 -15.75 -1.04 -0.44
C SER A 9 -15.09 -0.10 0.56
N SER A 10 -14.13 0.68 0.07
CA SER A 10 -13.40 1.62 0.91
C SER A 10 -13.17 2.93 0.15
N ARG A 11 -12.90 4.00 0.89
CA ARG A 11 -12.67 5.31 0.30
C ARG A 11 -11.71 6.11 1.15
N ASN A 12 -11.26 7.25 0.61
CA ASN A 12 -10.36 8.16 1.31
C ASN A 12 -9.07 7.49 1.74
N ALA A 13 -8.47 6.73 0.84
CA ALA A 13 -7.23 6.04 1.15
C ALA A 13 -6.04 6.98 1.00
N VAL A 14 -5.34 7.19 2.09
CA VAL A 14 -4.17 8.06 2.11
C VAL A 14 -2.93 7.28 2.52
N LEU A 15 -1.78 7.90 2.39
CA LEU A 15 -0.52 7.27 2.72
C LEU A 15 0.03 7.81 4.03
N THR A 16 0.10 6.96 5.05
CA THR A 16 0.60 7.37 6.34
C THR A 16 1.89 6.64 6.68
N ASN A 17 2.58 7.13 7.71
CA ASN A 17 3.83 6.53 8.17
C ASN A 17 4.87 6.52 7.05
N GLY A 18 5.07 7.67 6.42
CA GLY A 18 6.02 7.78 5.35
C GLY A 18 5.44 7.35 4.01
N GLY A 19 4.40 6.53 4.07
CA GLY A 19 3.76 6.05 2.87
C GLY A 19 3.82 4.54 2.77
N ARG A 20 3.66 3.89 3.90
CA ARG A 20 3.70 2.43 3.94
C ARG A 20 2.41 1.87 4.51
N THR A 21 1.70 2.69 5.27
CA THR A 21 0.45 2.28 5.87
C THR A 21 -0.73 2.85 5.10
N LEU A 22 -1.70 1.99 4.82
CA LEU A 22 -2.90 2.41 4.10
C LEU A 22 -3.99 2.81 5.08
N ARG A 23 -4.32 4.09 5.11
CA ARG A 23 -5.37 4.56 5.99
C ARG A 23 -6.57 4.98 5.15
N ALA A 24 -7.70 4.32 5.38
CA ALA A 24 -8.92 4.62 4.61
C ALA A 24 -10.17 4.24 5.39
N GLU A 25 -11.31 4.72 4.89
CA GLU A 25 -12.59 4.40 5.49
C GLU A 25 -13.13 3.16 4.81
N CYS A 26 -13.23 2.07 5.55
CA CYS A 26 -13.72 0.82 4.99
C CYS A 26 -15.15 0.59 5.42
N ARG A 27 -16.00 0.19 4.49
CA ARG A 27 -17.38 -0.06 4.80
C ARG A 27 -17.55 -1.44 5.39
N ASN A 28 -17.75 -1.49 6.70
CA ASN A 28 -17.91 -2.74 7.42
C ASN A 28 -19.20 -3.46 7.01
N ALA A 29 -19.36 -4.70 7.45
CA ALA A 29 -20.54 -5.50 7.11
C ALA A 29 -21.83 -4.80 7.50
N ASP A 30 -21.77 -4.00 8.55
CA ASP A 30 -22.94 -3.26 9.03
C ASP A 30 -23.29 -2.12 8.06
N GLY A 31 -22.37 -1.85 7.13
CA GLY A 31 -22.57 -0.80 6.16
C GLY A 31 -22.09 0.53 6.68
N ASN A 32 -21.17 0.48 7.63
CA ASN A 32 -20.63 1.69 8.26
C ASN A 32 -19.20 1.95 7.80
N TRP A 33 -18.75 3.18 7.95
CA TRP A 33 -17.40 3.56 7.56
C TRP A 33 -16.47 3.56 8.77
N VAL A 34 -15.46 2.72 8.72
CA VAL A 34 -14.48 2.63 9.79
C VAL A 34 -13.08 2.87 9.24
N THR A 35 -12.32 3.74 9.89
CA THR A 35 -10.97 4.05 9.45
C THR A 35 -10.01 2.96 9.91
N SER A 36 -9.52 2.18 8.97
CA SER A 36 -8.61 1.11 9.26
C SER A 36 -7.26 1.37 8.60
N GLU A 37 -6.22 0.69 9.08
CA GLU A 37 -4.88 0.87 8.56
C GLU A 37 -4.14 -0.46 8.45
N LEU A 38 -3.41 -0.65 7.36
CA LEU A 38 -2.64 -1.86 7.15
C LEU A 38 -1.25 -1.49 6.65
N ASP A 39 -0.23 -2.02 7.28
CA ASP A 39 1.14 -1.73 6.89
C ASP A 39 1.60 -2.70 5.81
N LEU A 40 1.76 -2.20 4.60
CA LEU A 40 2.17 -3.05 3.49
C LEU A 40 3.69 -3.23 3.45
N ASP A 41 4.42 -2.43 4.22
CA ASP A 41 5.88 -2.53 4.22
C ASP A 41 6.37 -3.85 4.79
N THR A 42 5.48 -4.59 5.44
CA THR A 42 5.85 -5.88 6.00
C THR A 42 5.66 -6.99 4.96
N CYS A 43 5.21 -6.61 3.76
CA CYS A 43 4.99 -7.57 2.69
C CYS A 43 5.51 -7.05 1.35
N ILE A 44 5.67 -5.74 1.24
CA ILE A 44 6.18 -5.14 0.00
C ILE A 44 7.60 -4.64 0.23
N GLY A 45 8.48 -4.97 -0.70
CA GLY A 45 9.87 -4.54 -0.61
C GLY A 45 10.41 -4.16 -1.96
N ASN A 46 11.48 -3.37 -1.97
CA ASN A 46 12.09 -2.94 -3.22
C ASN A 46 13.57 -2.54 -3.08
N PRO A 47 14.40 -3.26 -2.27
CA PRO A 47 15.81 -2.90 -2.12
C PRO A 47 16.61 -3.14 -3.39
N ASN A 48 16.01 -3.92 -4.29
CA ASN A 48 16.63 -4.24 -5.57
C ASN A 48 16.23 -3.20 -6.60
N GLY A 49 15.29 -2.34 -6.23
CA GLY A 49 14.83 -1.31 -7.12
C GLY A 49 13.52 -1.68 -7.79
N PHE A 50 12.93 -2.80 -7.39
CA PHE A 50 11.66 -3.23 -7.98
C PHE A 50 10.61 -3.51 -6.91
N LEU A 51 9.38 -3.10 -7.20
CA LEU A 51 8.27 -3.29 -6.29
C LEU A 51 7.63 -4.67 -6.43
N GLY A 52 7.27 -5.27 -5.31
CA GLY A 52 6.65 -6.57 -5.33
C GLY A 52 6.35 -7.10 -3.94
N TRP A 53 5.57 -8.16 -3.86
CA TRP A 53 5.20 -8.75 -2.59
C TRP A 53 6.14 -9.91 -2.27
N GLY A 54 6.76 -9.86 -1.10
CA GLY A 54 7.68 -10.90 -0.70
C GLY A 54 8.75 -10.37 0.23
N MET A 55 9.27 -9.20 -0.11
CA MET A 55 10.29 -8.54 0.68
C MET A 55 9.64 -7.52 1.60
N GLN A 56 10.42 -6.71 2.29
CA GLN A 56 9.83 -5.73 3.19
C GLN A 56 10.60 -4.41 3.19
N ASN A 57 10.00 -3.41 3.83
CA ASN A 57 10.58 -2.07 3.96
C ASN A 57 10.73 -1.40 2.61
N PHE A 58 9.69 -1.48 1.78
CA PHE A 58 9.74 -0.86 0.46
C PHE A 58 9.85 0.66 0.55
N SER A 59 9.24 1.25 1.56
CA SER A 59 9.28 2.69 1.74
C SER A 59 10.71 3.16 2.04
N HIS A 60 11.51 2.26 2.58
CA HIS A 60 12.90 2.57 2.91
C HIS A 60 13.79 2.61 1.67
N SER A 61 13.23 2.22 0.53
CA SER A 61 13.98 2.22 -0.71
C SER A 61 13.14 2.77 -1.86
N SER A 62 12.19 3.65 -1.53
CA SER A 62 11.35 4.24 -2.56
C SER A 62 11.06 5.72 -2.26
N GLU A 63 10.87 6.48 -3.32
CA GLU A 63 10.60 7.90 -3.21
C GLU A 63 9.29 8.25 -3.90
N ASP A 64 8.62 9.29 -3.39
CA ASP A 64 7.34 9.76 -3.93
C ASP A 64 6.31 8.62 -4.00
N ILE A 65 5.74 8.30 -2.85
CA ILE A 65 4.75 7.22 -2.75
C ILE A 65 3.34 7.78 -2.82
N LYS A 66 2.59 7.39 -3.84
CA LYS A 66 1.22 7.87 -4.03
C LYS A 66 0.33 6.75 -4.56
N LEU A 67 -0.95 6.80 -4.22
CA LEU A 67 -1.92 5.79 -4.67
C LEU A 67 -2.60 6.26 -5.96
N GLU A 68 -2.89 5.32 -6.85
CA GLU A 68 -3.55 5.63 -8.11
C GLU A 68 -5.04 5.31 -8.09
N GLU A 69 -5.36 4.03 -7.93
CA GLU A 69 -6.74 3.57 -7.93
C GLU A 69 -7.41 3.80 -6.59
N GLY A 70 -7.13 4.95 -6.01
CA GLY A 70 -7.71 5.32 -4.74
C GLY A 70 -7.30 4.40 -3.60
N GLY A 71 -6.18 3.71 -3.77
CA GLY A 71 -5.71 2.83 -2.72
C GLY A 71 -5.59 1.40 -3.17
N ARG A 72 -6.08 1.10 -4.36
CA ARG A 72 -6.02 -0.25 -4.90
C ARG A 72 -4.73 -0.45 -5.70
N LYS A 73 -3.96 0.63 -5.82
CA LYS A 73 -2.71 0.61 -6.56
C LYS A 73 -1.74 1.63 -5.95
N LEU A 74 -0.57 1.16 -5.55
CA LEU A 74 0.44 2.03 -4.97
C LEU A 74 1.54 2.27 -5.97
N THR A 75 1.87 3.53 -6.20
CA THR A 75 2.91 3.89 -7.14
C THR A 75 3.99 4.73 -6.46
N CYS A 76 5.22 4.38 -6.75
CA CYS A 76 6.36 5.08 -6.20
C CYS A 76 7.58 4.75 -7.03
N ARG A 77 8.69 5.40 -6.76
CA ARG A 77 9.90 5.16 -7.50
C ARG A 77 10.92 4.44 -6.62
N PRO A 78 11.01 3.11 -6.76
CA PRO A 78 11.96 2.32 -6.00
C PRO A 78 13.36 2.60 -6.49
N LYS A 79 14.27 2.83 -5.54
CA LYS A 79 15.65 3.13 -5.86
C LYS A 79 16.59 2.11 -5.24
N THR A 80 17.65 1.78 -5.97
CA THR A 80 18.63 0.82 -5.49
C THR A 80 19.53 1.48 -4.46
N VAL A 81 19.89 0.70 -3.45
CA VAL A 81 20.75 1.19 -2.38
C VAL A 81 22.21 1.25 -2.80
N ASP A 82 22.48 0.90 -4.06
CA ASP A 82 23.84 0.96 -4.60
C ASP A 82 24.26 2.41 -4.75
N GLY A 83 23.29 3.25 -5.09
CA GLY A 83 23.56 4.66 -5.27
C GLY A 83 22.32 5.53 -5.15
N GLY A 84 21.15 4.89 -5.16
CA GLY A 84 19.91 5.62 -5.05
C GLY A 84 19.28 5.88 -6.39
N PHE A 85 19.68 5.10 -7.37
CA PHE A 85 19.17 5.24 -8.74
C PHE A 85 18.31 4.05 -9.09
N ARG A 86 17.38 4.22 -10.04
CA ARG A 86 16.50 3.12 -10.47
C ARG A 86 15.41 3.62 -11.41
N GLU A 87 14.24 2.96 -11.34
CA GLU A 87 13.12 3.30 -12.20
C GLU A 87 11.82 3.36 -11.41
N ARG A 88 10.87 4.14 -11.90
CA ARG A 88 9.57 4.27 -11.24
C ARG A 88 8.62 3.20 -11.74
N GLN A 89 7.71 2.78 -10.87
CA GLN A 89 6.74 1.75 -11.22
C GLN A 89 5.60 1.70 -10.21
N GLY A 90 4.64 0.82 -10.46
CA GLY A 90 3.50 0.70 -9.57
C GLY A 90 3.21 -0.74 -9.21
N ILE A 91 2.65 -0.94 -8.03
CA ILE A 91 2.32 -2.26 -7.54
C ILE A 91 0.86 -2.28 -7.10
N ASP A 92 0.13 -3.32 -7.49
CA ASP A 92 -1.28 -3.42 -7.13
C ASP A 92 -1.43 -3.86 -5.68
N LEU A 93 -2.40 -3.27 -5.00
CA LEU A 93 -2.64 -3.58 -3.59
C LEU A 93 -3.88 -4.43 -3.43
N ASN A 94 -4.06 -5.34 -4.36
CA ASN A 94 -5.21 -6.24 -4.34
C ASN A 94 -5.05 -7.30 -3.26
N ARG A 95 -3.93 -7.25 -2.57
CA ARG A 95 -3.64 -8.19 -1.50
C ARG A 95 -4.12 -7.65 -0.16
N ILE A 96 -4.57 -6.40 -0.15
CA ILE A 96 -5.03 -5.79 1.07
C ILE A 96 -6.56 -5.85 1.12
N GLN A 97 -7.06 -6.76 1.95
CA GLN A 97 -8.49 -6.97 2.10
C GLN A 97 -9.00 -6.42 3.42
N ASN A 98 -10.30 -6.13 3.46
CA ASN A 98 -10.92 -5.63 4.67
C ASN A 98 -11.91 -6.68 5.20
N VAL A 99 -11.74 -7.07 6.44
CA VAL A 99 -12.60 -8.08 7.05
C VAL A 99 -13.52 -7.42 8.07
N ASN A 100 -14.81 -7.33 7.75
CA ASN A 100 -15.80 -6.70 8.63
C ASN A 100 -15.43 -5.25 8.95
N GLY A 101 -14.62 -4.65 8.09
CA GLY A 101 -14.23 -3.26 8.27
C GLY A 101 -12.76 -3.07 8.58
N ARG A 102 -12.12 -4.08 9.14
CA ARG A 102 -10.71 -3.97 9.50
C ARG A 102 -9.83 -4.33 8.31
N LEU A 103 -8.67 -3.70 8.21
CA LEU A 103 -7.76 -3.96 7.12
C LEU A 103 -6.77 -5.04 7.49
N VAL A 104 -6.73 -6.10 6.70
CA VAL A 104 -5.82 -7.22 6.94
C VAL A 104 -5.15 -7.61 5.64
N PHE A 105 -3.89 -7.97 5.71
CA PHE A 105 -3.15 -8.39 4.52
C PHE A 105 -3.52 -9.83 4.17
N GLN A 106 -3.72 -10.06 2.89
CA GLN A 106 -4.07 -11.38 2.40
C GLN A 106 -3.03 -11.87 1.39
N MET A 4 -9.90 -7.91 -6.13
CA MET A 4 -10.71 -6.88 -5.44
C MET A 4 -10.12 -6.58 -4.07
N SER A 5 -9.63 -5.36 -3.90
CA SER A 5 -9.02 -4.94 -2.64
C SER A 5 -10.01 -4.15 -1.79
N TYR A 6 -9.56 -3.73 -0.61
CA TYR A 6 -10.37 -2.97 0.32
C TYR A 6 -11.14 -1.83 -0.34
N ALA A 7 -10.50 -1.20 -1.33
CA ALA A 7 -11.08 -0.07 -2.05
C ALA A 7 -12.46 -0.38 -2.63
N ASP A 8 -12.78 -1.66 -2.80
CA ASP A 8 -14.08 -2.07 -3.32
C ASP A 8 -15.18 -1.65 -2.35
N SER A 9 -14.86 -1.68 -1.06
CA SER A 9 -15.79 -1.29 -0.02
C SER A 9 -15.11 -0.34 0.96
N SER A 10 -14.34 0.57 0.41
CA SER A 10 -13.61 1.55 1.20
C SER A 10 -13.35 2.80 0.37
N ARG A 11 -13.30 3.94 1.01
CA ARG A 11 -13.06 5.20 0.31
C ARG A 11 -12.06 6.06 1.07
N ASN A 12 -11.70 7.21 0.47
CA ASN A 12 -10.73 8.16 1.04
C ASN A 12 -9.48 7.48 1.58
N ALA A 13 -8.78 6.79 0.69
CA ALA A 13 -7.56 6.09 1.05
C ALA A 13 -6.36 7.02 0.94
N VAL A 14 -5.70 7.27 2.06
CA VAL A 14 -4.54 8.14 2.10
C VAL A 14 -3.29 7.37 2.49
N LEU A 15 -2.14 8.02 2.38
CA LEU A 15 -0.87 7.40 2.71
C LEU A 15 -0.34 7.93 4.04
N THR A 16 -0.14 7.04 4.98
CA THR A 16 0.36 7.41 6.30
C THR A 16 1.68 6.70 6.58
N ASN A 17 2.43 7.23 7.55
CA ASN A 17 3.72 6.66 7.95
C ASN A 17 4.69 6.63 6.79
N GLY A 18 4.66 7.68 5.97
CA GLY A 18 5.55 7.76 4.83
C GLY A 18 4.90 7.24 3.57
N GLY A 19 3.91 6.37 3.74
CA GLY A 19 3.22 5.80 2.59
C GLY A 19 3.23 4.29 2.64
N ARG A 20 3.62 3.76 3.77
CA ARG A 20 3.67 2.31 3.95
C ARG A 20 2.37 1.81 4.54
N THR A 21 1.66 2.70 5.20
CA THR A 21 0.40 2.37 5.82
C THR A 21 -0.76 2.95 5.03
N LEU A 22 -1.76 2.12 4.80
CA LEU A 22 -2.96 2.53 4.08
C LEU A 22 -4.06 2.91 5.04
N ARG A 23 -4.43 4.17 5.05
CA ARG A 23 -5.50 4.63 5.92
C ARG A 23 -6.72 4.97 5.08
N ALA A 24 -7.83 4.30 5.34
CA ALA A 24 -9.05 4.56 4.59
C ALA A 24 -10.29 4.21 5.40
N GLU A 25 -11.44 4.67 4.92
CA GLU A 25 -12.70 4.40 5.56
C GLU A 25 -13.25 3.12 4.96
N CYS A 26 -13.23 2.04 5.71
CA CYS A 26 -13.70 0.76 5.21
C CYS A 26 -15.12 0.50 5.69
N ARG A 27 -15.94 -0.07 4.82
CA ARG A 27 -17.31 -0.38 5.17
C ARG A 27 -17.38 -1.72 5.88
N ASN A 28 -17.80 -1.67 7.15
CA ASN A 28 -17.91 -2.88 7.95
C ASN A 28 -19.16 -3.65 7.56
N ALA A 29 -19.34 -4.84 8.13
CA ALA A 29 -20.48 -5.71 7.82
C ALA A 29 -21.82 -5.02 8.07
N ASP A 30 -21.84 -4.05 8.97
CA ASP A 30 -23.06 -3.32 9.29
C ASP A 30 -23.34 -2.29 8.22
N GLY A 31 -22.37 -2.09 7.34
CA GLY A 31 -22.50 -1.12 6.27
C GLY A 31 -22.11 0.25 6.74
N ASN A 32 -21.20 0.28 7.72
CA ASN A 32 -20.74 1.55 8.29
C ASN A 32 -19.29 1.82 7.92
N TRP A 33 -18.89 3.08 7.99
CA TRP A 33 -17.53 3.47 7.66
C TRP A 33 -16.64 3.48 8.90
N VAL A 34 -15.50 2.81 8.81
CA VAL A 34 -14.56 2.75 9.91
C VAL A 34 -13.15 3.04 9.43
N THR A 35 -12.39 3.77 10.24
CA THR A 35 -11.01 4.11 9.89
C THR A 35 -10.09 2.95 10.21
N SER A 36 -9.55 2.32 9.18
CA SER A 36 -8.64 1.20 9.37
C SER A 36 -7.34 1.43 8.60
N GLU A 37 -6.24 0.87 9.12
CA GLU A 37 -4.93 1.02 8.48
C GLU A 37 -4.21 -0.31 8.42
N LEU A 38 -3.39 -0.49 7.39
CA LEU A 38 -2.62 -1.72 7.20
C LEU A 38 -1.23 -1.35 6.70
N ASP A 39 -0.21 -1.95 7.28
CA ASP A 39 1.17 -1.69 6.87
C ASP A 39 1.59 -2.67 5.80
N LEU A 40 1.73 -2.18 4.58
CA LEU A 40 2.09 -3.03 3.46
C LEU A 40 3.60 -3.26 3.37
N ASP A 41 4.38 -2.38 4.01
CA ASP A 41 5.84 -2.49 3.98
C ASP A 41 6.32 -3.80 4.59
N THR A 42 5.44 -4.45 5.32
CA THR A 42 5.79 -5.72 5.95
C THR A 42 5.89 -6.84 4.92
N CYS A 43 5.24 -6.64 3.78
CA CYS A 43 5.25 -7.63 2.72
C CYS A 43 5.64 -7.04 1.37
N ILE A 44 5.92 -5.75 1.34
CA ILE A 44 6.33 -5.08 0.11
C ILE A 44 7.75 -4.55 0.25
N GLY A 45 8.57 -4.84 -0.75
CA GLY A 45 9.94 -4.37 -0.74
C GLY A 45 10.47 -4.16 -2.14
N ASN A 46 11.57 -3.44 -2.25
CA ASN A 46 12.18 -3.18 -3.56
C ASN A 46 13.63 -2.72 -3.45
N PRO A 47 14.49 -3.46 -2.71
CA PRO A 47 15.91 -3.07 -2.56
C PRO A 47 16.66 -3.10 -3.88
N ASN A 48 16.17 -3.94 -4.79
CA ASN A 48 16.76 -4.07 -6.11
C ASN A 48 16.24 -3.00 -7.06
N GLY A 49 15.19 -2.31 -6.65
CA GLY A 49 14.62 -1.28 -7.48
C GLY A 49 13.33 -1.72 -8.16
N PHE A 50 12.83 -2.89 -7.80
CA PHE A 50 11.60 -3.39 -8.38
C PHE A 50 10.58 -3.71 -7.30
N LEU A 51 9.37 -3.26 -7.52
CA LEU A 51 8.28 -3.44 -6.57
C LEU A 51 7.63 -4.81 -6.68
N GLY A 52 7.34 -5.40 -5.54
CA GLY A 52 6.69 -6.69 -5.51
C GLY A 52 6.40 -7.14 -4.10
N TRP A 53 5.67 -8.24 -3.97
CA TRP A 53 5.32 -8.78 -2.67
C TRP A 53 6.31 -9.86 -2.25
N GLY A 54 6.86 -9.72 -1.06
CA GLY A 54 7.82 -10.67 -0.55
C GLY A 54 8.79 -10.05 0.44
N MET A 55 9.57 -9.09 -0.06
CA MET A 55 10.54 -8.38 0.77
C MET A 55 9.83 -7.37 1.64
N GLN A 56 10.55 -6.62 2.47
CA GLN A 56 9.94 -5.65 3.35
C GLN A 56 10.67 -4.31 3.32
N ASN A 57 10.10 -3.32 4.00
CA ASN A 57 10.68 -1.98 4.10
C ASN A 57 10.81 -1.30 2.73
N PHE A 58 9.76 -1.36 1.92
CA PHE A 58 9.80 -0.76 0.59
C PHE A 58 9.91 0.76 0.67
N SER A 59 9.38 1.35 1.74
CA SER A 59 9.41 2.79 1.92
C SER A 59 10.84 3.32 2.04
N HIS A 60 11.73 2.47 2.55
CA HIS A 60 13.12 2.88 2.73
C HIS A 60 13.90 2.74 1.43
N SER A 61 13.25 2.23 0.40
CA SER A 61 13.89 2.05 -0.89
C SER A 61 13.07 2.73 -1.99
N SER A 62 12.12 3.57 -1.61
CA SER A 62 11.28 4.22 -2.60
C SER A 62 11.10 5.70 -2.29
N GLU A 63 10.89 6.47 -3.34
CA GLU A 63 10.68 7.90 -3.24
C GLU A 63 9.32 8.27 -3.83
N ASP A 64 8.63 9.21 -3.20
CA ASP A 64 7.32 9.66 -3.66
C ASP A 64 6.32 8.51 -3.72
N ILE A 65 5.78 8.17 -2.56
CA ILE A 65 4.81 7.09 -2.46
C ILE A 65 3.39 7.66 -2.51
N LYS A 66 2.60 7.19 -3.46
CA LYS A 66 1.23 7.65 -3.61
C LYS A 66 0.36 6.53 -4.18
N LEU A 67 -0.94 6.64 -3.99
CA LEU A 67 -1.86 5.63 -4.51
C LEU A 67 -2.26 5.98 -5.93
N GLU A 68 -2.13 5.00 -6.81
CA GLU A 68 -2.44 5.18 -8.22
C GLU A 68 -3.94 5.15 -8.46
N GLU A 69 -4.54 3.98 -8.30
CA GLU A 69 -5.98 3.81 -8.52
C GLU A 69 -6.76 4.24 -7.29
N GLY A 70 -6.22 5.19 -6.55
CA GLY A 70 -6.88 5.70 -5.37
C GLY A 70 -6.96 4.68 -4.25
N GLY A 71 -6.18 3.60 -4.35
CA GLY A 71 -6.20 2.61 -3.30
C GLY A 71 -6.00 1.20 -3.81
N ARG A 72 -6.34 0.96 -5.07
CA ARG A 72 -6.19 -0.38 -5.64
C ARG A 72 -4.73 -0.66 -5.98
N LYS A 73 -3.97 0.41 -6.16
CA LYS A 73 -2.58 0.30 -6.53
C LYS A 73 -1.77 1.42 -5.91
N LEU A 74 -0.51 1.13 -5.60
CA LEU A 74 0.40 2.11 -5.02
C LEU A 74 1.54 2.38 -5.99
N THR A 75 1.76 3.65 -6.32
CA THR A 75 2.83 4.03 -7.22
C THR A 75 3.90 4.84 -6.50
N CYS A 76 5.13 4.42 -6.65
CA CYS A 76 6.26 5.09 -6.04
C CYS A 76 7.48 4.89 -6.91
N ARG A 77 8.56 5.58 -6.60
CA ARG A 77 9.78 5.44 -7.38
C ARG A 77 10.79 4.59 -6.61
N PRO A 78 10.86 3.30 -6.93
CA PRO A 78 11.77 2.37 -6.27
C PRO A 78 13.21 2.61 -6.70
N LYS A 79 14.08 2.82 -5.72
CA LYS A 79 15.47 3.06 -5.97
C LYS A 79 16.34 2.03 -5.26
N THR A 80 17.39 1.56 -5.92
CA THR A 80 18.28 0.60 -5.30
C THR A 80 19.13 1.32 -4.27
N VAL A 81 19.20 0.75 -3.07
CA VAL A 81 19.96 1.33 -1.98
C VAL A 81 21.46 1.15 -2.19
N ASP A 82 21.82 0.47 -3.27
CA ASP A 82 23.22 0.23 -3.59
C ASP A 82 23.89 1.55 -3.98
N GLY A 83 23.11 2.41 -4.62
CA GLY A 83 23.63 3.70 -5.05
C GLY A 83 22.57 4.78 -5.05
N GLY A 84 21.30 4.38 -5.16
CA GLY A 84 20.22 5.34 -5.17
C GLY A 84 19.71 5.59 -6.57
N PHE A 85 20.00 4.68 -7.47
CA PHE A 85 19.60 4.80 -8.87
C PHE A 85 18.55 3.77 -9.19
N ARG A 86 17.65 4.08 -10.14
CA ARG A 86 16.59 3.15 -10.56
C ARG A 86 15.54 3.85 -11.42
N GLU A 87 14.32 3.31 -11.42
CA GLU A 87 13.23 3.86 -12.20
C GLU A 87 11.96 3.92 -11.36
N ARG A 88 10.94 4.63 -11.85
CA ARG A 88 9.67 4.73 -11.15
C ARG A 88 8.85 3.48 -11.44
N GLN A 89 7.91 3.13 -10.57
CA GLN A 89 7.12 1.92 -10.78
C GLN A 89 5.83 1.95 -9.95
N GLY A 90 5.07 0.87 -10.00
CA GLY A 90 3.83 0.78 -9.24
C GLY A 90 3.49 -0.66 -8.89
N ILE A 91 2.97 -0.86 -7.69
CA ILE A 91 2.61 -2.19 -7.23
C ILE A 91 1.14 -2.27 -6.89
N ASP A 92 0.49 -3.32 -7.36
CA ASP A 92 -0.92 -3.54 -7.13
C ASP A 92 -1.17 -3.97 -5.69
N LEU A 93 -2.20 -3.40 -5.07
CA LEU A 93 -2.53 -3.69 -3.68
C LEU A 93 -3.81 -4.51 -3.52
N ASN A 94 -4.03 -5.43 -4.43
CA ASN A 94 -5.22 -6.28 -4.37
C ASN A 94 -5.10 -7.34 -3.29
N ARG A 95 -3.98 -7.28 -2.57
CA ARG A 95 -3.71 -8.20 -1.49
C ARG A 95 -4.20 -7.62 -0.17
N ILE A 96 -4.54 -6.34 -0.18
CA ILE A 96 -5.01 -5.68 1.03
C ILE A 96 -6.52 -5.69 1.04
N GLN A 97 -7.08 -6.57 1.86
CA GLN A 97 -8.52 -6.71 1.96
C GLN A 97 -9.04 -6.25 3.32
N ASN A 98 -10.28 -5.82 3.35
CA ASN A 98 -10.92 -5.37 4.57
C ASN A 98 -11.93 -6.43 5.03
N VAL A 99 -11.80 -6.87 6.27
CA VAL A 99 -12.69 -7.89 6.81
C VAL A 99 -13.50 -7.30 7.95
N ASN A 100 -14.81 -7.23 7.77
CA ASN A 100 -15.71 -6.68 8.79
C ASN A 100 -15.30 -5.27 9.21
N GLY A 101 -14.61 -4.57 8.34
CA GLY A 101 -14.19 -3.22 8.63
C GLY A 101 -12.69 -3.08 8.86
N ARG A 102 -12.03 -4.14 9.31
CA ARG A 102 -10.60 -4.07 9.58
C ARG A 102 -9.77 -4.37 8.34
N LEU A 103 -8.63 -3.72 8.21
CA LEU A 103 -7.76 -3.92 7.06
C LEU A 103 -6.75 -5.01 7.38
N VAL A 104 -6.74 -6.07 6.58
CA VAL A 104 -5.84 -7.19 6.79
C VAL A 104 -5.11 -7.55 5.51
N PHE A 105 -3.82 -7.89 5.64
CA PHE A 105 -3.03 -8.28 4.50
C PHE A 105 -3.34 -9.72 4.12
N GLN A 106 -3.60 -9.94 2.86
CA GLN A 106 -3.91 -11.26 2.37
C GLN A 106 -2.98 -11.65 1.23
#